data_3AC0
#
_entry.id   3AC0
#
_cell.length_a   245.847
_cell.length_b   148.412
_cell.length_c   119.642
_cell.angle_alpha   90.00
_cell.angle_beta   112.84
_cell.angle_gamma   90.00
#
_symmetry.space_group_name_H-M   'C 1 2 1'
#
loop_
_entity.id
_entity.type
_entity.pdbx_description
1 polymer 'Beta-glucosidase I'
2 non-polymer beta-D-glucopyranose
3 water water
#
_entity_poly.entity_id   1
_entity_poly.type   'polypeptide(L)'
_entity_poly.pdbx_seq_one_letter_code
;MSKFDVEQLLSELNQDEKISLLSAVDFWHTKKIERLGIPAVRVSDGPNGIRGTKFFDGVPSGCFPNGTGLASTFDRDLLE
TAGKLMAKESIAKNAAVILGPTTNMQRGPLGGRGFESFSEDPYLAGMATSSVVKGMQGEGIAATVKHFVCNDLEDQRFSS
NSIVSERALREIYLEPFRLAVKHANPVCIMTAYNKVNGEHCSQSKKLLIDILRDEWKWDGMLMSDWFGTYTTAAAIKNGL
DIEFPGPTRWRTRALVSHSLNSREQITTEDVDDRVRQVLKMIKFVVDNLEKTGIVENGPESTSNNTKETSDLLRKIAADS
IVLLKNKNNILPLKKEDNIIVIGPNAKAKTSSGGGSASMNSYYVVSPYEGIVNKLGKEVDYTVGAYSHKSIGGLAESSLI
DAAKPADAENSGLIAKFYSNPVEERSDDEEPFHVTKVNRSNVHLFDFKHEKVDPKNPYFFVTLTGQYVPQEDGDYIFSLQ
VYGSGLFYLNDELIIDQKHNQERGSFCFGAGTKERTKKLTLKKGQVYNVRVEYGSGPTSGLVGEFGAGGFQAGVIKAIDD
DEEIRNAAELAAKHDKAVLIIGLNGEWETEGYDRENMDLPKRTNELVRAVLKANPNTVIVNQSGTPVEFPWLEDANALVQ
AWYGGNELGNAIADVLYGDVVPNGKLSLSWPFKLQDNPAFLNFKTEFGRVIYGEDIFVGYRYYEKLQRKVAFPFGYGLSY
TTFELDISDFKVTDDKIAISVDVKNTGDKFAGSEVVQVYFSALNSKVSRPVKELKGFEKVHLEPGEKKTVNIDLELKDAI
SYFNEELGKWHVEAGEYLVSVGTSSDDILSVKEFKVEKELYWKGL
;
_entity_poly.pdbx_strand_id   A,B,C,D
#
# COMPACT_ATOMS: atom_id res chain seq x y z
N SER A 2 28.14 -29.12 22.42
CA SER A 2 27.28 -30.27 22.84
C SER A 2 26.56 -30.89 21.65
N LYS A 3 26.20 -32.16 21.78
CA LYS A 3 25.53 -32.90 20.71
C LYS A 3 24.45 -32.15 19.92
N PHE A 4 23.67 -31.30 20.61
CA PHE A 4 22.46 -30.64 20.08
C PHE A 4 22.76 -29.87 18.82
N ASP A 5 22.20 -30.35 17.71
CA ASP A 5 22.54 -29.82 16.37
C ASP A 5 21.30 -29.22 15.69
N VAL A 6 21.29 -27.87 15.60
CA VAL A 6 20.09 -27.10 15.17
C VAL A 6 19.66 -27.46 13.76
N GLU A 7 20.57 -27.29 12.80
CA GLU A 7 20.27 -27.63 11.42
C GLU A 7 19.85 -29.11 11.23
N GLN A 8 20.56 -30.01 11.92
CA GLN A 8 20.26 -31.44 11.73
C GLN A 8 18.86 -31.67 12.22
N LEU A 9 18.53 -31.11 13.38
CA LEU A 9 17.21 -31.35 13.94
C LEU A 9 16.15 -30.72 13.08
N LEU A 10 16.48 -29.56 12.49
CA LEU A 10 15.51 -28.85 11.63
C LEU A 10 15.17 -29.70 10.43
N SER A 11 16.18 -30.35 9.84
CA SER A 11 15.96 -31.23 8.69
C SER A 11 15.30 -32.54 9.07
N GLU A 12 15.14 -32.81 10.36
CA GLU A 12 14.55 -34.09 10.80
C GLU A 12 13.13 -33.92 11.27
N LEU A 13 12.79 -32.73 11.75
CA LEU A 13 11.43 -32.50 12.25
C LEU A 13 10.38 -32.64 11.13
N ASN A 14 9.22 -33.21 11.43
CA ASN A 14 8.13 -33.20 10.44
C ASN A 14 7.25 -31.96 10.63
N GLN A 15 6.35 -31.68 9.67
CA GLN A 15 5.59 -30.44 9.75
C GLN A 15 4.78 -30.30 11.02
N ASP A 16 4.15 -31.38 11.42
CA ASP A 16 3.38 -31.35 12.67
C ASP A 16 4.23 -30.95 13.87
N GLU A 17 5.43 -31.52 13.94
CA GLU A 17 6.35 -31.29 15.04
C GLU A 17 6.90 -29.83 15.04
N LYS A 18 7.29 -29.34 13.86
CA LYS A 18 7.63 -27.95 13.62
C LYS A 18 6.52 -27.04 14.12
N ILE A 19 5.31 -27.19 13.57
CA ILE A 19 4.25 -26.35 14.14
C ILE A 19 4.19 -26.43 15.70
N SER A 20 4.36 -27.63 16.26
CA SER A 20 4.21 -27.80 17.70
C SER A 20 5.31 -27.05 18.44
N LEU A 21 6.40 -26.73 17.73
CA LEU A 21 7.48 -26.01 18.37
C LEU A 21 7.21 -24.52 18.41
N LEU A 22 6.24 -24.04 17.63
CA LEU A 22 5.97 -22.61 17.55
C LEU A 22 5.10 -22.05 18.67
N SER A 23 4.76 -22.86 19.65
CA SER A 23 3.87 -22.39 20.71
C SER A 23 4.21 -23.15 21.96
N ALA A 24 3.93 -22.56 23.12
CA ALA A 24 4.22 -23.23 24.36
C ALA A 24 3.16 -24.31 24.54
N VAL A 25 3.42 -25.24 25.43
CA VAL A 25 2.49 -26.29 25.72
C VAL A 25 1.60 -25.89 26.88
N ASP A 26 2.16 -25.18 27.84
CA ASP A 26 1.34 -24.73 28.96
C ASP A 26 1.74 -23.31 29.33
N PHE A 27 1.47 -22.85 30.56
CA PHE A 27 1.95 -21.54 30.97
C PHE A 27 3.47 -21.30 30.93
N TRP A 28 4.29 -22.36 31.01
CA TRP A 28 5.71 -22.17 31.24
C TRP A 28 6.67 -23.12 30.50
N HIS A 29 6.15 -23.91 29.58
CA HIS A 29 6.97 -25.00 28.99
C HIS A 29 6.84 -25.11 27.52
N THR A 30 7.98 -25.14 26.85
CA THR A 30 7.97 -25.46 25.45
C THR A 30 7.67 -26.98 25.21
N LYS A 31 7.61 -27.34 23.94
CA LYS A 31 7.17 -28.65 23.54
C LYS A 31 8.33 -29.66 23.52
N LYS A 32 8.22 -30.66 24.39
CA LYS A 32 9.08 -31.86 24.31
C LYS A 32 8.85 -32.58 23.00
N ILE A 33 9.90 -33.01 22.35
CA ILE A 33 9.83 -33.97 21.22
C ILE A 33 10.77 -35.12 21.53
N GLU A 34 10.25 -36.28 21.90
CA GLU A 34 11.13 -37.34 22.41
C GLU A 34 12.01 -38.03 21.34
N ARG A 35 11.42 -38.48 20.22
CA ARG A 35 12.23 -39.23 19.23
C ARG A 35 13.47 -38.49 18.78
N LEU A 36 13.54 -37.20 19.10
CA LEU A 36 14.69 -36.37 18.68
C LEU A 36 15.49 -35.78 19.81
N GLY A 37 15.08 -36.08 21.04
CA GLY A 37 15.78 -35.64 22.25
C GLY A 37 15.83 -34.14 22.38
N ILE A 38 14.72 -33.49 22.06
CA ILE A 38 14.49 -32.06 22.25
C ILE A 38 13.64 -32.00 23.50
N PRO A 39 14.20 -31.48 24.58
CA PRO A 39 13.45 -31.50 25.86
C PRO A 39 12.45 -30.36 25.98
N ALA A 40 11.46 -30.51 26.87
CA ALA A 40 10.64 -29.36 27.28
C ALA A 40 11.53 -28.35 28.01
N VAL A 41 11.54 -27.11 27.56
CA VAL A 41 12.22 -26.05 28.33
C VAL A 41 11.24 -25.31 29.26
N ARG A 42 11.67 -25.10 30.52
CA ARG A 42 10.84 -24.33 31.48
C ARG A 42 11.33 -22.87 31.59
N VAL A 43 10.36 -21.92 31.56
CA VAL A 43 10.68 -20.50 31.70
C VAL A 43 10.00 -19.97 32.94
N SER A 44 10.60 -18.96 33.60
CA SER A 44 9.93 -18.39 34.76
C SER A 44 9.99 -16.87 34.86
N ASP A 45 8.92 -16.28 35.37
CA ASP A 45 8.98 -14.92 35.86
C ASP A 45 10.02 -14.90 36.98
N GLY A 46 10.78 -13.79 37.15
CA GLY A 46 10.66 -12.53 36.38
C GLY A 46 11.93 -11.69 36.60
N PRO A 47 11.81 -10.35 36.57
CA PRO A 47 12.96 -9.46 36.68
C PRO A 47 13.53 -9.25 38.08
N ASN A 48 12.79 -9.59 39.14
CA ASN A 48 13.30 -9.38 40.50
C ASN A 48 13.08 -10.60 41.40
N GLY A 49 13.46 -11.77 40.86
CA GLY A 49 13.25 -13.01 41.56
C GLY A 49 12.50 -14.00 40.69
N ILE A 50 12.50 -15.26 41.13
CA ILE A 50 11.98 -16.31 40.32
C ILE A 50 10.75 -16.86 41.01
N ARG A 51 9.58 -16.70 40.38
CA ARG A 51 8.37 -17.16 41.03
C ARG A 51 8.23 -18.66 40.87
N GLY A 52 8.65 -19.18 39.71
CA GLY A 52 8.42 -20.57 39.34
C GLY A 52 7.11 -20.90 38.69
N THR A 53 6.62 -22.14 38.81
CA THR A 53 5.56 -22.59 37.93
C THR A 53 4.14 -22.26 38.38
N LYS A 54 4.01 -21.55 39.51
CA LYS A 54 2.70 -21.26 40.09
C LYS A 54 2.57 -20.05 40.98
N PHE A 55 1.40 -19.43 40.94
CA PHE A 55 1.16 -18.28 41.78
C PHE A 55 0.61 -18.83 43.10
N PHE A 56 -0.49 -19.56 42.95
CA PHE A 56 -1.18 -20.18 44.05
C PHE A 56 -0.40 -21.36 44.58
N ASP A 57 -0.12 -21.32 45.87
CA ASP A 57 0.55 -22.44 46.54
C ASP A 57 1.92 -22.67 45.97
N GLY A 58 2.58 -21.61 45.57
CA GLY A 58 3.89 -21.69 44.91
C GLY A 58 5.01 -21.81 45.88
N VAL A 59 6.14 -22.33 45.41
CA VAL A 59 7.31 -22.55 46.25
C VAL A 59 7.93 -21.18 46.59
N PRO A 60 8.19 -20.88 47.88
CA PRO A 60 8.86 -19.62 48.24
C PRO A 60 10.19 -19.42 47.53
N SER A 61 10.61 -18.17 47.46
CA SER A 61 11.74 -17.78 46.65
C SER A 61 12.41 -16.47 47.16
N GLY A 62 13.48 -16.07 46.50
CA GLY A 62 14.20 -14.88 46.90
C GLY A 62 13.77 -13.70 46.04
N CYS A 63 12.97 -12.81 46.63
CA CYS A 63 12.58 -11.63 45.93
C CYS A 63 13.67 -10.56 46.08
N PHE A 64 14.11 -10.02 44.94
CA PHE A 64 15.10 -8.94 44.90
C PHE A 64 14.38 -7.61 45.04
N PRO A 65 15.13 -6.49 45.22
CA PRO A 65 14.50 -5.16 45.07
C PRO A 65 14.03 -4.96 43.64
N ASN A 66 12.96 -4.19 43.47
CA ASN A 66 12.41 -3.81 42.18
C ASN A 66 13.37 -3.00 41.28
N GLY A 67 13.16 -3.08 39.96
CA GLY A 67 14.07 -2.48 38.99
C GLY A 67 14.55 -1.07 39.24
N THR A 68 13.65 -0.15 39.58
CA THR A 68 14.09 1.23 39.70
C THR A 68 15.06 1.39 40.89
N GLY A 69 14.84 0.59 41.94
CA GLY A 69 15.81 0.41 43.07
C GLY A 69 17.11 -0.17 42.53
N LEU A 70 17.03 -1.29 41.83
CA LEU A 70 18.26 -1.83 41.24
C LEU A 70 19.00 -0.79 40.43
N ALA A 71 18.31 -0.01 39.61
CA ALA A 71 19.06 0.88 38.75
C ALA A 71 19.70 1.96 39.60
N SER A 72 19.12 2.27 40.75
CA SER A 72 19.62 3.37 41.60
C SER A 72 20.97 3.05 42.25
N THR A 73 21.36 1.76 42.25
CA THR A 73 22.67 1.35 42.72
C THR A 73 23.73 2.02 41.84
N PHE A 74 23.40 2.26 40.58
CA PHE A 74 24.41 2.65 39.59
C PHE A 74 25.65 1.74 39.66
N ASP A 75 25.44 0.46 40.00
CA ASP A 75 26.56 -0.45 40.18
C ASP A 75 26.50 -1.66 39.24
N ARG A 76 27.20 -1.57 38.12
CA ARG A 76 27.32 -2.68 37.15
C ARG A 76 27.78 -3.99 37.71
N ASP A 77 28.86 -4.00 38.53
CA ASP A 77 29.36 -5.21 39.17
C ASP A 77 28.33 -5.79 40.06
N LEU A 78 27.75 -4.97 40.92
CA LEU A 78 26.73 -5.48 41.81
C LEU A 78 25.52 -6.02 41.03
N LEU A 79 25.21 -5.42 39.88
CA LEU A 79 24.06 -5.86 39.09
C LEU A 79 24.38 -7.19 38.35
N GLU A 80 25.65 -7.35 37.97
CA GLU A 80 26.06 -8.65 37.46
C GLU A 80 25.89 -9.74 38.52
N THR A 81 26.20 -9.38 39.76
CA THR A 81 26.18 -10.32 40.90
C THR A 81 24.76 -10.71 41.20
N ALA A 82 23.83 -9.74 41.07
CA ALA A 82 22.38 -10.02 41.24
C ALA A 82 21.87 -11.00 40.14
N GLY A 83 22.44 -10.84 38.93
CA GLY A 83 22.16 -11.70 37.80
C GLY A 83 22.57 -13.13 38.12
N LYS A 84 23.84 -13.32 38.56
CA LYS A 84 24.33 -14.62 39.02
C LYS A 84 23.35 -15.22 40.02
N LEU A 85 22.85 -14.38 40.92
CA LEU A 85 21.98 -14.83 41.99
C LEU A 85 20.57 -15.18 41.52
N MET A 86 20.08 -14.46 40.51
CA MET A 86 18.79 -14.78 39.95
C MET A 86 18.98 -16.15 39.27
N ALA A 87 20.11 -16.32 38.60
CA ALA A 87 20.39 -17.60 38.01
C ALA A 87 20.39 -18.76 39.09
N LYS A 88 21.07 -18.61 40.23
CA LYS A 88 21.06 -19.69 41.21
C LYS A 88 19.63 -19.98 41.59
N GLU A 89 18.88 -18.91 41.86
CA GLU A 89 17.46 -18.99 42.22
C GLU A 89 16.64 -19.63 41.09
N SER A 90 17.08 -19.45 39.86
CA SER A 90 16.33 -20.06 38.80
C SER A 90 16.58 -21.56 38.84
N ILE A 91 17.82 -21.95 39.07
CA ILE A 91 18.21 -23.35 39.04
C ILE A 91 17.46 -24.13 40.09
N ALA A 92 17.31 -23.56 41.28
CA ALA A 92 16.53 -24.20 42.32
C ALA A 92 15.07 -24.37 41.93
N LYS A 93 14.60 -23.51 41.04
CA LYS A 93 13.26 -23.70 40.51
C LYS A 93 13.27 -24.62 39.25
N ASN A 94 14.46 -25.09 38.83
CA ASN A 94 14.56 -25.83 37.59
C ASN A 94 14.00 -25.05 36.38
N ALA A 95 14.14 -23.73 36.43
CA ALA A 95 13.78 -22.91 35.28
C ALA A 95 15.04 -22.54 34.46
N ALA A 96 15.07 -23.00 33.21
CA ALA A 96 16.25 -22.79 32.35
C ALA A 96 16.31 -21.39 31.77
N VAL A 97 15.16 -20.70 31.79
CA VAL A 97 14.99 -19.38 31.17
C VAL A 97 14.25 -18.41 32.10
N ILE A 98 14.76 -17.18 32.20
CA ILE A 98 14.15 -16.12 33.04
C ILE A 98 13.46 -15.05 32.22
N LEU A 99 12.21 -14.79 32.58
CA LEU A 99 11.43 -13.81 31.88
C LEU A 99 11.78 -12.47 32.48
N GLY A 100 12.98 -11.99 32.16
CA GLY A 100 13.42 -10.68 32.64
C GLY A 100 14.87 -10.55 32.28
N PRO A 101 15.44 -9.34 32.47
CA PRO A 101 14.88 -8.08 33.01
C PRO A 101 13.82 -7.28 32.15
N THR A 102 13.03 -6.42 32.82
CA THR A 102 12.13 -5.54 32.13
C THR A 102 12.84 -4.24 31.93
N THR A 103 12.69 -3.61 30.77
CA THR A 103 13.31 -2.30 30.57
C THR A 103 12.50 -1.40 29.60
N ASN A 104 11.20 -1.26 29.87
CA ASN A 104 10.40 -0.20 29.26
C ASN A 104 10.75 1.11 29.97
N MET A 105 10.31 2.27 29.46
CA MET A 105 10.86 3.55 29.96
C MET A 105 9.79 4.30 30.71
N GLN A 106 10.10 4.80 31.92
CA GLN A 106 9.19 5.69 32.63
C GLN A 106 9.10 7.10 31.98
N ARG A 107 8.46 7.17 30.81
CA ARG A 107 8.30 8.45 30.14
C ARG A 107 7.48 9.46 30.97
N GLY A 108 6.56 8.96 31.79
CA GLY A 108 5.97 9.72 32.89
C GLY A 108 6.01 8.89 34.18
N PRO A 109 5.65 9.48 35.31
CA PRO A 109 5.84 8.67 36.56
C PRO A 109 4.71 7.68 36.86
N LEU A 110 3.64 7.70 36.08
CA LEU A 110 2.40 7.03 36.55
C LEU A 110 2.23 5.57 36.14
N GLY A 111 3.20 5.02 35.44
CA GLY A 111 3.05 3.69 34.88
C GLY A 111 2.82 2.58 35.86
N GLY A 112 1.92 1.68 35.52
CA GLY A 112 1.63 0.54 36.39
C GLY A 112 2.92 -0.22 36.69
N ARG A 113 3.84 -0.24 35.73
CA ARG A 113 5.05 -1.06 35.81
C ARG A 113 6.31 -0.18 35.73
N GLY A 114 6.17 1.10 36.07
CA GLY A 114 7.32 1.99 36.23
C GLY A 114 8.31 1.39 37.22
N PHE A 115 7.76 0.85 38.31
CA PHE A 115 8.53 0.20 39.33
C PHE A 115 9.40 -0.96 38.84
N GLU A 116 8.98 -1.66 37.76
CA GLU A 116 9.62 -2.91 37.33
C GLU A 116 10.83 -2.73 36.43
N SER A 117 10.83 -1.64 35.66
CA SER A 117 11.93 -1.40 34.72
C SER A 117 13.03 -0.65 35.44
N PHE A 118 14.04 -0.24 34.72
CA PHE A 118 15.22 0.34 35.36
C PHE A 118 15.22 1.85 35.56
N SER A 119 15.07 2.60 34.47
CA SER A 119 15.34 4.01 34.53
C SER A 119 14.75 4.76 33.34
N GLU A 120 14.45 6.06 33.52
CA GLU A 120 14.05 6.93 32.37
C GLU A 120 15.23 7.17 31.41
N ASP A 121 16.46 6.96 31.91
CA ASP A 121 17.64 7.19 31.09
C ASP A 121 18.02 6.01 30.22
N PRO A 122 18.11 6.19 28.91
CA PRO A 122 18.28 4.89 28.20
C PRO A 122 19.63 4.23 28.44
N TYR A 123 20.66 5.06 28.69
CA TYR A 123 21.97 4.49 29.02
C TYR A 123 21.98 3.67 30.33
N LEU A 124 21.36 4.20 31.38
CA LEU A 124 21.47 3.54 32.69
C LEU A 124 20.67 2.26 32.56
N ALA A 125 19.52 2.34 31.89
CA ALA A 125 18.63 1.21 31.65
C ALA A 125 19.36 0.14 30.84
N GLY A 126 20.04 0.54 29.77
CA GLY A 126 20.72 -0.43 28.96
C GLY A 126 21.83 -1.12 29.73
N MET A 127 22.62 -0.35 30.45
CA MET A 127 23.77 -0.91 31.19
C MET A 127 23.27 -1.81 32.33
N ALA A 128 22.24 -1.36 33.02
CA ALA A 128 21.67 -2.19 34.06
C ALA A 128 21.19 -3.53 33.47
N THR A 129 20.50 -3.45 32.31
CA THR A 129 19.97 -4.61 31.62
C THR A 129 21.09 -5.57 31.25
N SER A 130 22.11 -4.98 30.66
CA SER A 130 23.26 -5.73 30.23
C SER A 130 23.87 -6.44 31.41
N SER A 131 24.12 -5.70 32.49
CA SER A 131 24.73 -6.26 33.69
C SER A 131 23.94 -7.48 34.24
N VAL A 132 22.61 -7.34 34.35
CA VAL A 132 21.82 -8.45 34.88
C VAL A 132 21.84 -9.64 33.90
N VAL A 133 21.77 -9.33 32.61
CA VAL A 133 21.74 -10.38 31.61
C VAL A 133 23.05 -11.19 31.61
N LYS A 134 24.19 -10.52 31.86
CA LYS A 134 25.50 -11.18 31.87
C LYS A 134 25.68 -12.06 33.10
N GLY A 135 25.11 -11.64 34.22
CA GLY A 135 25.14 -12.38 35.46
C GLY A 135 24.31 -13.65 35.30
N MET A 136 23.07 -13.54 34.83
CA MET A 136 22.27 -14.77 34.58
C MET A 136 22.93 -15.76 33.60
N GLN A 137 23.41 -15.27 32.46
CA GLN A 137 23.88 -16.17 31.34
C GLN A 137 25.29 -16.75 31.55
N GLY A 138 26.14 -16.02 32.28
CA GLY A 138 27.44 -16.48 32.72
C GLY A 138 27.18 -17.75 33.52
N GLU A 139 26.12 -17.78 34.33
CA GLU A 139 25.73 -18.97 35.08
C GLU A 139 24.97 -20.01 34.24
N GLY A 140 24.75 -19.74 32.93
CA GLY A 140 24.08 -20.71 32.03
C GLY A 140 22.55 -20.67 31.92
N ILE A 141 21.93 -19.75 32.66
CA ILE A 141 20.51 -19.49 32.56
C ILE A 141 20.22 -18.35 31.57
N ALA A 142 19.25 -18.60 30.69
CA ALA A 142 18.88 -17.65 29.65
C ALA A 142 18.05 -16.49 30.20
N ALA A 143 18.30 -15.29 29.66
CA ALA A 143 17.51 -14.11 29.98
C ALA A 143 16.47 -13.86 28.90
N THR A 144 15.51 -13.02 29.21
CA THR A 144 14.48 -12.63 28.24
C THR A 144 14.21 -11.17 28.49
N VAL A 145 14.89 -10.30 27.74
CA VAL A 145 14.69 -8.85 27.97
C VAL A 145 13.32 -8.51 27.45
N LYS A 146 12.49 -7.90 28.28
CA LYS A 146 11.13 -7.54 27.89
C LYS A 146 10.87 -6.06 28.21
N HIS A 147 9.84 -5.42 27.63
CA HIS A 147 8.95 -5.96 26.61
C HIS A 147 9.16 -5.13 25.35
N PHE A 148 9.59 -5.81 24.28
CA PHE A 148 10.02 -5.15 23.08
C PHE A 148 8.73 -4.77 22.29
N VAL A 149 8.32 -3.49 22.25
CA VAL A 149 9.00 -2.29 22.73
C VAL A 149 7.87 -1.22 22.92
N CYS A 150 8.14 -0.19 23.72
CA CYS A 150 7.18 0.95 23.99
C CYS A 150 5.93 0.47 24.60
N ASN A 151 6.07 -0.48 25.51
CA ASN A 151 5.00 -0.82 26.43
C ASN A 151 5.24 0.08 27.64
N ASP A 152 4.99 1.38 27.55
CA ASP A 152 5.37 2.31 28.63
C ASP A 152 4.20 2.81 29.50
N LEU A 153 3.03 2.20 29.31
CA LEU A 153 1.96 2.29 30.27
C LEU A 153 1.12 1.04 30.17
N GLU A 154 0.18 0.88 31.10
CA GLU A 154 -0.64 -0.33 31.23
C GLU A 154 -2.05 -0.13 30.71
N ASP A 155 -2.54 1.13 30.80
CA ASP A 155 -3.86 1.41 30.26
C ASP A 155 -4.09 0.83 28.85
N GLN A 156 -4.95 -0.18 28.78
CA GLN A 156 -5.37 -0.76 27.47
C GLN A 156 -4.21 -1.36 26.63
N ARG A 157 -3.17 -1.80 27.34
CA ARG A 157 -1.96 -2.38 26.72
C ARG A 157 -2.13 -3.42 25.60
N PHE A 158 -3.21 -4.19 25.56
CA PHE A 158 -3.34 -5.14 24.46
C PHE A 158 -3.61 -4.47 23.11
N SER A 159 -4.17 -3.26 23.13
CA SER A 159 -4.52 -2.53 21.92
C SER A 159 -3.77 -1.19 21.77
N SER A 160 -3.16 -0.70 22.85
CA SER A 160 -2.62 0.63 22.84
C SER A 160 -1.57 0.85 21.76
N ASN A 161 -1.74 1.92 21.00
CA ASN A 161 -0.80 2.25 19.94
C ASN A 161 0.18 3.38 20.36
N SER A 162 1.42 3.02 20.62
CA SER A 162 2.42 4.01 20.95
C SER A 162 2.92 4.69 19.68
N ILE A 163 2.58 5.98 19.56
CA ILE A 163 2.85 6.73 18.33
C ILE A 163 4.05 7.58 18.67
N VAL A 164 5.16 7.26 18.02
CA VAL A 164 6.46 7.75 18.47
C VAL A 164 7.33 7.94 17.26
N SER A 165 8.05 9.04 17.23
CA SER A 165 8.93 9.31 16.10
C SER A 165 10.04 8.25 16.06
N GLU A 166 10.69 8.10 14.93
CA GLU A 166 11.80 7.17 14.83
C GLU A 166 12.98 7.68 15.69
N ARG A 167 13.18 8.98 15.77
CA ARG A 167 14.25 9.47 16.60
C ARG A 167 14.09 9.08 18.08
N ALA A 168 12.91 9.34 18.63
CA ALA A 168 12.68 9.00 20.04
C ALA A 168 12.67 7.45 20.15
N LEU A 169 12.03 6.78 19.19
CA LEU A 169 12.08 5.33 19.18
C LEU A 169 13.53 4.86 19.28
N ARG A 170 14.41 5.43 18.45
CA ARG A 170 15.78 5.02 18.46
C ARG A 170 16.51 5.39 19.76
N GLU A 171 16.32 6.61 20.29
CA GLU A 171 17.26 7.16 21.28
C GLU A 171 16.86 6.85 22.70
N ILE A 172 15.56 6.61 22.91
CA ILE A 172 15.01 6.34 24.23
C ILE A 172 14.55 4.89 24.41
N TYR A 173 13.72 4.38 23.50
CA TYR A 173 12.98 3.19 23.76
C TYR A 173 13.74 1.95 23.29
N LEU A 174 14.20 1.98 22.05
CA LEU A 174 14.95 0.87 21.51
C LEU A 174 16.33 0.69 22.20
N GLU A 175 16.86 1.80 22.67
CA GLU A 175 18.25 1.92 23.03
C GLU A 175 18.66 1.04 24.21
N PRO A 176 17.81 0.87 25.23
CA PRO A 176 18.35 -0.10 26.19
C PRO A 176 18.45 -1.52 25.65
N PHE A 177 17.57 -1.89 24.72
CA PHE A 177 17.63 -3.21 24.09
C PHE A 177 18.85 -3.27 23.22
N ARG A 178 19.15 -2.24 22.46
CA ARG A 178 20.38 -2.24 21.66
C ARG A 178 21.64 -2.41 22.54
N LEU A 179 21.71 -1.65 23.62
CA LEU A 179 22.80 -1.81 24.58
C LEU A 179 22.82 -3.27 25.04
N ALA A 180 21.68 -3.79 25.55
CA ALA A 180 21.61 -5.22 25.99
C ALA A 180 22.13 -6.24 24.95
N VAL A 181 21.74 -6.07 23.70
CA VAL A 181 22.13 -6.94 22.63
C VAL A 181 23.63 -6.79 22.33
N LYS A 182 24.12 -5.57 22.18
CA LYS A 182 25.53 -5.33 21.95
C LYS A 182 26.45 -5.92 23.08
N HIS A 183 26.09 -5.77 24.35
CA HIS A 183 27.02 -6.13 25.43
C HIS A 183 26.78 -7.51 26.09
N ALA A 184 25.59 -8.06 25.92
CA ALA A 184 25.18 -9.19 26.76
C ALA A 184 24.52 -10.30 25.94
N ASN A 185 24.16 -9.95 24.71
CA ASN A 185 23.53 -10.84 23.75
C ASN A 185 22.50 -11.76 24.41
N PRO A 186 21.36 -11.24 24.88
CA PRO A 186 20.44 -12.19 25.59
C PRO A 186 19.92 -13.26 24.67
N VAL A 187 19.66 -14.45 25.22
CA VAL A 187 19.19 -15.58 24.47
C VAL A 187 17.75 -15.36 23.94
N CYS A 188 16.89 -14.72 24.72
CA CYS A 188 15.50 -14.40 24.34
C CYS A 188 15.17 -12.92 24.51
N ILE A 189 14.14 -12.48 23.79
CA ILE A 189 13.44 -11.19 24.00
C ILE A 189 11.96 -11.50 23.94
N MET A 190 11.16 -10.81 24.74
CA MET A 190 9.71 -10.88 24.72
C MET A 190 9.12 -9.65 24.02
N THR A 191 8.24 -9.88 23.04
CA THR A 191 7.58 -8.83 22.34
C THR A 191 6.48 -8.26 23.25
N ALA A 192 6.19 -6.98 23.04
CA ALA A 192 5.32 -6.27 23.92
C ALA A 192 3.89 -6.64 23.54
N TYR A 193 2.93 -6.25 24.37
CA TYR A 193 1.51 -6.34 24.04
C TYR A 193 1.00 -5.27 23.07
N ASN A 194 1.63 -4.11 23.09
CA ASN A 194 1.07 -2.94 22.46
C ASN A 194 1.39 -2.89 20.96
N LYS A 195 0.84 -1.89 20.24
CA LYS A 195 1.30 -1.54 18.90
C LYS A 195 2.34 -0.47 18.92
N VAL A 196 3.20 -0.42 17.91
CA VAL A 196 4.03 0.76 17.73
C VAL A 196 3.71 1.31 16.35
N ASN A 197 3.24 2.56 16.26
CA ASN A 197 2.90 3.21 14.99
C ASN A 197 1.95 2.39 14.13
N GLY A 198 0.88 1.92 14.75
CA GLY A 198 -0.17 1.18 14.05
C GLY A 198 -0.06 -0.33 13.98
N GLU A 199 1.04 -0.90 14.41
CA GLU A 199 1.20 -2.37 14.28
C GLU A 199 1.52 -3.08 15.62
N HIS A 200 0.81 -4.14 15.93
CA HIS A 200 1.15 -4.91 17.12
C HIS A 200 2.57 -5.36 17.04
N CYS A 201 3.37 -5.00 18.05
CA CYS A 201 4.81 -5.37 18.09
C CYS A 201 5.08 -6.81 17.74
N SER A 202 4.24 -7.71 18.24
CA SER A 202 4.41 -9.12 18.01
C SER A 202 4.19 -9.66 16.58
N GLN A 203 3.84 -8.79 15.63
CA GLN A 203 3.76 -9.20 14.25
C GLN A 203 4.36 -8.09 13.38
N SER A 204 5.28 -7.33 13.98
CA SER A 204 5.86 -6.18 13.37
C SER A 204 7.09 -6.54 12.63
N LYS A 205 7.03 -6.55 11.32
CA LYS A 205 8.23 -6.91 10.55
C LYS A 205 9.40 -5.99 10.82
N LYS A 206 9.12 -4.69 10.86
CA LYS A 206 10.12 -3.67 11.17
C LYS A 206 10.84 -3.86 12.52
N LEU A 207 10.11 -4.14 13.59
CA LEU A 207 10.75 -4.33 14.88
C LEU A 207 11.45 -5.69 14.88
N LEU A 208 10.73 -6.76 14.51
CA LEU A 208 11.15 -8.09 14.80
C LEU A 208 12.18 -8.63 13.84
N ILE A 209 12.27 -8.04 12.66
CA ILE A 209 13.16 -8.58 11.59
C ILE A 209 14.10 -7.52 11.05
N ASP A 210 13.56 -6.42 10.53
CA ASP A 210 14.45 -5.40 9.95
C ASP A 210 15.52 -4.91 10.94
N ILE A 211 15.07 -4.65 12.16
CA ILE A 211 15.93 -4.08 13.20
C ILE A 211 16.64 -5.22 13.94
N LEU A 212 15.87 -6.09 14.61
CA LEU A 212 16.49 -7.14 15.44
C LEU A 212 17.43 -8.03 14.66
N ARG A 213 16.98 -8.48 13.46
CA ARG A 213 17.73 -9.44 12.70
C ARG A 213 18.64 -8.77 11.67
N ASP A 214 18.11 -8.00 10.73
CA ASP A 214 18.89 -7.53 9.59
C ASP A 214 19.86 -6.42 9.99
N GLU A 215 19.53 -5.68 11.04
CA GLU A 215 20.34 -4.56 11.46
C GLU A 215 21.24 -4.88 12.64
N TRP A 216 20.65 -5.45 13.71
CA TRP A 216 21.45 -5.78 14.89
C TRP A 216 22.11 -7.15 14.78
N LYS A 217 21.67 -7.98 13.83
CA LYS A 217 22.14 -9.39 13.73
C LYS A 217 21.92 -10.14 15.03
N TRP A 218 20.94 -9.78 15.83
CA TRP A 218 20.70 -10.59 17.01
C TRP A 218 20.08 -11.91 16.56
N ASP A 219 20.39 -12.98 17.28
CA ASP A 219 20.11 -14.38 16.87
C ASP A 219 19.41 -15.19 17.93
N GLY A 220 18.81 -14.51 18.91
CA GLY A 220 18.08 -15.17 19.96
C GLY A 220 16.65 -15.46 19.52
N MET A 221 15.81 -15.81 20.50
CA MET A 221 14.50 -16.27 20.17
C MET A 221 13.54 -15.25 20.70
N LEU A 222 12.51 -14.91 19.90
CA LEU A 222 11.43 -14.01 20.33
C LEU A 222 10.18 -14.75 20.80
N MET A 223 9.71 -14.42 22.00
CA MET A 223 8.46 -14.99 22.51
C MET A 223 7.41 -13.91 22.65
N SER A 224 6.16 -14.33 22.66
CA SER A 224 5.11 -13.38 22.76
C SER A 224 4.98 -13.04 24.22
N ASP A 225 4.38 -11.92 24.52
CA ASP A 225 3.87 -11.72 25.84
C ASP A 225 2.72 -12.73 25.99
N TRP A 226 2.32 -13.07 27.20
CA TRP A 226 1.30 -14.11 27.39
C TRP A 226 -0.05 -13.71 26.78
N PHE A 227 -0.44 -14.42 25.71
CA PHE A 227 -1.63 -14.09 24.96
C PHE A 227 -1.43 -12.90 24.02
N GLY A 228 -0.23 -12.29 24.00
CA GLY A 228 0.09 -11.12 23.15
C GLY A 228 0.43 -11.48 21.72
N THR A 229 -0.36 -12.41 21.17
CA THR A 229 -0.28 -12.77 19.76
C THR A 229 -1.68 -12.49 19.20
N TYR A 230 -1.77 -12.01 17.96
CA TYR A 230 -3.04 -11.45 17.51
C TYR A 230 -3.49 -11.89 16.12
N THR A 231 -2.61 -12.57 15.41
CA THR A 231 -2.94 -13.22 14.16
C THR A 231 -2.22 -14.58 14.08
N THR A 232 -2.68 -15.39 13.16
CA THR A 232 -2.02 -16.62 12.92
C THR A 232 -0.84 -16.43 11.99
N ALA A 233 -1.06 -15.89 10.81
CA ALA A 233 -0.01 -15.89 9.79
C ALA A 233 0.92 -14.70 9.85
N ALA A 234 0.39 -13.49 10.02
CA ALA A 234 1.29 -12.32 10.01
C ALA A 234 2.40 -12.48 11.07
N ALA A 235 2.02 -12.93 12.27
CA ALA A 235 2.98 -13.08 13.36
C ALA A 235 4.08 -14.04 12.97
N ILE A 236 3.73 -15.06 12.19
CA ILE A 236 4.73 -16.03 11.79
C ILE A 236 5.60 -15.49 10.68
N LYS A 237 4.98 -14.87 9.69
CA LYS A 237 5.76 -14.30 8.60
C LYS A 237 6.69 -13.24 9.16
N ASN A 238 6.22 -12.51 10.15
CA ASN A 238 6.87 -11.29 10.56
C ASN A 238 7.88 -11.38 11.70
N GLY A 239 8.11 -12.58 12.21
CA GLY A 239 9.26 -12.76 13.07
C GLY A 239 9.02 -13.23 14.50
N LEU A 240 7.77 -13.49 14.88
CA LEU A 240 7.52 -13.95 16.25
C LEU A 240 7.81 -15.46 16.34
N ASP A 241 8.82 -15.84 17.12
CA ASP A 241 9.29 -17.21 17.07
C ASP A 241 8.35 -18.16 17.79
N ILE A 242 7.90 -17.78 19.00
CA ILE A 242 7.09 -18.64 19.85
C ILE A 242 5.93 -17.94 20.59
N GLU A 243 4.75 -18.54 20.56
CA GLU A 243 3.54 -18.01 21.21
C GLU A 243 3.40 -18.60 22.63
N PHE A 244 3.28 -17.74 23.63
CA PHE A 244 2.99 -18.14 25.03
C PHE A 244 1.64 -17.58 25.46
N PRO A 245 0.89 -18.30 26.33
CA PRO A 245 1.11 -19.68 26.82
C PRO A 245 0.46 -20.72 25.90
N GLY A 246 0.73 -21.99 26.21
CA GLY A 246 -0.10 -23.10 25.67
C GLY A 246 -1.30 -23.22 26.60
N PRO A 247 -2.34 -23.95 26.19
CA PRO A 247 -2.39 -24.49 24.81
C PRO A 247 -2.53 -23.36 23.74
N THR A 248 -1.94 -23.58 22.58
CA THR A 248 -1.92 -22.59 21.54
C THR A 248 -3.31 -22.11 21.12
N ARG A 249 -3.38 -20.87 20.64
CA ARG A 249 -4.65 -20.29 20.15
C ARG A 249 -4.56 -20.01 18.66
N TRP A 250 -3.46 -19.36 18.28
CA TRP A 250 -3.25 -18.82 16.95
C TRP A 250 -2.51 -19.82 16.07
N ARG A 251 -1.96 -20.84 16.71
CA ARG A 251 -0.93 -21.67 16.07
C ARG A 251 -1.16 -23.21 16.21
N THR A 252 -2.45 -23.60 16.20
CA THR A 252 -2.80 -25.01 16.12
C THR A 252 -2.30 -25.60 14.79
N ARG A 253 -2.21 -26.92 14.74
CA ARG A 253 -1.85 -27.64 13.54
C ARG A 253 -2.79 -27.26 12.40
N ALA A 254 -4.07 -27.09 12.69
CA ALA A 254 -5.07 -26.77 11.64
C ALA A 254 -4.91 -25.33 11.11
N LEU A 255 -4.83 -24.34 12.00
CA LEU A 255 -4.65 -22.95 11.54
C LEU A 255 -3.40 -22.82 10.66
N VAL A 256 -2.27 -23.38 11.09
CA VAL A 256 -1.01 -23.15 10.41
C VAL A 256 -0.96 -23.91 9.09
N SER A 257 -1.21 -25.21 9.14
CA SER A 257 -1.09 -25.96 7.90
C SER A 257 -2.14 -25.58 6.87
N HIS A 258 -3.30 -25.16 7.35
CA HIS A 258 -4.33 -24.69 6.45
C HIS A 258 -3.87 -23.40 5.77
N SER A 259 -3.17 -22.54 6.51
CA SER A 259 -2.64 -21.29 6.00
C SER A 259 -1.59 -21.63 4.94
N LEU A 260 -0.79 -22.66 5.25
CA LEU A 260 0.29 -23.12 4.37
C LEU A 260 -0.30 -23.76 3.11
N ASN A 261 -1.14 -24.78 3.26
CA ASN A 261 -1.78 -25.44 2.13
C ASN A 261 -2.60 -24.50 1.22
N SER A 262 -3.15 -23.42 1.78
CA SER A 262 -3.98 -22.50 1.04
C SER A 262 -3.22 -21.33 0.44
N ARG A 263 -1.92 -21.30 0.62
CA ARG A 263 -1.14 -20.19 0.15
C ARG A 263 -1.61 -18.84 0.71
N GLU A 264 -1.94 -18.78 1.97
CA GLU A 264 -2.34 -17.55 2.57
C GLU A 264 -1.29 -17.02 3.53
N GLN A 265 -0.64 -15.93 3.14
CA GLN A 265 0.34 -15.22 3.92
C GLN A 265 1.74 -15.82 4.12
N ILE A 266 1.81 -17.08 4.54
CA ILE A 266 3.03 -17.75 4.91
C ILE A 266 3.47 -18.91 4.04
N THR A 267 4.76 -19.19 4.04
CA THR A 267 5.33 -20.35 3.39
C THR A 267 6.03 -21.23 4.46
N THR A 268 6.41 -22.47 4.07
CA THR A 268 7.20 -23.36 4.92
C THR A 268 8.53 -22.74 5.34
N GLU A 269 9.13 -21.93 4.48
CA GLU A 269 10.30 -21.18 4.89
C GLU A 269 10.06 -20.31 6.14
N ASP A 270 8.95 -19.56 6.17
CA ASP A 270 8.62 -18.79 7.36
C ASP A 270 8.54 -19.70 8.61
N VAL A 271 7.82 -20.81 8.47
CA VAL A 271 7.71 -21.75 9.55
C VAL A 271 9.09 -22.22 9.99
N ASP A 272 9.95 -22.62 9.03
CA ASP A 272 11.33 -23.10 9.37
C ASP A 272 12.11 -21.98 10.08
N ASP A 273 12.08 -20.78 9.49
CA ASP A 273 12.73 -19.61 10.11
C ASP A 273 12.34 -19.46 11.58
N ARG A 274 11.07 -19.68 11.94
CA ARG A 274 10.66 -19.52 13.34
C ARG A 274 11.15 -20.67 14.20
N VAL A 275 11.05 -21.88 13.68
CA VAL A 275 11.48 -23.07 14.38
C VAL A 275 13.01 -23.02 14.63
N ARG A 276 13.80 -22.64 13.62
CA ARG A 276 15.24 -22.56 13.79
C ARG A 276 15.57 -21.72 15.03
N GLN A 277 14.91 -20.58 15.18
CA GLN A 277 15.19 -19.75 16.33
C GLN A 277 14.85 -20.41 17.71
N VAL A 278 13.76 -21.15 17.77
CA VAL A 278 13.33 -21.89 18.98
C VAL A 278 14.36 -23.00 19.25
N LEU A 279 14.76 -23.74 18.23
CA LEU A 279 15.90 -24.64 18.37
C LEU A 279 17.22 -23.96 18.90
N LYS A 280 17.47 -22.69 18.56
CA LYS A 280 18.71 -22.05 19.05
C LYS A 280 18.62 -21.82 20.53
N MET A 281 17.45 -21.48 21.02
CA MET A 281 17.26 -21.28 22.45
C MET A 281 17.41 -22.59 23.18
N ILE A 282 16.75 -23.65 22.69
CA ILE A 282 16.83 -24.99 23.29
C ILE A 282 18.31 -25.46 23.33
N LYS A 283 19.06 -25.23 22.26
CA LYS A 283 20.47 -25.58 22.28
C LYS A 283 21.23 -24.77 23.36
N PHE A 284 20.76 -23.55 23.68
CA PHE A 284 21.45 -22.81 24.72
C PHE A 284 21.26 -23.56 26.01
N VAL A 285 20.01 -23.92 26.27
CA VAL A 285 19.63 -24.63 27.47
C VAL A 285 20.37 -25.96 27.62
N VAL A 286 20.24 -26.81 26.57
CA VAL A 286 20.89 -28.12 26.50
C VAL A 286 22.41 -28.03 26.55
N ASP A 287 23.01 -27.10 25.80
CA ASP A 287 24.41 -26.87 25.90
C ASP A 287 24.79 -26.58 27.36
N ASN A 288 23.88 -25.99 28.14
CA ASN A 288 24.23 -25.59 29.51
C ASN A 288 23.82 -26.56 30.59
N LEU A 289 23.21 -27.67 30.19
CA LEU A 289 22.70 -28.65 31.17
C LEU A 289 23.74 -29.20 32.17
N GLU A 290 24.96 -29.48 31.70
CA GLU A 290 26.04 -30.04 32.55
C GLU A 290 26.38 -29.06 33.66
N LYS A 291 26.50 -27.79 33.27
CA LYS A 291 26.77 -26.67 34.18
C LYS A 291 25.63 -26.29 35.14
N THR A 292 24.38 -26.40 34.68
CA THR A 292 23.21 -25.93 35.44
C THR A 292 22.53 -26.98 36.32
N GLY A 293 22.52 -28.25 35.89
CA GLY A 293 21.86 -29.31 36.64
C GLY A 293 20.34 -29.32 36.46
N ILE A 294 19.84 -28.52 35.51
CA ILE A 294 18.40 -28.37 35.30
C ILE A 294 17.81 -29.72 34.92
N VAL A 295 16.65 -30.05 35.48
CA VAL A 295 16.05 -31.29 35.22
C VAL A 295 14.76 -30.99 34.51
N GLU A 296 14.62 -31.55 33.31
CA GLU A 296 13.45 -31.36 32.50
C GLU A 296 12.19 -31.71 33.36
N ASN A 297 11.17 -30.87 33.24
CA ASN A 297 10.03 -30.90 34.15
C ASN A 297 10.38 -31.21 35.60
N GLY A 298 11.47 -30.62 36.05
CA GLY A 298 11.98 -30.94 37.35
C GLY A 298 11.13 -30.41 38.48
N PRO A 299 11.47 -30.82 39.70
CA PRO A 299 10.85 -30.25 40.89
C PRO A 299 11.34 -28.83 41.19
N GLU A 300 10.63 -28.17 42.11
CA GLU A 300 10.94 -26.82 42.58
C GLU A 300 11.31 -26.79 44.08
N SER A 301 12.50 -26.31 44.41
CA SER A 301 12.90 -26.32 45.81
C SER A 301 13.08 -24.90 46.29
N THR A 302 13.18 -24.74 47.62
CA THR A 302 13.67 -23.54 48.24
C THR A 302 15.13 -23.78 48.61
N SER A 303 15.86 -24.52 47.78
CA SER A 303 17.25 -24.90 48.15
C SER A 303 18.26 -23.73 48.23
N ASN A 304 17.94 -22.60 47.62
CA ASN A 304 18.88 -21.49 47.60
C ASN A 304 18.56 -20.52 48.71
N ASN A 305 17.61 -20.88 49.58
CA ASN A 305 17.34 -20.05 50.75
C ASN A 305 18.42 -20.17 51.82
N THR A 306 19.54 -19.49 51.63
CA THR A 306 20.71 -19.65 52.45
C THR A 306 21.15 -18.28 53.05
N LYS A 307 22.12 -18.30 53.97
CA LYS A 307 22.58 -17.07 54.63
C LYS A 307 23.33 -16.19 53.60
N GLU A 308 24.04 -16.86 52.70
CA GLU A 308 24.72 -16.24 51.58
C GLU A 308 23.74 -15.49 50.65
N THR A 309 22.61 -16.12 50.31
CA THR A 309 21.53 -15.42 49.62
C THR A 309 20.98 -14.22 50.42
N SER A 310 20.57 -14.44 51.68
CA SER A 310 20.05 -13.42 52.59
C SER A 310 20.95 -12.22 52.62
N ASP A 311 22.23 -12.45 52.77
CA ASP A 311 23.19 -11.36 52.85
C ASP A 311 23.29 -10.54 51.59
N LEU A 312 23.23 -11.25 50.46
CA LEU A 312 23.38 -10.64 49.17
C LEU A 312 22.13 -9.83 48.81
N LEU A 313 20.93 -10.35 49.08
CA LEU A 313 19.69 -9.60 48.90
C LEU A 313 19.65 -8.35 49.79
N ARG A 314 20.29 -8.46 50.94
CA ARG A 314 20.30 -7.36 51.90
C ARG A 314 21.31 -6.31 51.40
N LYS A 315 22.42 -6.72 50.83
CA LYS A 315 23.35 -5.76 50.34
C LYS A 315 22.73 -5.01 49.12
N ILE A 316 21.93 -5.74 48.31
CA ILE A 316 21.42 -5.17 47.07
C ILE A 316 20.36 -4.14 47.42
N ALA A 317 19.48 -4.50 48.33
CA ALA A 317 18.47 -3.58 48.80
C ALA A 317 19.09 -2.35 49.43
N ALA A 318 20.02 -2.55 50.37
CA ALA A 318 20.57 -1.45 51.13
C ALA A 318 21.32 -0.48 50.21
N ASP A 319 21.98 -1.01 49.17
CA ASP A 319 22.64 -0.16 48.18
C ASP A 319 21.67 0.52 47.20
N SER A 320 20.42 0.05 47.19
CA SER A 320 19.42 0.66 46.32
C SER A 320 18.86 1.86 47.03
N ILE A 321 18.95 1.89 48.35
CA ILE A 321 18.32 2.98 49.08
C ILE A 321 18.96 4.30 48.72
N VAL A 322 18.12 5.29 48.45
CA VAL A 322 18.64 6.65 48.22
C VAL A 322 18.26 7.58 49.36
N LEU A 323 19.26 8.29 49.84
CA LEU A 323 19.01 9.33 50.82
C LEU A 323 18.71 10.64 50.10
N LEU A 324 17.54 11.19 50.40
CA LEU A 324 17.09 12.41 49.71
C LEU A 324 17.36 13.72 50.48
N LYS A 325 17.28 13.67 51.82
CA LYS A 325 17.45 14.84 52.71
C LYS A 325 17.98 14.40 54.07
N ASN A 326 18.98 15.10 54.57
CA ASN A 326 19.46 14.81 55.91
C ASN A 326 20.01 16.04 56.59
N LYS A 327 19.09 16.86 57.08
CA LYS A 327 19.42 18.06 57.85
C LYS A 327 19.62 17.75 59.34
N ASN A 328 20.25 18.66 60.06
CA ASN A 328 20.30 18.61 61.55
C ASN A 328 20.94 17.35 62.15
N ASN A 329 21.84 16.68 61.44
CA ASN A 329 22.31 15.32 61.86
C ASN A 329 21.19 14.42 62.53
N ILE A 330 20.07 14.25 61.85
CA ILE A 330 19.03 13.35 62.33
C ILE A 330 19.46 11.90 62.07
N LEU A 331 20.10 11.69 60.91
CA LEU A 331 20.63 10.40 60.55
C LEU A 331 22.13 10.48 60.57
N PRO A 332 22.79 9.36 60.94
CA PRO A 332 22.16 8.11 61.33
C PRO A 332 21.56 8.09 62.72
N LEU A 333 20.53 7.27 62.90
CA LEU A 333 20.05 6.93 64.21
C LEU A 333 21.16 6.26 65.05
N LYS A 334 21.02 6.33 66.37
CA LYS A 334 21.90 5.56 67.27
C LYS A 334 21.07 4.77 68.28
N LYS A 335 21.67 3.70 68.81
CA LYS A 335 21.02 2.86 69.85
C LYS A 335 20.45 3.71 70.99
N GLU A 336 21.13 4.83 71.29
CA GLU A 336 20.71 5.77 72.35
C GLU A 336 19.37 6.47 72.09
N ASP A 337 19.19 7.05 70.88
CA ASP A 337 17.95 7.78 70.57
C ASP A 337 16.76 7.01 71.01
N ASN A 338 15.85 7.71 71.69
CA ASN A 338 14.57 7.17 72.10
C ASN A 338 13.47 7.30 71.01
N ILE A 339 13.48 6.33 70.08
CA ILE A 339 12.66 6.39 68.86
C ILE A 339 11.31 5.70 68.94
N ILE A 340 10.40 6.16 68.11
CA ILE A 340 9.14 5.48 67.87
C ILE A 340 8.99 5.22 66.35
N VAL A 341 8.29 4.14 66.00
CA VAL A 341 8.16 3.77 64.62
C VAL A 341 6.72 3.90 64.30
N ILE A 342 6.44 4.65 63.24
CA ILE A 342 5.07 4.98 62.88
C ILE A 342 4.87 4.76 61.38
N GLY A 343 3.63 4.41 60.99
CA GLY A 343 3.26 4.54 59.60
C GLY A 343 2.74 3.28 58.98
N PRO A 344 1.86 3.45 57.95
CA PRO A 344 1.16 2.35 57.27
C PRO A 344 2.09 1.31 56.66
N ASN A 345 3.33 1.67 56.29
CA ASN A 345 4.26 0.70 55.70
C ASN A 345 5.26 0.10 56.73
N ALA A 346 5.20 0.58 57.99
CA ALA A 346 6.10 0.13 59.06
C ALA A 346 6.08 -1.41 59.25
N LYS A 347 4.92 -1.97 59.50
CA LYS A 347 4.83 -3.42 59.63
C LYS A 347 4.39 -4.12 58.33
N ALA A 348 4.29 -3.35 57.23
CA ALA A 348 3.85 -3.93 55.97
C ALA A 348 5.05 -4.60 55.31
N LYS A 349 4.77 -5.56 54.45
CA LYS A 349 5.85 -6.27 53.82
C LYS A 349 5.74 -6.02 52.33
N THR A 350 6.06 -4.79 51.94
CA THR A 350 5.93 -4.41 50.55
C THR A 350 7.23 -4.72 49.81
N SER A 351 7.41 -5.99 49.47
CA SER A 351 8.66 -6.44 48.86
C SER A 351 8.75 -6.10 47.41
N SER A 352 7.62 -5.97 46.73
CA SER A 352 7.64 -5.80 45.27
C SER A 352 6.40 -5.12 44.77
N GLY A 353 6.40 -4.78 43.48
CA GLY A 353 5.18 -4.27 42.80
C GLY A 353 4.25 -5.43 42.50
N GLY A 354 3.06 -5.15 42.00
CA GLY A 354 2.09 -6.20 41.75
C GLY A 354 2.31 -6.78 40.36
N GLY A 355 1.84 -8.02 40.22
CA GLY A 355 1.76 -8.64 38.92
C GLY A 355 2.77 -9.74 38.74
N SER A 356 3.07 -10.02 37.47
CA SER A 356 4.00 -11.07 37.10
C SER A 356 5.39 -10.91 37.70
N ALA A 357 5.71 -9.76 38.29
CA ALA A 357 7.07 -9.58 38.80
C ALA A 357 7.12 -10.07 40.25
N SER A 358 5.93 -10.22 40.86
CA SER A 358 5.77 -10.64 42.25
C SER A 358 5.92 -12.18 42.39
N MET A 359 6.01 -12.64 43.63
CA MET A 359 6.26 -14.07 43.95
C MET A 359 5.89 -14.34 45.40
N ASN A 360 6.00 -15.59 45.81
CA ASN A 360 5.92 -15.98 47.23
C ASN A 360 7.35 -15.88 47.73
N SER A 361 7.60 -15.12 48.78
CA SER A 361 8.95 -15.02 49.39
C SER A 361 9.21 -16.00 50.53
N TYR A 362 10.46 -16.47 50.66
CA TYR A 362 10.90 -17.19 51.91
C TYR A 362 10.36 -16.54 53.17
N TYR A 363 10.52 -15.20 53.26
CA TYR A 363 10.06 -14.34 54.36
C TYR A 363 10.29 -12.94 53.80
N VAL A 364 9.65 -11.96 54.41
CA VAL A 364 9.98 -10.57 54.17
C VAL A 364 10.14 -9.87 55.52
N VAL A 365 11.30 -9.26 55.73
CA VAL A 365 11.52 -8.49 56.91
C VAL A 365 10.83 -7.15 56.77
N SER A 366 9.79 -6.93 57.57
CA SER A 366 9.18 -5.59 57.59
C SER A 366 10.14 -4.51 58.03
N PRO A 367 9.88 -3.25 57.62
CA PRO A 367 10.79 -2.19 58.11
C PRO A 367 10.82 -2.11 59.66
N TYR A 368 9.67 -2.23 60.34
CA TYR A 368 9.63 -2.34 61.81
C TYR A 368 10.54 -3.49 62.35
N GLU A 369 10.40 -4.70 61.79
CA GLU A 369 11.26 -5.82 62.14
C GLU A 369 12.75 -5.53 61.95
N GLY A 370 13.10 -4.81 60.90
CA GLY A 370 14.49 -4.54 60.63
C GLY A 370 15.05 -3.75 61.79
N ILE A 371 14.23 -2.82 62.29
CA ILE A 371 14.68 -1.93 63.33
C ILE A 371 14.85 -2.67 64.67
N VAL A 372 13.89 -3.54 64.96
CA VAL A 372 13.89 -4.37 66.14
C VAL A 372 15.10 -5.31 66.13
N ASN A 373 15.31 -6.00 65.00
CA ASN A 373 16.50 -6.83 64.81
C ASN A 373 17.75 -6.01 65.11
N LYS A 374 17.76 -4.73 64.74
CA LYS A 374 18.96 -3.92 64.84
C LYS A 374 19.25 -3.58 66.33
N LEU A 375 18.22 -3.08 67.04
CA LEU A 375 18.40 -2.63 68.41
C LEU A 375 18.36 -3.73 69.49
N GLY A 376 17.90 -4.93 69.11
CA GLY A 376 17.77 -6.07 70.01
C GLY A 376 16.77 -5.86 71.14
N LYS A 377 15.72 -5.06 70.90
CA LYS A 377 14.66 -4.80 71.89
C LYS A 377 13.35 -4.60 71.16
N GLU A 378 12.26 -4.48 71.91
CA GLU A 378 10.99 -4.03 71.34
C GLU A 378 11.12 -2.53 71.10
N VAL A 379 10.44 -2.05 70.06
CA VAL A 379 10.56 -0.67 69.65
C VAL A 379 9.15 -0.14 69.69
N ASP A 380 8.95 1.07 70.15
CA ASP A 380 7.62 1.63 70.21
C ASP A 380 7.08 1.78 68.80
N TYR A 381 5.79 1.52 68.62
CA TYR A 381 5.17 1.65 67.34
C TYR A 381 3.75 2.13 67.44
N THR A 382 3.28 2.81 66.43
CA THR A 382 1.87 3.00 66.25
C THR A 382 1.57 3.13 64.75
N VAL A 383 0.47 2.58 64.28
CA VAL A 383 0.16 2.48 62.88
C VAL A 383 0.10 3.86 62.21
N GLY A 384 -0.53 4.82 62.86
CA GLY A 384 -0.55 6.19 62.34
C GLY A 384 -1.77 6.38 61.47
N ALA A 385 -1.76 5.70 60.32
CA ALA A 385 -2.88 5.70 59.39
C ALA A 385 -2.84 4.42 58.58
N TYR A 386 -3.95 4.07 57.93
CA TYR A 386 -4.01 2.95 56.97
C TYR A 386 -3.85 3.47 55.54
N SER A 387 -3.32 2.66 54.63
CA SER A 387 -3.10 3.09 53.23
C SER A 387 -3.21 1.96 52.21
N HIS A 388 -3.88 0.88 52.58
CA HIS A 388 -4.11 -0.26 51.72
C HIS A 388 -5.16 0.14 50.68
N LYS A 389 -5.15 -0.54 49.54
CA LYS A 389 -6.08 -0.23 48.48
C LYS A 389 -7.30 -1.09 48.71
N SER A 390 -7.04 -2.31 49.14
CA SER A 390 -8.10 -3.27 49.41
C SER A 390 -7.75 -4.14 50.64
N ILE A 391 -8.80 -4.67 51.23
CA ILE A 391 -8.68 -5.44 52.44
C ILE A 391 -8.28 -6.88 52.11
N GLY A 392 -7.09 -7.26 52.60
CA GLY A 392 -6.59 -8.64 52.60
C GLY A 392 -6.55 -9.19 54.01
N GLY A 393 -5.41 -9.80 54.37
CA GLY A 393 -5.13 -10.26 55.75
C GLY A 393 -5.89 -11.41 56.40
N LEU A 394 -6.75 -12.12 55.66
CA LEU A 394 -7.62 -13.08 56.31
C LEU A 394 -6.96 -14.43 56.48
N ALA A 395 -6.32 -14.94 55.43
CA ALA A 395 -5.60 -16.21 55.55
C ALA A 395 -4.40 -16.06 56.47
N GLU A 396 -3.83 -14.86 56.47
CA GLU A 396 -2.58 -14.60 57.19
C GLU A 396 -2.79 -14.66 58.72
N SER A 397 -4.06 -14.68 59.14
CA SER A 397 -4.42 -14.59 60.57
C SER A 397 -5.60 -15.48 61.02
N SER A 398 -5.75 -16.64 60.39
CA SER A 398 -6.85 -17.56 60.65
C SER A 398 -6.29 -18.94 60.94
N LEU A 399 -7.09 -19.81 61.56
CA LEU A 399 -6.64 -21.15 61.87
C LEU A 399 -7.65 -22.12 61.29
N ILE A 400 -7.17 -23.31 60.87
CA ILE A 400 -8.04 -24.40 60.46
C ILE A 400 -8.93 -24.80 61.64
N ASP A 401 -8.26 -25.19 62.73
CA ASP A 401 -8.91 -25.53 64.02
C ASP A 401 -8.48 -24.53 65.12
N ALA A 402 -9.46 -23.76 65.58
CA ALA A 402 -9.24 -22.77 66.63
C ALA A 402 -8.70 -23.40 67.93
N ALA A 403 -9.23 -24.57 68.31
CA ALA A 403 -8.81 -25.26 69.54
C ALA A 403 -7.29 -25.55 69.67
N LYS A 404 -6.58 -25.62 68.55
CA LYS A 404 -5.16 -25.97 68.55
C LYS A 404 -4.29 -24.70 68.55
N PRO A 405 -3.01 -24.84 68.80
CA PRO A 405 -2.07 -23.73 68.86
C PRO A 405 -1.76 -23.14 67.51
N ALA A 406 -1.28 -21.92 67.48
CA ALA A 406 -1.04 -21.22 66.24
C ALA A 406 0.28 -21.62 65.68
N ASP A 407 0.22 -22.75 65.03
CA ASP A 407 1.29 -23.51 64.46
C ASP A 407 1.73 -23.00 63.08
N ALA A 408 2.45 -23.82 62.36
CA ALA A 408 2.74 -23.58 60.94
C ALA A 408 1.86 -24.54 60.14
N GLU A 409 1.04 -25.31 60.84
CA GLU A 409 0.30 -26.40 60.25
C GLU A 409 -1.19 -26.19 60.47
N ASN A 410 -1.53 -25.43 61.51
CA ASN A 410 -2.92 -25.12 61.78
C ASN A 410 -3.25 -23.68 61.37
N SER A 411 -2.20 -22.95 60.96
CA SER A 411 -2.32 -21.55 60.52
C SER A 411 -2.71 -21.41 59.05
N GLY A 412 -3.55 -20.40 58.77
CA GLY A 412 -4.09 -20.22 57.45
C GLY A 412 -5.48 -20.80 57.30
N LEU A 413 -5.79 -21.29 56.09
CA LEU A 413 -7.13 -21.80 55.71
C LEU A 413 -7.01 -23.02 54.77
N ILE A 414 -8.12 -23.70 54.56
CA ILE A 414 -8.12 -24.87 53.71
C ILE A 414 -8.89 -24.56 52.44
N ALA A 415 -8.29 -24.86 51.30
CA ALA A 415 -8.97 -24.74 50.01
C ALA A 415 -9.25 -26.10 49.44
N LYS A 416 -10.50 -26.29 49.01
CA LYS A 416 -10.96 -27.53 48.43
C LYS A 416 -11.59 -27.32 47.04
N PHE A 417 -11.01 -27.99 46.05
CA PHE A 417 -11.40 -27.80 44.66
C PHE A 417 -12.39 -28.90 44.20
N TYR A 418 -13.47 -28.47 43.56
CA TYR A 418 -14.47 -29.44 43.11
C TYR A 418 -14.78 -29.22 41.64
N SER A 419 -15.03 -30.29 40.90
CA SER A 419 -15.52 -30.18 39.52
C SER A 419 -16.90 -29.55 39.48
N ASN A 420 -17.64 -29.66 40.56
CA ASN A 420 -19.01 -29.15 40.61
C ASN A 420 -19.24 -28.19 41.78
N PRO A 421 -20.22 -27.27 41.63
CA PRO A 421 -20.48 -26.24 42.66
C PRO A 421 -21.37 -26.75 43.80
N VAL A 422 -21.25 -26.12 44.96
CA VAL A 422 -21.84 -26.57 46.24
C VAL A 422 -23.39 -26.68 46.24
N GLU A 423 -24.07 -25.75 45.57
CA GLU A 423 -25.51 -25.79 45.30
C GLU A 423 -25.96 -27.09 44.65
N GLU A 424 -25.03 -27.81 44.01
CA GLU A 424 -25.41 -28.93 43.14
C GLU A 424 -24.77 -30.29 43.42
N ARG A 425 -23.74 -30.34 44.24
CA ARG A 425 -23.06 -31.63 44.40
C ARG A 425 -23.59 -32.47 45.56
N SER A 426 -23.55 -33.79 45.38
CA SER A 426 -23.89 -34.75 46.46
C SER A 426 -22.75 -34.81 47.46
N ASP A 427 -23.09 -35.04 48.73
CA ASP A 427 -22.09 -34.98 49.81
C ASP A 427 -21.00 -36.07 49.78
N ASP A 428 -21.15 -37.02 48.85
CA ASP A 428 -20.16 -38.09 48.66
C ASP A 428 -19.29 -37.80 47.40
N GLU A 429 -19.32 -36.52 46.99
CA GLU A 429 -18.36 -35.98 46.04
C GLU A 429 -17.13 -35.46 46.84
N GLU A 430 -15.96 -35.96 46.45
CA GLU A 430 -14.68 -35.66 47.07
C GLU A 430 -13.98 -34.48 46.35
N PRO A 431 -13.19 -33.66 47.07
CA PRO A 431 -12.38 -32.67 46.32
C PRO A 431 -11.38 -33.35 45.39
N PHE A 432 -11.04 -32.69 44.28
CA PHE A 432 -10.00 -33.25 43.41
C PHE A 432 -8.62 -32.68 43.77
N HIS A 433 -8.63 -31.72 44.67
CA HIS A 433 -7.43 -31.12 45.19
C HIS A 433 -7.66 -30.39 46.53
N VAL A 434 -6.68 -30.48 47.41
CA VAL A 434 -6.79 -29.90 48.75
C VAL A 434 -5.50 -29.17 49.11
N THR A 435 -5.58 -27.87 49.36
CA THR A 435 -4.37 -27.09 49.68
C THR A 435 -4.53 -26.20 50.90
N LYS A 436 -3.46 -26.11 51.68
CA LYS A 436 -3.42 -25.18 52.79
C LYS A 436 -3.12 -23.76 52.28
N VAL A 437 -3.88 -22.77 52.76
CA VAL A 437 -3.70 -21.40 52.24
C VAL A 437 -3.13 -20.40 53.22
N ASN A 438 -2.01 -19.78 52.86
CA ASN A 438 -1.34 -18.77 53.70
C ASN A 438 -1.61 -17.31 53.34
N ARG A 439 -1.83 -17.04 52.07
CA ARG A 439 -1.99 -15.66 51.67
C ARG A 439 -3.45 -15.47 51.27
N SER A 440 -4.01 -14.31 51.53
CA SER A 440 -5.43 -14.12 51.21
C SER A 440 -5.74 -13.95 49.70
N ASN A 441 -4.79 -13.46 48.91
CA ASN A 441 -4.97 -13.39 47.47
C ASN A 441 -4.77 -14.75 46.82
N VAL A 442 -5.85 -15.39 46.41
CA VAL A 442 -5.78 -16.66 45.69
C VAL A 442 -5.80 -16.42 44.20
N HIS A 443 -4.62 -16.59 43.61
CA HIS A 443 -4.34 -16.18 42.27
C HIS A 443 -4.23 -17.45 41.45
N LEU A 444 -5.25 -17.72 40.65
CA LEU A 444 -5.40 -19.01 39.97
C LEU A 444 -5.10 -19.00 38.47
N PHE A 445 -4.53 -17.90 38.01
CA PHE A 445 -4.09 -17.68 36.62
C PHE A 445 -3.58 -18.97 36.06
N ASP A 446 -2.60 -19.55 36.74
CA ASP A 446 -1.87 -20.68 36.17
C ASP A 446 -2.04 -21.98 36.91
N PHE A 447 -3.14 -22.08 37.65
CA PHE A 447 -3.45 -23.31 38.38
C PHE A 447 -3.62 -24.45 37.40
N LYS A 448 -3.12 -25.61 37.77
CA LYS A 448 -3.03 -26.73 36.83
C LYS A 448 -3.44 -28.03 37.53
N HIS A 449 -4.29 -28.80 36.87
CA HIS A 449 -4.71 -30.09 37.45
C HIS A 449 -5.29 -30.92 36.34
N GLU A 450 -5.32 -32.26 36.48
CA GLU A 450 -5.93 -33.03 35.41
C GLU A 450 -7.44 -32.77 35.31
N LYS A 451 -8.09 -32.39 36.41
CA LYS A 451 -9.53 -32.08 36.38
C LYS A 451 -9.88 -30.69 35.78
N VAL A 452 -8.88 -29.83 35.59
CA VAL A 452 -9.10 -28.49 35.03
C VAL A 452 -8.63 -28.44 33.58
N ASP A 453 -9.56 -28.11 32.68
CA ASP A 453 -9.27 -27.98 31.26
C ASP A 453 -8.62 -26.62 30.93
N PRO A 454 -7.39 -26.62 30.34
CA PRO A 454 -6.73 -25.35 30.02
C PRO A 454 -7.47 -24.49 28.96
N LYS A 455 -8.17 -25.13 28.02
CA LYS A 455 -9.03 -24.41 27.06
C LYS A 455 -10.31 -23.89 27.69
N ASN A 456 -10.65 -24.34 28.89
CA ASN A 456 -11.82 -23.82 29.61
C ASN A 456 -11.76 -24.17 31.09
N PRO A 457 -11.00 -23.37 31.87
CA PRO A 457 -10.66 -23.71 33.27
C PRO A 457 -11.86 -23.60 34.26
N TYR A 458 -12.69 -24.64 34.27
CA TYR A 458 -14.01 -24.61 34.88
C TYR A 458 -14.02 -25.39 36.18
N PHE A 459 -14.06 -24.68 37.32
CA PHE A 459 -13.97 -25.36 38.61
C PHE A 459 -14.29 -24.50 39.82
N PHE A 460 -14.35 -25.14 40.98
CA PHE A 460 -14.87 -24.48 42.16
C PHE A 460 -13.97 -24.71 43.32
N VAL A 461 -14.06 -23.78 44.26
CA VAL A 461 -13.24 -23.89 45.44
C VAL A 461 -14.14 -23.57 46.61
N THR A 462 -14.04 -24.41 47.64
CA THR A 462 -14.60 -24.08 48.93
C THR A 462 -13.43 -23.75 49.80
N LEU A 463 -13.41 -22.54 50.35
CA LEU A 463 -12.33 -22.12 51.26
C LEU A 463 -12.84 -21.87 52.70
N THR A 464 -12.23 -22.59 53.64
CA THR A 464 -12.68 -22.69 55.03
C THR A 464 -11.63 -22.36 56.08
N GLY A 465 -12.13 -21.93 57.24
CA GLY A 465 -11.29 -21.74 58.41
C GLY A 465 -12.01 -21.10 59.57
N GLN A 466 -11.22 -20.68 60.56
CA GLN A 466 -11.76 -20.17 61.80
C GLN A 466 -11.05 -18.89 62.17
N TYR A 467 -11.85 -17.87 62.47
CA TYR A 467 -11.29 -16.56 62.78
C TYR A 467 -11.56 -16.16 64.22
N VAL A 468 -10.49 -15.86 64.94
CA VAL A 468 -10.56 -15.45 66.33
C VAL A 468 -10.00 -14.05 66.43
N PRO A 469 -10.89 -13.04 66.59
CA PRO A 469 -10.58 -11.63 66.83
C PRO A 469 -9.73 -11.34 68.08
N GLN A 470 -8.79 -10.39 67.94
CA GLN A 470 -7.82 -9.97 68.97
C GLN A 470 -8.25 -8.77 69.84
N GLU A 471 -9.33 -8.09 69.44
CA GLU A 471 -9.90 -6.96 70.18
C GLU A 471 -11.40 -7.05 70.00
N ASP A 472 -12.17 -6.42 70.89
CA ASP A 472 -13.60 -6.21 70.60
C ASP A 472 -13.74 -5.06 69.60
N GLY A 473 -14.86 -5.03 68.88
CA GLY A 473 -15.20 -3.89 68.02
C GLY A 473 -15.75 -4.26 66.66
N ASP A 474 -15.72 -3.29 65.76
CA ASP A 474 -16.22 -3.51 64.40
C ASP A 474 -15.12 -4.11 63.52
N TYR A 475 -15.47 -5.15 62.77
CA TYR A 475 -14.51 -5.69 61.78
C TYR A 475 -15.06 -5.58 60.36
N ILE A 476 -14.19 -5.26 59.39
CA ILE A 476 -14.61 -5.21 57.98
C ILE A 476 -14.10 -6.43 57.22
N PHE A 477 -15.03 -7.21 56.68
CA PHE A 477 -14.69 -8.37 55.85
C PHE A 477 -14.77 -7.96 54.38
N SER A 478 -13.99 -8.63 53.52
CA SER A 478 -13.98 -8.27 52.11
C SER A 478 -13.83 -9.40 51.11
N LEU A 479 -14.40 -9.19 49.93
CA LEU A 479 -14.35 -10.15 48.87
C LEU A 479 -14.19 -9.53 47.47
N GLN A 480 -13.17 -9.99 46.75
CA GLN A 480 -12.90 -9.61 45.39
C GLN A 480 -12.74 -10.86 44.58
N VAL A 481 -13.23 -10.88 43.36
CA VAL A 481 -13.12 -12.08 42.54
C VAL A 481 -12.94 -11.87 41.06
N TYR A 482 -12.33 -12.81 40.37
CA TYR A 482 -12.43 -12.91 38.95
C TYR A 482 -13.09 -14.25 38.80
N GLY A 483 -14.34 -14.26 38.42
CA GLY A 483 -15.21 -15.44 38.50
C GLY A 483 -16.37 -15.09 39.43
N SER A 484 -16.68 -15.99 40.36
CA SER A 484 -17.84 -15.86 41.22
C SER A 484 -17.53 -16.24 42.68
N GLY A 485 -18.03 -15.45 43.63
CA GLY A 485 -17.70 -15.59 45.05
C GLY A 485 -18.81 -15.26 46.05
N LEU A 486 -18.92 -16.09 47.08
CA LEU A 486 -19.88 -15.86 48.15
C LEU A 486 -19.14 -16.11 49.44
N PHE A 487 -19.27 -15.16 50.35
CA PHE A 487 -18.55 -15.18 51.61
C PHE A 487 -19.49 -15.41 52.80
N TYR A 488 -19.19 -16.45 53.55
CA TYR A 488 -20.04 -16.84 54.67
C TYR A 488 -19.34 -16.60 55.98
N LEU A 489 -20.07 -15.98 56.91
CA LEU A 489 -19.66 -16.00 58.31
C LEU A 489 -20.67 -16.82 59.10
N ASN A 490 -20.16 -17.82 59.82
CA ASN A 490 -21.01 -18.72 60.60
C ASN A 490 -22.21 -19.11 59.75
N ASP A 491 -21.94 -19.49 58.50
CA ASP A 491 -22.97 -20.02 57.58
C ASP A 491 -24.09 -19.07 57.17
N GLU A 492 -24.00 -17.82 57.57
CA GLU A 492 -24.82 -16.77 56.95
C GLU A 492 -23.96 -15.98 55.95
N LEU A 493 -24.51 -15.79 54.76
CA LEU A 493 -23.88 -15.04 53.70
C LEU A 493 -23.67 -13.60 54.10
N ILE A 494 -22.45 -13.11 53.95
CA ILE A 494 -22.19 -11.67 54.17
C ILE A 494 -21.73 -10.91 52.92
N ILE A 495 -20.82 -11.44 52.11
CA ILE A 495 -20.57 -10.73 50.86
C ILE A 495 -21.03 -11.54 49.66
N ASP A 496 -21.77 -10.87 48.77
CA ASP A 496 -22.28 -11.50 47.56
C ASP A 496 -21.54 -10.97 46.32
N GLN A 497 -20.67 -11.79 45.74
CA GLN A 497 -19.91 -11.44 44.53
C GLN A 497 -20.26 -12.38 43.38
N LYS A 498 -21.55 -12.69 43.27
CA LYS A 498 -22.05 -13.60 42.25
C LYS A 498 -22.92 -12.74 41.36
N HIS A 499 -23.78 -11.97 42.02
CA HIS A 499 -24.82 -11.11 41.41
C HIS A 499 -24.35 -9.67 41.25
N ASN A 500 -24.62 -9.14 40.05
CA ASN A 500 -24.45 -7.72 39.75
C ASN A 500 -23.00 -7.31 39.95
N GLN A 501 -22.08 -8.18 39.50
CA GLN A 501 -20.64 -7.87 39.56
C GLN A 501 -20.30 -6.58 38.79
N GLU A 502 -19.56 -5.70 39.46
CA GLU A 502 -19.07 -4.45 38.89
C GLU A 502 -17.55 -4.58 38.60
N ARG A 503 -17.13 -4.23 37.38
CA ARG A 503 -15.70 -4.25 37.01
C ARG A 503 -14.89 -3.30 37.90
N GLY A 504 -13.71 -3.74 38.34
CA GLY A 504 -12.88 -2.96 39.27
C GLY A 504 -11.37 -3.21 39.19
N SER A 505 -10.66 -3.01 40.30
CA SER A 505 -9.20 -3.12 40.31
C SER A 505 -8.64 -4.54 40.41
N PHE A 506 -9.46 -5.48 40.91
CA PHE A 506 -8.97 -6.83 41.20
C PHE A 506 -8.50 -7.58 39.94
N CYS A 507 -7.41 -8.35 40.09
CA CYS A 507 -6.89 -9.21 39.04
C CYS A 507 -6.40 -8.44 37.77
N PHE A 508 -5.31 -7.66 37.89
CA PHE A 508 -4.71 -6.88 36.75
C PHE A 508 -5.81 -5.96 36.17
N GLY A 509 -6.68 -5.46 37.03
CA GLY A 509 -7.76 -4.59 36.57
C GLY A 509 -8.92 -5.25 35.87
N ALA A 510 -8.96 -6.58 35.79
CA ALA A 510 -9.98 -7.30 35.02
C ALA A 510 -11.10 -7.89 35.88
N GLY A 511 -10.88 -7.92 37.20
CA GLY A 511 -11.84 -8.49 38.14
C GLY A 511 -12.94 -7.55 38.60
N THR A 512 -13.48 -7.84 39.78
CA THR A 512 -14.57 -7.06 40.38
C THR A 512 -14.06 -5.98 41.33
N LYS A 513 -14.96 -5.07 41.69
CA LYS A 513 -14.70 -4.14 42.77
C LYS A 513 -14.64 -4.90 44.08
N GLU A 514 -14.12 -4.25 45.11
CA GLU A 514 -14.16 -4.83 46.43
C GLU A 514 -15.58 -4.62 46.98
N ARG A 515 -16.22 -5.66 47.48
CA ARG A 515 -17.41 -5.48 48.30
C ARG A 515 -17.06 -5.90 49.70
N THR A 516 -17.68 -5.26 50.67
CA THR A 516 -17.34 -5.48 52.06
C THR A 516 -18.61 -5.63 52.92
N LYS A 517 -18.40 -6.16 54.13
CA LYS A 517 -19.43 -6.13 55.17
C LYS A 517 -18.75 -5.88 56.51
N LYS A 518 -19.12 -4.78 57.16
CA LYS A 518 -18.63 -4.47 58.51
C LYS A 518 -19.54 -5.09 59.56
N LEU A 519 -18.96 -5.89 60.47
CA LEU A 519 -19.74 -6.57 61.50
C LEU A 519 -19.12 -6.39 62.89
N THR A 520 -20.00 -6.19 63.87
CA THR A 520 -19.59 -6.14 65.28
C THR A 520 -19.22 -7.55 65.77
N LEU A 521 -18.05 -7.63 66.39
CA LEU A 521 -17.44 -8.89 66.77
C LEU A 521 -16.94 -8.92 68.19
N LYS A 522 -16.85 -10.13 68.75
CA LYS A 522 -16.45 -10.37 70.12
C LYS A 522 -15.09 -11.09 70.18
N LYS A 523 -14.16 -10.55 70.98
CA LYS A 523 -12.84 -11.15 71.28
C LYS A 523 -12.87 -12.64 71.62
N GLY A 524 -11.80 -13.37 71.26
CA GLY A 524 -11.68 -14.78 71.60
C GLY A 524 -12.79 -15.68 71.07
N GLN A 525 -13.94 -15.11 70.67
CA GLN A 525 -15.02 -15.87 70.04
C GLN A 525 -14.58 -16.45 68.68
N VAL A 526 -15.20 -17.58 68.30
CA VAL A 526 -14.81 -18.32 67.11
C VAL A 526 -15.86 -18.14 66.04
N TYR A 527 -15.42 -17.64 64.89
CA TYR A 527 -16.30 -17.44 63.76
C TYR A 527 -15.83 -18.35 62.64
N ASN A 528 -16.78 -18.99 61.98
CA ASN A 528 -16.45 -19.86 60.88
C ASN A 528 -16.49 -19.08 59.60
N VAL A 529 -15.31 -18.91 59.01
CA VAL A 529 -15.22 -18.27 57.70
C VAL A 529 -15.23 -19.29 56.56
N ARG A 530 -15.95 -18.94 55.49
CA ARG A 530 -16.17 -19.85 54.37
C ARG A 530 -16.36 -19.09 53.06
N VAL A 531 -15.54 -19.39 52.06
CA VAL A 531 -15.75 -18.76 50.79
C VAL A 531 -16.09 -19.80 49.77
N GLU A 532 -17.22 -19.61 49.10
CA GLU A 532 -17.55 -20.41 47.93
C GLU A 532 -17.16 -19.68 46.65
N TYR A 533 -16.48 -20.39 45.75
CA TYR A 533 -15.91 -19.74 44.58
C TYR A 533 -16.02 -20.55 43.28
N GLY A 534 -16.30 -19.85 42.18
CA GLY A 534 -16.23 -20.45 40.84
C GLY A 534 -15.24 -19.73 39.94
N SER A 535 -14.43 -20.49 39.21
CA SER A 535 -13.41 -19.90 38.33
C SER A 535 -14.05 -19.06 37.21
N GLY A 536 -13.24 -18.29 36.49
CA GLY A 536 -13.71 -17.45 35.37
C GLY A 536 -14.83 -18.00 34.51
N PRO A 537 -14.68 -19.20 33.93
CA PRO A 537 -15.69 -19.73 33.03
C PRO A 537 -16.97 -20.19 33.71
N THR A 538 -16.94 -20.31 35.04
CA THR A 538 -18.13 -20.73 35.77
C THR A 538 -19.14 -19.58 35.84
N SER A 539 -18.64 -18.37 36.12
CA SER A 539 -19.54 -17.23 36.34
C SER A 539 -20.21 -16.86 35.02
N GLY A 543 -18.10 -12.94 28.56
CA GLY A 543 -16.92 -13.11 27.72
C GLY A 543 -16.13 -14.42 27.77
N GLU A 544 -14.86 -14.39 27.39
CA GLU A 544 -14.00 -15.58 27.42
C GLU A 544 -13.04 -15.38 28.57
N PHE A 545 -13.02 -16.30 29.49
CA PHE A 545 -12.26 -16.03 30.69
C PHE A 545 -11.02 -16.86 30.97
N GLY A 546 -10.10 -16.28 31.73
CA GLY A 546 -8.92 -17.00 32.27
C GLY A 546 -9.30 -17.78 33.53
N ALA A 547 -8.36 -18.46 34.19
CA ALA A 547 -8.79 -19.19 35.41
C ALA A 547 -9.24 -18.23 36.52
N GLY A 548 -8.58 -17.08 36.61
CA GLY A 548 -9.03 -16.04 37.53
C GLY A 548 -8.39 -16.12 38.90
N GLY A 549 -9.16 -15.74 39.91
CA GLY A 549 -8.67 -15.66 41.28
C GLY A 549 -9.70 -15.01 42.19
N PHE A 550 -9.36 -14.92 43.46
CA PHE A 550 -10.20 -14.22 44.42
C PHE A 550 -9.45 -13.85 45.68
N GLN A 551 -10.03 -12.91 46.44
CA GLN A 551 -9.46 -12.48 47.71
C GLN A 551 -10.53 -12.26 48.79
N ALA A 552 -10.44 -13.05 49.87
CA ALA A 552 -11.20 -12.81 51.12
C ALA A 552 -10.29 -12.14 52.14
N GLY A 553 -10.79 -11.09 52.77
CA GLY A 553 -10.00 -10.32 53.73
C GLY A 553 -10.77 -9.81 54.93
N VAL A 554 -10.03 -9.47 55.99
CA VAL A 554 -10.62 -8.81 57.16
C VAL A 554 -9.70 -7.74 57.74
N ILE A 555 -10.29 -6.62 58.13
CA ILE A 555 -9.53 -5.62 58.89
C ILE A 555 -10.28 -5.06 60.10
N LYS A 556 -9.49 -4.75 61.11
CA LYS A 556 -9.98 -4.16 62.33
C LYS A 556 -10.27 -2.67 62.05
N ALA A 557 -11.54 -2.29 62.07
CA ALA A 557 -11.90 -0.88 61.94
C ALA A 557 -11.25 -0.03 63.05
N ILE A 558 -10.90 1.21 62.72
CA ILE A 558 -10.36 2.10 63.74
C ILE A 558 -10.99 3.50 63.63
N ASP A 559 -10.74 4.36 64.61
CA ASP A 559 -11.02 5.78 64.44
C ASP A 559 -9.81 6.43 63.77
N ASP A 560 -9.88 6.63 62.45
CA ASP A 560 -8.77 7.23 61.71
C ASP A 560 -8.37 8.55 62.36
N ASP A 561 -9.31 9.47 62.53
CA ASP A 561 -9.12 10.74 63.27
C ASP A 561 -8.26 10.59 64.56
N GLU A 562 -8.69 9.68 65.43
CA GLU A 562 -8.06 9.47 66.73
C GLU A 562 -6.62 8.92 66.60
N GLU A 563 -6.35 8.14 65.57
CA GLU A 563 -5.01 7.56 65.43
C GLU A 563 -3.94 8.56 64.94
N ILE A 564 -4.36 9.58 64.22
CA ILE A 564 -3.47 10.65 63.81
C ILE A 564 -2.96 11.51 65.01
N ARG A 565 -3.87 11.92 65.89
CA ARG A 565 -3.47 12.68 67.10
C ARG A 565 -2.57 11.82 67.99
N ASN A 566 -3.02 10.58 68.20
CA ASN A 566 -2.31 9.60 68.99
C ASN A 566 -0.88 9.53 68.51
N ALA A 567 -0.74 9.30 67.20
CA ALA A 567 0.55 9.28 66.56
C ALA A 567 1.37 10.54 66.87
N ALA A 568 0.78 11.72 66.67
CA ALA A 568 1.47 12.98 66.98
C ALA A 568 1.81 13.11 68.47
N GLU A 569 0.89 12.66 69.34
CA GLU A 569 1.11 12.72 70.78
C GLU A 569 2.31 11.86 71.12
N LEU A 570 2.33 10.65 70.56
CA LEU A 570 3.42 9.72 70.82
C LEU A 570 4.75 10.17 70.28
N ALA A 571 4.74 10.96 69.21
CA ALA A 571 6.00 11.35 68.56
C ALA A 571 6.62 12.54 69.27
N ALA A 572 5.75 13.40 69.84
CA ALA A 572 6.20 14.53 70.66
C ALA A 572 6.99 14.01 71.88
N LYS A 573 6.51 12.88 72.42
CA LYS A 573 7.12 12.25 73.57
C LYS A 573 8.39 11.42 73.30
N HIS A 574 8.86 11.36 72.05
CA HIS A 574 10.05 10.58 71.75
C HIS A 574 11.16 11.48 71.22
N ASP A 575 12.42 11.04 71.30
CA ASP A 575 13.51 11.86 70.73
C ASP A 575 13.38 11.98 69.23
N LYS A 576 13.14 10.85 68.55
CA LYS A 576 13.01 10.82 67.10
C LYS A 576 11.85 9.94 66.73
N ALA A 577 11.18 10.31 65.63
CA ALA A 577 10.13 9.45 65.05
C ALA A 577 10.61 8.94 63.71
N VAL A 578 10.28 7.69 63.40
CA VAL A 578 10.63 7.09 62.12
C VAL A 578 9.33 6.70 61.50
N LEU A 579 9.03 7.39 60.42
CA LEU A 579 7.75 7.33 59.78
C LEU A 579 7.97 6.60 58.46
N ILE A 580 7.31 5.46 58.32
CA ILE A 580 7.48 4.61 57.16
C ILE A 580 6.18 4.75 56.35
N ILE A 581 6.32 5.26 55.12
CA ILE A 581 5.14 5.49 54.27
C ILE A 581 5.30 4.96 52.82
N GLY A 582 4.30 5.26 51.98
CA GLY A 582 4.46 5.02 50.55
C GLY A 582 3.34 4.25 49.91
N LEU A 583 3.69 3.62 48.81
CA LEU A 583 2.72 2.87 48.00
C LEU A 583 2.86 1.40 48.32
N ASN A 584 2.26 0.57 47.48
CA ASN A 584 2.42 -0.87 47.58
C ASN A 584 2.08 -1.51 46.21
N GLY A 585 2.17 -2.83 46.17
CA GLY A 585 2.00 -3.60 44.95
C GLY A 585 0.56 -3.70 44.48
N GLU A 586 -0.34 -3.01 45.18
CA GLU A 586 -1.69 -2.88 44.71
C GLU A 586 -1.92 -1.53 44.08
N TRP A 587 -1.24 -0.50 44.60
CA TRP A 587 -1.28 0.81 44.00
C TRP A 587 -0.38 0.82 42.76
N GLU A 588 0.68 0.04 42.80
CA GLU A 588 1.64 0.01 41.69
C GLU A 588 1.69 -1.40 41.11
N THR A 589 1.02 -1.62 39.97
CA THR A 589 0.96 -2.97 39.43
C THR A 589 0.80 -3.15 37.93
N GLU A 590 1.39 -4.21 37.39
CA GLU A 590 0.89 -4.68 36.11
C GLU A 590 -0.64 -4.61 36.07
N GLY A 591 -1.19 -4.19 34.96
CA GLY A 591 -2.65 -4.20 34.80
C GLY A 591 -3.27 -2.82 34.66
N TYR A 592 -2.80 -1.83 35.39
CA TYR A 592 -3.35 -0.52 35.28
C TYR A 592 -2.41 0.54 35.84
N ASP A 593 -2.62 1.79 35.48
CA ASP A 593 -1.72 2.84 35.83
C ASP A 593 -2.21 3.53 37.07
N ARG A 594 -1.33 4.25 37.74
CA ARG A 594 -1.76 5.14 38.78
C ARG A 594 -2.56 6.29 38.15
N GLU A 595 -3.46 6.85 38.95
CA GLU A 595 -4.34 7.95 38.56
C GLU A 595 -3.78 9.34 38.87
N ASN A 596 -2.88 9.40 39.84
CA ASN A 596 -2.18 10.63 40.22
C ASN A 596 -0.89 10.29 40.99
N MET A 597 -0.09 11.29 41.37
CA MET A 597 1.11 11.04 42.17
C MET A 597 0.91 11.08 43.71
N ASP A 598 -0.33 11.04 44.18
CA ASP A 598 -0.58 11.22 45.63
C ASP A 598 -0.28 9.98 46.42
N LEU A 599 0.27 10.20 47.61
CA LEU A 599 0.27 9.23 48.68
C LEU A 599 -1.20 9.00 49.09
N PRO A 600 -1.53 7.77 49.52
CA PRO A 600 -2.93 7.35 49.67
C PRO A 600 -3.56 7.81 50.97
N LYS A 601 -4.85 8.16 50.91
CA LYS A 601 -5.65 8.28 52.11
C LYS A 601 -5.03 9.27 53.09
N ARG A 602 -4.94 8.92 54.37
CA ARG A 602 -4.64 9.92 55.39
C ARG A 602 -3.16 10.12 55.58
N THR A 603 -2.36 9.50 54.71
CA THR A 603 -0.90 9.45 54.82
C THR A 603 -0.39 10.87 55.06
N ASN A 604 -0.82 11.80 54.21
CA ASN A 604 -0.28 13.14 54.23
C ASN A 604 -0.67 13.90 55.51
N GLU A 605 -1.93 13.74 55.87
CA GLU A 605 -2.45 14.25 57.13
C GLU A 605 -1.55 13.71 58.30
N LEU A 606 -1.38 12.38 58.35
CA LEU A 606 -0.46 11.77 59.31
C LEU A 606 0.94 12.44 59.31
N VAL A 607 1.55 12.64 58.15
CA VAL A 607 2.89 13.21 58.12
C VAL A 607 2.88 14.64 58.67
N ARG A 608 1.98 15.47 58.17
CA ARG A 608 1.92 16.85 58.68
C ARG A 608 1.85 16.89 60.24
N ALA A 609 1.06 15.99 60.80
CA ALA A 609 0.80 15.94 62.22
C ALA A 609 2.03 15.51 62.99
N VAL A 610 2.78 14.54 62.42
CA VAL A 610 4.01 14.04 63.05
C VAL A 610 5.15 15.02 62.92
N LEU A 611 5.23 15.72 61.79
CA LEU A 611 6.30 16.68 61.61
C LEU A 611 6.05 17.92 62.46
N LYS A 612 4.78 18.16 62.81
CA LYS A 612 4.48 19.25 63.69
C LYS A 612 4.84 18.90 65.13
N ALA A 613 4.41 17.73 65.61
CA ALA A 613 4.78 17.31 66.95
C ALA A 613 6.30 17.16 67.09
N ASN A 614 6.98 16.71 66.04
CA ASN A 614 8.40 16.40 66.16
C ASN A 614 9.21 16.52 64.88
N PRO A 615 9.92 17.66 64.72
CA PRO A 615 10.77 17.96 63.56
C PRO A 615 11.96 17.02 63.39
N ASN A 616 12.32 16.26 64.42
CA ASN A 616 13.38 15.28 64.28
C ASN A 616 12.77 13.95 63.92
N THR A 617 12.15 13.92 62.73
CA THR A 617 11.54 12.76 62.21
C THR A 617 12.21 12.38 60.91
N VAL A 618 12.47 11.09 60.75
CA VAL A 618 12.98 10.55 59.50
C VAL A 618 11.81 9.91 58.74
N ILE A 619 11.66 10.29 57.47
CA ILE A 619 10.62 9.67 56.63
C ILE A 619 11.24 8.66 55.67
N VAL A 620 10.70 7.46 55.70
CA VAL A 620 11.17 6.42 54.79
C VAL A 620 10.03 6.08 53.88
N ASN A 621 10.25 6.30 52.58
CA ASN A 621 9.22 6.09 51.55
C ASN A 621 9.48 4.85 50.74
N GLN A 622 8.45 4.04 50.64
CA GLN A 622 8.48 2.87 49.73
C GLN A 622 7.51 3.05 48.53
N SER A 623 8.10 3.23 47.36
CA SER A 623 7.34 3.36 46.11
C SER A 623 8.31 3.00 44.95
N GLY A 624 7.76 2.60 43.82
CA GLY A 624 8.59 2.27 42.68
C GLY A 624 8.88 3.47 41.79
N THR A 625 8.07 4.51 41.95
CA THR A 625 8.03 5.68 41.08
C THR A 625 7.65 6.90 41.96
N PRO A 626 7.81 8.14 41.46
CA PRO A 626 7.65 9.31 42.30
C PRO A 626 6.28 9.47 42.87
N VAL A 627 6.25 9.95 44.11
CA VAL A 627 5.03 10.47 44.68
C VAL A 627 5.29 11.91 45.09
N GLU A 628 4.22 12.69 45.17
CA GLU A 628 4.33 14.04 45.64
C GLU A 628 4.53 14.02 47.15
N PHE A 629 5.48 14.80 47.62
CA PHE A 629 5.63 15.08 49.04
C PHE A 629 5.22 16.54 49.35
N PRO A 630 3.91 16.79 49.61
CA PRO A 630 3.44 18.20 49.72
C PRO A 630 4.09 18.99 50.85
N TRP A 631 4.45 18.25 51.88
CA TRP A 631 4.93 18.77 53.15
C TRP A 631 6.44 18.69 53.18
N LEU A 632 7.03 18.59 51.98
CA LEU A 632 8.46 18.38 51.78
C LEU A 632 9.33 19.39 52.51
N GLU A 633 8.94 20.66 52.51
CA GLU A 633 9.73 21.76 53.09
C GLU A 633 10.03 21.49 54.58
N ASP A 634 9.06 20.87 55.26
CA ASP A 634 9.14 20.63 56.67
C ASP A 634 9.77 19.31 57.07
N ALA A 635 10.03 18.41 56.09
CA ALA A 635 10.59 17.09 56.36
C ALA A 635 12.11 17.15 56.29
N ASN A 636 12.76 17.05 57.44
CA ASN A 636 14.21 17.20 57.54
C ASN A 636 15.05 15.96 57.17
N ALA A 637 14.42 14.79 57.16
CA ALA A 637 15.16 13.58 56.76
C ALA A 637 14.27 12.67 55.98
N LEU A 638 14.73 12.35 54.77
CA LEU A 638 13.88 11.65 53.83
C LEU A 638 14.68 10.63 53.12
N VAL A 639 14.20 9.41 53.20
CA VAL A 639 14.87 8.25 52.62
C VAL A 639 13.96 7.54 51.64
N GLN A 640 14.46 7.36 50.43
CA GLN A 640 13.75 6.53 49.39
C GLN A 640 14.24 5.06 49.39
N ALA A 641 13.35 4.17 49.86
CA ALA A 641 13.67 2.73 50.10
C ALA A 641 13.22 1.78 48.99
N TRP A 642 12.41 2.29 48.05
CA TRP A 642 11.88 1.45 46.99
C TRP A 642 11.10 0.24 47.55
N TYR A 643 11.09 -0.85 46.77
CA TYR A 643 10.61 -2.13 47.23
C TYR A 643 11.81 -3.12 47.24
N GLY A 644 12.37 -3.30 48.46
CA GLY A 644 13.66 -3.96 48.67
C GLY A 644 13.68 -5.47 48.82
N GLY A 645 12.59 -6.18 48.51
CA GLY A 645 12.64 -7.64 48.49
C GLY A 645 12.71 -8.30 49.88
N ASN A 646 13.33 -9.49 49.98
CA ASN A 646 13.17 -10.34 51.18
C ASN A 646 13.70 -9.65 52.43
N GLU A 647 14.84 -8.98 52.23
CA GLU A 647 15.61 -8.34 53.27
C GLU A 647 15.33 -6.84 53.44
N LEU A 648 14.16 -6.37 52.96
CA LEU A 648 13.93 -4.93 52.77
C LEU A 648 14.09 -4.23 54.11
N GLY A 649 13.50 -4.80 55.16
CA GLY A 649 13.58 -4.24 56.52
C GLY A 649 15.00 -4.13 57.06
N ASN A 650 15.80 -5.20 56.93
CA ASN A 650 17.19 -5.13 57.38
C ASN A 650 17.99 -4.10 56.59
N ALA A 651 17.74 -3.96 55.28
CA ALA A 651 18.46 -2.98 54.46
C ALA A 651 18.14 -1.52 54.90
N ILE A 652 16.88 -1.30 55.22
CA ILE A 652 16.47 -0.02 55.71
C ILE A 652 17.20 0.26 57.03
N ALA A 653 17.12 -0.67 57.98
CA ALA A 653 17.79 -0.50 59.26
C ALA A 653 19.26 -0.21 59.06
N ASP A 654 19.93 -1.03 58.26
CA ASP A 654 21.33 -0.83 57.95
C ASP A 654 21.63 0.60 57.59
N VAL A 655 20.76 1.19 56.78
CA VAL A 655 21.03 2.49 56.23
C VAL A 655 20.66 3.52 57.26
N LEU A 656 19.52 3.31 57.94
CA LEU A 656 19.09 4.19 59.02
C LEU A 656 20.14 4.36 60.17
N TYR A 657 20.85 3.27 60.49
CA TYR A 657 21.84 3.26 61.58
C TYR A 657 23.25 3.34 61.10
N GLY A 658 23.44 3.38 59.77
CA GLY A 658 24.76 3.68 59.19
C GLY A 658 25.75 2.52 59.10
N ASP A 659 25.28 1.32 59.34
CA ASP A 659 26.09 0.11 59.07
C ASP A 659 26.22 -0.03 57.59
N VAL A 660 25.22 0.48 56.88
CA VAL A 660 25.44 0.77 55.48
C VAL A 660 25.18 2.26 55.31
N VAL A 661 26.20 2.92 54.75
CA VAL A 661 26.23 4.33 54.43
C VAL A 661 25.59 4.49 53.04
N PRO A 662 24.49 5.28 52.98
CA PRO A 662 23.70 5.56 51.75
C PRO A 662 24.57 5.84 50.54
N ASN A 663 24.32 5.06 49.48
CA ASN A 663 25.11 5.20 48.26
C ASN A 663 24.24 5.07 47.02
N GLY A 664 22.92 5.01 47.22
CA GLY A 664 21.97 5.02 46.10
C GLY A 664 21.90 6.39 45.42
N LYS A 665 21.68 6.37 44.10
CA LYS A 665 21.31 7.55 43.36
C LYS A 665 20.06 7.31 42.57
N LEU A 666 19.17 8.30 42.56
CA LEU A 666 17.89 8.23 41.87
C LEU A 666 18.02 7.83 40.41
N SER A 667 17.23 6.84 40.02
CA SER A 667 17.20 6.36 38.63
C SER A 667 16.09 7.08 37.83
N LEU A 668 15.30 7.88 38.52
CA LEU A 668 14.12 8.53 37.93
C LEU A 668 14.14 10.00 38.42
N SER A 669 13.64 10.94 37.60
CA SER A 669 13.36 12.30 38.06
C SER A 669 12.21 12.28 39.03
N TRP A 670 12.23 13.20 39.99
CA TRP A 670 11.19 13.35 40.99
C TRP A 670 10.53 14.75 40.88
N PRO A 671 9.53 14.90 40.00
CA PRO A 671 8.94 16.24 39.87
C PRO A 671 8.20 16.67 41.11
N PHE A 672 8.02 17.98 41.34
CA PHE A 672 7.24 18.42 42.54
C PHE A 672 5.79 18.00 42.47
N LYS A 673 5.28 17.97 41.24
CA LYS A 673 3.85 17.95 41.00
C LYS A 673 3.59 17.19 39.72
N LEU A 674 2.50 16.43 39.68
CA LEU A 674 2.18 15.63 38.51
C LEU A 674 2.21 16.50 37.22
N GLN A 675 1.68 17.72 37.29
CA GLN A 675 1.62 18.61 36.13
C GLN A 675 2.92 19.05 35.57
N ASP A 676 4.00 18.80 36.27
CA ASP A 676 5.28 19.21 35.75
C ASP A 676 5.84 18.24 34.77
N ASN A 677 5.24 17.05 34.69
CA ASN A 677 5.92 15.95 33.99
C ASN A 677 5.65 16.02 32.49
N PRO A 678 6.58 15.52 31.67
CA PRO A 678 6.41 15.72 30.21
C PRO A 678 5.19 14.99 29.65
N ALA A 679 4.81 13.89 30.28
CA ALA A 679 3.73 13.11 29.74
C ALA A 679 2.40 13.39 30.46
N PHE A 680 2.32 14.53 31.12
CA PHE A 680 1.10 14.87 31.82
C PHE A 680 -0.16 14.70 30.96
N LEU A 681 -0.15 15.23 29.76
CA LEU A 681 -1.34 15.19 28.93
C LEU A 681 -1.52 13.96 28.03
N ASN A 682 -0.52 13.08 27.96
CA ASN A 682 -0.63 11.94 27.06
C ASN A 682 -0.09 10.67 27.74
N PHE A 683 -0.75 10.29 28.82
CA PHE A 683 -0.39 9.07 29.51
C PHE A 683 -1.66 8.25 29.71
N LYS A 684 -2.42 8.08 28.64
CA LYS A 684 -3.68 7.34 28.68
C LYS A 684 -3.85 6.88 27.29
N THR A 685 -4.45 5.70 27.11
CA THR A 685 -4.73 5.22 25.80
C THR A 685 -6.05 5.90 25.46
N GLU A 686 -6.05 6.75 24.44
CA GLU A 686 -7.31 7.43 24.05
C GLU A 686 -7.50 7.15 22.60
N PHE A 687 -8.70 6.71 22.24
CA PHE A 687 -8.98 6.27 20.85
C PHE A 687 -7.95 5.26 20.45
N GLY A 688 -7.60 4.43 21.41
CA GLY A 688 -6.61 3.37 21.21
C GLY A 688 -5.19 3.81 21.00
N ARG A 689 -4.83 5.07 21.27
CA ARG A 689 -3.46 5.52 21.02
C ARG A 689 -2.89 6.40 22.13
N VAL A 690 -1.56 6.57 22.09
CA VAL A 690 -0.79 7.36 23.02
C VAL A 690 0.28 8.05 22.18
N ILE A 691 0.21 9.37 22.11
CA ILE A 691 1.17 10.08 21.33
C ILE A 691 2.33 10.52 22.21
N TYR A 692 3.53 10.00 21.93
CA TYR A 692 4.73 10.43 22.66
C TYR A 692 5.16 11.88 22.29
N GLY A 693 4.35 12.86 22.65
CA GLY A 693 4.64 14.27 22.32
C GLY A 693 5.93 14.92 22.75
N GLU A 694 6.45 14.57 23.92
CA GLU A 694 7.79 15.01 24.43
C GLU A 694 8.96 14.52 23.57
N ASP A 695 8.68 13.58 22.65
CA ASP A 695 9.67 13.06 21.71
C ASP A 695 10.91 12.53 22.49
N ILE A 696 12.14 12.97 22.20
CA ILE A 696 13.31 12.55 22.98
C ILE A 696 13.43 13.23 24.36
N PHE A 697 12.58 14.20 24.65
CA PHE A 697 12.70 14.92 25.90
C PHE A 697 11.93 14.16 26.97
N VAL A 698 12.53 13.02 27.35
CA VAL A 698 12.04 12.17 28.40
C VAL A 698 12.91 12.40 29.62
N GLY A 699 12.29 12.39 30.80
CA GLY A 699 13.01 12.49 32.08
C GLY A 699 13.78 13.76 32.27
N TYR A 700 14.96 13.66 32.86
CA TYR A 700 15.79 14.85 33.00
C TYR A 700 16.07 15.51 31.68
N ARG A 701 15.99 14.80 30.56
CA ARG A 701 16.14 15.52 29.29
C ARG A 701 15.05 16.58 29.14
N TYR A 702 13.89 16.33 29.71
CA TYR A 702 12.80 17.30 29.60
C TYR A 702 13.04 18.45 30.59
N TYR A 703 13.28 18.09 31.83
CA TYR A 703 13.31 19.11 32.87
C TYR A 703 14.44 20.09 32.65
N GLU A 704 15.57 19.61 32.15
CA GLU A 704 16.68 20.51 31.97
C GLU A 704 16.43 21.39 30.78
N LYS A 705 15.82 20.85 29.76
CA LYS A 705 15.58 21.66 28.61
C LYS A 705 14.65 22.86 28.92
N LEU A 706 13.65 22.68 29.76
CA LEU A 706 12.70 23.74 30.14
C LEU A 706 13.15 24.52 31.38
N GLN A 707 14.30 24.14 31.93
CA GLN A 707 14.77 24.66 33.22
C GLN A 707 13.64 24.62 34.22
N ARG A 708 12.96 23.47 34.27
CA ARG A 708 11.97 23.18 35.28
C ARG A 708 12.60 22.44 36.43
N LYS A 709 12.42 23.01 37.61
CA LYS A 709 12.98 22.45 38.83
C LYS A 709 12.13 21.27 39.33
N VAL A 710 12.83 20.28 39.89
CA VAL A 710 12.17 19.09 40.41
C VAL A 710 12.49 18.96 41.86
N ALA A 711 11.66 18.22 42.59
CA ALA A 711 11.93 17.98 44.01
C ALA A 711 13.35 17.41 44.14
N PHE A 712 13.69 16.43 43.31
CA PHE A 712 14.98 15.77 43.31
C PHE A 712 15.29 15.27 41.90
N PRO A 713 16.48 15.59 41.38
CA PRO A 713 16.81 15.30 39.96
C PRO A 713 17.41 13.89 39.71
N PHE A 714 17.36 13.44 38.45
CA PHE A 714 18.06 12.22 38.08
C PHE A 714 19.52 12.22 38.63
N GLY A 715 19.91 11.15 39.32
CA GLY A 715 21.30 10.98 39.73
C GLY A 715 21.62 11.51 41.14
N TYR A 716 20.59 12.07 41.79
CA TYR A 716 20.77 12.68 43.09
C TYR A 716 20.74 11.58 44.18
N GLY A 717 21.67 11.66 45.13
CA GLY A 717 21.56 10.94 46.40
C GLY A 717 22.57 11.46 47.41
N LEU A 718 22.16 11.55 48.65
CA LEU A 718 23.09 12.04 49.67
C LEU A 718 23.96 10.89 50.20
N SER A 719 24.95 11.23 51.04
CA SER A 719 25.71 10.26 51.81
C SER A 719 25.83 10.65 53.26
N TYR A 720 26.55 9.83 54.02
CA TYR A 720 26.86 10.24 55.38
C TYR A 720 28.17 10.97 55.43
N THR A 721 28.90 10.95 54.33
CA THR A 721 30.16 11.64 54.23
C THR A 721 30.11 12.48 52.96
N THR A 722 31.25 13.02 52.53
CA THR A 722 31.24 13.97 51.44
C THR A 722 32.37 13.65 50.51
N PHE A 723 32.31 14.15 49.29
CA PHE A 723 33.27 13.73 48.28
C PHE A 723 33.52 14.89 47.39
N GLU A 724 34.70 14.95 46.83
CA GLU A 724 34.92 15.87 45.76
C GLU A 724 35.66 15.06 44.73
N LEU A 725 35.70 15.58 43.52
CA LEU A 725 36.31 14.94 42.38
C LEU A 725 36.68 15.98 41.37
N ASP A 726 37.58 15.60 40.48
CA ASP A 726 38.04 16.43 39.39
C ASP A 726 38.65 15.56 38.26
N ILE A 727 38.44 15.96 37.02
CA ILE A 727 38.99 15.25 35.87
C ILE A 727 40.51 15.32 35.98
N SER A 728 41.15 14.17 36.13
CA SER A 728 42.59 14.10 36.21
C SER A 728 43.34 13.80 34.92
N ASP A 729 42.67 13.25 33.94
CA ASP A 729 43.31 13.02 32.68
C ASP A 729 42.26 13.07 31.64
N PHE A 730 42.61 13.49 30.45
CA PHE A 730 41.66 13.53 29.36
C PHE A 730 42.30 13.34 27.99
N LYS A 731 41.79 12.45 27.18
CA LYS A 731 42.40 12.25 25.88
C LYS A 731 41.40 11.71 24.88
N VAL A 732 41.25 12.43 23.79
CA VAL A 732 40.42 11.98 22.68
C VAL A 732 41.21 11.87 21.41
N THR A 733 41.11 10.70 20.84
CA THR A 733 41.62 10.33 19.55
C THR A 733 40.49 10.80 18.66
N ASP A 734 40.46 10.35 17.43
CA ASP A 734 39.38 10.70 16.54
C ASP A 734 38.22 9.69 16.63
N ASP A 735 38.27 8.72 17.55
CA ASP A 735 37.31 7.61 17.61
C ASP A 735 37.17 6.99 19.01
N LYS A 736 37.73 7.66 20.02
CA LYS A 736 37.62 7.23 21.43
C LYS A 736 37.78 8.40 22.43
N ILE A 737 37.20 8.22 23.62
CA ILE A 737 37.36 9.16 24.74
C ILE A 737 37.77 8.41 25.98
N ALA A 738 38.89 8.83 26.53
CA ALA A 738 39.39 8.28 27.77
C ALA A 738 39.46 9.43 28.70
N ILE A 739 38.92 9.22 29.87
CA ILE A 739 38.83 10.27 30.84
C ILE A 739 39.15 9.68 32.21
N SER A 740 39.90 10.40 33.02
CA SER A 740 40.17 9.90 34.35
C SER A 740 39.68 10.89 35.36
N VAL A 741 39.12 10.38 36.45
CA VAL A 741 38.46 11.21 37.44
C VAL A 741 38.94 10.81 38.82
N ASP A 742 39.45 11.75 39.61
CA ASP A 742 39.90 11.36 40.95
C ASP A 742 38.83 11.72 41.96
N VAL A 743 38.47 10.79 42.82
CA VAL A 743 37.39 11.03 43.77
C VAL A 743 37.93 10.82 45.17
N LYS A 744 37.65 11.77 46.07
CA LYS A 744 38.19 11.69 47.40
C LYS A 744 37.10 11.83 48.47
N ASN A 745 37.03 10.89 49.40
CA ASN A 745 36.19 11.06 50.56
C ASN A 745 36.69 12.20 51.49
N THR A 746 36.11 13.39 51.39
CA THR A 746 36.60 14.52 52.17
C THR A 746 36.14 14.52 53.64
N GLY A 747 35.22 13.64 54.00
CA GLY A 747 34.83 13.50 55.41
C GLY A 747 35.81 12.70 56.24
N ASP A 748 35.65 12.73 57.56
CA ASP A 748 36.63 12.15 58.46
C ASP A 748 35.99 11.09 59.35
N LYS A 749 34.71 10.80 59.18
CA LYS A 749 34.07 9.81 60.02
C LYS A 749 33.58 8.55 59.28
N PHE A 750 32.88 8.73 58.15
CA PHE A 750 32.25 7.59 57.45
C PHE A 750 32.93 7.21 56.14
N ALA A 751 33.13 5.91 55.94
CA ALA A 751 33.52 5.36 54.63
C ALA A 751 32.28 5.34 53.73
N GLY A 752 32.47 5.56 52.43
CA GLY A 752 31.33 5.70 51.55
C GLY A 752 31.60 5.45 50.10
N SER A 753 30.54 5.06 49.38
CA SER A 753 30.65 4.95 47.92
C SER A 753 29.98 6.15 47.24
N GLU A 754 30.58 6.59 46.15
CA GLU A 754 30.11 7.74 45.41
C GLU A 754 30.01 7.32 43.97
N VAL A 755 29.09 7.93 43.24
CA VAL A 755 28.91 7.54 41.86
C VAL A 755 29.34 8.69 40.96
N VAL A 756 30.31 8.42 40.14
CA VAL A 756 30.76 9.36 39.17
C VAL A 756 29.85 9.23 37.91
N GLN A 757 29.29 10.35 37.47
CA GLN A 757 28.37 10.29 36.33
C GLN A 757 28.93 11.12 35.22
N VAL A 758 29.01 10.58 34.00
CA VAL A 758 29.58 11.30 32.88
C VAL A 758 28.50 11.64 31.83
N TYR A 759 28.43 12.93 31.47
CA TYR A 759 27.39 13.48 30.60
C TYR A 759 28.05 14.15 29.39
N PHE A 760 27.37 14.14 28.24
CA PHE A 760 27.84 14.85 27.05
C PHE A 760 26.85 15.81 26.48
N SER A 761 27.38 16.78 25.75
CA SER A 761 26.63 17.93 25.23
C SER A 761 27.28 18.34 23.97
N ALA A 762 26.48 18.69 22.98
CA ALA A 762 26.98 19.31 21.77
C ALA A 762 26.79 20.83 21.93
N LEU A 763 27.81 21.60 21.55
CA LEU A 763 27.86 23.03 21.84
C LEU A 763 27.29 23.97 20.80
N ASN A 764 27.47 23.65 19.51
CA ASN A 764 26.71 24.39 18.50
C ASN A 764 26.31 23.49 17.35
N SER A 765 25.58 22.44 17.72
CA SER A 765 24.99 21.49 16.78
C SER A 765 23.84 22.28 16.16
N LYS A 766 23.33 21.81 15.02
CA LYS A 766 22.22 22.51 14.40
C LYS A 766 20.96 21.70 14.57
N VAL A 767 21.16 20.47 15.02
CA VAL A 767 20.10 19.63 15.48
C VAL A 767 19.86 20.00 16.93
N SER A 768 18.60 19.96 17.33
CA SER A 768 18.22 20.12 18.71
C SER A 768 18.56 18.87 19.55
N ARG A 769 19.03 19.09 20.77
CA ARG A 769 19.41 17.97 21.65
C ARG A 769 19.05 18.19 23.09
N PRO A 770 19.25 17.18 23.93
CA PRO A 770 19.13 17.56 25.33
C PRO A 770 20.34 18.35 25.70
N VAL A 771 20.20 19.15 26.74
CA VAL A 771 21.33 19.89 27.29
C VAL A 771 22.52 18.96 27.47
N LYS A 772 22.31 17.82 28.18
CA LYS A 772 23.36 16.81 28.31
C LYS A 772 22.77 15.41 28.45
N GLU A 773 23.60 14.40 28.22
CA GLU A 773 23.16 13.02 28.19
C GLU A 773 24.12 12.11 28.91
N LEU A 774 23.61 11.37 29.89
CA LEU A 774 24.46 10.41 30.56
C LEU A 774 25.00 9.45 29.51
N LYS A 775 26.31 9.20 29.53
CA LYS A 775 26.94 8.20 28.65
C LYS A 775 27.98 7.33 29.31
N GLY A 776 28.18 7.49 30.63
CA GLY A 776 29.16 6.77 31.41
C GLY A 776 28.87 6.96 32.88
N PHE A 777 29.14 5.95 33.71
CA PHE A 777 29.14 6.10 35.16
C PHE A 777 30.08 5.07 35.79
N GLU A 778 30.54 5.34 37.02
CA GLU A 778 31.40 4.44 37.79
C GLU A 778 31.09 4.59 39.26
N LYS A 779 31.07 3.50 40.02
CA LYS A 779 30.87 3.57 41.46
C LYS A 779 32.15 3.24 42.20
N VAL A 780 32.48 4.02 43.22
CA VAL A 780 33.74 3.76 43.95
C VAL A 780 33.57 3.89 45.45
N HIS A 781 34.11 2.90 46.19
CA HIS A 781 34.21 2.95 47.65
C HIS A 781 35.47 3.70 48.10
N LEU A 782 35.33 4.52 49.13
CA LEU A 782 36.45 5.27 49.66
C LEU A 782 36.34 5.37 51.16
N GLU A 783 37.46 5.11 51.85
CA GLU A 783 37.54 5.28 53.31
C GLU A 783 37.67 6.78 53.54
N PRO A 784 37.50 7.24 54.80
CA PRO A 784 37.62 8.71 55.06
C PRO A 784 38.97 9.25 54.63
N GLY A 785 38.99 10.32 53.84
CA GLY A 785 40.26 10.85 53.37
C GLY A 785 40.95 10.10 52.24
N GLU A 786 40.46 8.91 51.90
CA GLU A 786 41.01 8.14 50.76
C GLU A 786 40.67 8.76 49.38
N LYS A 787 41.59 8.63 48.42
CA LYS A 787 41.39 9.11 47.06
C LYS A 787 41.75 8.02 46.04
N LYS A 788 40.86 7.73 45.09
CA LYS A 788 41.10 6.77 43.98
C LYS A 788 40.86 7.44 42.63
N THR A 789 41.60 7.03 41.61
CA THR A 789 41.31 7.44 40.27
C THR A 789 40.37 6.39 39.71
N VAL A 790 39.29 6.83 39.04
CA VAL A 790 38.43 5.93 38.28
C VAL A 790 38.62 6.32 36.84
N ASN A 791 38.67 5.31 35.97
CA ASN A 791 38.84 5.57 34.54
C ASN A 791 37.58 5.24 33.77
N ILE A 792 37.32 6.02 32.72
CA ILE A 792 36.11 5.85 31.92
C ILE A 792 36.49 6.00 30.47
N ASP A 793 36.32 4.94 29.69
CA ASP A 793 36.71 4.95 28.25
C ASP A 793 35.53 4.53 27.38
N LEU A 794 35.24 5.26 26.31
CA LEU A 794 34.11 4.93 25.42
C LEU A 794 34.41 5.30 23.96
N GLU A 795 33.71 4.69 23.00
CA GLU A 795 33.81 5.15 21.63
C GLU A 795 33.09 6.50 21.46
N LEU A 796 33.66 7.39 20.65
CA LEU A 796 32.95 8.61 20.30
C LEU A 796 31.52 8.22 19.90
N LYS A 797 31.39 7.32 18.93
CA LYS A 797 30.10 6.98 18.36
C LYS A 797 29.05 6.62 19.42
N ASP A 798 29.49 6.12 20.56
CA ASP A 798 28.57 5.72 21.58
C ASP A 798 28.26 6.86 22.55
N ALA A 799 29.09 7.88 22.56
CA ALA A 799 28.89 8.90 23.55
C ALA A 799 28.27 10.19 23.00
N ILE A 800 28.36 10.41 21.68
CA ILE A 800 27.92 11.67 21.09
C ILE A 800 27.09 11.60 19.81
N SER A 801 26.60 10.41 19.50
CA SER A 801 25.68 10.28 18.35
C SER A 801 24.25 10.69 18.70
N TYR A 802 23.57 11.21 17.71
CA TYR A 802 22.14 11.37 17.82
C TYR A 802 21.61 10.62 16.60
N PHE A 803 20.33 10.26 16.62
CA PHE A 803 19.73 9.54 15.49
C PHE A 803 19.09 10.49 14.50
N ASN A 804 19.59 10.45 13.28
CA ASN A 804 19.15 11.32 12.23
C ASN A 804 18.00 10.64 11.54
N GLU A 805 16.85 11.25 11.69
CA GLU A 805 15.62 10.58 11.42
C GLU A 805 15.34 10.71 9.94
N GLU A 806 15.86 11.79 9.36
CA GLU A 806 15.67 12.04 7.94
C GLU A 806 16.47 11.02 7.19
N LEU A 807 17.68 10.72 7.64
CA LEU A 807 18.54 9.81 6.90
C LEU A 807 18.40 8.33 7.36
N GLY A 808 17.69 8.10 8.46
CA GLY A 808 17.52 6.78 9.01
C GLY A 808 18.87 6.26 9.42
N LYS A 809 19.64 7.06 10.16
CA LYS A 809 20.89 6.56 10.70
C LYS A 809 21.55 7.44 11.75
N TRP A 810 22.39 6.83 12.57
CA TRP A 810 23.06 7.57 13.61
C TRP A 810 24.14 8.46 13.03
N HIS A 811 24.41 9.53 13.75
CA HIS A 811 25.30 10.56 13.20
C HIS A 811 26.18 11.17 14.27
N VAL A 812 27.48 11.05 14.10
CA VAL A 812 28.45 11.81 14.90
C VAL A 812 28.75 13.05 14.06
N GLU A 813 28.25 14.19 14.54
CA GLU A 813 28.43 15.46 13.85
C GLU A 813 29.74 16.11 14.25
N ALA A 814 30.43 16.67 13.28
CA ALA A 814 31.59 17.52 13.61
C ALA A 814 31.15 18.82 14.39
N GLY A 815 31.90 19.17 15.43
CA GLY A 815 31.65 20.40 16.18
C GLY A 815 32.41 20.40 17.51
N GLU A 816 31.99 21.26 18.44
CA GLU A 816 32.61 21.29 19.77
C GLU A 816 31.69 20.52 20.72
N TYR A 817 32.24 19.81 21.70
CA TYR A 817 31.43 19.08 22.68
C TYR A 817 31.88 19.35 24.11
N LEU A 818 31.04 19.01 25.07
CA LEU A 818 31.39 19.22 26.48
C LEU A 818 31.11 17.97 27.31
N VAL A 819 32.15 17.46 27.96
CA VAL A 819 31.92 16.38 28.86
C VAL A 819 31.66 17.05 30.16
N SER A 820 30.64 16.61 30.90
CA SER A 820 30.42 17.13 32.24
C SER A 820 30.42 15.98 33.23
N VAL A 821 31.08 16.14 34.37
CA VAL A 821 31.28 15.05 35.30
C VAL A 821 30.78 15.48 36.66
N GLY A 822 30.10 14.60 37.37
CA GLY A 822 29.43 15.08 38.59
C GLY A 822 28.81 13.92 39.30
N THR A 823 28.08 14.22 40.35
CA THR A 823 27.52 13.19 41.19
C THR A 823 25.98 13.20 41.16
N SER A 824 25.41 13.99 40.26
CA SER A 824 24.01 13.95 39.85
C SER A 824 23.96 14.77 38.54
N SER A 825 22.81 14.75 37.85
CA SER A 825 22.61 15.52 36.63
C SER A 825 22.58 17.02 36.95
N ASP A 826 22.40 17.32 38.26
CA ASP A 826 22.31 18.68 38.76
C ASP A 826 23.52 19.08 39.60
N ASP A 827 24.49 18.18 39.76
CA ASP A 827 25.71 18.49 40.54
C ASP A 827 26.98 18.18 39.72
N ILE A 828 27.19 19.00 38.70
CA ILE A 828 28.36 18.90 37.85
C ILE A 828 29.52 19.59 38.56
N LEU A 829 30.69 18.94 38.56
CA LEU A 829 31.83 19.43 39.29
C LEU A 829 33.04 19.72 38.42
N SER A 830 33.03 19.23 37.19
CA SER A 830 34.25 19.20 36.37
C SER A 830 33.82 19.08 34.91
N VAL A 831 34.35 19.91 34.05
CA VAL A 831 33.97 19.85 32.66
C VAL A 831 35.22 19.97 31.82
N LYS A 832 35.09 19.68 30.53
CA LYS A 832 36.14 19.89 29.55
C LYS A 832 35.55 19.91 28.13
N GLU A 833 36.12 20.77 27.29
CA GLU A 833 35.62 20.97 25.95
C GLU A 833 36.55 20.25 25.02
N PHE A 834 35.98 19.61 24.00
CA PHE A 834 36.77 19.00 22.96
C PHE A 834 36.14 19.25 21.60
N LYS A 835 36.97 19.16 20.56
CA LYS A 835 36.60 19.35 19.17
C LYS A 835 36.53 17.98 18.56
N VAL A 836 35.53 17.78 17.72
CA VAL A 836 35.38 16.57 16.94
C VAL A 836 35.23 17.07 15.54
N GLU A 837 36.04 16.55 14.64
CA GLU A 837 36.13 17.11 13.29
C GLU A 837 35.81 16.12 12.19
N LYS A 838 36.05 14.84 12.43
CA LYS A 838 35.66 13.87 11.41
C LYS A 838 34.30 13.24 11.81
N GLU A 839 33.32 13.37 10.92
CA GLU A 839 31.98 12.89 11.21
C GLU A 839 31.80 11.36 11.01
N LEU A 840 30.63 10.83 11.37
CA LEU A 840 30.36 9.39 11.20
C LEU A 840 28.86 9.12 11.13
N TYR A 841 28.44 8.41 10.09
CA TYR A 841 27.09 7.91 9.95
C TYR A 841 27.14 6.42 10.15
N TRP A 842 26.31 5.87 11.03
CA TRP A 842 26.29 4.43 11.25
C TRP A 842 24.90 3.94 11.53
N LYS A 843 24.70 2.65 11.23
CA LYS A 843 23.53 1.85 11.61
C LYS A 843 24.03 0.61 12.41
N GLY A 844 23.12 -0.18 12.98
CA GLY A 844 23.52 -1.43 13.65
C GLY A 844 23.96 -1.25 15.10
N LEU A 845 24.89 -2.08 15.55
CA LEU A 845 25.36 -2.01 16.94
C LEU A 845 26.54 -1.04 17.06
N LYS B 3 -24.54 36.55 -17.72
CA LYS B 3 -24.37 35.26 -18.36
C LYS B 3 -22.93 34.86 -18.70
N PHE B 4 -22.34 34.13 -17.78
CA PHE B 4 -21.13 33.40 -17.93
C PHE B 4 -21.58 32.01 -17.53
N ASP B 5 -21.50 31.08 -18.45
CA ASP B 5 -22.03 29.76 -18.21
C ASP B 5 -20.88 28.79 -17.99
N VAL B 6 -20.70 28.28 -16.78
CA VAL B 6 -19.64 27.30 -16.52
C VAL B 6 -19.72 26.01 -17.38
N GLU B 7 -20.81 25.28 -17.30
CA GLU B 7 -20.85 24.02 -18.03
C GLU B 7 -20.78 24.18 -19.57
N GLN B 8 -21.44 25.22 -20.12
CA GLN B 8 -21.36 25.40 -21.56
C GLN B 8 -19.93 25.81 -21.98
N LEU B 9 -19.24 26.54 -21.11
CA LEU B 9 -17.85 26.87 -21.39
C LEU B 9 -16.97 25.64 -21.26
N LEU B 10 -17.21 24.83 -20.25
CA LEU B 10 -16.45 23.63 -20.13
C LEU B 10 -16.65 22.79 -21.43
N SER B 11 -17.89 22.73 -21.93
CA SER B 11 -18.18 21.99 -23.16
C SER B 11 -17.49 22.59 -24.41
N GLU B 12 -17.18 23.87 -24.38
CA GLU B 12 -16.62 24.56 -25.55
C GLU B 12 -15.09 24.69 -25.54
N LEU B 13 -14.47 24.72 -24.36
CA LEU B 13 -13.01 24.93 -24.35
C LEU B 13 -12.32 23.73 -24.97
N ASN B 14 -11.26 24.00 -25.74
CA ASN B 14 -10.45 22.87 -26.24
C ASN B 14 -9.51 22.41 -25.13
N GLN B 15 -8.83 21.28 -25.34
CA GLN B 15 -7.90 20.80 -24.35
C GLN B 15 -6.78 21.77 -23.96
N ASP B 16 -6.12 22.39 -24.94
CA ASP B 16 -5.08 23.35 -24.63
C ASP B 16 -5.61 24.55 -23.83
N GLU B 17 -6.80 25.00 -24.15
CA GLU B 17 -7.38 26.08 -23.38
C GLU B 17 -7.69 25.63 -21.93
N LYS B 18 -8.21 24.40 -21.79
CA LYS B 18 -8.40 23.76 -20.49
C LYS B 18 -7.11 23.79 -19.71
N ILE B 19 -6.01 23.39 -20.33
CA ILE B 19 -4.79 23.27 -19.57
C ILE B 19 -4.35 24.66 -19.13
N SER B 20 -4.66 25.63 -19.96
CA SER B 20 -4.11 26.96 -19.77
C SER B 20 -4.84 27.67 -18.65
N LEU B 21 -6.06 27.25 -18.35
CA LEU B 21 -6.81 27.72 -17.16
C LEU B 21 -6.31 27.16 -15.80
N LEU B 22 -5.43 26.15 -15.84
CA LEU B 22 -5.02 25.44 -14.64
C LEU B 22 -3.79 26.05 -14.04
N SER B 23 -3.28 27.11 -14.67
CA SER B 23 -2.26 27.90 -14.04
C SER B 23 -2.53 29.39 -14.31
N ALA B 24 -1.91 30.24 -13.47
CA ALA B 24 -1.95 31.67 -13.65
C ALA B 24 -1.01 32.06 -14.78
N VAL B 25 -1.28 33.18 -15.39
CA VAL B 25 -0.42 33.77 -16.37
C VAL B 25 0.88 34.39 -15.87
N ASP B 26 0.81 35.10 -14.75
CA ASP B 26 1.92 35.82 -14.17
C ASP B 26 1.71 35.78 -12.69
N PHE B 27 2.32 36.64 -11.93
CA PHE B 27 2.12 36.62 -10.51
C PHE B 27 0.71 36.80 -9.96
N TRP B 28 -0.15 37.55 -10.65
CA TRP B 28 -1.39 38.02 -10.08
C TRP B 28 -2.56 37.73 -10.94
N HIS B 29 -2.32 37.17 -12.12
CA HIS B 29 -3.49 37.05 -13.03
C HIS B 29 -3.82 35.66 -13.57
N THR B 30 -5.11 35.38 -13.72
CA THR B 30 -5.47 34.18 -14.46
C THR B 30 -5.40 34.41 -15.98
N LYS B 31 -5.95 33.47 -16.73
CA LYS B 31 -5.74 33.39 -18.14
C LYS B 31 -6.96 33.91 -18.91
N LYS B 32 -6.76 34.93 -19.75
CA LYS B 32 -7.84 35.42 -20.65
C LYS B 32 -8.06 34.45 -21.82
N ILE B 33 -9.32 34.16 -22.11
CA ILE B 33 -9.67 33.39 -23.29
C ILE B 33 -10.67 34.21 -24.13
N GLU B 34 -10.13 35.14 -24.89
CA GLU B 34 -10.94 36.07 -25.68
C GLU B 34 -12.06 35.34 -26.39
N ARG B 35 -11.68 34.30 -27.13
CA ARG B 35 -12.57 33.50 -27.95
C ARG B 35 -13.91 33.14 -27.28
N LEU B 36 -13.92 32.93 -25.97
CA LEU B 36 -15.16 32.55 -25.25
C LEU B 36 -15.66 33.58 -24.23
N GLY B 37 -14.98 34.72 -24.17
CA GLY B 37 -15.43 35.79 -23.29
C GLY B 37 -15.00 35.55 -21.85
N ILE B 38 -13.89 34.81 -21.68
CA ILE B 38 -13.29 34.57 -20.37
C ILE B 38 -12.15 35.53 -20.13
N PRO B 39 -12.30 36.38 -19.13
CA PRO B 39 -11.37 37.40 -18.81
C PRO B 39 -10.25 37.00 -17.85
N ALA B 40 -9.14 37.73 -17.92
CA ALA B 40 -8.13 37.60 -16.89
C ALA B 40 -8.62 38.21 -15.55
N VAL B 41 -8.33 37.52 -14.46
CA VAL B 41 -8.78 37.92 -13.15
C VAL B 41 -7.54 38.29 -12.35
N ARG B 42 -7.56 39.48 -11.75
CA ARG B 42 -6.49 39.89 -10.90
C ARG B 42 -6.80 39.49 -9.45
N VAL B 43 -5.82 38.85 -8.80
CA VAL B 43 -5.82 38.60 -7.37
C VAL B 43 -4.80 39.53 -6.76
N SER B 44 -4.96 39.87 -5.48
CA SER B 44 -3.89 40.62 -4.77
C SER B 44 -3.77 40.30 -3.26
N ASP B 45 -2.56 40.20 -2.73
CA ASP B 45 -2.41 40.24 -1.27
C ASP B 45 -2.97 41.55 -0.71
N GLY B 46 -3.26 41.56 0.59
CA GLY B 46 -3.26 40.39 1.48
C GLY B 46 -4.41 40.54 2.48
N PRO B 47 -4.25 40.04 3.72
CA PRO B 47 -5.32 39.98 4.72
C PRO B 47 -5.53 41.26 5.55
N ASN B 48 -4.56 42.18 5.56
CA ASN B 48 -4.72 43.47 6.20
C ASN B 48 -4.52 44.66 5.24
N GLY B 49 -5.24 44.62 4.11
CA GLY B 49 -5.13 45.66 3.10
C GLY B 49 -4.58 45.13 1.79
N ILE B 50 -4.69 45.94 0.74
CA ILE B 50 -4.41 45.49 -0.60
C ILE B 50 -3.20 46.11 -1.26
N ARG B 51 -2.13 45.30 -1.48
CA ARG B 51 -0.88 45.82 -2.03
C ARG B 51 -1.01 46.17 -3.49
N GLY B 52 -1.70 45.32 -4.25
CA GLY B 52 -1.83 45.49 -5.71
C GLY B 52 -0.73 44.72 -6.47
N THR B 53 -0.53 45.02 -7.75
CA THR B 53 0.37 44.23 -8.58
C THR B 53 1.85 44.42 -8.38
N LYS B 54 2.29 45.39 -7.60
CA LYS B 54 3.75 45.49 -7.34
C LYS B 54 4.15 45.95 -5.98
N PHE B 55 5.30 45.41 -5.51
CA PHE B 55 5.93 45.78 -4.22
C PHE B 55 6.69 47.12 -4.42
N PHE B 56 7.77 47.06 -5.22
CA PHE B 56 8.58 48.21 -5.60
C PHE B 56 7.82 49.22 -6.47
N ASP B 57 7.80 50.47 -6.01
CA ASP B 57 7.02 51.49 -6.70
C ASP B 57 5.51 51.16 -6.66
N GLY B 58 5.08 50.44 -5.63
CA GLY B 58 3.66 50.05 -5.49
C GLY B 58 2.73 51.23 -5.27
N VAL B 59 1.53 51.13 -5.81
CA VAL B 59 0.50 52.13 -5.55
C VAL B 59 0.14 52.08 -4.05
N PRO B 60 0.20 53.25 -3.35
CA PRO B 60 -0.15 53.30 -1.93
C PRO B 60 -1.57 52.84 -1.66
N SER B 61 -1.78 52.44 -0.41
CA SER B 61 -2.97 51.71 -0.08
C SER B 61 -3.35 51.87 1.38
N GLY B 62 -4.51 51.32 1.76
CA GLY B 62 -5.03 51.34 3.12
C GLY B 62 -4.56 50.13 3.92
N CYS B 63 -3.64 50.35 4.86
CA CYS B 63 -3.16 49.27 5.69
C CYS B 63 -3.97 49.21 7.01
N PHE B 64 -4.61 48.05 7.21
CA PHE B 64 -5.37 47.70 8.36
C PHE B 64 -4.47 47.22 9.51
N PRO B 65 -5.03 47.06 10.71
CA PRO B 65 -4.23 46.43 11.77
C PRO B 65 -4.07 44.95 11.47
N ASN B 66 -3.10 44.29 12.08
CA ASN B 66 -2.83 42.91 11.72
C ASN B 66 -3.84 41.98 12.40
N GLY B 67 -4.00 40.79 11.84
CA GLY B 67 -4.97 39.83 12.26
C GLY B 67 -5.12 39.62 13.77
N THR B 68 -4.01 39.46 14.51
CA THR B 68 -4.20 39.14 15.92
C THR B 68 -4.78 40.35 16.59
N GLY B 69 -4.41 41.54 16.10
CA GLY B 69 -5.06 42.74 16.53
C GLY B 69 -6.53 42.71 16.10
N LEU B 70 -6.82 42.53 14.84
CA LEU B 70 -8.20 42.36 14.41
C LEU B 70 -8.99 41.42 15.29
N ALA B 71 -8.50 40.21 15.51
CA ALA B 71 -9.26 39.24 16.29
C ALA B 71 -9.58 39.76 17.70
N SER B 72 -8.70 40.62 18.21
CA SER B 72 -8.81 41.14 19.57
C SER B 72 -9.98 42.10 19.75
N THR B 73 -10.60 42.51 18.66
CA THR B 73 -11.75 43.32 18.78
C THR B 73 -12.90 42.48 19.29
N PHE B 74 -12.91 41.18 19.02
CA PHE B 74 -14.09 40.35 19.33
C PHE B 74 -15.43 40.95 18.76
N ASP B 75 -15.35 41.60 17.60
CA ASP B 75 -16.45 42.32 17.07
C ASP B 75 -16.70 41.91 15.63
N ARG B 76 -17.66 41.00 15.45
CA ARG B 76 -17.99 40.47 14.16
C ARG B 76 -18.48 41.58 13.22
N ASP B 77 -19.26 42.53 13.75
CA ASP B 77 -19.87 43.56 12.96
C ASP B 77 -18.78 44.40 12.44
N LEU B 78 -17.89 44.83 13.35
CA LEU B 78 -16.72 45.57 12.91
C LEU B 78 -15.84 44.74 11.95
N LEU B 79 -15.60 43.45 12.20
CA LEU B 79 -14.72 42.73 11.29
C LEU B 79 -15.40 42.65 9.94
N GLU B 80 -16.71 42.55 10.00
CA GLU B 80 -17.50 42.54 8.75
C GLU B 80 -17.38 43.88 8.00
N THR B 81 -17.36 45.00 8.72
CA THR B 81 -17.20 46.33 8.13
C THR B 81 -15.81 46.44 7.52
N ALA B 82 -14.85 45.85 8.21
CA ALA B 82 -13.45 45.93 7.83
C ALA B 82 -13.22 45.25 6.53
N GLY B 83 -13.89 44.11 6.30
CA GLY B 83 -13.74 43.35 5.07
C GLY B 83 -14.43 44.02 3.92
N LYS B 84 -15.52 44.72 4.23
CA LYS B 84 -16.24 45.57 3.27
C LYS B 84 -15.27 46.69 2.83
N LEU B 85 -14.60 47.32 3.79
CA LEU B 85 -13.59 48.29 3.40
C LEU B 85 -12.46 47.64 2.56
N MET B 86 -12.02 46.44 2.93
CA MET B 86 -10.98 45.79 2.16
C MET B 86 -11.48 45.58 0.73
N ALA B 87 -12.77 45.36 0.55
CA ALA B 87 -13.24 45.21 -0.83
C ALA B 87 -13.12 46.50 -1.62
N LYS B 88 -13.51 47.64 -1.01
CA LYS B 88 -13.32 48.94 -1.67
C LYS B 88 -11.87 49.21 -2.03
N GLU B 89 -10.96 48.85 -1.12
CA GLU B 89 -9.52 49.03 -1.36
C GLU B 89 -9.07 48.18 -2.55
N SER B 90 -9.68 47.00 -2.70
CA SER B 90 -9.37 46.10 -3.77
C SER B 90 -9.90 46.64 -5.13
N ILE B 91 -11.14 47.11 -5.15
CA ILE B 91 -11.72 47.65 -6.36
C ILE B 91 -10.85 48.82 -6.81
N ALA B 92 -10.30 49.54 -5.85
CA ALA B 92 -9.44 50.65 -6.17
C ALA B 92 -8.16 50.18 -6.85
N LYS B 93 -7.75 48.93 -6.61
CA LYS B 93 -6.59 48.39 -7.27
C LYS B 93 -7.06 47.48 -8.40
N ASN B 94 -8.37 47.40 -8.66
CA ASN B 94 -8.88 46.53 -9.71
C ASN B 94 -8.50 45.02 -9.53
N ALA B 95 -8.48 44.57 -8.27
CA ALA B 95 -8.23 43.18 -7.89
C ALA B 95 -9.59 42.58 -7.61
N ALA B 96 -10.02 41.65 -8.46
CA ALA B 96 -11.33 41.01 -8.25
C ALA B 96 -11.37 40.00 -7.10
N VAL B 97 -10.17 39.68 -6.55
CA VAL B 97 -10.01 38.59 -5.58
C VAL B 97 -8.95 38.94 -4.59
N ILE B 98 -9.24 38.80 -3.29
CA ILE B 98 -8.23 39.08 -2.26
C ILE B 98 -7.62 37.82 -1.65
N LEU B 99 -6.31 37.85 -1.41
CA LEU B 99 -5.58 36.73 -0.88
C LEU B 99 -5.53 36.87 0.63
N GLY B 100 -6.70 36.66 1.23
CA GLY B 100 -6.92 36.82 2.67
C GLY B 100 -8.39 36.44 2.95
N PRO B 101 -8.75 36.23 4.23
CA PRO B 101 -7.88 36.37 5.42
C PRO B 101 -6.96 35.17 5.65
N THR B 102 -5.97 35.36 6.51
CA THR B 102 -5.10 34.32 6.91
C THR B 102 -5.55 33.74 8.26
N THR B 103 -5.64 32.41 8.37
CA THR B 103 -6.10 31.85 9.63
C THR B 103 -5.42 30.54 10.02
N ASN B 104 -4.10 30.57 10.05
CA ASN B 104 -3.33 29.49 10.63
C ASN B 104 -3.29 29.77 12.14
N MET B 105 -2.58 28.99 12.94
CA MET B 105 -2.82 28.99 14.36
C MET B 105 -1.51 29.10 15.14
N GLN B 106 -1.55 29.98 16.15
CA GLN B 106 -0.39 30.29 16.90
C GLN B 106 -0.25 29.21 18.01
N ARG B 107 0.14 28.01 17.56
CA ARG B 107 0.28 26.90 18.49
C ARG B 107 1.40 27.21 19.47
N GLY B 108 2.39 27.95 19.00
CA GLY B 108 3.29 28.66 19.89
C GLY B 108 3.41 30.10 19.42
N PRO B 109 4.09 30.92 20.20
CA PRO B 109 4.23 32.34 19.98
C PRO B 109 5.25 32.80 18.93
N LEU B 110 6.22 31.98 18.54
CA LEU B 110 7.35 32.48 17.75
C LEU B 110 7.06 32.49 16.24
N GLY B 111 5.87 32.11 15.84
CA GLY B 111 5.64 31.90 14.41
C GLY B 111 5.84 33.21 13.71
N GLY B 112 6.65 33.16 12.64
CA GLY B 112 6.97 34.35 11.89
C GLY B 112 5.72 35.04 11.31
N ARG B 113 4.68 34.27 10.98
CA ARG B 113 3.42 34.82 10.50
C ARG B 113 2.34 34.78 11.57
N GLY B 114 2.76 34.71 12.83
CA GLY B 114 1.76 34.64 13.89
C GLY B 114 0.93 35.92 13.94
N PHE B 115 1.57 37.05 13.58
CA PHE B 115 0.95 38.39 13.61
C PHE B 115 -0.18 38.44 12.60
N GLU B 116 -0.14 37.54 11.61
CA GLU B 116 -0.97 37.66 10.40
C GLU B 116 -2.28 36.89 10.48
N SER B 117 -2.30 35.84 11.30
CA SER B 117 -3.53 35.12 11.52
C SER B 117 -4.34 35.76 12.69
N PHE B 118 -5.39 35.09 13.17
CA PHE B 118 -6.30 35.76 14.07
C PHE B 118 -6.16 35.36 15.51
N SER B 119 -6.27 34.05 15.79
CA SER B 119 -6.32 33.61 17.18
C SER B 119 -5.87 32.16 17.36
N GLU B 120 -5.39 31.85 18.56
CA GLU B 120 -4.99 30.49 18.95
C GLU B 120 -6.28 29.73 19.19
N ASP B 121 -7.41 30.44 19.38
CA ASP B 121 -8.70 29.80 19.57
C ASP B 121 -9.44 29.55 18.23
N PRO B 122 -9.87 28.29 17.98
CA PRO B 122 -10.43 28.10 16.64
C PRO B 122 -11.79 28.75 16.50
N TYR B 123 -12.53 28.96 17.57
CA TYR B 123 -13.86 29.63 17.40
C TYR B 123 -13.66 31.10 17.03
N LEU B 124 -12.85 31.83 17.79
CA LEU B 124 -12.49 33.21 17.46
C LEU B 124 -11.90 33.32 16.05
N ALA B 125 -11.01 32.41 15.66
CA ALA B 125 -10.36 32.51 14.33
C ALA B 125 -11.40 32.37 13.21
N GLY B 126 -12.25 31.36 13.39
CA GLY B 126 -13.25 31.00 12.44
C GLY B 126 -14.33 32.07 12.31
N MET B 127 -14.78 32.64 13.44
CA MET B 127 -15.76 33.76 13.36
C MET B 127 -15.13 35.05 12.83
N ALA B 128 -13.89 35.38 13.25
CA ALA B 128 -13.12 36.47 12.63
C ALA B 128 -13.04 36.24 11.14
N THR B 129 -12.57 35.06 10.76
CA THR B 129 -12.45 34.77 9.33
C THR B 129 -13.77 34.92 8.61
N SER B 130 -14.84 34.48 9.25
CA SER B 130 -16.09 34.38 8.59
C SER B 130 -16.63 35.79 8.39
N SER B 131 -16.38 36.67 9.38
CA SER B 131 -16.82 38.08 9.32
C SER B 131 -16.11 38.81 8.23
N VAL B 132 -14.78 38.73 8.23
CA VAL B 132 -14.04 39.41 7.15
C VAL B 132 -14.46 38.93 5.75
N VAL B 133 -14.63 37.63 5.56
CA VAL B 133 -15.00 37.14 4.24
C VAL B 133 -16.42 37.63 3.86
N LYS B 134 -17.37 37.60 4.81
CA LYS B 134 -18.74 38.05 4.55
C LYS B 134 -18.73 39.54 4.11
N GLY B 135 -17.93 40.35 4.78
CA GLY B 135 -17.76 41.73 4.39
C GLY B 135 -17.12 41.89 3.03
N MET B 136 -16.10 41.09 2.69
CA MET B 136 -15.52 41.17 1.34
C MET B 136 -16.54 40.79 0.25
N GLN B 137 -17.17 39.62 0.43
CA GLN B 137 -18.01 39.06 -0.61
C GLN B 137 -19.38 39.77 -0.81
N GLY B 138 -19.91 40.38 0.25
CA GLY B 138 -21.07 41.24 0.12
C GLY B 138 -20.78 42.36 -0.89
N GLU B 139 -19.55 42.83 -0.98
CA GLU B 139 -19.23 43.83 -1.96
C GLU B 139 -19.00 43.19 -3.32
N GLY B 140 -19.05 41.86 -3.38
CA GLY B 140 -18.80 41.13 -4.64
C GLY B 140 -17.32 40.98 -4.92
N ILE B 141 -16.44 41.28 -3.97
CA ILE B 141 -15.03 40.87 -4.11
C ILE B 141 -14.78 39.50 -3.41
N ALA B 142 -14.05 38.61 -4.07
CA ALA B 142 -13.91 37.26 -3.58
C ALA B 142 -12.81 37.18 -2.57
N ALA B 143 -13.03 36.34 -1.56
CA ALA B 143 -12.05 36.06 -0.53
C ALA B 143 -11.24 34.82 -0.85
N THR B 144 -10.03 34.76 -0.33
CA THR B 144 -9.24 33.54 -0.42
C THR B 144 -8.75 33.16 0.97
N VAL B 145 -9.36 32.17 1.62
CA VAL B 145 -8.92 31.84 2.99
C VAL B 145 -7.63 31.02 2.87
N LYS B 146 -6.62 31.38 3.67
CA LYS B 146 -5.36 30.71 3.59
C LYS B 146 -4.81 30.54 5.02
N HIS B 147 -3.83 29.63 5.26
CA HIS B 147 -3.26 28.66 4.26
C HIS B 147 -3.67 27.26 4.68
N PHE B 148 -4.37 26.59 3.81
CA PHE B 148 -5.02 25.35 4.16
C PHE B 148 -4.03 24.18 4.00
N VAL B 149 -3.48 23.57 5.07
CA VAL B 149 -3.77 23.83 6.45
C VAL B 149 -2.47 23.47 7.19
N CYS B 150 -2.35 23.87 8.44
CA CYS B 150 -1.19 23.59 9.30
C CYS B 150 0.12 24.21 8.86
N ASN B 151 0.02 25.39 8.27
CA ASN B 151 1.18 26.19 8.01
C ASN B 151 1.36 27.05 9.22
N ASP B 152 1.76 26.44 10.32
CA ASP B 152 1.78 27.15 11.58
C ASP B 152 3.17 27.64 12.06
N LEU B 153 4.20 27.45 11.22
CA LEU B 153 5.49 28.12 11.46
C LEU B 153 6.10 28.38 10.09
N GLU B 154 7.13 29.20 10.01
CA GLU B 154 7.69 29.49 8.71
C GLU B 154 8.89 28.59 8.36
N ASP B 155 9.56 28.10 9.40
CA ASP B 155 10.81 27.40 9.22
C ASP B 155 10.65 26.23 8.24
N GLN B 156 11.34 26.36 7.10
CA GLN B 156 11.34 25.39 6.00
C GLN B 156 9.94 25.00 5.48
N ARG B 157 9.07 25.99 5.38
CA ARG B 157 7.67 25.74 5.06
C ARG B 157 7.36 24.95 3.81
N PHE B 158 8.25 25.01 2.81
CA PHE B 158 8.01 24.31 1.49
C PHE B 158 8.05 22.77 1.63
N SER B 159 8.77 22.31 2.63
CA SER B 159 8.98 20.91 2.90
C SER B 159 8.43 20.44 4.31
N SER B 160 8.19 21.38 5.22
CA SER B 160 7.82 21.06 6.61
C SER B 160 6.60 20.15 6.65
N ASN B 161 6.74 19.00 7.31
CA ASN B 161 5.64 18.02 7.52
C ASN B 161 4.99 18.21 8.91
N SER B 162 3.77 18.74 8.96
CA SER B 162 3.11 18.93 10.26
C SER B 162 2.50 17.60 10.59
N ILE B 163 2.97 16.99 11.66
CA ILE B 163 2.47 15.70 12.04
C ILE B 163 1.52 15.90 13.18
N VAL B 164 0.27 15.55 12.95
CA VAL B 164 -0.78 16.00 13.85
C VAL B 164 -1.89 14.95 13.85
N SER B 165 -2.42 14.61 15.03
CA SER B 165 -3.50 13.59 15.12
C SER B 165 -4.75 14.06 14.42
N GLU B 166 -5.66 13.14 14.13
CA GLU B 166 -6.87 13.53 13.44
C GLU B 166 -7.72 14.40 14.36
N ARG B 167 -7.65 14.19 15.68
CA ARG B 167 -8.38 15.04 16.65
C ARG B 167 -7.92 16.50 16.77
N ALA B 168 -6.62 16.71 16.90
CA ALA B 168 -6.13 18.07 16.93
C ALA B 168 -6.40 18.68 15.57
N LEU B 169 -6.15 17.93 14.50
CA LEU B 169 -6.43 18.39 13.12
C LEU B 169 -7.87 18.91 12.94
N ARG B 170 -8.83 18.12 13.39
CA ARG B 170 -10.23 18.54 13.34
C ARG B 170 -10.53 19.69 14.26
N GLU B 171 -10.04 19.63 15.50
CA GLU B 171 -10.57 20.55 16.52
C GLU B 171 -9.94 21.93 16.49
N ILE B 172 -8.69 22.03 16.05
CA ILE B 172 -7.94 23.28 16.13
C ILE B 172 -7.60 23.89 14.76
N TYR B 173 -7.18 23.06 13.81
CA TYR B 173 -6.56 23.57 12.59
C TYR B 173 -7.53 23.56 11.44
N LEU B 174 -8.33 22.50 11.30
CA LEU B 174 -9.35 22.52 10.24
C LEU B 174 -10.48 23.45 10.71
N GLU B 175 -10.67 23.58 12.02
CA GLU B 175 -11.90 24.22 12.52
C GLU B 175 -12.17 25.69 12.05
N PRO B 176 -11.17 26.58 12.03
CA PRO B 176 -11.57 27.90 11.48
C PRO B 176 -11.97 27.87 10.00
N PHE B 177 -11.46 26.90 9.23
CA PHE B 177 -11.84 26.81 7.84
C PHE B 177 -13.25 26.30 7.75
N ARG B 178 -13.57 25.32 8.59
CA ARG B 178 -14.92 24.77 8.65
C ARG B 178 -15.92 25.89 8.96
N LEU B 179 -15.60 26.72 9.96
CA LEU B 179 -16.53 27.78 10.35
C LEU B 179 -16.72 28.75 9.21
N ALA B 180 -15.62 29.14 8.57
CA ALA B 180 -15.66 30.07 7.44
C ALA B 180 -16.54 29.51 6.28
N VAL B 181 -16.24 28.27 5.84
CA VAL B 181 -17.04 27.62 4.82
C VAL B 181 -18.53 27.63 5.22
N LYS B 182 -18.82 27.19 6.46
CA LYS B 182 -20.19 27.03 6.93
C LYS B 182 -20.95 28.35 6.96
N HIS B 183 -20.31 29.39 7.46
CA HIS B 183 -20.96 30.68 7.62
C HIS B 183 -20.77 31.68 6.48
N ALA B 184 -19.66 31.60 5.73
CA ALA B 184 -19.32 32.64 4.75
C ALA B 184 -19.03 32.13 3.33
N ASN B 185 -18.92 30.83 3.17
CA ASN B 185 -18.70 30.30 1.85
C ASN B 185 -17.68 31.07 1.00
N PRO B 186 -16.43 31.08 1.42
CA PRO B 186 -15.45 31.77 0.58
C PRO B 186 -15.40 31.23 -0.85
N VAL B 187 -15.21 32.16 -1.80
CA VAL B 187 -15.09 31.81 -3.21
C VAL B 187 -13.78 31.02 -3.47
N CYS B 188 -12.73 31.29 -2.68
CA CYS B 188 -11.47 30.59 -2.82
C CYS B 188 -10.82 30.18 -1.50
N ILE B 189 -9.85 29.25 -1.60
CA ILE B 189 -8.96 28.83 -0.53
C ILE B 189 -7.55 28.60 -1.13
N MET B 190 -6.54 29.03 -0.40
CA MET B 190 -5.20 28.83 -0.84
C MET B 190 -4.61 27.64 -0.03
N THR B 191 -4.05 26.65 -0.74
CA THR B 191 -3.46 25.49 -0.07
C THR B 191 -2.09 25.91 0.49
N ALA B 192 -1.68 25.27 1.58
CA ALA B 192 -0.47 25.60 2.32
C ALA B 192 0.77 25.16 1.60
N TYR B 193 1.94 25.64 2.04
CA TYR B 193 3.22 25.18 1.46
C TYR B 193 3.70 23.81 2.02
N ASN B 194 3.26 23.51 3.24
CA ASN B 194 3.76 22.39 4.00
C ASN B 194 3.06 21.07 3.67
N LYS B 195 3.50 20.04 4.38
CA LYS B 195 2.80 18.74 4.38
C LYS B 195 2.00 18.60 5.65
N VAL B 196 0.95 17.77 5.58
CA VAL B 196 0.23 17.33 6.77
C VAL B 196 0.28 15.81 6.76
N ASN B 197 0.91 15.24 7.78
CA ASN B 197 1.09 13.78 7.87
C ASN B 197 1.72 13.12 6.64
N GLY B 198 2.77 13.76 6.11
CA GLY B 198 3.52 13.17 5.00
C GLY B 198 3.18 13.60 3.58
N GLU B 199 2.17 14.44 3.37
CA GLU B 199 1.69 14.68 2.02
C GLU B 199 1.59 16.23 1.86
N HIS B 200 2.16 16.79 0.79
CA HIS B 200 2.00 18.24 0.60
C HIS B 200 0.51 18.60 0.50
N CYS B 201 0.08 19.64 1.21
CA CYS B 201 -1.35 19.99 1.16
C CYS B 201 -1.84 20.18 -0.25
N SER B 202 -0.99 20.75 -1.10
CA SER B 202 -1.39 21.11 -2.44
C SER B 202 -1.62 19.91 -3.35
N GLN B 203 -1.32 18.70 -2.83
CA GLN B 203 -1.75 17.53 -3.56
C GLN B 203 -2.37 16.47 -2.65
N SER B 204 -3.00 16.88 -1.56
CA SER B 204 -3.56 15.91 -0.62
C SER B 204 -5.01 15.65 -0.86
N LYS B 205 -5.30 14.45 -1.33
CA LYS B 205 -6.70 14.05 -1.60
C LYS B 205 -7.59 14.10 -0.32
N LYS B 206 -7.03 13.64 0.81
CA LYS B 206 -7.75 13.72 2.07
C LYS B 206 -8.30 15.15 2.30
N LEU B 207 -7.44 16.16 2.14
CA LEU B 207 -7.76 17.54 2.49
C LEU B 207 -8.54 18.20 1.39
N LEU B 208 -8.03 18.10 0.18
CA LEU B 208 -8.56 18.88 -0.92
C LEU B 208 -9.83 18.31 -1.52
N ILE B 209 -10.07 17.03 -1.37
CA ILE B 209 -11.25 16.37 -1.94
C ILE B 209 -12.14 15.73 -0.86
N ASP B 210 -11.61 14.75 -0.11
CA ASP B 210 -12.42 14.06 0.91
C ASP B 210 -13.11 14.97 1.89
N ILE B 211 -12.36 15.92 2.43
CA ILE B 211 -12.86 16.87 3.39
C ILE B 211 -13.51 18.09 2.74
N LEU B 212 -12.77 18.86 1.95
CA LEU B 212 -13.33 20.12 1.38
C LEU B 212 -14.55 19.92 0.45
N ARG B 213 -14.46 18.90 -0.42
CA ARG B 213 -15.52 18.53 -1.38
C ARG B 213 -16.52 17.49 -0.83
N ASP B 214 -16.10 16.23 -0.64
CA ASP B 214 -17.05 15.15 -0.27
C ASP B 214 -17.74 15.36 1.08
N GLU B 215 -17.05 15.92 2.05
CA GLU B 215 -17.64 16.07 3.36
C GLU B 215 -18.28 17.46 3.57
N TRP B 216 -17.55 18.53 3.25
CA TRP B 216 -18.06 19.89 3.48
C TRP B 216 -18.93 20.39 2.32
N LYS B 217 -18.75 19.82 1.13
CA LYS B 217 -19.54 20.19 -0.04
C LYS B 217 -19.21 21.62 -0.45
N TRP B 218 -18.04 22.07 -0.09
CA TRP B 218 -17.65 23.41 -0.50
C TRP B 218 -17.29 23.38 -1.97
N ASP B 219 -17.69 24.43 -2.69
CA ASP B 219 -17.69 24.43 -4.15
C ASP B 219 -16.82 25.58 -4.74
N GLY B 220 -15.87 26.07 -3.95
CA GLY B 220 -15.02 27.19 -4.34
C GLY B 220 -13.80 26.68 -5.05
N MET B 221 -12.81 27.57 -5.20
CA MET B 221 -11.65 27.30 -6.03
C MET B 221 -10.40 27.23 -5.15
N LEU B 222 -9.54 26.22 -5.36
CA LEU B 222 -8.28 26.07 -4.62
C LEU B 222 -7.15 26.54 -5.50
N MET B 223 -6.37 27.48 -4.97
CA MET B 223 -5.13 27.89 -5.58
C MET B 223 -4.00 27.49 -4.69
N SER B 224 -2.86 27.21 -5.30
CA SER B 224 -1.67 26.93 -4.53
C SER B 224 -1.21 28.22 -3.93
N ASP B 225 -0.49 28.14 -2.82
CA ASP B 225 0.39 29.18 -2.40
C ASP B 225 1.36 29.34 -3.53
N TRP B 226 2.16 30.40 -3.49
CA TRP B 226 2.99 30.81 -4.64
C TRP B 226 4.19 29.88 -4.80
N PHE B 227 4.22 29.12 -5.91
CA PHE B 227 5.20 28.07 -6.21
C PHE B 227 4.97 26.79 -5.40
N GLY B 228 3.90 26.77 -4.57
CA GLY B 228 3.65 25.64 -3.64
C GLY B 228 2.92 24.51 -4.34
N THR B 229 3.38 24.18 -5.53
CA THR B 229 2.93 23.02 -6.25
C THR B 229 4.19 22.20 -6.42
N TYR B 230 4.04 20.88 -6.33
CA TYR B 230 5.19 19.96 -6.21
C TYR B 230 5.16 18.77 -7.20
N THR B 231 4.05 18.64 -7.94
CA THR B 231 3.93 17.56 -8.91
C THR B 231 3.11 18.02 -10.10
N THR B 232 3.22 17.28 -11.21
CA THR B 232 2.34 17.55 -12.33
C THR B 232 1.03 16.83 -12.12
N ALA B 233 1.05 15.51 -12.10
CA ALA B 233 -0.21 14.80 -12.18
C ALA B 233 -0.94 14.70 -10.85
N ALA B 234 -0.26 14.34 -9.78
CA ALA B 234 -0.93 14.20 -8.49
C ALA B 234 -1.62 15.46 -8.02
N ALA B 235 -0.99 16.64 -8.18
CA ALA B 235 -1.72 17.87 -7.80
C ALA B 235 -3.06 17.98 -8.54
N ILE B 236 -3.07 17.65 -9.83
CA ILE B 236 -4.29 17.70 -10.66
C ILE B 236 -5.32 16.64 -10.30
N LYS B 237 -4.83 15.43 -9.99
CA LYS B 237 -5.71 14.34 -9.63
C LYS B 237 -6.35 14.65 -8.26
N ASN B 238 -5.54 15.23 -7.39
CA ASN B 238 -5.83 15.21 -6.00
C ASN B 238 -6.53 16.48 -5.53
N GLY B 239 -6.67 17.49 -6.41
CA GLY B 239 -7.65 18.57 -6.18
C GLY B 239 -7.19 20.02 -6.17
N LEU B 240 -5.98 20.29 -6.64
CA LEU B 240 -5.49 21.67 -6.69
C LEU B 240 -5.97 22.32 -7.99
N ASP B 241 -6.91 23.27 -7.90
CA ASP B 241 -7.53 23.72 -9.13
C ASP B 241 -6.57 24.57 -9.99
N ILE B 242 -5.78 25.46 -9.41
CA ILE B 242 -4.97 26.35 -10.22
C ILE B 242 -3.59 26.60 -9.60
N GLU B 243 -2.53 26.53 -10.41
CA GLU B 243 -1.14 26.75 -9.94
C GLU B 243 -0.78 28.24 -10.06
N PHE B 244 -0.27 28.85 -8.98
CA PHE B 244 0.17 30.24 -9.01
C PHE B 244 1.58 30.21 -8.52
N PRO B 245 2.43 31.13 -9.00
CA PRO B 245 2.14 32.11 -10.05
C PRO B 245 2.49 31.47 -11.37
N GLY B 246 2.11 32.15 -12.46
CA GLY B 246 2.63 31.85 -13.79
C GLY B 246 3.92 32.63 -14.03
N PRO B 247 4.65 32.31 -15.08
CA PRO B 247 4.26 31.24 -16.03
C PRO B 247 4.39 29.85 -15.36
N THR B 248 3.48 28.95 -15.66
CA THR B 248 3.46 27.61 -15.11
C THR B 248 4.78 26.87 -15.15
N ARG B 249 5.15 26.27 -14.00
CA ARG B 249 6.18 25.24 -13.94
C ARG B 249 5.65 23.84 -14.16
N TRP B 250 4.60 23.46 -13.44
CA TRP B 250 4.22 22.04 -13.37
C TRP B 250 3.12 21.65 -14.33
N ARG B 251 2.52 22.63 -15.02
CA ARG B 251 1.32 22.35 -15.82
C ARG B 251 1.40 22.92 -17.21
N THR B 252 2.59 22.94 -17.81
CA THR B 252 2.71 23.33 -19.22
C THR B 252 1.82 22.46 -20.05
N ARG B 253 1.48 22.92 -21.25
CA ARG B 253 0.71 22.09 -22.20
C ARG B 253 1.41 20.72 -22.37
N ALA B 254 2.74 20.70 -22.42
CA ALA B 254 3.42 19.46 -22.77
C ALA B 254 3.38 18.46 -21.61
N LEU B 255 3.60 18.94 -20.37
CA LEU B 255 3.60 18.06 -19.19
C LEU B 255 2.21 17.48 -19.02
N VAL B 256 1.23 18.38 -18.98
CA VAL B 256 -0.11 17.92 -18.80
C VAL B 256 -0.54 16.98 -19.91
N SER B 257 -0.53 17.40 -21.16
CA SER B 257 -1.11 16.50 -22.18
C SER B 257 -0.32 15.20 -22.36
N HIS B 258 0.99 15.25 -22.14
CA HIS B 258 1.80 14.04 -22.12
C HIS B 258 1.31 13.06 -21.07
N SER B 259 0.93 13.54 -19.89
CA SER B 259 0.40 12.67 -18.83
C SER B 259 -0.91 12.09 -19.31
N LEU B 260 -1.74 12.93 -19.93
CA LEU B 260 -3.02 12.42 -20.46
C LEU B 260 -2.81 11.31 -21.49
N ASN B 261 -2.03 11.60 -22.54
CA ASN B 261 -1.79 10.62 -23.62
C ASN B 261 -1.04 9.37 -23.21
N SER B 262 -0.22 9.44 -22.17
CA SER B 262 0.55 8.30 -21.70
C SER B 262 -0.07 7.49 -20.53
N ARG B 263 -1.36 7.76 -20.19
CA ARG B 263 -2.03 7.12 -19.04
C ARG B 263 -1.21 7.16 -17.73
N GLU B 264 -0.50 8.22 -17.52
CA GLU B 264 0.22 8.37 -16.32
C GLU B 264 -0.56 9.23 -15.33
N GLN B 265 -1.11 8.61 -14.32
CA GLN B 265 -1.77 9.30 -13.21
C GLN B 265 -3.14 9.96 -13.40
N ILE B 266 -3.32 10.77 -14.42
CA ILE B 266 -4.50 11.57 -14.59
C ILE B 266 -5.29 11.30 -15.83
N THR B 267 -6.56 11.66 -15.79
CA THR B 267 -7.49 11.48 -16.89
C THR B 267 -8.05 12.81 -17.30
N THR B 268 -8.73 12.89 -18.43
CA THR B 268 -9.31 14.17 -18.83
C THR B 268 -10.43 14.55 -17.88
N GLU B 269 -10.97 13.57 -17.20
CA GLU B 269 -11.95 13.89 -16.19
C GLU B 269 -11.29 14.69 -15.04
N ASP B 270 -10.08 14.33 -14.63
CA ASP B 270 -9.36 15.10 -13.60
C ASP B 270 -9.17 16.57 -14.00
N VAL B 271 -8.64 16.78 -15.21
CA VAL B 271 -8.49 18.13 -15.77
C VAL B 271 -9.79 18.93 -15.80
N ASP B 272 -10.85 18.37 -16.36
CA ASP B 272 -12.16 19.02 -16.32
C ASP B 272 -12.58 19.46 -14.93
N ASP B 273 -12.43 18.58 -13.96
CA ASP B 273 -12.85 18.87 -12.59
C ASP B 273 -12.14 20.11 -12.04
N ARG B 274 -10.85 20.22 -12.32
CA ARG B 274 -10.14 21.37 -11.87
C ARG B 274 -10.62 22.60 -12.65
N VAL B 275 -10.78 22.47 -13.98
CA VAL B 275 -11.16 23.58 -14.84
C VAL B 275 -12.52 24.11 -14.43
N ARG B 276 -13.51 23.24 -14.35
CA ARG B 276 -14.83 23.59 -13.74
C ARG B 276 -14.73 24.53 -12.50
N GLN B 277 -13.84 24.21 -11.55
CA GLN B 277 -13.73 25.00 -10.31
C GLN B 277 -13.15 26.36 -10.63
N VAL B 278 -12.17 26.43 -11.53
CA VAL B 278 -11.67 27.75 -11.95
C VAL B 278 -12.77 28.59 -12.60
N LEU B 279 -13.54 27.94 -13.46
CA LEU B 279 -14.61 28.58 -14.15
C LEU B 279 -15.61 29.12 -13.17
N LYS B 280 -15.86 28.39 -12.07
CA LYS B 280 -16.82 28.90 -11.09
C LYS B 280 -16.32 30.12 -10.37
N MET B 281 -15.01 30.20 -10.15
CA MET B 281 -14.53 31.39 -9.50
C MET B 281 -14.65 32.52 -10.49
N ILE B 282 -14.46 32.21 -11.78
CA ILE B 282 -14.47 33.26 -12.78
C ILE B 282 -15.91 33.80 -12.87
N LYS B 283 -16.87 32.90 -12.98
CA LYS B 283 -18.28 33.29 -12.91
C LYS B 283 -18.66 34.22 -11.73
N PHE B 284 -18.11 33.97 -10.55
CA PHE B 284 -18.36 34.87 -9.43
C PHE B 284 -17.85 36.27 -9.80
N VAL B 285 -16.69 36.35 -10.41
CA VAL B 285 -16.11 37.66 -10.70
C VAL B 285 -16.93 38.43 -11.76
N VAL B 286 -17.21 37.73 -12.86
CA VAL B 286 -17.94 38.28 -13.98
C VAL B 286 -19.36 38.65 -13.54
N ASP B 287 -20.03 37.78 -12.77
CA ASP B 287 -21.34 38.09 -12.19
C ASP B 287 -21.39 39.32 -11.29
N ASN B 288 -20.26 39.76 -10.78
CA ASN B 288 -20.22 40.93 -9.89
C ASN B 288 -19.58 42.18 -10.52
N LEU B 289 -19.27 42.11 -11.81
CA LEU B 289 -18.58 43.18 -12.54
C LEU B 289 -19.40 44.46 -12.57
N GLU B 290 -20.71 44.30 -12.54
CA GLU B 290 -21.64 45.42 -12.53
C GLU B 290 -21.62 46.07 -11.14
N LYS B 291 -21.60 45.26 -10.08
CA LYS B 291 -21.50 45.80 -8.72
C LYS B 291 -20.12 46.41 -8.39
N THR B 292 -19.04 45.81 -8.90
CA THR B 292 -17.69 46.18 -8.47
C THR B 292 -17.07 47.26 -9.34
N GLY B 293 -17.41 47.19 -10.62
CA GLY B 293 -16.71 47.97 -11.64
C GLY B 293 -15.27 47.58 -11.95
N ILE B 294 -14.90 46.32 -11.69
CA ILE B 294 -13.53 45.87 -12.05
C ILE B 294 -13.32 45.95 -13.54
N VAL B 295 -12.19 46.49 -13.93
CA VAL B 295 -11.80 46.60 -15.29
C VAL B 295 -10.67 45.60 -15.48
N GLU B 296 -10.82 44.66 -16.41
CA GLU B 296 -9.75 43.70 -16.72
C GLU B 296 -8.40 44.35 -16.93
N ASN B 297 -7.36 43.74 -16.40
CA ASN B 297 -6.04 44.33 -16.45
C ASN B 297 -6.04 45.87 -16.27
N GLY B 298 -6.97 46.36 -15.45
CA GLY B 298 -7.19 47.80 -15.25
C GLY B 298 -6.08 48.49 -14.48
N PRO B 299 -6.13 49.84 -14.42
CA PRO B 299 -5.13 50.55 -13.64
C PRO B 299 -5.42 50.48 -12.13
N GLU B 300 -4.42 50.85 -11.35
CA GLU B 300 -4.43 50.76 -9.91
C GLU B 300 -4.34 52.19 -9.36
N SER B 301 -5.23 52.56 -8.45
CA SER B 301 -5.26 53.94 -7.98
C SER B 301 -5.22 54.02 -6.45
N THR B 302 -5.15 55.26 -5.96
CA THR B 302 -5.24 55.56 -4.54
C THR B 302 -6.60 56.19 -4.28
N SER B 303 -7.59 55.80 -5.08
CA SER B 303 -8.88 56.47 -5.03
C SER B 303 -9.66 56.25 -3.73
N ASN B 304 -9.45 55.10 -3.09
CA ASN B 304 -10.06 54.88 -1.79
C ASN B 304 -9.40 55.68 -0.63
N ASN B 305 -8.35 56.47 -0.91
CA ASN B 305 -7.71 57.23 0.15
C ASN B 305 -8.54 58.45 0.56
N THR B 306 -9.58 58.25 1.36
CA THR B 306 -10.46 59.30 1.77
C THR B 306 -10.58 59.40 3.28
N LYS B 307 -11.26 60.45 3.72
CA LYS B 307 -11.60 60.60 5.13
C LYS B 307 -12.46 59.43 5.65
N GLU B 308 -13.41 58.96 4.85
CA GLU B 308 -14.24 57.87 5.30
C GLU B 308 -13.35 56.64 5.70
N THR B 309 -12.42 56.30 4.80
CA THR B 309 -11.47 55.23 4.94
C THR B 309 -10.53 55.42 6.15
N SER B 310 -9.93 56.61 6.24
CA SER B 310 -9.10 57.04 7.42
C SER B 310 -9.81 56.90 8.76
N ASP B 311 -11.03 57.40 8.89
CA ASP B 311 -11.78 57.29 10.15
C ASP B 311 -12.04 55.79 10.49
N LEU B 312 -12.34 54.98 9.48
CA LEU B 312 -12.65 53.57 9.72
C LEU B 312 -11.35 52.87 10.14
N LEU B 313 -10.24 53.15 9.46
CA LEU B 313 -9.01 52.47 9.85
C LEU B 313 -8.59 52.88 11.25
N ARG B 314 -9.05 54.06 11.64
CA ARG B 314 -8.74 54.57 12.96
C ARG B 314 -9.56 53.81 14.02
N LYS B 315 -10.86 53.69 13.80
CA LYS B 315 -11.70 52.96 14.73
C LYS B 315 -11.18 51.50 14.91
N ILE B 316 -10.96 50.81 13.80
CA ILE B 316 -10.50 49.44 13.80
C ILE B 316 -9.22 49.33 14.59
N ALA B 317 -8.31 50.26 14.39
CA ALA B 317 -7.04 50.18 15.10
C ALA B 317 -7.27 50.44 16.58
N ALA B 318 -8.15 51.39 16.90
CA ALA B 318 -8.35 51.76 18.28
C ALA B 318 -9.05 50.62 19.05
N ASP B 319 -9.98 49.93 18.38
CA ASP B 319 -10.73 48.84 19.00
C ASP B 319 -9.91 47.56 19.11
N SER B 320 -8.84 47.45 18.33
CA SER B 320 -7.89 46.33 18.47
C SER B 320 -7.09 46.42 19.78
N ILE B 321 -6.85 47.64 20.26
CA ILE B 321 -5.90 47.85 21.34
C ILE B 321 -6.44 47.20 22.61
N VAL B 322 -5.51 46.61 23.38
CA VAL B 322 -5.88 45.92 24.59
C VAL B 322 -5.17 46.56 25.74
N LEU B 323 -5.92 47.04 26.73
CA LEU B 323 -5.27 47.61 27.92
C LEU B 323 -5.04 46.47 28.88
N LEU B 324 -3.81 46.34 29.34
CA LEU B 324 -3.37 45.18 30.03
C LEU B 324 -3.17 45.48 31.45
N LYS B 325 -2.84 46.72 31.78
CA LYS B 325 -2.61 47.17 33.17
C LYS B 325 -2.90 48.62 33.29
N ASN B 326 -3.52 49.01 34.40
CA ASN B 326 -3.77 50.44 34.70
C ASN B 326 -3.98 50.75 36.20
N LYS B 327 -2.94 50.63 37.04
CA LYS B 327 -3.05 50.99 38.48
C LYS B 327 -3.08 52.52 38.69
N ASN B 328 -3.61 52.99 39.82
CA ASN B 328 -3.36 54.39 40.20
C ASN B 328 -3.98 55.38 39.22
N ASN B 329 -4.87 54.90 38.34
CA ASN B 329 -5.36 55.75 37.23
C ASN B 329 -4.31 56.52 36.43
N ILE B 330 -3.13 55.95 36.18
CA ILE B 330 -2.29 56.60 35.22
C ILE B 330 -3.11 56.88 33.94
N LEU B 331 -3.99 55.99 33.55
CA LEU B 331 -4.81 56.20 32.35
C LEU B 331 -6.27 56.48 32.68
N PRO B 332 -6.94 57.31 31.86
CA PRO B 332 -6.34 57.98 30.71
C PRO B 332 -5.43 59.13 31.11
N LEU B 333 -4.54 59.51 30.22
CA LEU B 333 -3.80 60.78 30.33
C LEU B 333 -4.71 62.02 30.20
N LYS B 334 -4.36 63.08 30.88
CA LYS B 334 -5.05 64.36 30.65
C LYS B 334 -4.21 65.13 29.65
N LYS B 335 -4.89 65.81 28.74
CA LYS B 335 -4.28 66.73 27.78
C LYS B 335 -3.34 67.74 28.41
N GLU B 336 -3.58 68.12 29.66
CA GLU B 336 -2.72 69.03 30.40
C GLU B 336 -1.53 68.34 31.10
N ASP B 337 -1.45 67.02 31.08
CA ASP B 337 -0.30 66.37 31.67
C ASP B 337 1.00 66.78 30.97
N ASN B 338 1.98 67.14 31.78
CA ASN B 338 3.31 67.32 31.28
C ASN B 338 3.91 65.96 30.91
N ILE B 339 4.24 65.73 29.65
CA ILE B 339 4.69 64.41 29.27
C ILE B 339 5.89 64.45 28.38
N ILE B 340 6.67 63.36 28.45
CA ILE B 340 7.68 63.03 27.49
C ILE B 340 7.36 61.67 26.85
N VAL B 341 7.69 61.55 25.56
CA VAL B 341 7.47 60.36 24.77
C VAL B 341 8.83 59.78 24.51
N ILE B 342 9.03 58.53 24.80
CA ILE B 342 10.36 57.92 24.74
C ILE B 342 10.27 56.58 24.09
N GLY B 343 11.35 56.08 23.51
CA GLY B 343 11.33 54.73 22.99
C GLY B 343 11.48 54.52 21.50
N PRO B 344 12.07 53.38 21.11
CA PRO B 344 12.38 52.97 19.74
C PRO B 344 11.17 52.89 18.81
N ASN B 345 10.00 52.64 19.34
CA ASN B 345 8.82 52.56 18.48
C ASN B 345 8.06 53.88 18.41
N ALA B 346 8.49 54.85 19.23
CA ALA B 346 7.81 56.12 19.34
C ALA B 346 7.65 56.84 18.01
N LYS B 347 8.74 56.97 17.26
CA LYS B 347 8.75 57.60 15.92
C LYS B 347 8.81 56.57 14.78
N ALA B 348 8.70 55.28 15.10
CA ALA B 348 8.65 54.26 14.06
C ALA B 348 7.27 54.20 13.49
N LYS B 349 7.18 53.60 12.29
CA LYS B 349 5.88 53.42 11.68
C LYS B 349 5.61 51.95 11.48
N THR B 350 5.35 51.24 12.56
CA THR B 350 5.30 49.77 12.49
C THR B 350 3.87 49.34 12.23
N SER B 351 3.42 49.56 11.01
CA SER B 351 2.05 49.33 10.67
C SER B 351 1.65 47.88 10.44
N SER B 352 2.62 47.04 10.13
CA SER B 352 2.30 45.69 9.74
C SER B 352 3.52 44.79 10.01
N GLY B 353 3.28 43.47 9.94
CA GLY B 353 4.37 42.48 9.95
C GLY B 353 4.94 42.36 8.55
N GLY B 354 6.06 41.65 8.40
CA GLY B 354 6.74 41.65 7.11
C GLY B 354 6.15 40.67 6.14
N GLY B 355 6.53 40.80 4.86
CA GLY B 355 6.19 39.81 3.85
C GLY B 355 5.02 40.15 2.96
N SER B 356 4.35 39.11 2.47
CA SER B 356 3.28 39.30 1.57
C SER B 356 2.11 40.12 2.14
N ALA B 357 1.95 40.16 3.46
CA ALA B 357 0.84 40.92 4.06
C ALA B 357 1.12 42.42 4.10
N SER B 358 2.35 42.80 3.81
CA SER B 358 2.74 44.22 3.88
C SER B 358 2.41 44.92 2.54
N MET B 359 2.46 46.26 2.57
CA MET B 359 2.14 47.07 1.39
C MET B 359 2.76 48.45 1.49
N ASN B 360 2.45 49.26 0.50
CA ASN B 360 2.82 50.63 0.53
C ASN B 360 1.62 51.38 1.04
N SER B 361 1.79 52.18 2.09
CA SER B 361 0.66 52.91 2.68
C SER B 361 0.45 54.37 2.15
N TYR B 362 -0.79 54.83 2.07
CA TYR B 362 -1.01 56.24 1.82
C TYR B 362 -0.07 57.06 2.76
N TYR B 363 -0.02 56.67 4.04
CA TYR B 363 0.76 57.32 5.10
C TYR B 363 0.63 56.37 6.29
N VAL B 364 1.50 56.52 7.29
CA VAL B 364 1.37 55.83 8.56
C VAL B 364 1.60 56.88 9.65
N VAL B 365 0.68 56.98 10.62
CA VAL B 365 0.84 57.91 11.70
C VAL B 365 1.61 57.23 12.82
N SER B 366 2.83 57.71 13.11
CA SER B 366 3.57 57.18 14.20
C SER B 366 2.86 57.44 15.54
N PRO B 367 3.22 56.71 16.58
CA PRO B 367 2.58 57.01 17.85
C PRO B 367 2.91 58.39 18.37
N TYR B 368 4.19 58.79 18.29
CA TYR B 368 4.57 60.17 18.55
C TYR B 368 3.64 61.17 17.85
N GLU B 369 3.45 61.03 16.53
CA GLU B 369 2.63 61.97 15.76
C GLU B 369 1.21 61.97 16.29
N GLY B 370 0.74 60.79 16.69
CA GLY B 370 -0.61 60.62 17.15
C GLY B 370 -0.77 61.50 18.37
N ILE B 371 0.29 61.52 19.20
CA ILE B 371 0.27 62.25 20.47
C ILE B 371 0.36 63.74 20.20
N VAL B 372 1.28 64.13 19.32
CA VAL B 372 1.37 65.49 18.77
C VAL B 372 0.03 65.97 18.25
N ASN B 373 -0.60 65.20 17.36
CA ASN B 373 -1.91 65.59 16.83
C ASN B 373 -2.96 65.74 17.92
N LYS B 374 -2.86 64.88 18.93
CA LYS B 374 -3.85 64.85 19.98
C LYS B 374 -3.79 66.15 20.75
N LEU B 375 -2.58 66.55 21.12
CA LEU B 375 -2.37 67.65 22.04
C LEU B 375 -2.29 69.00 21.31
N GLY B 376 -2.19 68.96 19.99
CA GLY B 376 -2.07 70.14 19.15
C GLY B 376 -0.81 70.98 19.35
N LYS B 377 0.29 70.38 19.80
CA LYS B 377 1.54 71.10 19.96
C LYS B 377 2.79 70.20 20.04
N GLU B 378 3.96 70.80 20.03
CA GLU B 378 5.20 70.07 20.14
C GLU B 378 5.19 69.23 21.42
N VAL B 379 5.84 68.06 21.37
CA VAL B 379 5.83 67.14 22.50
C VAL B 379 7.26 66.69 22.82
N ASP B 380 7.67 66.80 24.06
CA ASP B 380 9.03 66.41 24.31
C ASP B 380 9.25 64.95 23.99
N TYR B 381 10.48 64.66 23.57
CA TYR B 381 10.83 63.35 23.08
C TYR B 381 12.28 63.01 23.30
N THR B 382 12.55 61.76 23.64
CA THR B 382 13.86 61.18 23.45
C THR B 382 13.73 59.68 23.03
N VAL B 383 14.63 59.22 22.15
CA VAL B 383 14.55 57.88 21.63
C VAL B 383 14.74 56.79 22.72
N GLY B 384 15.56 57.04 23.73
CA GLY B 384 15.82 56.07 24.78
C GLY B 384 16.72 54.93 24.35
N ALA B 385 16.38 54.27 23.25
CA ALA B 385 17.15 53.13 22.76
C ALA B 385 16.68 52.80 21.37
N TYR B 386 17.58 52.19 20.64
CA TYR B 386 17.30 51.64 19.32
C TYR B 386 16.92 50.14 19.42
N SER B 387 16.10 49.69 18.49
CA SER B 387 15.78 48.28 18.44
C SER B 387 15.55 47.71 17.03
N HIS B 388 16.05 48.39 16.01
CA HIS B 388 15.97 47.91 14.62
C HIS B 388 16.78 46.64 14.40
N LYS B 389 16.30 45.78 13.50
CA LYS B 389 17.06 44.59 13.12
C LYS B 389 18.15 44.97 12.12
N SER B 390 17.79 45.86 11.19
CA SER B 390 18.74 46.36 10.20
C SER B 390 18.48 47.86 10.04
N ILE B 391 19.51 48.58 9.62
CA ILE B 391 19.44 50.00 9.41
C ILE B 391 18.80 50.33 8.07
N GLY B 392 17.72 51.11 8.07
CA GLY B 392 17.19 51.61 6.81
C GLY B 392 17.21 53.13 6.80
N GLY B 393 16.06 53.72 6.47
CA GLY B 393 15.85 55.15 6.67
C GLY B 393 16.60 56.12 5.76
N LEU B 394 17.37 55.62 4.81
CA LEU B 394 18.15 56.51 3.95
C LEU B 394 17.23 57.23 2.95
N ALA B 395 16.53 56.48 2.10
CA ALA B 395 15.57 57.10 1.19
C ALA B 395 14.57 58.04 1.91
N GLU B 396 14.03 57.59 3.05
CA GLU B 396 13.02 58.33 3.82
C GLU B 396 13.53 59.68 4.36
N SER B 397 14.82 59.91 4.24
CA SER B 397 15.39 61.13 4.75
C SER B 397 16.45 61.73 3.77
N SER B 398 16.25 61.50 2.48
CA SER B 398 17.17 62.01 1.48
C SER B 398 16.50 62.89 0.42
N LEU B 399 17.33 63.61 -0.34
CA LEU B 399 16.85 64.53 -1.36
C LEU B 399 17.61 64.32 -2.67
N ILE B 400 16.96 64.65 -3.79
CA ILE B 400 17.60 64.67 -5.13
C ILE B 400 18.66 65.79 -5.26
N ASP B 401 18.27 66.99 -4.88
CA ASP B 401 19.15 68.16 -4.89
C ASP B 401 18.83 68.94 -3.62
N ALA B 402 19.82 69.02 -2.74
CA ALA B 402 19.63 69.56 -1.38
C ALA B 402 19.22 71.03 -1.36
N ALA B 403 19.76 71.82 -2.29
CA ALA B 403 19.46 73.25 -2.38
C ALA B 403 18.03 73.55 -2.88
N LYS B 404 17.31 72.52 -3.32
CA LYS B 404 15.87 72.65 -3.55
C LYS B 404 15.07 72.18 -2.32
N PRO B 405 13.92 72.83 -2.04
CA PRO B 405 13.09 72.52 -0.86
C PRO B 405 12.62 71.05 -0.82
N ALA B 406 12.24 70.58 0.36
CA ALA B 406 11.83 69.18 0.56
C ALA B 406 10.41 68.92 0.07
N ASP B 407 10.19 69.15 -1.22
CA ASP B 407 8.90 68.88 -1.86
C ASP B 407 8.67 67.36 -1.89
N ALA B 408 7.47 66.93 -2.30
CA ALA B 408 7.21 65.51 -2.58
C ALA B 408 7.98 65.04 -3.85
N GLU B 409 7.99 65.88 -4.89
CA GLU B 409 8.71 65.61 -6.14
C GLU B 409 10.24 65.52 -5.96
N ASN B 410 10.77 66.16 -4.91
CA ASN B 410 12.22 66.27 -4.68
C ASN B 410 12.76 65.38 -3.53
N SER B 411 11.85 64.79 -2.75
CA SER B 411 12.22 63.95 -1.62
C SER B 411 12.35 62.48 -2.03
N GLY B 412 13.49 61.89 -1.66
CA GLY B 412 13.78 60.49 -1.96
C GLY B 412 15.09 60.30 -2.68
N LEU B 413 15.14 59.30 -3.56
CA LEU B 413 16.33 59.02 -4.34
C LEU B 413 15.89 58.75 -5.76
N ILE B 414 16.80 58.84 -6.72
CA ILE B 414 16.47 58.47 -8.09
C ILE B 414 17.08 57.10 -8.34
N ALA B 415 16.25 56.18 -8.85
CA ALA B 415 16.69 54.86 -9.29
C ALA B 415 16.75 54.76 -10.80
N LYS B 416 17.97 54.54 -11.30
CA LYS B 416 18.22 54.45 -12.74
C LYS B 416 18.64 53.03 -13.13
N PHE B 417 17.83 52.40 -13.99
CA PHE B 417 18.04 51.01 -14.37
C PHE B 417 18.85 50.95 -15.66
N TYR B 418 19.77 49.98 -15.73
CA TYR B 418 20.70 49.87 -16.85
C TYR B 418 20.89 48.42 -17.26
N SER B 419 21.08 48.17 -18.56
CA SER B 419 21.41 46.83 -19.05
C SER B 419 22.82 46.38 -18.63
N ASN B 420 23.75 47.33 -18.58
CA ASN B 420 25.16 47.06 -18.26
C ASN B 420 25.73 47.92 -17.10
N PRO B 421 26.72 47.38 -16.34
CA PRO B 421 27.19 48.06 -15.13
C PRO B 421 28.04 49.29 -15.42
N ARG B 425 30.50 50.47 -19.36
CA ARG B 425 29.57 51.19 -20.23
C ARG B 425 30.12 52.57 -20.65
N SER B 426 29.93 52.90 -21.93
CA SER B 426 30.30 54.23 -22.45
C SER B 426 29.35 55.26 -21.83
N ASP B 427 29.80 56.51 -21.74
CA ASP B 427 28.95 57.65 -21.30
C ASP B 427 27.49 57.50 -21.81
N ASP B 428 27.37 57.02 -23.05
CA ASP B 428 26.14 57.09 -23.82
C ASP B 428 25.16 55.93 -23.71
N GLU B 429 25.20 55.16 -22.62
CA GLU B 429 24.07 54.26 -22.40
C GLU B 429 22.99 55.03 -21.68
N GLU B 430 21.74 54.65 -21.95
CA GLU B 430 20.56 55.30 -21.40
C GLU B 430 19.88 54.41 -20.35
N PRO B 431 19.32 55.02 -19.29
CA PRO B 431 18.44 54.25 -18.40
C PRO B 431 17.15 53.79 -19.10
N PHE B 432 16.82 52.50 -19.00
CA PHE B 432 15.58 52.01 -19.60
C PHE B 432 14.37 52.13 -18.67
N HIS B 433 14.64 52.43 -17.40
CA HIS B 433 13.62 52.83 -16.44
C HIS B 433 14.20 53.79 -15.40
N VAL B 434 13.41 54.80 -15.05
CA VAL B 434 13.76 55.69 -13.94
C VAL B 434 12.57 55.83 -12.97
N THR B 435 12.82 55.59 -11.68
CA THR B 435 11.79 55.67 -10.61
C THR B 435 12.22 56.53 -9.44
N LYS B 436 11.26 57.27 -8.87
CA LYS B 436 11.50 57.98 -7.63
C LYS B 436 11.34 56.98 -6.47
N VAL B 437 12.41 56.79 -5.70
CA VAL B 437 12.41 55.82 -4.63
C VAL B 437 12.15 56.47 -3.28
N ASN B 438 11.12 56.00 -2.58
CA ASN B 438 10.71 56.56 -1.30
C ASN B 438 11.17 55.79 -0.08
N ARG B 439 11.12 54.47 -0.16
CA ARG B 439 11.51 53.61 0.97
C ARG B 439 12.89 53.01 0.67
N SER B 440 13.72 52.87 1.71
CA SER B 440 15.07 52.33 1.58
C SER B 440 15.16 50.87 1.08
N ASN B 441 14.33 49.99 1.63
CA ASN B 441 14.33 48.63 1.12
C ASN B 441 13.65 48.55 -0.23
N VAL B 442 14.44 48.22 -1.25
CA VAL B 442 14.00 48.12 -2.63
C VAL B 442 13.82 46.66 -3.05
N HIS B 443 12.58 46.30 -3.32
CA HIS B 443 12.21 44.92 -3.47
C HIS B 443 11.84 44.60 -4.90
N LEU B 444 12.48 43.60 -5.50
CA LEU B 444 12.20 43.23 -6.89
C LEU B 444 11.96 41.75 -7.09
N PHE B 447 9.01 42.93 -10.32
CA PHE B 447 9.51 43.96 -11.24
C PHE B 447 9.63 43.51 -12.69
N LYS B 448 8.89 44.20 -13.55
CA LYS B 448 8.76 43.85 -14.93
C LYS B 448 9.24 44.95 -15.86
N HIS B 449 10.03 44.58 -16.85
CA HIS B 449 10.43 45.52 -17.88
C HIS B 449 10.78 44.81 -19.16
N GLU B 450 10.47 45.44 -20.28
CA GLU B 450 10.72 44.76 -21.56
C GLU B 450 12.20 44.45 -21.81
N LYS B 451 13.10 45.32 -21.34
CA LYS B 451 14.54 45.08 -21.47
C LYS B 451 15.02 44.09 -20.42
N VAL B 452 14.12 43.61 -19.59
CA VAL B 452 14.49 42.68 -18.52
C VAL B 452 13.95 41.27 -18.82
N ASP B 453 14.90 40.38 -19.10
CA ASP B 453 14.64 38.96 -19.37
C ASP B 453 13.89 38.37 -18.18
N PRO B 454 12.62 37.97 -18.40
CA PRO B 454 11.66 37.43 -17.41
C PRO B 454 12.25 36.58 -16.29
N LYS B 455 12.85 35.42 -16.62
CA LYS B 455 13.42 34.54 -15.59
C LYS B 455 14.94 34.31 -15.73
N ASN B 456 15.59 35.13 -16.54
CA ASN B 456 17.05 35.32 -16.39
C ASN B 456 17.35 36.82 -16.28
N PRO B 457 16.88 37.45 -15.18
CA PRO B 457 16.81 38.91 -15.10
C PRO B 457 18.14 39.54 -14.68
N TYR B 458 18.87 40.07 -15.65
CA TYR B 458 20.15 40.76 -15.36
C TYR B 458 19.98 42.24 -15.66
N PHE B 459 20.20 43.06 -14.63
CA PHE B 459 20.13 44.52 -14.74
C PHE B 459 20.96 45.20 -13.63
N PHE B 460 21.15 46.50 -13.72
CA PHE B 460 21.99 47.22 -12.77
C PHE B 460 21.29 48.50 -12.39
N VAL B 461 21.39 48.88 -11.13
CA VAL B 461 20.73 50.09 -10.65
C VAL B 461 21.77 51.07 -10.15
N THR B 462 21.61 52.31 -10.61
CA THR B 462 22.35 53.45 -10.11
C THR B 462 21.39 54.28 -9.24
N LEU B 463 21.60 54.21 -7.92
CA LEU B 463 20.76 54.91 -6.93
C LEU B 463 21.49 56.11 -6.38
N THR B 464 20.89 57.28 -6.59
CA THR B 464 21.54 58.55 -6.22
C THR B 464 20.65 59.52 -5.49
N GLY B 465 21.32 60.42 -4.77
CA GLY B 465 20.68 61.56 -4.13
C GLY B 465 21.65 62.22 -3.18
N GLN B 466 21.14 63.22 -2.48
CA GLN B 466 21.93 63.97 -1.49
C GLN B 466 21.39 63.64 -0.12
N TYR B 467 22.31 63.42 0.82
CA TYR B 467 21.99 63.30 2.25
C TYR B 467 22.56 64.49 3.06
N VAL B 468 21.71 65.11 3.87
CA VAL B 468 22.10 66.23 4.75
C VAL B 468 21.86 65.95 6.24
N PRO B 469 22.96 65.65 6.99
CA PRO B 469 22.94 65.44 8.44
C PRO B 469 22.24 66.60 9.16
N GLN B 470 21.35 66.28 10.12
CA GLN B 470 20.65 67.28 10.97
C GLN B 470 21.35 67.52 12.31
N GLU B 471 22.29 66.65 12.65
CA GLU B 471 23.10 66.81 13.85
C GLU B 471 24.58 66.61 13.50
N ASP B 472 25.46 67.09 14.36
CA ASP B 472 26.89 66.79 14.19
C ASP B 472 27.19 65.44 14.84
N GLY B 473 28.11 64.69 14.22
CA GLY B 473 28.72 63.54 14.89
C GLY B 473 28.86 62.32 14.02
N ASP B 474 28.76 61.15 14.64
CA ASP B 474 28.86 59.86 13.94
C ASP B 474 27.49 59.40 13.36
N TYR B 475 27.55 58.81 12.16
CA TYR B 475 26.40 58.26 11.41
C TYR B 475 26.79 56.90 10.80
N ILE B 476 25.92 55.92 10.94
CA ILE B 476 26.22 54.59 10.43
C ILE B 476 25.40 54.35 9.18
N PHE B 477 26.12 54.12 8.10
CA PHE B 477 25.56 53.79 6.80
C PHE B 477 25.53 52.30 6.65
N SER B 478 24.66 51.79 5.78
CA SER B 478 24.53 50.32 5.57
C SER B 478 24.11 49.88 4.17
N LEU B 479 24.47 48.64 3.82
CA LEU B 479 23.94 48.01 2.62
C LEU B 479 23.67 46.53 2.82
N GLN B 480 22.57 46.08 2.27
CA GLN B 480 22.23 44.68 2.20
C GLN B 480 21.91 44.46 0.76
N VAL B 481 22.39 43.39 0.20
CA VAL B 481 22.05 43.07 -1.16
C VAL B 481 21.73 41.63 -1.23
N TYR B 482 20.87 41.28 -2.17
CA TYR B 482 20.75 39.94 -2.63
C TYR B 482 21.22 40.09 -4.06
N GLY B 483 22.40 39.58 -4.36
CA GLY B 483 23.13 39.85 -5.63
C GLY B 483 24.47 40.52 -5.35
N SER B 484 24.65 41.75 -5.84
CA SER B 484 25.85 42.58 -5.59
C SER B 484 25.58 44.11 -5.63
N GLY B 485 26.39 44.88 -4.90
CA GLY B 485 26.36 46.34 -4.94
C GLY B 485 27.49 47.03 -4.19
N LEU B 486 27.64 48.33 -4.41
CA LEU B 486 28.68 49.09 -3.73
C LEU B 486 28.11 50.43 -3.30
N PHE B 487 28.54 50.88 -2.13
CA PHE B 487 28.08 52.14 -1.55
C PHE B 487 29.18 53.19 -1.67
N TYR B 488 28.81 54.38 -2.15
CA TYR B 488 29.74 55.49 -2.38
C TYR B 488 29.15 56.74 -1.79
N LEU B 489 29.93 57.38 -0.92
CA LEU B 489 29.59 58.64 -0.30
C LEU B 489 30.62 59.66 -0.75
N ASN B 490 30.13 60.67 -1.43
CA ASN B 490 30.99 61.63 -2.06
C ASN B 490 31.95 60.94 -2.98
N ASP B 491 31.39 60.03 -3.74
CA ASP B 491 32.06 59.36 -4.82
C ASP B 491 33.23 58.62 -4.29
N GLU B 492 33.14 58.27 -3.02
CA GLU B 492 34.16 57.49 -2.39
C GLU B 492 33.54 56.25 -1.85
N LEU B 493 34.01 55.13 -2.32
CA LEU B 493 33.50 53.86 -1.81
C LEU B 493 33.55 53.82 -0.28
N ILE B 494 32.42 53.43 0.34
CA ILE B 494 32.35 53.24 1.80
C ILE B 494 31.91 51.84 2.24
N ILE B 495 31.15 51.14 1.39
CA ILE B 495 30.73 49.77 1.70
C ILE B 495 30.69 48.88 0.46
N ASP B 496 31.37 47.75 0.58
CA ASP B 496 31.56 46.81 -0.48
C ASP B 496 30.74 45.53 -0.21
N GLN B 497 29.68 45.37 -1.01
CA GLN B 497 28.88 44.13 -1.07
C GLN B 497 28.96 43.49 -2.48
N LYS B 498 30.15 43.56 -3.04
CA LYS B 498 30.40 42.91 -4.27
C LYS B 498 31.37 41.78 -3.99
N HIS B 499 32.56 42.15 -3.54
CA HIS B 499 33.62 41.19 -3.32
C HIS B 499 33.58 40.07 -2.27
N ASN B 500 33.18 40.27 -1.06
CA ASN B 500 33.13 39.04 -0.31
C ASN B 500 31.81 38.90 0.38
N GLN B 501 31.16 37.78 0.14
CA GLN B 501 29.81 37.71 0.60
C GLN B 501 29.49 36.60 1.51
N GLU B 502 28.56 36.93 2.37
CA GLU B 502 28.14 36.14 3.51
C GLU B 502 26.61 36.09 3.53
N ARG B 503 26.05 34.89 3.65
CA ARG B 503 24.60 34.75 3.60
C ARG B 503 24.04 35.20 4.96
N GLY B 504 22.89 35.86 4.95
CA GLY B 504 22.26 36.38 6.18
C GLY B 504 20.76 36.58 6.06
N GLY B 509 15.85 34.99 3.54
CA GLY B 509 17.19 34.70 4.02
C GLY B 509 18.19 34.53 2.91
N ALA B 510 17.73 34.73 1.69
CA ALA B 510 18.52 34.51 0.48
C ALA B 510 19.77 35.37 0.29
N GLY B 511 19.72 36.63 0.69
CA GLY B 511 20.84 37.52 0.46
C GLY B 511 21.96 37.56 1.47
N THR B 512 22.59 38.71 1.57
CA THR B 512 23.76 38.87 2.42
C THR B 512 23.46 39.30 3.86
N LYS B 513 24.52 39.38 4.65
CA LYS B 513 24.49 40.04 5.96
C LYS B 513 24.62 41.53 5.71
N GLU B 514 24.14 42.32 6.67
CA GLU B 514 24.34 43.76 6.65
C GLU B 514 25.83 44.02 6.78
N ARG B 515 26.37 44.86 5.91
CA ARG B 515 27.69 45.45 6.18
C ARG B 515 27.50 46.94 6.45
N THR B 516 28.29 47.49 7.39
CA THR B 516 28.10 48.89 7.76
C THR B 516 29.41 49.65 7.78
N LYS B 517 29.33 50.97 7.59
CA LYS B 517 30.47 51.86 7.83
C LYS B 517 30.06 53.07 8.66
N LYS B 518 30.75 53.24 9.79
CA LYS B 518 30.60 54.40 10.69
C LYS B 518 31.38 55.58 10.13
N LEU B 519 30.73 56.74 10.01
CA LEU B 519 31.41 57.93 9.51
C LEU B 519 31.04 59.21 10.24
N THR B 520 32.06 60.04 10.50
CA THR B 520 31.85 61.34 11.17
C THR B 520 31.43 62.36 10.12
N LEU B 521 30.24 62.88 10.28
CA LEU B 521 29.66 63.84 9.35
C LEU B 521 29.44 65.17 10.08
N LYS B 522 28.89 66.18 9.37
CA LYS B 522 28.65 67.53 9.92
C LYS B 522 27.30 68.15 9.53
N LYS B 523 26.54 68.52 10.56
CA LYS B 523 25.23 69.20 10.43
C LYS B 523 25.24 70.23 9.29
N GLY B 524 24.23 70.14 8.43
CA GLY B 524 24.01 71.11 7.37
C GLY B 524 24.61 70.73 6.02
N GLN B 525 25.74 70.01 6.06
CA GLN B 525 26.53 69.70 4.85
C GLN B 525 25.95 68.62 3.94
N VAL B 526 25.98 68.90 2.64
CA VAL B 526 25.44 68.02 1.59
C VAL B 526 26.44 66.95 1.13
N TYR B 527 26.13 65.68 1.40
CA TYR B 527 26.95 64.57 0.93
C TYR B 527 26.24 63.85 -0.22
N ASN B 528 27.03 63.24 -1.11
CA ASN B 528 26.48 62.54 -2.26
C ASN B 528 26.34 61.04 -1.99
N VAL B 529 25.09 60.54 -2.03
CA VAL B 529 24.87 59.09 -1.96
C VAL B 529 24.64 58.49 -3.32
N ARG B 530 25.44 57.48 -3.62
CA ARG B 530 25.36 56.78 -4.89
C ARG B 530 25.54 55.33 -4.54
N VAL B 531 24.61 54.50 -5.01
CA VAL B 531 24.69 53.06 -4.81
C VAL B 531 24.61 52.38 -6.17
N GLU B 532 25.64 51.61 -6.48
CA GLU B 532 25.71 50.90 -7.73
C GLU B 532 25.38 49.48 -7.38
N TYR B 533 24.23 49.05 -7.88
CA TYR B 533 23.69 47.76 -7.56
C TYR B 533 23.75 46.86 -8.79
N GLY B 534 23.85 45.57 -8.51
CA GLY B 534 23.83 44.55 -9.53
C GLY B 534 22.69 43.60 -9.32
N SER B 535 22.01 43.28 -10.40
CA SER B 535 20.73 42.61 -10.42
C SER B 535 20.92 41.26 -9.83
N GLY B 536 19.85 40.63 -9.43
CA GLY B 536 19.99 39.51 -8.55
C GLY B 536 20.86 38.37 -8.94
N PRO B 537 20.84 37.88 -10.16
CA PRO B 537 21.81 36.82 -10.47
C PRO B 537 23.25 37.32 -10.56
N ALA B 547 14.44 37.35 -8.22
CA ALA B 547 14.94 38.35 -9.19
C ALA B 547 15.80 39.49 -8.61
N GLY B 548 15.85 39.59 -7.26
CA GLY B 548 16.77 40.50 -6.57
C GLY B 548 16.35 41.26 -5.31
N GLY B 549 16.86 42.49 -5.18
CA GLY B 549 16.57 43.41 -4.05
C GLY B 549 17.80 43.95 -3.31
N PHE B 550 17.62 45.05 -2.57
CA PHE B 550 18.70 45.62 -1.73
C PHE B 550 18.18 46.75 -0.80
N GLN B 551 19.02 47.16 0.16
CA GLN B 551 18.67 48.18 1.13
C GLN B 551 19.91 48.94 1.57
N ALA B 552 19.99 50.19 1.13
CA ALA B 552 20.97 51.11 1.64
C ALA B 552 20.29 51.97 2.70
N GLY B 553 20.84 51.97 3.91
CA GLY B 553 20.29 52.79 4.96
C GLY B 553 21.28 53.74 5.61
N VAL B 554 20.77 54.62 6.47
CA VAL B 554 21.63 55.41 7.34
C VAL B 554 20.91 55.69 8.68
N ILE B 555 21.66 55.62 9.78
CA ILE B 555 21.13 55.98 11.09
C ILE B 555 22.13 56.85 11.91
N LYS B 556 21.63 57.83 12.66
CA LYS B 556 22.52 58.56 13.56
C LYS B 556 23.02 57.65 14.69
N ALA B 557 24.34 57.60 14.89
CA ALA B 557 24.88 56.75 15.95
C ALA B 557 24.63 57.45 17.27
N ILE B 558 24.35 56.64 18.29
CA ILE B 558 24.09 57.12 19.64
C ILE B 558 24.97 56.34 20.59
N ASP B 559 25.21 56.97 21.73
CA ASP B 559 25.85 56.35 22.88
C ASP B 559 24.75 55.68 23.75
N ASP B 560 24.65 54.35 23.65
CA ASP B 560 23.55 53.57 24.23
C ASP B 560 23.40 53.76 25.76
N ASP B 561 24.49 53.60 26.51
CA ASP B 561 24.42 53.87 27.95
C ASP B 561 23.96 55.29 28.28
N GLU B 562 24.48 56.28 27.56
CA GLU B 562 24.18 57.67 27.81
C GLU B 562 22.73 57.92 27.44
N GLU B 563 22.26 57.28 26.37
CA GLU B 563 20.89 57.52 25.95
C GLU B 563 19.88 56.92 26.96
N ILE B 564 20.22 55.77 27.56
CA ILE B 564 19.36 55.20 28.61
C ILE B 564 19.28 56.14 29.82
N ARG B 565 20.46 56.49 30.36
CA ARG B 565 20.65 57.57 31.35
C ARG B 565 19.82 58.84 31.11
N ASN B 566 19.93 59.38 29.91
CA ASN B 566 19.21 60.57 29.45
C ASN B 566 17.70 60.44 29.52
N ALA B 567 17.22 59.31 29.03
CA ALA B 567 15.79 59.05 29.03
C ALA B 567 15.32 58.94 30.48
N ALA B 568 16.10 58.29 31.33
CA ALA B 568 15.78 58.20 32.77
C ALA B 568 15.65 59.61 33.39
N GLU B 569 16.71 60.39 33.24
CA GLU B 569 16.78 61.79 33.64
C GLU B 569 15.58 62.55 33.17
N LEU B 570 15.30 62.52 31.86
CA LEU B 570 14.18 63.24 31.32
C LEU B 570 12.85 62.78 31.93
N ALA B 571 12.68 61.46 32.02
CA ALA B 571 11.48 60.88 32.61
C ALA B 571 11.21 61.40 34.00
N ALA B 572 12.28 61.54 34.79
CA ALA B 572 12.18 62.08 36.19
C ALA B 572 11.75 63.56 36.19
N LYS B 573 12.11 64.28 35.14
CA LYS B 573 11.75 65.69 35.04
C LYS B 573 10.35 65.99 34.45
N HIS B 574 9.48 64.97 34.32
CA HIS B 574 8.10 65.13 33.79
C HIS B 574 7.09 64.42 34.69
N ASP B 575 5.80 64.81 34.69
CA ASP B 575 4.79 64.04 35.48
C ASP B 575 4.72 62.62 34.92
N LYS B 576 4.58 62.53 33.60
CA LYS B 576 4.29 61.25 33.00
C LYS B 576 5.25 60.96 31.85
N ALA B 577 5.59 59.69 31.70
CA ALA B 577 6.37 59.26 30.52
C ALA B 577 5.54 58.30 29.71
N VAL B 578 5.66 58.40 28.39
CA VAL B 578 5.02 57.46 27.55
C VAL B 578 6.12 56.77 26.75
N LEU B 579 6.28 55.48 26.98
CA LEU B 579 7.36 54.69 26.40
C LEU B 579 6.71 53.71 25.39
N ILE B 580 7.19 53.79 24.15
CA ILE B 580 6.67 53.02 23.06
C ILE B 580 7.79 52.06 22.62
N ILE B 581 7.51 50.74 22.70
CA ILE B 581 8.49 49.70 22.55
C ILE B 581 7.85 48.60 21.69
N GLY B 582 8.59 47.53 21.43
CA GLY B 582 8.01 46.34 20.79
C GLY B 582 8.93 45.82 19.71
N LEU B 583 8.33 45.12 18.76
CA LEU B 583 9.03 44.44 17.69
C LEU B 583 8.67 45.24 16.43
N ASN B 584 8.90 44.67 15.25
CA ASN B 584 8.51 45.29 13.98
C ASN B 584 8.47 44.22 12.89
N GLY B 585 8.06 44.63 11.70
CA GLY B 585 7.89 43.73 10.57
C GLY B 585 9.18 43.15 9.97
N GLU B 586 10.32 43.43 10.59
CA GLU B 586 11.54 42.72 10.28
C GLU B 586 11.74 41.61 11.34
N TRP B 587 11.28 41.85 12.57
CA TRP B 587 11.39 40.82 13.57
C TRP B 587 10.28 39.75 13.42
N GLU B 588 9.15 40.13 12.82
CA GLU B 588 8.01 39.22 12.65
C GLU B 588 7.66 39.20 11.18
N THR B 589 8.05 38.17 10.48
CA THR B 589 7.89 38.28 9.05
C THR B 589 7.66 36.93 8.48
N GLU B 590 6.84 36.88 7.47
CA GLU B 590 6.83 35.72 6.62
C GLU B 590 8.30 35.43 6.30
N GLY B 591 8.66 34.14 6.24
CA GLY B 591 9.97 33.74 5.87
C GLY B 591 10.78 33.09 6.96
N TYR B 592 10.68 33.59 8.19
CA TYR B 592 11.30 32.89 9.28
C TYR B 592 10.62 33.17 10.60
N ASP B 593 10.82 32.26 11.56
CA ASP B 593 10.22 32.44 12.83
C ASP B 593 11.18 33.18 13.77
N ARG B 594 10.68 33.70 14.89
CA ARG B 594 11.52 34.27 15.89
C ARG B 594 12.39 33.21 16.60
N GLU B 595 13.55 33.62 17.09
CA GLU B 595 14.39 32.72 17.86
C GLU B 595 13.96 32.64 19.31
N ASN B 596 13.39 33.73 19.80
CA ASN B 596 13.05 33.88 21.20
C ASN B 596 11.87 34.86 21.39
N MET B 597 11.47 35.10 22.64
CA MET B 597 10.29 35.92 22.94
C MET B 597 10.71 37.22 23.53
N ASP B 598 11.99 37.56 23.36
CA ASP B 598 12.60 38.76 23.96
C ASP B 598 12.33 40.02 23.18
N LEU B 599 12.21 41.10 23.92
CA LEU B 599 12.21 42.40 23.28
C LEU B 599 13.65 42.74 22.80
N PRO B 600 13.78 43.60 21.80
CA PRO B 600 15.13 43.61 21.20
C PRO B 600 16.13 44.46 21.96
N LYS B 601 17.39 44.06 21.89
CA LYS B 601 18.50 44.89 22.26
C LYS B 601 18.43 45.38 23.69
N ARG B 602 18.61 46.67 23.86
CA ARG B 602 18.62 47.27 25.20
C ARG B 602 17.24 47.77 25.65
N THR B 603 16.20 47.53 24.84
CA THR B 603 14.81 47.83 25.23
C THR B 603 14.59 47.57 26.72
N ASN B 604 14.87 46.35 27.18
CA ASN B 604 14.57 46.01 28.56
C ASN B 604 15.26 46.87 29.61
N GLU B 605 16.46 47.32 29.28
CA GLU B 605 17.25 48.19 30.14
C GLU B 605 16.66 49.59 30.07
N LEU B 606 16.30 50.03 28.87
CA LEU B 606 15.66 51.31 28.70
C LEU B 606 14.52 51.32 29.64
N VAL B 607 13.71 50.24 29.63
CA VAL B 607 12.43 50.21 30.36
C VAL B 607 12.72 50.27 31.85
N ARG B 608 13.62 49.41 32.35
CA ARG B 608 13.98 49.42 33.77
C ARG B 608 14.34 50.85 34.27
N ALA B 609 15.28 51.51 33.58
CA ALA B 609 15.70 52.90 33.95
C ALA B 609 14.50 53.86 34.00
N VAL B 610 13.63 53.81 32.98
CA VAL B 610 12.51 54.73 32.96
C VAL B 610 11.58 54.43 34.14
N LEU B 611 11.28 53.16 34.37
CA LEU B 611 10.39 52.83 35.50
C LEU B 611 11.00 53.22 36.84
N LYS B 612 12.31 53.07 36.98
CA LYS B 612 12.92 53.54 38.19
C LYS B 612 12.73 55.06 38.37
N ALA B 613 12.84 55.81 37.27
CA ALA B 613 12.89 57.29 37.30
C ALA B 613 11.51 57.95 37.39
N ASN B 614 10.49 57.29 36.87
CA ASN B 614 9.13 57.79 36.94
C ASN B 614 8.26 56.57 36.96
N PRO B 615 7.74 56.19 38.13
CA PRO B 615 6.94 54.97 38.30
C PRO B 615 5.62 55.04 37.59
N ASN B 616 5.20 56.24 37.22
CA ASN B 616 3.92 56.47 36.54
C ASN B 616 4.12 56.59 35.00
N THR B 617 4.89 55.66 34.46
CA THR B 617 5.17 55.59 33.03
C THR B 617 4.16 54.68 32.34
N VAL B 618 3.49 55.16 31.30
CA VAL B 618 2.66 54.28 30.52
C VAL B 618 3.51 53.61 29.43
N ILE B 619 3.44 52.27 29.35
CA ILE B 619 4.15 51.52 28.34
C ILE B 619 3.22 51.06 27.25
N VAL B 620 3.53 51.40 26.01
CA VAL B 620 2.73 50.96 24.91
C VAL B 620 3.60 50.06 24.05
N ASN B 621 3.09 48.87 23.76
CA ASN B 621 3.86 47.82 23.11
C ASN B 621 3.19 47.42 21.83
N GLN B 622 4.03 47.30 20.82
CA GLN B 622 3.59 46.99 19.48
C GLN B 622 4.26 45.68 19.08
N SER B 623 3.46 44.64 18.88
CA SER B 623 4.01 43.34 18.38
C SER B 623 2.81 42.55 17.90
N GLY B 624 3.06 41.55 17.06
CA GLY B 624 1.98 40.76 16.52
C GLY B 624 1.68 39.59 17.47
N THR B 625 2.65 39.29 18.34
CA THR B 625 2.66 38.08 19.16
C THR B 625 3.37 38.40 20.49
N PRO B 626 3.30 37.46 21.44
CA PRO B 626 3.75 37.78 22.78
C PRO B 626 5.21 38.06 22.92
N VAL B 627 5.54 38.98 23.81
CA VAL B 627 6.94 39.13 24.19
C VAL B 627 7.04 39.09 25.69
N GLU B 628 8.21 38.66 26.18
CA GLU B 628 8.42 38.68 27.62
C GLU B 628 8.61 40.11 28.14
N PHE B 629 7.87 40.48 29.18
CA PHE B 629 8.13 41.73 29.91
C PHE B 629 8.77 41.48 31.26
N PRO B 630 10.09 41.32 31.29
CA PRO B 630 10.63 40.83 32.60
C PRO B 630 10.38 41.78 33.74
N TRP B 631 10.13 43.06 33.42
CA TRP B 631 10.02 44.15 34.40
C TRP B 631 8.55 44.41 34.72
N LEU B 632 7.71 43.55 34.16
CA LEU B 632 6.27 43.65 34.26
C LEU B 632 5.77 44.09 35.65
N GLU B 633 6.33 43.53 36.69
CA GLU B 633 5.79 43.81 38.02
C GLU B 633 5.85 45.31 38.39
N ASP B 634 6.80 46.02 37.79
CA ASP B 634 7.05 47.43 38.12
C ASP B 634 6.35 48.36 37.13
N ALA B 635 5.70 47.80 36.12
CA ALA B 635 5.08 48.58 35.06
C ALA B 635 3.61 48.76 35.42
N ASN B 636 3.22 50.01 35.66
CA ASN B 636 1.92 50.29 36.24
C ASN B 636 0.81 50.48 35.23
N ALA B 637 1.18 50.70 33.98
CA ALA B 637 0.23 50.95 32.92
C ALA B 637 0.87 50.39 31.64
N LEU B 638 0.15 49.52 30.96
CA LEU B 638 0.73 48.75 29.90
C LEU B 638 -0.37 48.52 28.88
N VAL B 639 -0.09 48.83 27.63
CA VAL B 639 -1.07 48.83 26.56
C VAL B 639 -0.56 47.99 25.43
N GLN B 640 -1.36 47.08 24.90
CA GLN B 640 -0.98 46.36 23.70
C GLN B 640 -1.66 46.90 22.48
N ALA B 641 -0.91 47.71 21.78
CA ALA B 641 -1.16 48.31 20.50
C ALA B 641 -1.29 47.46 19.25
N TRP B 642 -0.46 46.45 19.13
CA TRP B 642 -0.38 45.59 17.96
C TRP B 642 0.29 46.34 16.83
N TYR B 643 0.12 45.89 15.60
CA TYR B 643 0.53 46.70 14.47
C TYR B 643 -0.70 47.25 13.83
N GLY B 644 -0.82 48.55 13.89
CA GLY B 644 -2.06 49.26 13.75
C GLY B 644 -2.53 49.76 12.44
N GLY B 645 -1.81 49.47 11.40
CA GLY B 645 -2.17 50.03 10.08
C GLY B 645 -1.87 51.53 9.91
N ASN B 646 -2.59 52.18 8.99
CA ASN B 646 -2.25 53.54 8.62
C ASN B 646 -2.42 54.53 9.76
N GLU B 647 -3.41 54.26 10.62
CA GLU B 647 -3.85 55.21 11.61
C GLU B 647 -3.38 54.79 13.01
N LEU B 648 -2.32 53.98 13.03
CA LEU B 648 -1.94 53.34 14.30
C LEU B 648 -1.69 54.36 15.41
N GLY B 649 -1.02 55.44 15.06
CA GLY B 649 -0.64 56.47 16.04
C GLY B 649 -1.87 57.22 16.51
N ASN B 650 -2.78 57.55 15.60
CA ASN B 650 -3.97 58.21 16.08
C ASN B 650 -4.73 57.27 17.06
N ALA B 651 -4.81 55.99 16.74
CA ALA B 651 -5.61 55.04 17.51
C ALA B 651 -5.00 54.95 18.90
N ILE B 652 -3.67 54.97 18.92
CA ILE B 652 -3.00 54.91 20.19
C ILE B 652 -3.31 56.13 21.03
N ALA B 653 -3.21 57.30 20.42
CA ALA B 653 -3.60 58.54 21.10
C ALA B 653 -5.04 58.43 21.64
N ASP B 654 -5.97 57.97 20.80
CA ASP B 654 -7.37 57.89 21.19
C ASP B 654 -7.50 57.11 22.53
N VAL B 655 -6.80 55.99 22.64
CA VAL B 655 -6.91 55.16 23.80
C VAL B 655 -6.25 55.80 25.05
N LEU B 656 -5.04 56.33 24.87
CA LEU B 656 -4.27 56.92 25.96
C LEU B 656 -5.02 58.08 26.63
N TYR B 657 -5.77 58.86 25.82
CA TYR B 657 -6.46 60.06 26.34
C TYR B 657 -7.89 59.77 26.56
N GLY B 658 -8.34 58.60 26.13
CA GLY B 658 -9.70 58.20 26.42
C GLY B 658 -10.78 58.74 25.48
N ASP B 659 -10.41 59.17 24.27
CA ASP B 659 -11.46 59.41 23.24
C ASP B 659 -12.02 58.08 22.68
N VAL B 660 -11.20 57.02 22.75
CA VAL B 660 -11.73 55.65 22.69
C VAL B 660 -11.44 55.01 24.04
N VAL B 661 -12.46 54.36 24.58
CA VAL B 661 -12.26 53.62 25.82
C VAL B 661 -11.80 52.20 25.43
N PRO B 662 -10.62 51.79 25.92
CA PRO B 662 -10.06 50.49 25.50
C PRO B 662 -11.14 49.45 25.64
N ASN B 663 -11.32 48.67 24.59
CA ASN B 663 -12.32 47.67 24.52
C ASN B 663 -11.83 46.37 23.82
N GLY B 664 -10.55 46.22 23.53
CA GLY B 664 -10.08 44.96 22.93
C GLY B 664 -9.77 43.93 24.01
N LYS B 665 -9.80 42.64 23.63
CA LYS B 665 -9.38 41.51 24.46
C LYS B 665 -8.36 40.65 23.73
N LEU B 666 -7.37 40.11 24.45
CA LEU B 666 -6.33 39.29 23.84
C LEU B 666 -6.85 38.09 23.06
N SER B 667 -6.40 38.03 21.82
CA SER B 667 -6.81 36.96 20.98
C SER B 667 -5.79 35.82 21.21
N LEU B 668 -4.81 36.05 22.08
CA LEU B 668 -3.73 35.10 22.34
C LEU B 668 -3.41 35.06 23.82
N SER B 669 -2.99 33.87 24.29
CA SER B 669 -2.34 33.65 25.61
C SER B 669 -1.01 34.35 25.62
N TRP B 670 -0.65 34.89 26.79
CA TRP B 670 0.58 35.69 26.94
C TRP B 670 1.37 35.13 28.08
N PRO B 671 2.11 34.05 27.80
CA PRO B 671 2.82 33.34 28.88
C PRO B 671 3.90 34.23 29.47
N PHE B 672 4.34 33.93 30.68
CA PHE B 672 5.50 34.61 31.23
C PHE B 672 6.80 34.43 30.44
N LYS B 673 7.10 33.21 30.06
CA LYS B 673 8.42 32.95 29.53
C LYS B 673 8.18 32.00 28.43
N LEU B 674 9.05 32.04 27.44
CA LEU B 674 9.03 31.14 26.29
C LEU B 674 8.85 29.64 26.66
N GLN B 675 9.58 29.20 27.68
CA GLN B 675 9.52 27.78 28.12
C GLN B 675 8.17 27.30 28.61
N ASP B 676 7.25 28.23 28.86
CA ASP B 676 5.98 27.83 29.43
C ASP B 676 5.07 27.32 28.35
N ASN B 677 5.44 27.55 27.08
CA ASN B 677 4.47 27.44 26.04
C ASN B 677 4.38 25.99 25.56
N PRO B 678 3.20 25.57 25.04
CA PRO B 678 3.10 24.12 24.76
C PRO B 678 3.97 23.64 23.59
N ALA B 679 4.24 24.51 22.64
CA ALA B 679 5.07 24.14 21.51
C ALA B 679 6.52 24.44 21.75
N PHE B 680 6.92 24.53 23.01
CA PHE B 680 8.27 24.96 23.28
C PHE B 680 9.28 24.06 22.57
N LEU B 681 9.08 22.76 22.67
CA LEU B 681 10.05 21.82 22.16
C LEU B 681 9.88 21.48 20.69
N ASN B 682 8.66 21.67 20.13
CA ASN B 682 8.45 21.36 18.74
C ASN B 682 7.96 22.57 17.94
N PHE B 683 8.77 23.61 17.89
CA PHE B 683 8.45 24.74 17.04
C PHE B 683 9.60 25.05 16.06
N LYS B 684 10.05 24.00 15.36
CA LYS B 684 11.25 24.02 14.48
C LYS B 684 10.98 22.84 13.58
N THR B 685 11.28 22.97 12.31
CA THR B 685 11.25 21.80 11.43
C THR B 685 12.56 21.02 11.55
N GLU B 686 12.56 19.83 12.16
CA GLU B 686 13.78 19.01 12.27
C GLU B 686 13.58 17.75 11.52
N PHE B 687 14.56 17.39 10.68
CA PHE B 687 14.41 16.22 9.80
C PHE B 687 13.14 16.38 8.99
N GLY B 688 12.85 17.64 8.64
CA GLY B 688 11.69 17.96 7.84
C GLY B 688 10.29 17.82 8.44
N ARG B 689 10.21 17.66 9.77
CA ARG B 689 8.90 17.42 10.43
C ARG B 689 8.69 18.27 11.69
N VAL B 690 7.40 18.51 12.05
CA VAL B 690 7.02 19.27 13.23
C VAL B 690 5.97 18.41 13.95
N ILE B 691 6.33 17.86 15.10
CA ILE B 691 5.37 17.05 15.81
C ILE B 691 4.48 17.90 16.70
N TYR B 692 3.18 17.85 16.42
CA TYR B 692 2.19 18.60 17.25
C TYR B 692 1.98 17.89 18.59
N GLY B 693 2.98 17.95 19.43
CA GLY B 693 2.98 17.13 20.64
C GLY B 693 1.87 17.43 21.63
N GLU B 694 1.43 18.67 21.66
CA GLU B 694 0.40 19.12 22.60
C GLU B 694 -1.02 18.69 22.22
N ASP B 695 -1.17 18.14 21.00
CA ASP B 695 -2.46 17.65 20.48
C ASP B 695 -3.51 18.77 20.54
N ILE B 696 -4.71 18.49 21.06
CA ILE B 696 -5.73 19.54 21.19
C ILE B 696 -5.35 20.67 22.14
N PHE B 697 -4.34 20.48 22.97
CA PHE B 697 -4.08 21.53 23.98
C PHE B 697 -3.21 22.67 23.53
N VAL B 698 -3.84 23.59 22.83
CA VAL B 698 -3.22 24.79 22.28
C VAL B 698 -3.73 26.05 23.00
N GLY B 699 -2.81 26.99 23.24
CA GLY B 699 -3.17 28.27 23.87
C GLY B 699 -3.72 28.02 25.26
N TYR B 700 -4.81 28.71 25.59
CA TYR B 700 -5.42 28.59 26.91
C TYR B 700 -5.87 27.17 27.21
N ARG B 701 -6.16 26.38 26.18
CA ARG B 701 -6.50 24.97 26.36
C ARG B 701 -5.36 24.26 27.06
N TYR B 702 -4.14 24.66 26.75
CA TYR B 702 -2.95 24.08 27.40
C TYR B 702 -2.75 24.61 28.80
N TYR B 703 -2.67 25.93 28.95
CA TYR B 703 -2.40 26.55 30.21
C TYR B 703 -3.47 26.28 31.28
N GLU B 704 -4.74 26.12 30.90
CA GLU B 704 -5.75 25.85 31.93
C GLU B 704 -5.66 24.39 32.37
N LYS B 705 -5.22 23.53 31.49
CA LYS B 705 -5.15 22.15 31.80
C LYS B 705 -3.98 21.92 32.75
N LEU B 706 -2.88 22.63 32.53
CA LEU B 706 -1.73 22.50 33.42
C LEU B 706 -1.86 23.35 34.64
N GLN B 707 -2.91 24.16 34.69
CA GLN B 707 -2.99 25.27 35.65
C GLN B 707 -1.69 26.07 35.69
N ARG B 708 -1.10 26.30 34.51
CA ARG B 708 0.02 27.22 34.42
C ARG B 708 -0.40 28.67 34.34
N LYS B 709 0.17 29.46 35.24
CA LYS B 709 -0.03 30.88 35.26
C LYS B 709 0.63 31.52 34.05
N VAL B 710 -0.08 32.49 33.47
CA VAL B 710 0.48 33.29 32.39
C VAL B 710 0.47 34.78 32.76
N ALA B 711 1.13 35.61 31.96
CA ALA B 711 1.19 37.03 32.31
C ALA B 711 -0.24 37.54 32.07
N PHE B 712 -0.78 37.23 30.90
CA PHE B 712 -2.16 37.60 30.60
C PHE B 712 -2.84 36.50 29.83
N PRO B 713 -4.08 36.21 30.19
CA PRO B 713 -4.71 35.06 29.54
C PRO B 713 -5.56 35.44 28.35
N PHE B 714 -5.92 34.46 27.54
CA PHE B 714 -6.84 34.64 26.45
C PHE B 714 -8.08 35.39 26.89
N GLY B 715 -8.48 36.34 26.07
CA GLY B 715 -9.74 37.06 26.28
C GLY B 715 -9.71 38.17 27.32
N TYR B 716 -8.55 38.43 27.91
CA TYR B 716 -8.33 39.52 28.86
C TYR B 716 -8.13 40.90 28.20
N GLY B 717 -8.65 41.91 28.89
CA GLY B 717 -8.42 43.30 28.59
C GLY B 717 -9.26 44.14 29.54
N LEU B 718 -8.68 45.25 29.99
CA LEU B 718 -9.32 46.19 30.92
C LEU B 718 -10.16 47.25 30.21
N SER B 719 -10.76 48.13 30.99
CA SER B 719 -11.50 49.24 30.43
C SER B 719 -11.17 50.44 31.31
N TYR B 720 -11.77 51.59 31.01
CA TYR B 720 -11.76 52.70 31.99
C TYR B 720 -13.05 52.75 32.84
N THR B 721 -14.01 51.86 32.54
CA THR B 721 -15.18 51.75 33.37
C THR B 721 -15.25 50.31 33.88
N THR B 722 -16.24 50.02 34.74
CA THR B 722 -16.40 48.67 35.27
C THR B 722 -17.67 48.07 34.73
N PHE B 723 -17.76 46.75 34.62
CA PHE B 723 -19.01 46.16 34.11
C PHE B 723 -19.44 44.99 34.99
N GLU B 724 -20.69 44.55 34.90
CA GLU B 724 -21.10 43.30 35.55
C GLU B 724 -22.12 42.58 34.65
N LEU B 725 -22.23 41.27 34.79
CA LEU B 725 -23.10 40.50 33.94
C LEU B 725 -23.73 39.33 34.65
N ASP B 726 -24.87 38.86 34.17
CA ASP B 726 -25.35 37.56 34.54
C ASP B 726 -26.19 36.94 33.48
N ILE B 727 -26.23 35.63 33.50
CA ILE B 727 -27.14 34.91 32.65
C ILE B 727 -28.53 35.22 33.20
N SER B 728 -29.38 35.81 32.36
CA SER B 728 -30.67 36.31 32.80
C SER B 728 -31.77 35.39 32.31
N ASP B 729 -31.36 34.44 31.48
CA ASP B 729 -32.26 33.44 30.97
C ASP B 729 -31.45 32.36 30.29
N PHE B 730 -31.97 31.15 30.34
CA PHE B 730 -31.27 30.00 29.81
C PHE B 730 -32.21 28.88 29.40
N LYS B 731 -32.07 28.40 28.19
CA LYS B 731 -32.89 27.31 27.75
C LYS B 731 -32.23 26.27 26.90
N VAL B 732 -32.38 25.01 27.23
CA VAL B 732 -31.93 23.96 26.34
C VAL B 732 -33.01 22.99 25.94
N THR B 733 -33.15 22.76 24.67
CA THR B 733 -33.84 21.67 24.01
C THR B 733 -32.91 20.47 23.82
N ASP B 734 -33.39 19.42 23.20
CA ASP B 734 -32.45 18.42 22.72
C ASP B 734 -31.52 19.03 21.68
N ASP B 735 -32.02 19.85 20.77
CA ASP B 735 -31.16 20.50 19.77
C ASP B 735 -30.51 21.84 19.96
N LYS B 736 -30.80 22.60 20.98
CA LYS B 736 -30.34 23.97 20.96
C LYS B 736 -30.09 24.61 22.28
N ILE B 737 -29.23 25.61 22.29
CA ILE B 737 -28.98 26.36 23.51
C ILE B 737 -29.27 27.79 23.17
N ALA B 738 -30.07 28.40 24.03
CA ALA B 738 -30.36 29.83 23.97
C ALA B 738 -29.97 30.41 25.32
N ILE B 739 -29.17 31.46 25.28
CA ILE B 739 -28.78 32.04 26.50
C ILE B 739 -28.90 33.55 26.44
N SER B 740 -29.35 34.15 27.55
CA SER B 740 -29.50 35.58 27.63
C SER B 740 -28.65 36.14 28.72
N VAL B 741 -27.82 37.12 28.36
CA VAL B 741 -26.89 37.68 29.34
C VAL B 741 -27.18 39.14 29.47
N ASP B 742 -27.21 39.59 30.72
CA ASP B 742 -27.45 40.98 31.06
C ASP B 742 -26.13 41.59 31.41
N VAL B 743 -25.88 42.77 30.89
CA VAL B 743 -24.59 43.38 31.07
C VAL B 743 -24.81 44.84 31.41
N LYS B 744 -24.01 45.37 32.33
CA LYS B 744 -24.23 46.72 32.75
C LYS B 744 -22.95 47.41 33.09
N ASN B 745 -22.77 48.60 32.53
CA ASN B 745 -21.70 49.53 32.91
C ASN B 745 -21.99 50.10 34.32
N THR B 746 -21.27 49.66 35.34
CA THR B 746 -21.43 50.13 36.72
C THR B 746 -20.57 51.37 37.05
N GLY B 747 -20.09 52.05 36.01
CA GLY B 747 -19.35 53.27 36.24
C GLY B 747 -20.22 54.46 35.91
N ASP B 748 -19.78 55.63 36.34
CA ASP B 748 -20.55 56.86 36.15
C ASP B 748 -19.77 57.90 35.32
N LYS B 749 -18.64 57.50 34.72
CA LYS B 749 -17.84 58.43 33.96
C LYS B 749 -17.74 58.03 32.50
N PHE B 750 -17.16 56.86 32.20
CA PHE B 750 -17.02 56.49 30.79
C PHE B 750 -18.05 55.54 30.23
N ALA B 751 -18.57 55.89 29.06
CA ALA B 751 -19.23 54.90 28.25
C ALA B 751 -18.16 53.90 27.72
N GLY B 752 -18.55 52.65 27.44
CA GLY B 752 -17.59 51.71 26.86
C GLY B 752 -18.14 50.35 26.49
N SER B 753 -17.35 49.57 25.76
CA SER B 753 -17.79 48.27 25.37
C SER B 753 -17.15 47.17 26.23
N GLU B 754 -17.96 46.16 26.54
CA GLU B 754 -17.53 44.95 27.21
C GLU B 754 -17.70 43.78 26.23
N VAL B 755 -16.89 42.71 26.34
CA VAL B 755 -17.01 41.50 25.49
C VAL B 755 -17.46 40.36 26.36
N VAL B 756 -18.66 39.86 26.09
CA VAL B 756 -19.25 38.72 26.83
C VAL B 756 -18.72 37.51 26.11
N GLN B 757 -18.08 36.59 26.83
CA GLN B 757 -17.42 35.39 26.26
C GLN B 757 -18.08 34.13 26.83
N VAL B 758 -18.50 33.21 25.99
CA VAL B 758 -19.28 32.04 26.42
C VAL B 758 -18.46 30.78 26.21
N TYR B 759 -18.14 30.07 27.30
CA TYR B 759 -17.31 28.90 27.32
C TYR B 759 -18.16 27.69 27.74
N PHE B 760 -17.81 26.53 27.18
CA PHE B 760 -18.46 25.28 27.55
C PHE B 760 -17.49 24.28 28.20
N SER B 761 -17.98 23.50 29.17
CA SER B 761 -17.20 22.45 29.82
C SER B 761 -18.01 21.16 29.87
N ALA B 762 -17.32 20.02 29.78
CA ALA B 762 -17.99 18.73 29.91
C ALA B 762 -17.73 18.32 31.33
N LEU B 763 -18.78 18.01 32.09
CA LEU B 763 -18.56 17.75 33.49
C LEU B 763 -18.28 16.31 33.80
N ASN B 764 -18.73 15.39 32.95
CA ASN B 764 -18.52 13.95 33.23
C ASN B 764 -18.39 13.09 31.95
N SER B 765 -17.38 13.40 31.12
CA SER B 765 -17.22 12.85 29.77
C SER B 765 -16.30 11.61 29.81
N LYS B 766 -16.46 10.69 28.86
CA LYS B 766 -15.60 9.47 28.89
C LYS B 766 -14.21 9.89 28.40
N VAL B 767 -14.19 11.03 27.73
CA VAL B 767 -13.10 11.41 26.93
C VAL B 767 -12.34 12.59 27.58
N SER B 768 -11.03 12.65 27.40
CA SER B 768 -10.29 13.83 27.85
C SER B 768 -10.62 15.09 27.02
N ARG B 769 -10.76 16.21 27.73
CA ARG B 769 -11.17 17.48 27.16
C ARG B 769 -10.43 18.71 27.76
N PRO B 770 -10.50 19.86 27.05
CA PRO B 770 -10.02 21.11 27.64
C PRO B 770 -10.93 21.49 28.83
N VAL B 771 -10.40 22.24 29.78
CA VAL B 771 -11.19 22.69 30.89
C VAL B 771 -12.44 23.39 30.36
N LYS B 772 -12.29 24.30 29.39
CA LYS B 772 -13.41 24.91 28.75
C LYS B 772 -13.04 25.48 27.38
N GLU B 773 -14.06 25.65 26.55
CA GLU B 773 -13.93 26.07 25.18
C GLU B 773 -14.84 27.24 24.79
N LEU B 774 -14.25 28.29 24.23
CA LEU B 774 -15.01 29.43 23.71
C LEU B 774 -15.92 28.94 22.60
N LYS B 775 -17.20 29.28 22.66
CA LYS B 775 -18.15 28.82 21.67
C LYS B 775 -19.10 29.92 21.24
N GLY B 776 -19.01 31.06 21.95
CA GLY B 776 -19.79 32.25 21.65
C GLY B 776 -19.16 33.50 22.22
N PHE B 777 -19.47 34.65 21.63
CA PHE B 777 -19.16 35.94 22.24
C PHE B 777 -20.02 37.07 21.62
N GLU B 778 -20.28 38.13 22.39
CA GLU B 778 -20.98 39.33 21.90
C GLU B 778 -20.34 40.54 22.52
N LYS B 779 -20.26 41.61 21.74
CA LYS B 779 -19.62 42.82 22.24
C LYS B 779 -20.74 43.78 22.50
N VAL B 780 -20.72 44.48 23.62
CA VAL B 780 -21.86 45.34 23.86
C VAL B 780 -21.43 46.73 24.35
N HIS B 781 -21.94 47.75 23.69
CA HIS B 781 -21.67 49.13 24.10
C HIS B 781 -22.65 49.62 25.18
N LEU B 782 -22.13 50.17 26.29
CA LEU B 782 -22.98 50.70 27.34
C LEU B 782 -22.54 52.06 27.90
N GLU B 783 -23.43 53.04 27.78
CA GLU B 783 -23.30 54.32 28.52
C GLU B 783 -23.20 54.10 30.05
N PRO B 784 -22.59 55.03 30.80
CA PRO B 784 -22.49 54.77 32.25
C PRO B 784 -23.87 54.48 32.87
N GLY B 785 -23.94 53.45 33.71
CA GLY B 785 -25.20 53.04 34.29
C GLY B 785 -26.15 52.30 33.36
N GLU B 786 -25.85 52.19 32.06
CA GLU B 786 -26.76 51.48 31.15
C GLU B 786 -26.71 49.93 31.27
N LYS B 787 -27.85 49.26 31.02
CA LYS B 787 -27.98 47.81 31.08
C LYS B 787 -28.53 47.29 29.75
N LYS B 788 -27.93 46.26 29.15
CA LYS B 788 -28.50 45.63 27.96
C LYS B 788 -28.49 44.12 28.12
N THR B 789 -29.25 43.45 27.27
CA THR B 789 -29.35 42.03 27.27
C THR B 789 -28.91 41.53 25.92
N VAL B 790 -27.89 40.69 25.90
CA VAL B 790 -27.53 40.00 24.67
C VAL B 790 -27.99 38.55 24.64
N ASN B 791 -28.37 38.09 23.47
CA ASN B 791 -28.82 36.77 23.28
C ASN B 791 -27.73 36.00 22.57
N ILE B 792 -27.60 34.72 22.92
CA ILE B 792 -26.64 33.86 22.28
C ILE B 792 -27.34 32.51 22.11
N ASP B 793 -27.63 32.14 20.87
CA ASP B 793 -28.24 30.86 20.56
C ASP B 793 -27.29 29.98 19.76
N LEU B 794 -27.16 28.71 20.15
CA LEU B 794 -26.28 27.79 19.41
C LEU B 794 -26.94 26.42 19.37
N GLU B 795 -26.64 25.68 18.31
CA GLU B 795 -27.04 24.26 18.29
C GLU B 795 -26.05 23.58 19.15
N LEU B 796 -26.53 22.68 20.03
CA LEU B 796 -25.64 21.81 20.82
C LEU B 796 -24.41 21.38 20.08
N LYS B 797 -24.60 20.88 18.86
CA LYS B 797 -23.51 20.21 18.17
C LYS B 797 -22.36 21.21 17.94
N ASP B 798 -22.69 22.49 17.82
CA ASP B 798 -21.69 23.54 17.70
C ASP B 798 -20.94 23.75 18.98
N ALA B 799 -21.64 23.58 20.10
CA ALA B 799 -21.21 24.01 21.41
C ALA B 799 -20.42 22.99 22.17
N ILE B 800 -20.76 21.71 22.03
CA ILE B 800 -20.22 20.71 22.96
C ILE B 800 -19.67 19.43 22.36
N SER B 801 -19.52 19.37 21.03
CA SER B 801 -18.95 18.20 20.36
C SER B 801 -17.43 18.09 20.59
N TYR B 802 -16.85 16.92 20.43
CA TYR B 802 -15.38 16.80 20.36
C TYR B 802 -15.22 15.84 19.17
N PHE B 803 -14.02 15.74 18.61
CA PHE B 803 -13.84 14.80 17.50
C PHE B 803 -13.39 13.46 18.05
N ASN B 804 -14.22 12.46 17.77
CA ASN B 804 -13.91 11.09 18.14
C ASN B 804 -13.03 10.45 17.05
N GLU B 805 -11.75 10.40 17.35
CA GLU B 805 -10.73 9.94 16.43
C GLU B 805 -10.93 8.50 16.02
N GLU B 806 -11.41 7.67 16.96
CA GLU B 806 -11.50 6.22 16.62
C GLU B 806 -12.66 6.00 15.66
N LEU B 807 -13.74 6.73 15.85
CA LEU B 807 -14.89 6.50 15.03
C LEU B 807 -14.81 7.33 13.74
N GLY B 808 -13.95 8.35 13.70
CA GLY B 808 -13.85 9.25 12.55
C GLY B 808 -15.00 10.25 12.39
N LYS B 809 -15.56 10.69 13.52
CA LYS B 809 -16.80 11.44 13.60
C LYS B 809 -16.81 12.37 14.82
N TRP B 810 -17.56 13.47 14.72
CA TRP B 810 -17.87 14.35 15.85
C TRP B 810 -18.96 13.71 16.67
N HIS B 811 -18.96 14.00 17.95
CA HIS B 811 -19.82 13.31 18.88
C HIS B 811 -20.37 14.34 19.85
N VAL B 812 -21.70 14.42 19.89
CA VAL B 812 -22.36 15.06 21.00
C VAL B 812 -22.62 13.99 22.00
N GLU B 813 -21.84 13.99 23.07
CA GLU B 813 -21.90 12.97 24.12
C GLU B 813 -22.94 13.31 25.20
N ALA B 814 -23.73 12.33 25.64
CA ALA B 814 -24.62 12.50 26.83
C ALA B 814 -23.83 12.76 28.11
N GLY B 815 -24.39 13.60 28.98
CA GLY B 815 -23.67 13.94 30.21
C GLY B 815 -24.13 15.27 30.78
N GLU B 816 -23.38 15.75 31.78
CA GLU B 816 -23.62 17.07 32.36
C GLU B 816 -22.57 18.02 31.86
N TYR B 817 -23.03 19.23 31.53
CA TYR B 817 -22.19 20.26 30.98
C TYR B 817 -22.43 21.59 31.71
N LEU B 818 -21.45 22.46 31.61
CA LEU B 818 -21.51 23.74 32.25
C LEU B 818 -21.25 24.82 31.22
N VAL B 819 -22.12 25.83 31.18
CA VAL B 819 -21.79 27.05 30.45
C VAL B 819 -21.26 28.05 31.43
N SER B 820 -20.13 28.68 31.09
CA SER B 820 -19.49 29.71 31.93
C SER B 820 -19.46 30.98 31.11
N VAL B 821 -19.97 32.07 31.69
CA VAL B 821 -19.99 33.35 31.00
C VAL B 821 -19.09 34.33 31.71
N GLY B 822 -18.19 34.95 31.00
CA GLY B 822 -17.23 35.83 31.59
C GLY B 822 -16.60 36.87 30.71
N THR B 823 -15.80 37.72 31.33
CA THR B 823 -15.08 38.74 30.60
C THR B 823 -13.67 38.38 30.14
N SER B 824 -13.19 37.21 30.52
CA SER B 824 -11.98 36.59 30.00
C SER B 824 -12.05 35.13 30.23
N SER B 825 -11.08 34.37 29.74
CA SER B 825 -11.08 32.93 29.99
C SER B 825 -11.00 32.63 31.51
N ASP B 826 -10.37 33.54 32.28
CA ASP B 826 -10.35 33.42 33.76
C ASP B 826 -11.56 34.04 34.40
N ASP B 827 -11.86 35.26 33.96
CA ASP B 827 -12.75 36.10 34.71
C ASP B 827 -14.21 35.67 34.50
N ILE B 828 -14.54 34.49 35.00
CA ILE B 828 -15.90 33.90 34.82
C ILE B 828 -16.85 34.44 35.89
N LEU B 829 -18.02 34.95 35.48
CA LEU B 829 -18.87 35.73 36.37
C LEU B 829 -20.28 35.15 36.59
N SER B 830 -20.67 34.16 35.79
CA SER B 830 -22.00 33.56 35.92
C SER B 830 -21.99 32.21 35.19
N VAL B 831 -22.53 31.17 35.81
CA VAL B 831 -22.54 29.87 35.19
C VAL B 831 -23.88 29.19 35.17
N LYS B 832 -24.08 28.24 34.28
CA LYS B 832 -25.23 27.42 34.40
C LYS B 832 -24.92 25.98 33.99
N GLU B 833 -25.42 25.05 34.80
CA GLU B 833 -25.36 23.60 34.58
C GLU B 833 -26.57 23.12 33.75
N PHE B 834 -26.34 22.22 32.82
CA PHE B 834 -27.41 21.61 32.09
C PHE B 834 -27.08 20.21 31.72
N LYS B 835 -28.12 19.48 31.33
CA LYS B 835 -27.98 18.07 31.05
C LYS B 835 -28.25 17.82 29.57
N VAL B 836 -27.56 16.84 29.00
CA VAL B 836 -27.73 16.40 27.62
C VAL B 836 -28.05 14.90 27.59
N GLU B 837 -29.25 14.56 27.16
CA GLU B 837 -29.62 13.14 26.95
C GLU B 837 -29.50 12.65 25.53
N LYS B 838 -29.61 13.54 24.58
CA LYS B 838 -29.65 13.10 23.21
C LYS B 838 -28.19 13.05 22.72
N GLU B 839 -27.65 11.86 22.57
CA GLU B 839 -26.35 11.71 21.93
C GLU B 839 -26.44 11.84 20.39
N LEU B 840 -25.37 12.34 19.77
CA LEU B 840 -25.38 12.54 18.30
C LEU B 840 -23.98 12.42 17.74
N TYR B 841 -23.87 11.63 16.66
CA TYR B 841 -22.66 11.49 15.85
C TYR B 841 -22.86 12.22 14.50
N TRP B 842 -21.85 12.96 14.03
CA TRP B 842 -21.98 13.68 12.76
C TRP B 842 -20.65 13.98 12.06
N LYS B 843 -20.77 14.42 10.78
CA LYS B 843 -19.64 14.86 9.97
C LYS B 843 -20.17 16.07 9.22
N GLY B 844 -19.33 16.68 8.39
CA GLY B 844 -19.78 17.79 7.57
C GLY B 844 -19.84 19.11 8.34
N LEU B 845 -20.74 19.98 7.93
CA LEU B 845 -20.81 21.33 8.46
C LEU B 845 -21.69 21.42 9.69
N LYS C 3 -43.21 -12.95 12.85
CA LYS C 3 -42.74 -13.20 14.21
C LYS C 3 -41.29 -12.81 14.50
N PHE C 4 -40.38 -13.25 13.66
CA PHE C 4 -38.94 -13.09 13.83
C PHE C 4 -38.44 -11.74 13.33
N ASP C 5 -37.94 -10.92 14.23
CA ASP C 5 -37.39 -9.62 13.88
C ASP C 5 -35.88 -9.61 14.02
N VAL C 6 -35.20 -9.36 12.91
CA VAL C 6 -33.72 -9.32 12.82
C VAL C 6 -33.09 -8.28 13.76
N GLU C 7 -33.58 -7.04 13.71
CA GLU C 7 -33.04 -5.99 14.56
C GLU C 7 -33.39 -6.19 16.04
N GLN C 8 -34.53 -6.80 16.32
CA GLN C 8 -34.90 -7.04 17.70
C GLN C 8 -33.87 -8.02 18.21
N LEU C 9 -33.84 -9.20 17.59
CA LEU C 9 -32.90 -10.26 17.95
C LEU C 9 -31.44 -9.82 18.07
N LEU C 10 -30.91 -9.09 17.09
CA LEU C 10 -29.56 -8.56 17.16
C LEU C 10 -29.35 -7.64 18.38
N SER C 11 -30.39 -6.94 18.81
CA SER C 11 -30.22 -6.01 19.91
C SER C 11 -30.29 -6.76 21.23
N GLU C 12 -30.67 -8.03 21.17
CA GLU C 12 -30.85 -8.89 22.34
C GLU C 12 -29.71 -9.92 22.48
N LEU C 13 -29.05 -10.25 21.38
CA LEU C 13 -27.93 -11.16 21.47
C LEU C 13 -26.72 -10.51 22.19
N ASN C 14 -26.04 -11.29 23.03
CA ASN C 14 -24.77 -10.87 23.66
C ASN C 14 -23.61 -11.28 22.76
N GLN C 15 -22.41 -10.75 23.07
CA GLN C 15 -21.27 -10.89 22.20
C GLN C 15 -20.93 -12.35 21.95
N ASP C 16 -21.08 -13.18 22.96
CA ASP C 16 -20.72 -14.58 22.82
C ASP C 16 -21.70 -15.32 21.91
N GLU C 17 -22.99 -15.06 22.10
CA GLU C 17 -24.02 -15.58 21.19
C GLU C 17 -23.79 -15.10 19.77
N LYS C 18 -23.50 -13.80 19.59
CA LYS C 18 -23.29 -13.23 18.25
C LYS C 18 -22.17 -13.95 17.52
N ILE C 19 -21.01 -14.04 18.17
CA ILE C 19 -19.91 -14.81 17.62
C ILE C 19 -20.30 -16.26 17.33
N SER C 20 -21.15 -16.85 18.16
CA SER C 20 -21.49 -18.26 17.94
C SER C 20 -22.31 -18.41 16.66
N LEU C 21 -22.99 -17.35 16.24
CA LEU C 21 -23.77 -17.40 15.00
C LEU C 21 -22.89 -17.36 13.77
N LEU C 22 -21.65 -16.90 13.93
CA LEU C 22 -20.78 -16.63 12.79
C LEU C 22 -20.12 -17.87 12.22
N SER C 23 -20.36 -19.03 12.85
CA SER C 23 -19.94 -20.32 12.35
C SER C 23 -21.01 -21.40 12.52
N ALA C 24 -20.88 -22.47 11.77
CA ALA C 24 -21.80 -23.58 11.86
C ALA C 24 -21.38 -24.41 13.06
N VAL C 25 -22.24 -25.30 13.52
CA VAL C 25 -21.96 -26.08 14.69
C VAL C 25 -21.31 -27.39 14.28
N ASP C 26 -21.78 -27.93 13.16
CA ASP C 26 -21.30 -29.20 12.66
C ASP C 26 -21.20 -29.07 11.14
N PHE C 27 -21.29 -30.17 10.40
CA PHE C 27 -21.14 -30.09 8.97
C PHE C 27 -22.26 -29.42 8.24
N TRP C 28 -23.41 -29.27 8.91
CA TRP C 28 -24.66 -28.93 8.18
C TRP C 28 -25.62 -28.04 8.92
N HIS C 29 -25.37 -27.76 10.19
CA HIS C 29 -26.29 -26.92 10.96
C HIS C 29 -25.64 -25.69 11.57
N THR C 30 -26.40 -24.62 11.57
CA THR C 30 -26.02 -23.40 12.24
C THR C 30 -26.41 -23.52 13.70
N LYS C 31 -26.17 -22.43 14.43
CA LYS C 31 -26.24 -22.38 15.88
C LYS C 31 -27.60 -22.00 16.41
N LYS C 32 -28.19 -22.92 17.17
CA LYS C 32 -29.43 -22.72 17.93
C LYS C 32 -29.17 -21.78 19.11
N ILE C 33 -30.01 -20.74 19.23
CA ILE C 33 -30.00 -19.92 20.41
C ILE C 33 -31.36 -20.06 21.10
N GLU C 34 -31.50 -21.11 21.93
CA GLU C 34 -32.71 -21.33 22.69
C GLU C 34 -33.33 -20.07 23.30
N ARG C 35 -32.56 -19.25 24.03
CA ARG C 35 -33.22 -18.22 24.84
C ARG C 35 -34.00 -17.22 24.03
N LEU C 36 -33.75 -17.23 22.71
CA LEU C 36 -34.38 -16.32 21.77
C LEU C 36 -35.24 -17.00 20.71
N GLY C 37 -35.39 -18.31 20.83
CA GLY C 37 -36.22 -19.05 19.88
C GLY C 37 -35.67 -18.79 18.49
N ILE C 38 -34.35 -18.95 18.36
CA ILE C 38 -33.65 -18.96 17.08
C ILE C 38 -33.27 -20.40 16.86
N PRO C 39 -33.74 -20.97 15.74
CA PRO C 39 -33.45 -22.38 15.52
C PRO C 39 -32.13 -22.63 14.78
N ALA C 40 -31.62 -23.85 14.93
CA ALA C 40 -30.54 -24.32 14.12
C ALA C 40 -31.15 -24.67 12.78
N VAL C 41 -30.50 -24.20 11.71
CA VAL C 41 -30.95 -24.41 10.35
C VAL C 41 -30.09 -25.49 9.70
N ARG C 42 -30.74 -26.44 9.03
CA ARG C 42 -29.99 -27.48 8.35
C ARG C 42 -29.82 -27.11 6.92
N VAL C 43 -28.60 -27.29 6.43
CA VAL C 43 -28.28 -27.08 5.03
C VAL C 43 -27.91 -28.42 4.42
N SER C 44 -28.12 -28.57 3.10
CA SER C 44 -27.66 -29.78 2.41
C SER C 44 -27.20 -29.57 0.97
N ASP C 45 -26.23 -30.36 0.55
CA ASP C 45 -25.90 -30.52 -0.86
C ASP C 45 -27.06 -31.20 -1.60
N GLY C 46 -27.18 -31.04 -2.91
CA GLY C 46 -26.31 -30.23 -3.75
C GLY C 46 -27.13 -29.58 -4.85
N PRO C 47 -26.53 -29.38 -6.02
CA PRO C 47 -27.27 -28.69 -7.07
C PRO C 47 -28.14 -29.63 -7.92
N ASN C 48 -27.89 -30.94 -7.86
CA ASN C 48 -28.70 -31.93 -8.62
C ASN C 48 -29.39 -32.97 -7.71
N GLY C 49 -29.99 -32.47 -6.63
CA GLY C 49 -30.60 -33.35 -5.65
C GLY C 49 -29.92 -33.32 -4.31
N ILE C 50 -30.70 -33.67 -3.29
CA ILE C 50 -30.41 -33.42 -1.91
C ILE C 50 -29.90 -34.66 -1.16
N ARG C 51 -28.64 -34.65 -0.75
CA ARG C 51 -28.07 -35.78 -0.02
C ARG C 51 -28.56 -35.87 1.42
N GLY C 52 -28.68 -34.73 2.12
CA GLY C 52 -28.98 -34.71 3.56
C GLY C 52 -27.74 -34.91 4.44
N THR C 53 -27.92 -35.19 5.73
CA THR C 53 -26.83 -35.08 6.73
C THR C 53 -25.69 -36.11 6.67
N LYS C 54 -25.77 -37.11 5.82
CA LYS C 54 -24.66 -38.04 5.72
C LYS C 54 -24.47 -38.67 4.36
N PHE C 55 -23.24 -39.15 4.15
CA PHE C 55 -22.76 -39.70 2.92
C PHE C 55 -22.90 -41.18 2.99
N PHE C 56 -22.18 -41.75 3.95
CA PHE C 56 -22.28 -43.14 4.31
C PHE C 56 -23.59 -43.44 5.08
N ASP C 57 -24.29 -44.47 4.61
CA ASP C 57 -25.54 -44.93 5.20
C ASP C 57 -26.55 -43.80 5.14
N GLY C 58 -26.50 -43.03 4.05
CA GLY C 58 -27.40 -41.89 3.90
C GLY C 58 -28.77 -42.27 3.37
N VAL C 59 -29.77 -41.54 3.81
CA VAL C 59 -31.13 -41.77 3.37
C VAL C 59 -31.25 -41.44 1.87
N PRO C 60 -31.78 -42.38 1.06
CA PRO C 60 -31.83 -42.26 -0.39
C PRO C 60 -32.64 -41.05 -0.82
N SER C 61 -32.35 -40.60 -2.05
CA SER C 61 -32.83 -39.31 -2.51
C SER C 61 -33.11 -39.38 -4.00
N GLY C 62 -33.70 -38.34 -4.54
CA GLY C 62 -33.85 -38.23 -5.99
C GLY C 62 -32.72 -37.46 -6.63
N CYS C 63 -31.86 -38.16 -7.38
CA CYS C 63 -30.82 -37.51 -8.18
C CYS C 63 -31.32 -36.98 -9.52
N PHE C 64 -31.06 -35.69 -9.78
CA PHE C 64 -31.42 -35.03 -11.04
C PHE C 64 -30.30 -35.14 -12.05
N PRO C 65 -30.62 -34.95 -13.34
CA PRO C 65 -29.53 -34.89 -14.32
C PRO C 65 -28.55 -33.80 -13.92
N ASN C 66 -27.31 -33.91 -14.41
CA ASN C 66 -26.28 -32.97 -14.04
C ASN C 66 -26.48 -31.62 -14.69
N GLY C 67 -25.89 -30.60 -14.06
CA GLY C 67 -26.08 -29.20 -14.45
C GLY C 67 -25.87 -28.92 -15.91
N THR C 68 -24.85 -29.53 -16.51
CA THR C 68 -24.62 -29.17 -17.91
C THR C 68 -25.74 -29.77 -18.73
N GLY C 69 -26.26 -30.90 -18.25
CA GLY C 69 -27.39 -31.58 -18.89
C GLY C 69 -28.57 -30.67 -18.69
N LEU C 70 -28.87 -30.31 -17.44
CA LEU C 70 -30.01 -29.42 -17.25
C LEU C 70 -29.97 -28.20 -18.12
N ALA C 71 -28.80 -27.63 -18.39
CA ALA C 71 -28.83 -26.32 -19.07
C ALA C 71 -29.14 -26.58 -20.53
N SER C 72 -28.75 -27.76 -20.99
CA SER C 72 -29.05 -28.20 -22.35
C SER C 72 -30.54 -28.21 -22.66
N THR C 73 -31.41 -28.25 -21.66
CA THR C 73 -32.84 -28.25 -21.93
C THR C 73 -33.24 -26.92 -22.52
N PHE C 74 -32.38 -25.92 -22.35
CA PHE C 74 -32.72 -24.54 -22.70
C PHE C 74 -34.16 -24.18 -22.33
N ASP C 75 -34.65 -24.68 -21.21
CA ASP C 75 -36.05 -24.58 -20.85
C ASP C 75 -36.30 -23.98 -19.44
N ARG C 76 -36.52 -22.68 -19.37
CA ARG C 76 -36.71 -21.98 -18.08
C ARG C 76 -37.86 -22.53 -17.26
N ASP C 77 -39.02 -22.76 -17.89
CA ASP C 77 -40.17 -23.31 -17.16
C ASP C 77 -39.83 -24.66 -16.58
N LEU C 78 -39.18 -25.50 -17.38
CA LEU C 78 -38.80 -26.81 -16.91
C LEU C 78 -37.80 -26.75 -15.74
N LEU C 79 -36.89 -25.76 -15.75
CA LEU C 79 -35.83 -25.71 -14.77
C LEU C 79 -36.37 -25.17 -13.50
N GLU C 80 -37.32 -24.26 -13.61
CA GLU C 80 -37.98 -23.78 -12.42
C GLU C 80 -38.76 -24.98 -11.80
N THR C 81 -39.40 -25.78 -12.63
CA THR C 81 -40.11 -26.97 -12.19
C THR C 81 -39.19 -27.92 -11.40
N ALA C 82 -37.97 -28.06 -11.92
CA ALA C 82 -36.92 -28.84 -11.27
C ALA C 82 -36.54 -28.20 -9.93
N GLY C 83 -36.49 -26.87 -9.86
CA GLY C 83 -36.32 -26.19 -8.60
C GLY C 83 -37.34 -26.64 -7.56
N LYS C 84 -38.63 -26.49 -7.92
CA LYS C 84 -39.76 -26.86 -7.10
C LYS C 84 -39.52 -28.24 -6.52
N LEU C 85 -39.10 -29.16 -7.38
CA LEU C 85 -38.92 -30.56 -7.00
C LEU C 85 -37.71 -30.78 -6.09
N MET C 86 -36.63 -30.05 -6.36
CA MET C 86 -35.50 -30.02 -5.46
C MET C 86 -35.97 -29.55 -4.07
N ALA C 87 -36.73 -28.45 -4.02
CA ALA C 87 -37.32 -27.97 -2.78
C ALA C 87 -38.14 -29.04 -2.05
N LYS C 88 -38.93 -29.82 -2.80
CA LYS C 88 -39.69 -30.91 -2.19
C LYS C 88 -38.78 -32.03 -1.67
N GLU C 89 -37.71 -32.32 -2.40
CA GLU C 89 -36.71 -33.30 -1.95
C GLU C 89 -35.99 -32.85 -0.68
N SER C 90 -35.81 -31.53 -0.54
CA SER C 90 -35.11 -30.96 0.60
C SER C 90 -36.02 -31.14 1.78
N ILE C 91 -37.25 -30.67 1.66
CA ILE C 91 -38.24 -30.85 2.71
C ILE C 91 -38.27 -32.30 3.27
N ALA C 92 -38.27 -33.30 2.39
CA ALA C 92 -38.20 -34.71 2.84
C ALA C 92 -36.98 -35.06 3.68
N LYS C 93 -35.93 -34.24 3.58
CA LYS C 93 -34.67 -34.47 4.31
C LYS C 93 -34.58 -33.44 5.43
N ASN C 94 -35.65 -32.67 5.60
CA ASN C 94 -35.68 -31.52 6.49
C ASN C 94 -34.54 -30.53 6.32
N ALA C 95 -33.98 -30.43 5.13
CA ALA C 95 -33.03 -29.36 4.84
C ALA C 95 -33.76 -28.05 4.49
N ALA C 96 -33.62 -27.03 5.32
CA ALA C 96 -34.25 -25.74 5.01
C ALA C 96 -33.51 -24.95 3.91
N VAL C 97 -32.25 -25.31 3.65
CA VAL C 97 -31.40 -24.54 2.76
C VAL C 97 -30.59 -25.48 1.87
N ILE C 98 -30.57 -25.18 0.55
CA ILE C 98 -29.89 -26.07 -0.43
C ILE C 98 -28.53 -25.51 -0.90
N LEU C 99 -27.47 -26.32 -0.85
CA LEU C 99 -26.15 -25.87 -1.25
C LEU C 99 -26.05 -26.00 -2.75
N GLY C 100 -26.81 -25.15 -3.46
CA GLY C 100 -26.81 -25.07 -4.90
C GLY C 100 -27.86 -24.07 -5.39
N PRO C 101 -27.92 -23.82 -6.70
CA PRO C 101 -27.18 -24.42 -7.83
C PRO C 101 -25.74 -23.94 -7.99
N THR C 102 -24.94 -24.72 -8.73
CA THR C 102 -23.55 -24.38 -9.00
C THR C 102 -23.44 -23.70 -10.39
N THR C 103 -22.80 -22.54 -10.46
CA THR C 103 -22.62 -21.92 -11.75
C THR C 103 -21.23 -21.35 -11.97
N ASN C 104 -20.22 -22.18 -11.76
CA ASN C 104 -18.89 -21.81 -12.24
C ASN C 104 -18.84 -22.04 -13.78
N MET C 105 -17.75 -21.70 -14.45
CA MET C 105 -17.77 -21.66 -15.87
C MET C 105 -16.73 -22.54 -16.52
N GLN C 106 -17.15 -23.27 -17.54
CA GLN C 106 -16.27 -24.20 -18.22
C GLN C 106 -15.37 -23.48 -19.21
N ARG C 107 -14.41 -22.72 -18.70
CA ARG C 107 -13.59 -21.91 -19.60
C ARG C 107 -12.73 -22.86 -20.44
N GLY C 108 -12.42 -24.04 -19.89
CA GLY C 108 -11.81 -25.12 -20.63
C GLY C 108 -12.61 -26.35 -20.31
N PRO C 109 -12.53 -27.42 -21.13
CA PRO C 109 -13.41 -28.59 -20.96
C PRO C 109 -13.08 -29.56 -19.82
N LEU C 110 -11.87 -29.47 -19.25
CA LEU C 110 -11.32 -30.49 -18.32
C LEU C 110 -11.63 -30.34 -16.85
N GLY C 111 -12.47 -29.38 -16.48
CA GLY C 111 -12.70 -29.06 -15.08
C GLY C 111 -13.31 -30.21 -14.30
N GLY C 112 -12.73 -30.56 -13.17
CA GLY C 112 -13.35 -31.63 -12.40
C GLY C 112 -14.82 -31.45 -12.11
N ARG C 113 -15.30 -30.20 -12.03
CA ARG C 113 -16.71 -29.94 -11.72
C ARG C 113 -17.38 -29.19 -12.87
N GLY C 114 -16.81 -29.32 -14.05
CA GLY C 114 -17.46 -28.82 -15.24
C GLY C 114 -18.85 -29.42 -15.48
N PHE C 115 -19.03 -30.71 -15.16
CA PHE C 115 -20.33 -31.37 -15.23
C PHE C 115 -21.40 -30.70 -14.29
N GLU C 116 -20.96 -30.03 -13.23
CA GLU C 116 -21.89 -29.63 -12.16
C GLU C 116 -22.49 -28.28 -12.38
N SER C 117 -21.79 -27.41 -13.09
CA SER C 117 -22.37 -26.11 -13.42
C SER C 117 -23.22 -26.26 -14.68
N PHE C 118 -23.67 -25.12 -15.24
CA PHE C 118 -24.63 -25.10 -16.40
C PHE C 118 -24.02 -24.98 -17.80
N SER C 119 -23.20 -23.97 -18.01
CA SER C 119 -22.79 -23.65 -19.33
C SER C 119 -21.63 -22.67 -19.37
N GLU C 120 -20.83 -22.78 -20.41
CA GLU C 120 -19.81 -21.82 -20.76
C GLU C 120 -20.36 -20.45 -21.17
N ASP C 121 -21.67 -20.38 -21.46
CA ASP C 121 -22.32 -19.10 -21.74
C ASP C 121 -22.90 -18.43 -20.51
N PRO C 122 -22.47 -17.18 -20.27
CA PRO C 122 -22.87 -16.60 -19.00
C PRO C 122 -24.36 -16.27 -18.98
N TYR C 123 -24.96 -15.91 -20.11
CA TYR C 123 -26.42 -15.73 -20.15
C TYR C 123 -27.22 -17.07 -19.93
N LEU C 124 -26.86 -18.15 -20.62
CA LEU C 124 -27.56 -19.38 -20.34
C LEU C 124 -27.36 -19.80 -18.89
N ALA C 125 -26.10 -19.76 -18.41
CA ALA C 125 -25.78 -20.13 -17.01
C ALA C 125 -26.57 -19.25 -16.06
N GLY C 126 -26.57 -17.96 -16.33
CA GLY C 126 -27.43 -17.01 -15.62
C GLY C 126 -28.91 -17.35 -15.50
N MET C 127 -29.61 -17.48 -16.63
CA MET C 127 -31.03 -17.84 -16.61
C MET C 127 -31.31 -19.24 -16.05
N ALA C 128 -30.38 -20.18 -16.26
CA ALA C 128 -30.59 -21.53 -15.76
C ALA C 128 -30.62 -21.47 -14.24
N THR C 129 -29.61 -20.76 -13.71
CA THR C 129 -29.43 -20.49 -12.32
C THR C 129 -30.62 -19.76 -11.77
N SER C 130 -30.97 -18.67 -12.42
CA SER C 130 -32.13 -17.92 -12.02
C SER C 130 -33.46 -18.73 -11.94
N SER C 131 -33.65 -19.65 -12.90
CA SER C 131 -34.87 -20.49 -12.94
C SER C 131 -34.89 -21.46 -11.79
N VAL C 132 -33.80 -22.21 -11.61
CA VAL C 132 -33.69 -23.19 -10.53
C VAL C 132 -33.90 -22.55 -9.13
N VAL C 133 -33.38 -21.32 -8.95
CA VAL C 133 -33.48 -20.64 -7.67
C VAL C 133 -34.96 -20.28 -7.44
N LYS C 134 -35.57 -19.63 -8.45
CA LYS C 134 -37.00 -19.25 -8.42
C LYS C 134 -37.86 -20.42 -7.97
N GLY C 135 -37.56 -21.61 -8.46
CA GLY C 135 -38.39 -22.79 -8.20
C GLY C 135 -38.24 -23.29 -6.78
N MET C 136 -37.00 -23.26 -6.29
CA MET C 136 -36.66 -23.66 -4.95
C MET C 136 -37.32 -22.75 -3.94
N GLN C 137 -37.17 -21.43 -4.16
CA GLN C 137 -37.50 -20.42 -3.13
C GLN C 137 -38.97 -19.99 -3.19
N GLY C 138 -39.60 -20.28 -4.33
CA GLY C 138 -41.05 -20.23 -4.45
C GLY C 138 -41.72 -21.26 -3.56
N GLU C 139 -41.04 -22.36 -3.24
CA GLU C 139 -41.55 -23.35 -2.31
C GLU C 139 -41.04 -23.07 -0.88
N GLY C 140 -40.52 -21.87 -0.61
CA GLY C 140 -40.01 -21.57 0.73
C GLY C 140 -38.64 -22.11 1.11
N ILE C 141 -38.03 -22.95 0.30
CA ILE C 141 -36.64 -23.35 0.48
C ILE C 141 -35.59 -22.35 -0.07
N ALA C 142 -34.57 -22.04 0.76
CA ALA C 142 -33.46 -21.11 0.44
C ALA C 142 -32.49 -21.74 -0.52
N ALA C 143 -32.09 -20.97 -1.54
CA ALA C 143 -30.99 -21.37 -2.40
C ALA C 143 -29.62 -20.82 -1.94
N THR C 144 -28.56 -21.52 -2.35
CA THR C 144 -27.18 -21.07 -2.15
C THR C 144 -26.47 -21.12 -3.50
N VAL C 145 -26.43 -20.02 -4.23
CA VAL C 145 -25.71 -20.05 -5.51
C VAL C 145 -24.21 -20.07 -5.23
N LYS C 146 -23.50 -20.99 -5.88
CA LYS C 146 -22.10 -21.22 -5.59
C LYS C 146 -21.35 -21.46 -6.88
N HIS C 147 -20.01 -21.35 -6.92
CA HIS C 147 -19.12 -20.84 -5.88
C HIS C 147 -18.55 -19.52 -6.35
N PHE C 148 -18.79 -18.46 -5.58
CA PHE C 148 -18.44 -17.11 -5.92
C PHE C 148 -16.95 -16.73 -5.57
N VAL C 149 -16.04 -16.54 -6.54
CA VAL C 149 -16.28 -16.70 -7.97
C VAL C 149 -14.97 -17.18 -8.61
N CYS C 150 -14.99 -17.60 -9.88
CA CYS C 150 -13.78 -18.10 -10.58
C CYS C 150 -13.17 -19.38 -9.99
N ASN C 151 -14.02 -20.18 -9.35
CA ASN C 151 -13.67 -21.56 -9.04
C ASN C 151 -13.90 -22.43 -10.28
N ASP C 152 -13.07 -22.23 -11.30
CA ASP C 152 -13.34 -22.87 -12.60
C ASP C 152 -12.37 -24.02 -12.97
N LEU C 153 -11.52 -24.44 -12.03
CA LEU C 153 -10.85 -25.73 -12.09
C LEU C 153 -10.69 -26.25 -10.65
N GLU C 154 -10.25 -27.46 -10.47
CA GLU C 154 -10.16 -28.04 -9.16
C GLU C 154 -8.80 -28.12 -8.57
N ASP C 155 -7.79 -27.91 -9.36
CA ASP C 155 -6.44 -28.12 -8.95
C ASP C 155 -5.95 -27.04 -8.08
N GLN C 156 -5.60 -27.51 -6.89
CA GLN C 156 -5.10 -26.72 -5.82
C GLN C 156 -6.06 -25.62 -5.52
N ARG C 157 -7.33 -25.94 -5.56
CA ARG C 157 -8.37 -24.93 -5.41
C ARG C 157 -8.32 -24.13 -4.12
N PHE C 158 -7.75 -24.69 -3.06
CA PHE C 158 -7.68 -23.99 -1.76
C PHE C 158 -6.79 -22.74 -1.79
N SER C 159 -5.86 -22.74 -2.76
CA SER C 159 -4.85 -21.72 -2.92
C SER C 159 -4.81 -21.11 -4.31
N SER C 160 -5.58 -21.66 -5.24
CA SER C 160 -5.45 -21.30 -6.64
C SER C 160 -5.81 -19.85 -6.83
N ASN C 161 -4.95 -19.09 -7.52
CA ASN C 161 -5.19 -17.65 -7.74
C ASN C 161 -5.59 -17.48 -9.18
N SER C 162 -6.90 -17.24 -9.40
CA SER C 162 -7.44 -16.96 -10.74
C SER C 162 -7.13 -15.53 -11.07
N ILE C 163 -6.23 -15.33 -12.04
CA ILE C 163 -5.78 -13.99 -12.43
C ILE C 163 -6.51 -13.64 -13.72
N VAL C 164 -7.41 -12.68 -13.64
CA VAL C 164 -8.41 -12.51 -14.69
C VAL C 164 -8.74 -11.03 -14.83
N SER C 165 -8.79 -10.49 -16.05
CA SER C 165 -9.00 -9.06 -16.25
C SER C 165 -10.33 -8.62 -15.59
N GLU C 166 -10.51 -7.34 -15.37
CA GLU C 166 -11.81 -6.92 -14.88
C GLU C 166 -12.92 -7.19 -15.93
N ARG C 167 -12.63 -6.98 -17.22
CA ARG C 167 -13.65 -7.19 -18.27
C ARG C 167 -14.17 -8.65 -18.28
N ALA C 168 -13.25 -9.59 -18.33
CA ALA C 168 -13.59 -10.98 -18.30
C ALA C 168 -14.35 -11.32 -17.05
N LEU C 169 -13.90 -10.73 -15.92
CA LEU C 169 -14.49 -11.06 -14.66
C LEU C 169 -15.92 -10.64 -14.70
N ARG C 170 -16.14 -9.42 -15.21
CA ARG C 170 -17.48 -8.85 -15.33
C ARG C 170 -18.40 -9.61 -16.27
N GLU C 171 -17.91 -9.82 -17.50
CA GLU C 171 -18.69 -10.38 -18.60
C GLU C 171 -18.88 -11.88 -18.54
N ILE C 172 -17.92 -12.63 -17.98
CA ILE C 172 -18.07 -14.09 -17.92
C ILE C 172 -18.43 -14.65 -16.56
N TYR C 173 -17.70 -14.25 -15.52
CA TYR C 173 -17.74 -15.07 -14.31
C TYR C 173 -18.72 -14.48 -13.33
N LEU C 174 -18.70 -13.16 -13.16
CA LEU C 174 -19.69 -12.52 -12.28
C LEU C 174 -21.10 -12.56 -12.85
N GLU C 175 -21.23 -12.48 -14.17
CA GLU C 175 -22.53 -12.37 -14.87
C GLU C 175 -23.60 -13.38 -14.45
N PRO C 176 -23.25 -14.68 -14.44
CA PRO C 176 -24.30 -15.63 -14.04
C PRO C 176 -24.86 -15.27 -12.65
N PHE C 177 -23.99 -14.76 -11.77
CA PHE C 177 -24.38 -14.41 -10.42
C PHE C 177 -25.21 -13.14 -10.46
N ARG C 178 -24.81 -12.16 -11.29
CA ARG C 178 -25.55 -10.92 -11.39
C ARG C 178 -26.99 -11.22 -11.90
N LEU C 179 -27.07 -12.05 -12.93
CA LEU C 179 -28.35 -12.43 -13.45
C LEU C 179 -29.16 -13.13 -12.35
N ALA C 180 -28.56 -14.00 -11.57
CA ALA C 180 -29.32 -14.70 -10.56
C ALA C 180 -29.75 -13.78 -9.37
N VAL C 181 -28.94 -12.78 -9.06
CA VAL C 181 -29.25 -11.86 -8.01
C VAL C 181 -30.39 -10.95 -8.50
N LYS C 182 -30.24 -10.43 -9.71
CA LYS C 182 -31.21 -9.51 -10.26
C LYS C 182 -32.60 -10.15 -10.39
N HIS C 183 -32.67 -11.38 -10.88
CA HIS C 183 -33.94 -12.05 -11.23
C HIS C 183 -34.48 -12.95 -10.16
N ALA C 184 -33.60 -13.59 -9.39
CA ALA C 184 -34.04 -14.63 -8.44
C ALA C 184 -33.80 -14.30 -6.98
N ASN C 185 -33.01 -13.25 -6.70
CA ASN C 185 -32.68 -12.88 -5.34
C ASN C 185 -32.36 -14.10 -4.43
N PRO C 186 -31.27 -14.83 -4.72
CA PRO C 186 -31.05 -16.01 -3.87
C PRO C 186 -30.86 -15.64 -2.40
N VAL C 187 -31.25 -16.57 -1.53
CA VAL C 187 -31.20 -16.30 -0.13
C VAL C 187 -29.75 -16.33 0.29
N CYS C 188 -29.00 -17.34 -0.17
CA CYS C 188 -27.58 -17.50 0.17
C CYS C 188 -26.67 -17.57 -1.04
N ILE C 189 -25.40 -17.22 -0.85
CA ILE C 189 -24.35 -17.45 -1.85
C ILE C 189 -23.14 -18.10 -1.12
N MET C 190 -22.49 -19.09 -1.72
CA MET C 190 -21.34 -19.64 -1.09
C MET C 190 -20.07 -19.12 -1.76
N THR C 191 -19.14 -18.62 -0.95
CA THR C 191 -17.88 -18.08 -1.48
C THR C 191 -16.96 -19.22 -1.96
N ALA C 192 -16.20 -18.98 -3.02
CA ALA C 192 -15.34 -20.00 -3.61
C ALA C 192 -14.11 -20.32 -2.72
N TYR C 193 -13.48 -21.47 -2.98
CA TYR C 193 -12.21 -21.80 -2.33
C TYR C 193 -11.03 -20.92 -2.76
N ASN C 194 -10.96 -20.52 -4.03
CA ASN C 194 -9.75 -19.95 -4.64
C ASN C 194 -9.60 -18.45 -4.36
N LYS C 195 -8.50 -17.88 -4.86
CA LYS C 195 -8.35 -16.43 -4.87
C LYS C 195 -8.75 -15.88 -6.19
N VAL C 196 -9.16 -14.61 -6.20
CA VAL C 196 -9.29 -13.87 -7.44
C VAL C 196 -8.22 -12.74 -7.37
N ASN C 197 -7.32 -12.69 -8.36
CA ASN C 197 -6.31 -11.59 -8.41
C ASN C 197 -5.60 -11.33 -7.10
N GLY C 198 -5.13 -12.41 -6.45
CA GLY C 198 -4.36 -12.34 -5.23
C GLY C 198 -5.07 -12.46 -3.89
N GLU C 199 -6.39 -12.47 -3.87
CA GLU C 199 -7.10 -12.41 -2.59
C GLU C 199 -8.09 -13.56 -2.50
N HIS C 200 -8.14 -14.24 -1.38
CA HIS C 200 -9.07 -15.34 -1.25
C HIS C 200 -10.49 -14.80 -1.28
N CYS C 201 -11.38 -15.38 -2.09
CA CYS C 201 -12.73 -14.84 -2.27
C CYS C 201 -13.50 -14.66 -0.98
N SER C 202 -13.18 -15.51 0.00
CA SER C 202 -13.98 -15.54 1.24
C SER C 202 -13.54 -14.41 2.14
N GLN C 203 -12.53 -13.65 1.72
CA GLN C 203 -12.10 -12.45 2.48
C GLN C 203 -11.90 -11.29 1.55
N SER C 204 -12.46 -11.38 0.35
CA SER C 204 -12.32 -10.32 -0.61
C SER C 204 -13.41 -9.26 -0.49
N LYS C 205 -13.04 -8.13 0.11
CA LYS C 205 -13.92 -7.00 0.26
C LYS C 205 -14.47 -6.50 -1.10
N LYS C 206 -13.61 -6.37 -2.09
CA LYS C 206 -14.08 -6.11 -3.46
C LYS C 206 -15.25 -7.01 -3.87
N LEU C 207 -15.13 -8.32 -3.68
CA LEU C 207 -16.19 -9.20 -4.15
C LEU C 207 -17.40 -9.23 -3.23
N LEU C 208 -17.16 -9.25 -1.91
CA LEU C 208 -18.18 -9.64 -0.95
C LEU C 208 -18.95 -8.43 -0.51
N ILE C 209 -18.26 -7.28 -0.48
CA ILE C 209 -18.87 -5.99 -0.12
C ILE C 209 -19.05 -5.00 -1.30
N ASP C 210 -17.97 -4.59 -1.95
CA ASP C 210 -18.08 -3.52 -2.95
C ASP C 210 -19.05 -3.88 -4.09
N ILE C 211 -18.94 -5.08 -4.61
CA ILE C 211 -19.79 -5.58 -5.66
C ILE C 211 -21.15 -6.11 -5.16
N LEU C 212 -21.15 -7.17 -4.33
CA LEU C 212 -22.39 -7.73 -3.84
C LEU C 212 -23.27 -6.72 -3.05
N ARG C 213 -22.65 -5.92 -2.18
CA ARG C 213 -23.45 -5.10 -1.30
C ARG C 213 -23.66 -3.72 -1.88
N ASP C 214 -22.60 -2.93 -2.00
CA ASP C 214 -22.70 -1.56 -2.43
C ASP C 214 -23.22 -1.42 -3.86
N GLU C 215 -22.81 -2.32 -4.76
CA GLU C 215 -23.19 -2.18 -6.16
C GLU C 215 -24.52 -2.88 -6.49
N TRP C 216 -24.61 -4.18 -6.26
CA TRP C 216 -25.79 -4.96 -6.58
C TRP C 216 -26.90 -4.86 -5.52
N LYS C 217 -26.59 -4.32 -4.34
CA LYS C 217 -27.56 -4.23 -3.20
C LYS C 217 -28.20 -5.60 -2.85
N TRP C 218 -27.45 -6.66 -3.08
CA TRP C 218 -27.94 -7.95 -2.66
C TRP C 218 -27.80 -8.07 -1.14
N ASP C 219 -28.76 -8.74 -0.51
CA ASP C 219 -28.91 -8.71 0.95
C ASP C 219 -29.06 -10.08 1.53
N GLY C 220 -28.66 -11.08 0.77
CA GLY C 220 -28.60 -12.46 1.27
C GLY C 220 -27.40 -12.70 2.15
N MET C 221 -27.17 -13.99 2.43
CA MET C 221 -26.15 -14.40 3.36
C MET C 221 -25.02 -15.14 2.61
N LEU C 222 -23.78 -14.76 2.91
CA LEU C 222 -22.55 -15.43 2.47
C LEU C 222 -22.05 -16.50 3.42
N MET C 223 -21.98 -17.72 2.91
CA MET C 223 -21.35 -18.80 3.66
C MET C 223 -20.11 -19.18 2.91
N SER C 224 -19.10 -19.64 3.64
CA SER C 224 -17.89 -20.10 3.00
C SER C 224 -18.09 -21.46 2.42
N ASP C 225 -17.27 -21.83 1.46
CA ASP C 225 -17.12 -23.22 1.14
C ASP C 225 -16.55 -23.92 2.44
N TRP C 226 -16.66 -25.24 2.50
CA TRP C 226 -16.38 -25.98 3.69
C TRP C 226 -14.91 -25.99 3.98
N PHE C 227 -14.49 -25.35 5.10
CA PHE C 227 -13.08 -25.08 5.42
C PHE C 227 -12.44 -23.96 4.58
N GLY C 228 -13.22 -23.34 3.69
CA GLY C 228 -12.76 -22.27 2.82
C GLY C 228 -12.69 -20.92 3.52
N THR C 229 -12.14 -20.94 4.74
CA THR C 229 -11.88 -19.72 5.48
C THR C 229 -10.39 -19.70 5.82
N TYR C 230 -9.78 -18.53 5.69
CA TYR C 230 -8.34 -18.46 5.76
C TYR C 230 -7.80 -17.48 6.81
N THR C 231 -8.66 -16.61 7.35
CA THR C 231 -8.25 -15.67 8.38
C THR C 231 -9.33 -15.56 9.41
N THR C 232 -9.00 -15.05 10.60
CA THR C 232 -10.02 -14.77 11.63
C THR C 232 -10.62 -13.39 11.39
N ALA C 233 -9.76 -12.38 11.41
CA ALA C 233 -10.18 -11.00 11.32
C ALA C 233 -10.50 -10.54 9.85
N ALA C 234 -9.69 -10.84 8.82
CA ALA C 234 -9.99 -10.27 7.50
C ALA C 234 -11.33 -10.70 6.94
N ALA C 235 -11.70 -11.98 7.11
CA ALA C 235 -12.95 -12.54 6.59
C ALA C 235 -14.11 -11.89 7.26
N ILE C 236 -13.99 -11.63 8.56
CA ILE C 236 -15.09 -10.94 9.27
C ILE C 236 -15.24 -9.51 8.73
N LYS C 237 -14.12 -8.79 8.66
CA LYS C 237 -14.13 -7.44 8.19
C LYS C 237 -14.63 -7.39 6.74
N ASN C 238 -14.23 -8.36 5.93
CA ASN C 238 -14.44 -8.19 4.50
C ASN C 238 -15.73 -8.81 3.97
N GLY C 239 -16.50 -9.44 4.85
CA GLY C 239 -17.90 -9.74 4.54
C GLY C 239 -18.33 -11.19 4.45
N LEU C 240 -17.48 -12.11 4.88
CA LEU C 240 -17.93 -13.50 4.98
C LEU C 240 -18.82 -13.68 6.21
N ASP C 241 -20.11 -13.93 5.97
CA ASP C 241 -21.08 -13.95 7.05
C ASP C 241 -20.93 -15.19 7.94
N ILE C 242 -20.73 -16.37 7.35
CA ILE C 242 -20.66 -17.61 8.18
C ILE C 242 -19.70 -18.71 7.70
N GLU C 243 -18.89 -19.18 8.65
CA GLU C 243 -17.87 -20.17 8.39
C GLU C 243 -18.51 -21.57 8.51
N PHE C 244 -18.33 -22.37 7.47
CA PHE C 244 -18.72 -23.74 7.48
C PHE C 244 -17.48 -24.56 7.23
N PRO C 245 -17.44 -25.78 7.79
CA PRO C 245 -18.44 -26.29 8.77
C PRO C 245 -18.03 -26.02 10.22
N GLY C 246 -18.96 -26.26 11.14
CA GLY C 246 -18.59 -26.41 12.54
C GLY C 246 -17.88 -27.74 12.75
N PRO C 247 -17.09 -27.86 13.83
CA PRO C 247 -16.81 -26.78 14.80
C PRO C 247 -15.79 -25.78 14.27
N THR C 248 -16.00 -24.52 14.63
CA THR C 248 -15.23 -23.41 14.08
C THR C 248 -13.74 -23.57 14.30
N ARG C 249 -12.98 -23.21 13.26
CA ARG C 249 -11.54 -23.08 13.37
C ARG C 249 -11.13 -21.61 13.52
N TRP C 250 -11.74 -20.72 12.75
CA TRP C 250 -11.18 -19.39 12.64
C TRP C 250 -11.92 -18.42 13.49
N ARG C 251 -12.99 -18.89 14.09
CA ARG C 251 -13.89 -17.95 14.70
C ARG C 251 -14.26 -18.40 16.09
N THR C 252 -13.29 -18.94 16.84
CA THR C 252 -13.62 -19.34 18.21
C THR C 252 -13.91 -18.09 18.98
N ARG C 253 -14.56 -18.19 20.14
CA ARG C 253 -14.82 -16.99 20.96
C ARG C 253 -13.46 -16.25 21.34
N ALA C 254 -12.48 -17.04 21.73
CA ALA C 254 -11.18 -16.53 22.11
C ALA C 254 -10.59 -15.65 20.92
N LEU C 255 -10.52 -16.25 19.74
CA LEU C 255 -9.89 -15.64 18.56
C LEU C 255 -10.58 -14.32 18.24
N VAL C 256 -11.89 -14.34 18.20
CA VAL C 256 -12.63 -13.20 17.76
C VAL C 256 -12.61 -12.11 18.81
N SER C 257 -12.91 -12.47 20.04
CA SER C 257 -13.06 -11.45 21.05
C SER C 257 -11.68 -10.93 21.39
N HIS C 258 -10.66 -11.77 21.32
CA HIS C 258 -9.28 -11.27 21.46
C HIS C 258 -8.94 -10.26 20.35
N SER C 259 -9.22 -10.57 19.09
CA SER C 259 -9.07 -9.56 18.03
C SER C 259 -9.80 -8.25 18.35
N LEU C 260 -11.06 -8.34 18.85
CA LEU C 260 -11.84 -7.14 19.19
C LEU C 260 -11.21 -6.32 20.33
N ASN C 261 -10.79 -7.01 21.40
CA ASN C 261 -10.24 -6.34 22.57
C ASN C 261 -8.85 -5.80 22.32
N SER C 262 -8.15 -6.37 21.35
CA SER C 262 -6.81 -5.92 21.05
C SER C 262 -6.75 -4.93 19.93
N ARG C 263 -7.89 -4.52 19.40
CA ARG C 263 -7.98 -3.67 18.26
C ARG C 263 -7.22 -4.25 17.11
N GLU C 264 -7.33 -5.53 16.84
CA GLU C 264 -6.66 -6.02 15.67
C GLU C 264 -7.70 -6.26 14.60
N GLN C 265 -7.63 -5.45 13.56
CA GLN C 265 -8.46 -5.57 12.38
C GLN C 265 -9.94 -5.22 12.42
N ILE C 266 -10.66 -5.74 13.40
CA ILE C 266 -12.10 -5.71 13.46
C ILE C 266 -12.71 -4.99 14.63
N THR C 267 -13.94 -4.55 14.44
CA THR C 267 -14.73 -3.84 15.40
C THR C 267 -15.99 -4.59 15.64
N THR C 268 -16.74 -4.25 16.67
CA THR C 268 -17.98 -4.94 17.00
C THR C 268 -19.03 -4.69 15.93
N GLU C 269 -18.85 -3.59 15.22
CA GLU C 269 -19.74 -3.28 14.13
C GLU C 269 -19.54 -4.27 12.98
N ASP C 270 -18.29 -4.64 12.68
CA ASP C 270 -18.07 -5.68 11.70
C ASP C 270 -18.80 -6.96 12.10
N VAL C 271 -18.64 -7.34 13.37
CA VAL C 271 -19.25 -8.55 13.87
C VAL C 271 -20.80 -8.46 13.76
N ASP C 272 -21.36 -7.36 14.27
CA ASP C 272 -22.76 -7.02 13.99
C ASP C 272 -23.15 -7.16 12.51
N ASP C 273 -22.55 -6.37 11.64
CA ASP C 273 -22.75 -6.51 10.18
C ASP C 273 -22.86 -7.97 9.71
N ARG C 274 -21.90 -8.81 10.10
CA ARG C 274 -21.96 -10.21 9.75
C ARG C 274 -23.19 -10.87 10.36
N VAL C 275 -23.39 -10.68 11.67
CA VAL C 275 -24.46 -11.42 12.37
C VAL C 275 -25.79 -11.07 11.75
N ARG C 276 -25.99 -9.76 11.53
CA ARG C 276 -27.18 -9.27 10.84
C ARG C 276 -27.49 -10.10 9.61
N GLN C 277 -26.50 -10.43 8.79
CA GLN C 277 -26.81 -11.19 7.56
C GLN C 277 -27.22 -12.62 7.89
N VAL C 278 -26.62 -13.19 8.92
CA VAL C 278 -27.04 -14.52 9.30
C VAL C 278 -28.52 -14.46 9.75
N LEU C 279 -28.85 -13.44 10.54
CA LEU C 279 -30.20 -13.30 11.09
C LEU C 279 -31.26 -13.27 9.99
N LYS C 280 -30.92 -12.64 8.86
CA LYS C 280 -31.85 -12.52 7.72
C LYS C 280 -32.03 -13.86 7.05
N MET C 281 -30.99 -14.67 7.00
CA MET C 281 -31.18 -15.96 6.37
C MET C 281 -32.17 -16.71 7.25
N ILE C 282 -31.90 -16.68 8.56
CA ILE C 282 -32.69 -17.45 9.49
C ILE C 282 -34.13 -16.93 9.41
N LYS C 283 -34.28 -15.62 9.25
CA LYS C 283 -35.61 -15.05 9.11
C LYS C 283 -36.40 -15.72 7.95
N PHE C 284 -35.69 -15.96 6.84
CA PHE C 284 -36.33 -16.53 5.68
C PHE C 284 -36.82 -17.94 6.03
N VAL C 285 -36.00 -18.68 6.77
CA VAL C 285 -36.32 -20.06 7.08
C VAL C 285 -37.54 -20.11 7.98
N VAL C 286 -37.56 -19.25 9.00
CA VAL C 286 -38.60 -19.28 10.02
C VAL C 286 -39.96 -18.85 9.48
N ASP C 287 -40.00 -17.71 8.78
CA ASP C 287 -41.17 -17.21 8.08
C ASP C 287 -41.77 -18.26 7.12
N ASN C 288 -40.98 -19.22 6.67
CA ASN C 288 -41.49 -20.24 5.75
C ASN C 288 -41.79 -21.57 6.41
N LEU C 289 -41.60 -21.67 7.72
CA LEU C 289 -41.73 -22.97 8.41
C LEU C 289 -43.16 -23.54 8.35
N GLU C 290 -44.17 -22.68 8.20
CA GLU C 290 -45.52 -23.20 8.14
C GLU C 290 -45.84 -23.67 6.74
N LYS C 291 -45.27 -22.99 5.73
CA LYS C 291 -45.33 -23.46 4.33
C LYS C 291 -44.56 -24.77 4.10
N THR C 292 -43.31 -24.81 4.51
CA THR C 292 -42.47 -25.97 4.26
C THR C 292 -42.68 -27.13 5.25
N GLY C 293 -43.07 -26.80 6.46
CA GLY C 293 -43.09 -27.74 7.58
C GLY C 293 -41.74 -28.29 7.99
N ILE C 294 -40.67 -27.48 7.91
CA ILE C 294 -39.38 -28.03 8.33
C ILE C 294 -39.34 -28.24 9.84
N VAL C 295 -38.60 -29.25 10.26
CA VAL C 295 -38.50 -29.63 11.64
C VAL C 295 -37.03 -29.53 12.08
N GLU C 296 -36.76 -28.71 13.07
CA GLU C 296 -35.41 -28.46 13.48
C GLU C 296 -34.83 -29.75 13.90
N ASN C 297 -33.69 -30.07 13.35
CA ASN C 297 -32.97 -31.30 13.58
C ASN C 297 -33.89 -32.45 13.31
N GLY C 298 -34.74 -32.31 12.32
CA GLY C 298 -35.78 -33.25 12.04
C GLY C 298 -35.23 -34.47 11.43
N PRO C 299 -36.01 -35.50 11.31
CA PRO C 299 -35.46 -36.70 10.65
C PRO C 299 -35.45 -36.54 9.13
N GLU C 300 -34.86 -37.53 8.47
CA GLU C 300 -34.69 -37.57 7.05
C GLU C 300 -35.45 -38.77 6.45
N SER C 301 -36.45 -38.49 5.62
CA SER C 301 -37.19 -39.54 4.93
C SER C 301 -36.84 -39.63 3.46
N THR C 302 -37.44 -40.63 2.84
CA THR C 302 -37.53 -40.83 1.41
C THR C 302 -39.00 -40.61 1.07
N SER C 303 -39.68 -39.78 1.85
CA SER C 303 -41.09 -39.52 1.64
C SER C 303 -41.42 -39.09 0.20
N ASN C 304 -40.52 -38.34 -0.45
CA ASN C 304 -40.78 -37.83 -1.82
C ASN C 304 -40.56 -38.85 -2.96
N ASN C 305 -40.19 -40.09 -2.63
CA ASN C 305 -40.05 -41.20 -3.60
C ASN C 305 -41.41 -41.67 -4.16
N THR C 306 -42.01 -40.89 -5.06
CA THR C 306 -43.31 -41.18 -5.67
C THR C 306 -43.19 -41.34 -7.18
N LYS C 307 -44.23 -41.89 -7.81
CA LYS C 307 -44.25 -42.00 -9.27
C LYS C 307 -44.25 -40.59 -9.88
N GLU C 308 -44.92 -39.66 -9.22
CA GLU C 308 -45.04 -38.31 -9.69
C GLU C 308 -43.66 -37.59 -9.73
N THR C 309 -42.85 -37.87 -8.72
CA THR C 309 -41.46 -37.43 -8.70
C THR C 309 -40.68 -38.16 -9.80
N SER C 310 -40.88 -39.47 -9.88
CA SER C 310 -40.24 -40.30 -10.88
C SER C 310 -40.42 -39.80 -12.30
N ASP C 311 -41.64 -39.36 -12.63
CA ASP C 311 -41.96 -38.93 -13.99
C ASP C 311 -41.27 -37.62 -14.31
N LEU C 312 -41.23 -36.73 -13.33
CA LEU C 312 -40.53 -35.45 -13.41
C LEU C 312 -39.03 -35.68 -13.71
N LEU C 313 -38.39 -36.57 -12.97
CA LEU C 313 -36.96 -36.80 -13.16
C LEU C 313 -36.68 -37.47 -14.51
N ARG C 314 -37.62 -38.33 -14.93
CA ARG C 314 -37.62 -38.92 -16.26
C ARG C 314 -37.76 -37.84 -17.34
N LYS C 315 -38.72 -36.92 -17.18
CA LYS C 315 -38.96 -35.82 -18.13
C LYS C 315 -37.72 -34.95 -18.25
N ILE C 316 -37.31 -34.43 -17.10
CA ILE C 316 -36.15 -33.60 -17.00
C ILE C 316 -34.93 -34.29 -17.59
N ALA C 317 -34.78 -35.59 -17.31
CA ALA C 317 -33.64 -36.29 -17.89
C ALA C 317 -33.76 -36.38 -19.41
N ALA C 318 -34.98 -36.54 -19.90
CA ALA C 318 -35.16 -36.93 -21.29
C ALA C 318 -34.97 -35.72 -22.19
N ASP C 319 -35.44 -34.57 -21.69
CA ASP C 319 -35.22 -33.29 -22.31
C ASP C 319 -33.77 -32.79 -22.29
N SER C 320 -32.93 -33.39 -21.44
CA SER C 320 -31.55 -32.98 -21.33
C SER C 320 -30.69 -33.47 -22.47
N ILE C 321 -31.12 -34.61 -23.00
CA ILE C 321 -30.37 -35.37 -23.97
C ILE C 321 -30.20 -34.51 -25.19
N VAL C 322 -29.03 -34.62 -25.84
CA VAL C 322 -28.83 -33.95 -27.12
C VAL C 322 -28.49 -34.95 -28.18
N LEU C 323 -29.16 -34.84 -29.32
CA LEU C 323 -28.90 -35.74 -30.41
C LEU C 323 -27.89 -35.01 -31.25
N LEU C 324 -26.77 -35.66 -31.48
CA LEU C 324 -25.68 -35.03 -32.21
C LEU C 324 -25.59 -35.44 -33.67
N LYS C 325 -25.98 -36.67 -33.97
CA LYS C 325 -26.01 -37.19 -35.34
C LYS C 325 -27.16 -38.18 -35.51
N ASN C 326 -27.70 -38.25 -36.72
CA ASN C 326 -28.72 -39.22 -37.05
C ASN C 326 -28.83 -39.34 -38.57
N LYS C 327 -27.80 -39.95 -39.17
CA LYS C 327 -27.82 -40.18 -40.61
C LYS C 327 -28.71 -41.37 -41.00
N ASN C 328 -29.49 -41.19 -42.07
CA ASN C 328 -30.25 -42.28 -42.72
C ASN C 328 -31.26 -42.98 -41.80
N ASN C 329 -32.04 -42.15 -41.10
CA ASN C 329 -32.97 -42.58 -40.07
C ASN C 329 -32.65 -43.79 -39.14
N ILE C 330 -31.41 -43.97 -38.69
CA ILE C 330 -31.14 -44.99 -37.66
C ILE C 330 -32.05 -44.74 -36.43
N LEU C 331 -32.15 -43.49 -36.00
CA LEU C 331 -33.03 -43.19 -34.90
C LEU C 331 -34.21 -42.46 -35.49
N PRO C 332 -35.38 -42.60 -34.85
CA PRO C 332 -35.60 -43.49 -33.70
C PRO C 332 -35.50 -44.97 -34.04
N LEU C 333 -35.01 -45.75 -33.10
CA LEU C 333 -35.26 -47.16 -33.13
C LEU C 333 -36.79 -47.43 -33.07
N LYS C 334 -37.21 -48.51 -33.73
CA LYS C 334 -38.57 -49.00 -33.53
C LYS C 334 -38.39 -50.40 -33.00
N LYS C 335 -39.35 -50.85 -32.19
CA LYS C 335 -39.24 -52.13 -31.45
C LYS C 335 -39.13 -53.38 -32.35
N GLU C 336 -39.56 -53.24 -33.63
CA GLU C 336 -39.31 -54.23 -34.72
C GLU C 336 -37.81 -54.52 -35.01
N ASP C 337 -36.94 -53.55 -34.67
CA ASP C 337 -35.51 -53.69 -34.90
C ASP C 337 -34.89 -54.81 -34.03
N ASN C 338 -34.13 -55.68 -34.68
CA ASN C 338 -33.36 -56.62 -33.90
C ASN C 338 -32.12 -55.91 -33.30
N ILE C 339 -32.05 -55.90 -31.97
CA ILE C 339 -30.92 -55.20 -31.35
C ILE C 339 -30.08 -55.96 -30.33
N ILE C 340 -28.80 -55.60 -30.29
CA ILE C 340 -27.94 -55.87 -29.16
C ILE C 340 -27.51 -54.56 -28.53
N VAL C 341 -27.35 -54.57 -27.20
CA VAL C 341 -26.81 -53.45 -26.43
C VAL C 341 -25.40 -53.80 -25.97
N ILE C 342 -24.51 -52.79 -26.02
CA ILE C 342 -23.08 -52.96 -25.79
C ILE C 342 -22.47 -51.73 -25.09
N GLY C 343 -21.39 -51.98 -24.35
CA GLY C 343 -20.47 -50.93 -23.93
C GLY C 343 -20.37 -50.81 -22.42
N PRO C 344 -19.24 -50.28 -21.93
CA PRO C 344 -18.91 -50.23 -20.51
C PRO C 344 -19.90 -49.45 -19.65
N ASN C 345 -20.65 -48.57 -20.29
CA ASN C 345 -21.63 -47.75 -19.57
C ASN C 345 -23.04 -48.30 -19.60
N ALA C 346 -23.26 -49.31 -20.44
CA ALA C 346 -24.55 -49.98 -20.63
C ALA C 346 -25.25 -50.42 -19.33
N LYS C 347 -24.55 -51.22 -18.53
CA LYS C 347 -25.15 -51.65 -17.28
C LYS C 347 -24.66 -50.81 -16.11
N ALA C 348 -24.03 -49.68 -16.42
CA ALA C 348 -23.53 -48.75 -15.41
C ALA C 348 -24.65 -47.81 -14.98
N LYS C 349 -24.57 -47.33 -13.76
CA LYS C 349 -25.54 -46.40 -13.28
C LYS C 349 -24.84 -45.10 -12.99
N THR C 350 -24.33 -44.48 -14.06
CA THR C 350 -23.65 -43.18 -13.95
C THR C 350 -24.65 -42.02 -13.84
N SER C 351 -25.20 -41.87 -12.63
CA SER C 351 -26.26 -40.92 -12.33
C SER C 351 -25.80 -39.49 -12.12
N SER C 352 -24.57 -39.30 -11.64
CA SER C 352 -24.08 -37.96 -11.31
C SER C 352 -22.59 -37.87 -11.52
N GLY C 353 -22.06 -36.64 -11.39
CA GLY C 353 -20.61 -36.47 -11.30
C GLY C 353 -20.17 -36.90 -9.91
N GLY C 354 -18.86 -37.08 -9.71
CA GLY C 354 -18.31 -37.39 -8.39
C GLY C 354 -18.27 -36.22 -7.39
N GLY C 355 -18.36 -36.53 -6.09
CA GLY C 355 -18.03 -35.55 -5.05
C GLY C 355 -19.25 -35.08 -4.34
N SER C 356 -19.28 -33.82 -3.91
CA SER C 356 -20.40 -33.29 -3.11
C SER C 356 -21.72 -33.14 -3.87
N ALA C 357 -21.67 -33.21 -5.20
CA ALA C 357 -22.90 -33.09 -5.97
C ALA C 357 -23.64 -34.44 -5.95
N SER C 358 -22.92 -35.50 -5.62
CA SER C 358 -23.48 -36.85 -5.60
C SER C 358 -24.30 -37.14 -4.31
N MET C 359 -24.96 -38.30 -4.26
CA MET C 359 -25.85 -38.66 -3.14
C MET C 359 -26.17 -40.16 -3.17
N ASN C 360 -27.05 -40.59 -2.25
CA ASN C 360 -27.64 -41.94 -2.32
C ASN C 360 -28.98 -41.90 -3.06
N SER C 361 -29.15 -42.75 -4.06
CA SER C 361 -30.38 -42.68 -4.88
C SER C 361 -31.43 -43.70 -4.50
N TYR C 362 -32.70 -43.30 -4.52
CA TYR C 362 -33.79 -44.30 -4.48
C TYR C 362 -33.43 -45.49 -5.38
N TYR C 363 -33.08 -45.23 -6.64
CA TYR C 363 -32.66 -46.28 -7.58
C TYR C 363 -32.05 -45.47 -8.70
N VAL C 364 -31.20 -46.11 -9.49
CA VAL C 364 -30.81 -45.56 -10.80
C VAL C 364 -31.17 -46.61 -11.89
N VAL C 365 -31.95 -46.22 -12.89
CA VAL C 365 -32.21 -47.11 -14.02
C VAL C 365 -31.00 -47.06 -14.94
N SER C 366 -30.31 -48.19 -15.06
CA SER C 366 -29.24 -48.31 -16.06
C SER C 366 -29.80 -48.11 -17.49
N PRO C 367 -28.94 -47.75 -18.49
CA PRO C 367 -29.54 -47.61 -19.80
C PRO C 367 -30.05 -48.98 -20.28
N TYR C 368 -29.26 -50.03 -20.07
CA TYR C 368 -29.68 -51.39 -20.35
C TYR C 368 -31.09 -51.66 -19.79
N GLU C 369 -31.27 -51.48 -18.49
CA GLU C 369 -32.55 -51.60 -17.85
C GLU C 369 -33.61 -50.76 -18.55
N GLY C 370 -33.27 -49.57 -19.01
CA GLY C 370 -34.27 -48.72 -19.67
C GLY C 370 -34.76 -49.31 -20.99
N ILE C 371 -33.89 -50.09 -21.62
CA ILE C 371 -34.16 -50.63 -22.92
C ILE C 371 -35.11 -51.82 -22.79
N VAL C 372 -34.73 -52.77 -21.92
CA VAL C 372 -35.63 -53.75 -21.37
C VAL C 372 -37.02 -53.17 -21.02
N ASN C 373 -37.07 -52.16 -20.16
CA ASN C 373 -38.35 -51.59 -19.72
C ASN C 373 -39.22 -51.06 -20.88
N LYS C 374 -38.66 -51.04 -22.09
CA LYS C 374 -39.25 -50.34 -23.22
C LYS C 374 -39.73 -51.40 -24.22
N LEU C 375 -38.99 -52.51 -24.21
CA LEU C 375 -39.23 -53.64 -25.09
C LEU C 375 -40.07 -54.76 -24.41
N GLY C 376 -39.99 -54.87 -23.09
CA GLY C 376 -40.64 -55.94 -22.36
C GLY C 376 -39.91 -57.29 -22.23
N LYS C 377 -38.83 -57.50 -22.97
CA LYS C 377 -38.12 -58.79 -22.94
C LYS C 377 -36.62 -58.61 -22.76
N GLU C 378 -35.89 -59.60 -22.24
CA GLU C 378 -34.41 -59.45 -22.14
C GLU C 378 -33.84 -59.04 -23.50
N VAL C 379 -32.70 -58.34 -23.48
CA VAL C 379 -32.07 -57.83 -24.70
C VAL C 379 -30.65 -58.39 -24.77
N ASP C 380 -30.21 -58.73 -25.99
CA ASP C 380 -28.85 -59.29 -26.17
C ASP C 380 -27.83 -58.30 -25.61
N TYR C 381 -26.97 -58.76 -24.70
CA TYR C 381 -25.92 -57.92 -24.12
C TYR C 381 -24.49 -58.50 -24.18
N THR C 382 -23.51 -57.61 -24.27
CA THR C 382 -22.09 -57.93 -24.07
C THR C 382 -21.36 -56.61 -23.67
N VAL C 383 -20.37 -56.71 -22.80
CA VAL C 383 -19.73 -55.54 -22.19
C VAL C 383 -18.93 -54.77 -23.22
N GLY C 384 -18.17 -55.48 -24.03
CA GLY C 384 -17.37 -54.89 -25.08
C GLY C 384 -15.99 -54.53 -24.59
N ALA C 385 -15.97 -53.75 -23.51
CA ALA C 385 -14.75 -53.23 -22.89
C ALA C 385 -15.09 -52.71 -21.50
N TYR C 386 -14.15 -52.80 -20.57
CA TYR C 386 -14.30 -52.10 -19.28
C TYR C 386 -13.70 -50.69 -19.37
N SER C 387 -14.20 -49.78 -18.54
CA SER C 387 -13.73 -48.40 -18.55
C SER C 387 -13.78 -47.72 -17.16
N HIS C 388 -14.05 -48.52 -16.11
CA HIS C 388 -14.06 -48.07 -14.70
C HIS C 388 -12.68 -47.51 -14.29
N LYS C 389 -12.67 -46.44 -13.49
CA LYS C 389 -11.39 -45.91 -13.04
C LYS C 389 -10.83 -46.76 -11.91
N SER C 390 -11.70 -47.10 -10.98
CA SER C 390 -11.38 -47.99 -9.89
C SER C 390 -12.43 -49.10 -9.82
N ILE C 391 -11.99 -50.23 -9.25
CA ILE C 391 -12.78 -51.44 -9.11
C ILE C 391 -13.63 -51.37 -7.83
N GLY C 392 -14.94 -51.37 -7.96
CA GLY C 392 -15.85 -51.34 -6.81
C GLY C 392 -16.71 -52.58 -6.85
N GLY C 393 -17.99 -52.43 -6.53
CA GLY C 393 -18.99 -53.49 -6.81
C GLY C 393 -19.05 -54.70 -5.87
N LEU C 394 -18.25 -54.69 -4.81
CA LEU C 394 -18.25 -55.76 -3.83
C LEU C 394 -19.52 -55.78 -2.98
N ALA C 395 -19.76 -54.73 -2.19
CA ALA C 395 -20.94 -54.69 -1.35
C ALA C 395 -22.19 -54.75 -2.20
N GLU C 396 -22.04 -54.45 -3.50
CA GLU C 396 -23.15 -54.45 -4.44
C GLU C 396 -23.63 -55.87 -4.78
N SER C 397 -22.82 -56.86 -4.41
CA SER C 397 -23.07 -58.26 -4.75
C SER C 397 -22.60 -59.21 -3.65
N SER C 398 -22.81 -58.82 -2.40
CA SER C 398 -22.39 -59.63 -1.24
C SER C 398 -23.53 -59.89 -0.24
N LEU C 399 -23.34 -60.92 0.56
CA LEU C 399 -24.34 -61.38 1.52
C LEU C 399 -23.71 -61.50 2.92
N ILE C 400 -24.49 -61.21 3.96
CA ILE C 400 -24.04 -61.27 5.37
C ILE C 400 -23.71 -62.70 5.77
N ASP C 401 -24.69 -63.58 5.54
CA ASP C 401 -24.55 -65.00 5.66
C ASP C 401 -24.92 -65.54 4.27
N ALA C 402 -23.96 -66.21 3.63
CA ALA C 402 -24.16 -66.74 2.28
C ALA C 402 -25.19 -67.87 2.25
N ALA C 403 -25.28 -68.63 3.34
CA ALA C 403 -26.20 -69.77 3.47
C ALA C 403 -27.66 -69.33 3.49
N LYS C 404 -27.89 -68.10 3.95
CA LYS C 404 -29.21 -67.48 3.88
C LYS C 404 -29.63 -67.24 2.41
N PRO C 405 -30.94 -67.04 2.14
CA PRO C 405 -31.44 -67.11 0.76
C PRO C 405 -30.93 -66.04 -0.21
N GLU C 409 -32.38 -58.11 1.71
CA GLU C 409 -32.24 -57.47 3.03
C GLU C 409 -31.07 -58.07 3.82
N ASN C 410 -30.54 -59.17 3.29
CA ASN C 410 -29.36 -59.85 3.79
C ASN C 410 -28.19 -59.55 2.83
N SER C 411 -28.50 -58.84 1.74
CA SER C 411 -27.50 -58.43 0.74
C SER C 411 -26.71 -57.19 1.20
N GLY C 412 -25.43 -57.43 1.49
CA GLY C 412 -24.53 -56.36 1.85
C GLY C 412 -23.35 -56.90 2.60
N LEU C 413 -22.73 -56.03 3.38
CA LEU C 413 -21.64 -56.40 4.25
C LEU C 413 -21.98 -55.85 5.64
N ILE C 414 -21.07 -56.01 6.58
CA ILE C 414 -21.28 -55.45 7.92
C ILE C 414 -20.09 -54.63 8.40
N ALA C 415 -20.38 -53.46 8.97
CA ALA C 415 -19.35 -52.55 9.47
C ALA C 415 -19.46 -52.36 10.96
N LYS C 416 -18.44 -52.84 11.67
CA LYS C 416 -18.41 -52.75 13.13
C LYS C 416 -17.39 -51.69 13.51
N PHE C 417 -17.85 -50.69 14.25
CA PHE C 417 -17.03 -49.51 14.60
C PHE C 417 -16.40 -49.62 16.00
N TYR C 418 -15.06 -49.73 16.03
CA TYR C 418 -14.28 -49.85 17.26
C TYR C 418 -13.35 -48.65 17.53
N SER C 419 -13.09 -48.40 18.82
CA SER C 419 -12.28 -47.24 19.26
C SER C 419 -10.78 -47.48 19.13
N ASN C 420 -10.37 -48.76 19.11
CA ASN C 420 -8.98 -49.15 18.92
C ASN C 420 -8.90 -50.27 17.88
N PRO C 421 -7.73 -50.44 17.21
CA PRO C 421 -7.61 -51.42 16.12
C PRO C 421 -7.88 -52.88 16.56
N VAL C 422 -8.15 -53.76 15.60
CA VAL C 422 -8.42 -55.16 15.91
C VAL C 422 -7.25 -55.82 16.61
N GLU C 423 -6.04 -55.38 16.25
CA GLU C 423 -4.80 -55.97 16.73
C GLU C 423 -4.45 -55.54 18.16
N GLU C 424 -5.13 -54.50 18.66
CA GLU C 424 -4.87 -53.95 20.00
C GLU C 424 -6.12 -53.64 20.87
N ARG C 425 -6.94 -54.66 21.10
CA ARG C 425 -8.13 -54.53 21.98
C ARG C 425 -8.52 -55.91 22.53
N SER C 426 -9.27 -55.92 23.64
CA SER C 426 -9.76 -57.17 24.23
C SER C 426 -11.11 -57.64 23.64
N ASP C 427 -11.42 -58.93 23.87
CA ASP C 427 -12.57 -59.65 23.26
C ASP C 427 -13.97 -59.09 23.59
N ASP C 428 -14.03 -58.25 24.63
CA ASP C 428 -15.29 -57.67 25.12
C ASP C 428 -15.38 -56.14 24.93
N GLU C 429 -14.45 -55.56 24.17
CA GLU C 429 -14.62 -54.18 23.74
C GLU C 429 -15.80 -54.17 22.79
N GLU C 430 -16.71 -53.21 23.00
CA GLU C 430 -17.96 -53.15 22.23
C GLU C 430 -17.85 -52.41 20.88
N PRO C 431 -18.54 -52.93 19.84
CA PRO C 431 -18.81 -52.11 18.64
C PRO C 431 -19.73 -50.95 18.96
N PHE C 432 -19.19 -49.74 19.01
CA PHE C 432 -19.95 -48.55 19.40
C PHE C 432 -21.02 -48.07 18.40
N HIS C 433 -20.98 -48.64 17.18
CA HIS C 433 -22.00 -48.45 16.17
C HIS C 433 -21.87 -49.56 15.11
N VAL C 434 -23.00 -50.18 14.74
CA VAL C 434 -23.02 -51.24 13.71
C VAL C 434 -23.99 -50.88 12.57
N THR C 435 -23.56 -51.10 11.31
CA THR C 435 -24.32 -50.68 10.11
C THR C 435 -24.22 -51.71 8.96
N LYS C 436 -25.32 -51.86 8.21
CA LYS C 436 -25.40 -52.74 7.04
C LYS C 436 -24.97 -51.95 5.81
N VAL C 437 -23.98 -52.48 5.08
CA VAL C 437 -23.30 -51.78 3.95
C VAL C 437 -23.71 -52.24 2.54
N ASN C 438 -24.54 -51.43 1.88
CA ASN C 438 -25.01 -51.70 0.51
C ASN C 438 -24.08 -51.21 -0.62
N ARG C 439 -23.25 -50.21 -0.32
CA ARG C 439 -22.37 -49.56 -1.32
C ARG C 439 -20.89 -49.69 -0.94
N SER C 440 -20.06 -50.10 -1.90
CA SER C 440 -18.63 -50.34 -1.69
C SER C 440 -17.83 -49.13 -1.12
N ASN C 441 -18.21 -47.93 -1.56
CA ASN C 441 -17.59 -46.71 -1.08
C ASN C 441 -18.13 -46.26 0.25
N VAL C 442 -17.31 -46.47 1.28
CA VAL C 442 -17.57 -46.01 2.63
C VAL C 442 -16.94 -44.63 2.76
N HIS C 443 -17.76 -43.61 2.91
CA HIS C 443 -17.30 -42.22 2.90
C HIS C 443 -17.62 -41.61 4.29
N LEU C 444 -16.57 -41.38 5.07
CA LEU C 444 -16.72 -41.16 6.51
C LEU C 444 -16.55 -39.71 7.02
N PHE C 445 -16.31 -38.79 6.09
CA PHE C 445 -15.99 -37.39 6.40
C PHE C 445 -17.02 -36.58 7.18
N ASP C 446 -18.30 -36.92 7.05
CA ASP C 446 -19.32 -36.29 7.90
C ASP C 446 -20.08 -37.30 8.77
N PHE C 447 -19.43 -38.45 9.00
CA PHE C 447 -19.87 -39.44 9.97
C PHE C 447 -19.94 -38.84 11.39
N LYS C 448 -21.00 -39.16 12.14
CA LYS C 448 -21.23 -38.55 13.45
C LYS C 448 -21.56 -39.58 14.55
N HIS C 449 -20.81 -39.52 15.65
CA HIS C 449 -20.99 -40.37 16.84
C HIS C 449 -20.22 -39.76 18.03
N VAL C 452 -15.87 -40.75 18.82
CA VAL C 452 -15.56 -40.04 17.58
C VAL C 452 -15.54 -38.53 17.74
N ASP C 453 -14.39 -37.90 17.57
CA ASP C 453 -14.29 -36.47 17.80
C ASP C 453 -14.05 -35.64 16.54
N PRO C 454 -14.93 -34.68 16.30
CA PRO C 454 -14.94 -33.86 15.08
C PRO C 454 -13.71 -33.04 14.88
N LYS C 455 -13.07 -32.63 15.95
CA LYS C 455 -11.74 -31.98 15.90
C LYS C 455 -10.59 -32.95 15.63
N ASN C 456 -10.80 -34.23 15.96
CA ASN C 456 -9.84 -35.28 15.60
C ASN C 456 -10.53 -36.65 15.50
N PRO C 457 -11.11 -36.95 14.32
CA PRO C 457 -11.92 -38.18 14.15
C PRO C 457 -11.08 -39.46 14.04
N TYR C 458 -10.50 -39.87 15.16
CA TYR C 458 -9.78 -41.14 15.31
C TYR C 458 -10.78 -42.27 15.61
N PHE C 459 -10.72 -43.37 14.84
CA PHE C 459 -11.56 -44.59 15.06
C PHE C 459 -11.38 -45.65 13.98
N PHE C 460 -11.84 -46.87 14.25
CA PHE C 460 -11.60 -48.01 13.35
C PHE C 460 -12.88 -48.68 12.90
N VAL C 461 -12.77 -49.46 11.83
CA VAL C 461 -13.92 -50.19 11.28
C VAL C 461 -13.47 -51.58 10.85
N THR C 462 -14.25 -52.56 11.28
CA THR C 462 -14.06 -53.95 10.86
C THR C 462 -15.27 -54.30 10.00
N LEU C 463 -15.02 -54.37 8.70
CA LEU C 463 -16.05 -54.62 7.71
C LEU C 463 -15.99 -56.07 7.30
N THR C 464 -17.11 -56.78 7.44
CA THR C 464 -17.14 -58.24 7.23
C THR C 464 -18.30 -58.69 6.33
N GLY C 465 -18.14 -59.83 5.68
CA GLY C 465 -19.17 -60.33 4.79
C GLY C 465 -18.69 -61.54 4.01
N GLN C 466 -19.58 -62.11 3.20
CA GLN C 466 -19.31 -63.33 2.44
C GLN C 466 -19.57 -63.13 0.95
N TYR C 467 -18.57 -63.44 0.13
CA TYR C 467 -18.74 -63.37 -1.33
C TYR C 467 -18.94 -64.74 -1.95
N VAL C 468 -19.98 -64.83 -2.78
CA VAL C 468 -20.25 -66.02 -3.57
C VAL C 468 -20.26 -65.58 -5.03
N PRO C 469 -19.25 -66.02 -5.81
CA PRO C 469 -19.10 -65.70 -7.24
C PRO C 469 -20.24 -66.23 -8.09
N GLN C 470 -20.58 -65.53 -9.17
CA GLN C 470 -21.57 -66.01 -10.12
C GLN C 470 -20.90 -66.78 -11.27
N GLU C 471 -19.65 -67.18 -11.08
CA GLU C 471 -18.87 -67.93 -12.07
C GLU C 471 -17.44 -68.28 -11.57
N ASP C 472 -16.76 -69.22 -12.25
CA ASP C 472 -15.40 -69.65 -11.91
C ASP C 472 -14.33 -68.82 -12.67
N GLY C 473 -13.05 -69.13 -12.42
CA GLY C 473 -11.95 -68.43 -13.09
C GLY C 473 -11.51 -67.18 -12.34
N ASP C 474 -11.14 -66.15 -13.09
CA ASP C 474 -10.41 -64.97 -12.56
C ASP C 474 -11.24 -63.84 -11.92
N TYR C 475 -10.80 -63.40 -10.74
CA TYR C 475 -11.42 -62.29 -10.03
C TYR C 475 -10.36 -61.38 -9.39
N ILE C 476 -10.55 -60.08 -9.57
CA ILE C 476 -9.60 -59.09 -9.06
C ILE C 476 -10.24 -58.32 -7.91
N PHE C 477 -9.67 -58.42 -6.72
CA PHE C 477 -10.13 -57.66 -5.55
C PHE C 477 -9.38 -56.36 -5.44
N SER C 478 -9.99 -55.35 -4.84
CA SER C 478 -9.32 -54.07 -4.76
C SER C 478 -9.53 -53.36 -3.45
N LEU C 479 -8.54 -52.54 -3.08
CA LEU C 479 -8.64 -51.71 -1.90
C LEU C 479 -8.04 -50.30 -2.08
N GLN C 480 -8.82 -49.28 -1.74
CA GLN C 480 -8.38 -47.90 -1.70
C GLN C 480 -8.79 -47.33 -0.37
N VAL C 481 -8.00 -46.43 0.20
CA VAL C 481 -8.38 -45.76 1.44
C VAL C 481 -7.88 -44.34 1.67
N TYR C 482 -8.55 -43.62 2.55
CA TYR C 482 -8.01 -42.44 3.15
C TYR C 482 -8.02 -42.83 4.61
N GLY C 483 -6.85 -43.10 5.14
CA GLY C 483 -6.68 -43.78 6.44
C GLY C 483 -5.73 -44.95 6.21
N SER C 484 -6.05 -46.12 6.73
CA SER C 484 -5.30 -47.34 6.38
C SER C 484 -6.21 -48.55 6.52
N GLY C 485 -5.81 -49.68 5.95
CA GLY C 485 -6.65 -50.85 5.95
C GLY C 485 -5.98 -52.08 5.37
N LEU C 486 -6.56 -53.24 5.66
CA LEU C 486 -6.02 -54.53 5.18
C LEU C 486 -7.17 -55.45 4.74
N PHE C 487 -6.94 -56.24 3.69
CA PHE C 487 -8.02 -56.98 3.04
C PHE C 487 -7.75 -58.48 3.12
N TYR C 488 -8.50 -59.13 4.01
CA TYR C 488 -8.37 -60.57 4.18
C TYR C 488 -9.45 -61.32 3.41
N LEU C 489 -9.04 -62.46 2.86
CA LEU C 489 -9.92 -63.43 2.21
C LEU C 489 -9.60 -64.79 2.86
N ASN C 490 -10.62 -65.37 3.50
CA ASN C 490 -10.48 -66.60 4.32
C ASN C 490 -9.25 -66.50 5.25
N ASP C 491 -9.18 -65.38 5.97
CA ASP C 491 -8.13 -65.12 6.96
C ASP C 491 -6.70 -65.12 6.37
N GLU C 492 -6.59 -64.72 5.09
CA GLU C 492 -5.31 -64.60 4.36
C GLU C 492 -5.17 -63.25 3.63
N LEU C 493 -4.33 -62.36 4.19
CA LEU C 493 -4.06 -61.03 3.61
C LEU C 493 -3.89 -61.13 2.09
N ILE C 494 -4.73 -60.44 1.35
CA ILE C 494 -4.56 -60.37 -0.10
C ILE C 494 -4.09 -59.00 -0.57
N ILE C 495 -4.39 -57.95 0.20
CA ILE C 495 -4.12 -56.54 -0.15
C ILE C 495 -3.75 -55.67 1.07
N ASP C 496 -2.52 -55.18 1.08
CA ASP C 496 -2.03 -54.33 2.17
C ASP C 496 -2.09 -52.84 1.81
N GLN C 497 -2.82 -52.06 2.61
CA GLN C 497 -2.82 -50.61 2.45
C GLN C 497 -2.45 -49.88 3.73
N LYS C 498 -1.66 -50.51 4.60
CA LYS C 498 -1.10 -49.80 5.77
C LYS C 498 0.37 -49.47 5.58
N GLN C 501 2.32 -46.93 1.50
CA GLN C 501 1.16 -46.22 0.96
C GLN C 501 1.55 -45.23 -0.13
N GLU C 502 0.93 -45.36 -1.29
CA GLU C 502 1.14 -44.39 -2.37
C GLU C 502 -0.06 -43.46 -2.50
N ARG C 503 0.21 -42.15 -2.55
CA ARG C 503 -0.82 -41.12 -2.70
C ARG C 503 -1.45 -41.20 -4.09
N GLY C 504 -2.80 -41.13 -4.14
CA GLY C 504 -3.57 -41.39 -5.37
C GLY C 504 -4.92 -40.71 -5.48
N SER C 505 -5.80 -41.26 -6.32
CA SER C 505 -7.10 -40.64 -6.67
C SER C 505 -8.23 -40.71 -5.63
N PHE C 506 -8.17 -41.64 -4.71
CA PHE C 506 -9.25 -41.80 -3.78
C PHE C 506 -9.48 -40.57 -2.93
N CYS C 507 -10.74 -40.35 -2.60
CA CYS C 507 -11.14 -39.20 -1.78
C CYS C 507 -10.77 -37.77 -2.22
N PHE C 508 -11.28 -37.34 -3.35
CA PHE C 508 -11.03 -36.00 -3.80
C PHE C 508 -9.55 -35.88 -3.93
N GLY C 509 -8.97 -36.88 -4.52
CA GLY C 509 -7.54 -36.86 -4.80
C GLY C 509 -6.59 -36.87 -3.62
N ALA C 510 -7.06 -37.26 -2.45
CA ALA C 510 -6.28 -37.19 -1.21
C ALA C 510 -5.81 -38.54 -0.61
N GLY C 511 -6.44 -39.64 -1.06
CA GLY C 511 -6.24 -40.94 -0.44
C GLY C 511 -5.09 -41.73 -1.03
N THR C 512 -5.38 -42.95 -1.46
CA THR C 512 -4.35 -43.89 -1.94
C THR C 512 -4.57 -44.40 -3.39
N LYS C 513 -3.50 -44.89 -4.00
CA LYS C 513 -3.60 -45.59 -5.25
C LYS C 513 -4.31 -46.91 -4.95
N GLU C 514 -4.98 -47.47 -5.96
CA GLU C 514 -5.67 -48.72 -5.79
C GLU C 514 -4.67 -49.88 -5.81
N ARG C 515 -4.80 -50.79 -4.85
CA ARG C 515 -4.03 -52.01 -4.88
C ARG C 515 -4.96 -53.16 -5.14
N THR C 516 -4.53 -54.10 -5.95
CA THR C 516 -5.38 -55.20 -6.37
C THR C 516 -4.77 -56.58 -6.11
N LYS C 517 -5.60 -57.61 -6.17
CA LYS C 517 -5.12 -58.98 -6.15
C LYS C 517 -5.95 -59.90 -7.09
N LYS C 518 -5.25 -60.40 -8.11
CA LYS C 518 -5.73 -61.43 -9.02
C LYS C 518 -5.73 -62.77 -8.28
N LEU C 519 -6.88 -63.46 -8.28
CA LEU C 519 -7.02 -64.82 -7.73
C LEU C 519 -8.09 -65.64 -8.52
N THR C 520 -7.75 -66.88 -8.92
CA THR C 520 -8.73 -67.78 -9.55
C THR C 520 -9.77 -68.27 -8.51
N LEU C 521 -11.05 -68.10 -8.80
CA LEU C 521 -12.13 -68.43 -7.85
C LEU C 521 -13.09 -69.48 -8.41
N LYS C 522 -13.80 -70.17 -7.51
CA LYS C 522 -14.75 -71.23 -7.87
C LYS C 522 -16.21 -70.80 -7.66
N LYS C 523 -17.08 -71.15 -8.61
CA LYS C 523 -18.53 -70.85 -8.56
C LYS C 523 -19.15 -71.41 -7.28
N GLY C 524 -20.18 -70.73 -6.78
CA GLY C 524 -20.95 -71.19 -5.62
C GLY C 524 -20.21 -71.34 -4.30
N GLN C 525 -18.88 -71.27 -4.33
CA GLN C 525 -18.04 -71.40 -3.12
C GLN C 525 -18.01 -70.11 -2.29
N VAL C 526 -18.08 -70.27 -0.97
CA VAL C 526 -18.21 -69.14 -0.05
C VAL C 526 -16.85 -68.67 0.52
N TYR C 527 -16.63 -67.35 0.46
CA TYR C 527 -15.36 -66.73 0.80
C TYR C 527 -15.56 -65.64 1.83
N ASN C 528 -14.77 -65.72 2.92
CA ASN C 528 -14.78 -64.72 4.01
C ASN C 528 -14.03 -63.43 3.64
N VAL C 529 -14.79 -62.34 3.49
CA VAL C 529 -14.20 -61.04 3.20
C VAL C 529 -14.14 -60.20 4.47
N ARG C 530 -12.97 -59.62 4.72
CA ARG C 530 -12.79 -58.81 5.92
C ARG C 530 -11.85 -57.68 5.61
N VAL C 531 -12.25 -56.48 6.01
CA VAL C 531 -11.37 -55.32 5.98
C VAL C 531 -11.20 -54.79 7.39
N GLU C 532 -9.95 -54.59 7.79
CA GLU C 532 -9.66 -53.79 8.96
C GLU C 532 -9.32 -52.40 8.46
N TYR C 533 -9.95 -51.40 9.05
CA TYR C 533 -9.76 -50.06 8.55
C TYR C 533 -9.69 -49.04 9.68
N GLY C 534 -8.72 -48.15 9.60
CA GLY C 534 -8.62 -47.02 10.52
C GLY C 534 -8.70 -45.72 9.75
N SER C 535 -9.36 -44.73 10.34
CA SER C 535 -9.67 -43.49 9.62
C SER C 535 -8.45 -42.59 9.38
N GLY C 536 -8.69 -41.37 8.91
CA GLY C 536 -7.63 -40.38 8.64
C GLY C 536 -6.51 -40.22 9.67
N PRO C 537 -6.85 -39.83 10.91
CA PRO C 537 -5.81 -39.61 11.93
C PRO C 537 -5.05 -40.88 12.44
N THR C 538 -5.57 -42.07 12.17
CA THR C 538 -4.95 -43.34 12.61
C THR C 538 -3.75 -43.74 11.76
N SER C 539 -3.83 -43.40 10.49
CA SER C 539 -2.73 -43.64 9.60
C SER C 539 -1.85 -42.50 9.97
N PHE C 545 -5.85 -33.76 9.40
CA PHE C 545 -6.71 -34.74 8.75
C PHE C 545 -8.18 -34.79 9.24
N GLY C 546 -9.08 -35.07 8.29
CA GLY C 546 -10.48 -35.49 8.57
C GLY C 546 -10.62 -37.02 8.57
N ALA C 547 -11.85 -37.50 8.82
CA ALA C 547 -12.13 -38.94 8.98
C ALA C 547 -11.85 -39.76 7.71
N GLY C 548 -12.36 -39.27 6.58
CA GLY C 548 -12.07 -39.82 5.26
C GLY C 548 -12.95 -40.94 4.72
N GLY C 549 -12.40 -42.16 4.72
CA GLY C 549 -13.10 -43.36 4.28
C GLY C 549 -12.25 -44.40 3.59
N PHE C 550 -12.91 -45.38 2.97
CA PHE C 550 -12.26 -46.47 2.19
C PHE C 550 -13.25 -47.22 1.26
N GLN C 551 -12.68 -47.99 0.34
CA GLN C 551 -13.47 -48.83 -0.52
C GLN C 551 -12.74 -50.14 -0.83
N ALA C 552 -13.40 -51.26 -0.55
CA ALA C 552 -12.96 -52.57 -1.03
C ALA C 552 -13.88 -53.04 -2.15
N GLY C 553 -13.32 -53.64 -3.18
CA GLY C 553 -14.15 -54.04 -4.31
C GLY C 553 -13.73 -55.34 -4.94
N VAL C 554 -14.48 -55.74 -5.98
CA VAL C 554 -14.14 -56.90 -6.81
C VAL C 554 -14.81 -56.89 -8.21
N ILE C 555 -14.06 -57.34 -9.20
CA ILE C 555 -14.61 -57.48 -10.53
C ILE C 555 -14.20 -58.84 -11.11
N LYS C 556 -15.08 -59.38 -11.95
CA LYS C 556 -14.79 -60.55 -12.75
C LYS C 556 -13.82 -60.10 -13.83
N ALA C 557 -12.62 -60.67 -13.79
CA ALA C 557 -11.63 -60.43 -14.82
C ALA C 557 -12.06 -60.99 -16.17
N ILE C 558 -11.53 -60.37 -17.24
CA ILE C 558 -11.72 -60.83 -18.62
C ILE C 558 -10.49 -60.63 -19.48
N ASP C 559 -10.61 -61.02 -20.74
CA ASP C 559 -9.55 -60.87 -21.71
C ASP C 559 -10.02 -59.78 -22.67
N ASP C 560 -9.35 -58.63 -22.57
CA ASP C 560 -9.69 -57.42 -23.31
C ASP C 560 -9.98 -57.70 -24.76
N ASP C 561 -9.06 -58.41 -25.38
CA ASP C 561 -9.12 -58.68 -26.80
C ASP C 561 -10.29 -59.55 -27.19
N GLU C 562 -10.48 -60.69 -26.52
CA GLU C 562 -11.59 -61.58 -26.86
C GLU C 562 -12.90 -60.80 -26.79
N GLU C 563 -13.06 -59.99 -25.76
CA GLU C 563 -14.34 -59.30 -25.55
C GLU C 563 -14.66 -58.27 -26.61
N ILE C 564 -13.62 -57.68 -27.17
CA ILE C 564 -13.75 -56.72 -28.26
C ILE C 564 -14.09 -57.46 -29.55
N ARG C 565 -13.49 -58.63 -29.75
CA ARG C 565 -13.83 -59.45 -30.93
C ARG C 565 -15.27 -59.93 -30.79
N ASN C 566 -15.55 -60.53 -29.65
CA ASN C 566 -16.87 -60.99 -29.32
C ASN C 566 -17.91 -59.97 -29.73
N ALA C 567 -17.71 -58.76 -29.25
CA ALA C 567 -18.62 -57.64 -29.52
C ALA C 567 -18.86 -57.36 -31.01
N ALA C 568 -17.80 -57.30 -31.81
CA ALA C 568 -17.92 -57.03 -33.25
C ALA C 568 -18.76 -58.09 -33.98
N GLU C 569 -18.45 -59.36 -33.70
CA GLU C 569 -19.20 -60.48 -34.27
C GLU C 569 -20.63 -60.36 -33.86
N LEU C 570 -20.85 -60.15 -32.58
CA LEU C 570 -22.22 -60.07 -32.08
C LEU C 570 -23.01 -58.91 -32.72
N ALA C 571 -22.32 -57.82 -33.02
CA ALA C 571 -22.99 -56.68 -33.64
C ALA C 571 -23.29 -56.93 -35.11
N ALA C 572 -22.40 -57.65 -35.78
CA ALA C 572 -22.63 -58.11 -37.16
C ALA C 572 -23.86 -59.04 -37.27
N LYS C 573 -24.12 -59.81 -36.22
CA LYS C 573 -25.26 -60.72 -36.15
C LYS C 573 -26.59 -60.07 -35.67
N HIS C 574 -26.68 -58.74 -35.68
CA HIS C 574 -27.93 -58.02 -35.36
C HIS C 574 -28.18 -56.93 -36.39
N ASP C 575 -29.39 -56.36 -36.43
CA ASP C 575 -29.67 -55.24 -37.36
C ASP C 575 -28.92 -54.02 -36.89
N LYS C 576 -29.19 -53.67 -35.64
CA LYS C 576 -28.74 -52.44 -35.06
C LYS C 576 -28.09 -52.72 -33.69
N ALA C 577 -26.93 -52.09 -33.52
CA ALA C 577 -26.17 -52.16 -32.27
C ALA C 577 -26.34 -50.84 -31.53
N VAL C 578 -26.70 -50.90 -30.25
CA VAL C 578 -26.66 -49.70 -29.40
C VAL C 578 -25.43 -49.69 -28.49
N LEU C 579 -24.50 -48.77 -28.78
CA LEU C 579 -23.22 -48.78 -28.09
C LEU C 579 -23.19 -47.66 -27.05
N ILE C 580 -23.13 -48.05 -25.77
CA ILE C 580 -23.18 -47.11 -24.63
C ILE C 580 -21.83 -46.89 -23.98
N ILE C 581 -21.36 -45.65 -24.00
CA ILE C 581 -20.03 -45.34 -23.51
C ILE C 581 -19.96 -44.02 -22.72
N GLY C 582 -18.73 -43.65 -22.40
CA GLY C 582 -18.43 -42.31 -21.87
C GLY C 582 -17.58 -42.39 -20.61
N LEU C 583 -17.79 -41.41 -19.73
CA LEU C 583 -17.10 -41.32 -18.46
C LEU C 583 -18.02 -41.68 -17.26
N ASN C 584 -17.53 -41.40 -16.06
CA ASN C 584 -18.32 -41.52 -14.85
C ASN C 584 -17.89 -40.53 -13.77
N GLY C 585 -18.58 -40.59 -12.64
CA GLY C 585 -18.32 -39.78 -11.48
C GLY C 585 -16.98 -39.98 -10.77
N GLU C 586 -16.14 -40.89 -11.26
CA GLU C 586 -14.76 -40.98 -10.76
C GLU C 586 -13.75 -40.40 -11.79
N TRP C 587 -14.16 -40.34 -13.06
CA TRP C 587 -13.39 -39.64 -14.06
C TRP C 587 -13.71 -38.13 -13.98
N GLU C 588 -14.95 -37.81 -13.63
CA GLU C 588 -15.40 -36.45 -13.53
C GLU C 588 -15.81 -36.28 -12.09
N THR C 589 -15.05 -35.49 -11.35
CA THR C 589 -15.38 -35.30 -9.94
C THR C 589 -14.80 -34.03 -9.34
N GLU C 590 -15.53 -33.49 -8.38
CA GLU C 590 -14.94 -32.57 -7.44
C GLU C 590 -13.63 -33.20 -6.96
N GLY C 591 -12.56 -32.40 -6.95
CA GLY C 591 -11.28 -32.79 -6.32
C GLY C 591 -10.08 -32.77 -7.26
N TYR C 592 -10.33 -33.07 -8.52
CA TYR C 592 -9.28 -33.01 -9.51
C TYR C 592 -9.84 -32.79 -10.89
N ASP C 593 -8.99 -32.43 -11.82
CA ASP C 593 -9.49 -32.18 -13.12
C ASP C 593 -9.11 -33.39 -13.95
N ARG C 594 -9.70 -33.51 -15.13
CA ARG C 594 -9.27 -34.49 -16.09
C ARG C 594 -7.88 -34.13 -16.64
N GLU C 595 -7.13 -35.14 -17.03
CA GLU C 595 -5.85 -34.96 -17.61
C GLU C 595 -5.91 -34.81 -19.13
N ASN C 596 -7.00 -35.27 -19.71
CA ASN C 596 -7.25 -35.14 -21.14
C ASN C 596 -8.73 -35.27 -21.44
N MET C 597 -9.08 -35.13 -22.71
CA MET C 597 -10.44 -35.29 -23.22
C MET C 597 -10.70 -36.70 -23.76
N ASP C 598 -9.78 -37.62 -23.54
CA ASP C 598 -9.90 -38.96 -24.09
C ASP C 598 -10.99 -39.76 -23.39
N LEU C 599 -11.67 -40.63 -24.13
CA LEU C 599 -12.48 -41.71 -23.51
C LEU C 599 -11.52 -42.76 -22.91
N PRO C 600 -11.97 -43.51 -21.89
CA PRO C 600 -11.00 -44.35 -21.18
C PRO C 600 -10.67 -45.74 -21.75
N LYS C 601 -9.47 -46.19 -21.45
CA LYS C 601 -9.10 -47.56 -21.69
C LYS C 601 -9.32 -47.91 -23.16
N ARG C 602 -10.05 -48.99 -23.43
CA ARG C 602 -10.12 -49.54 -24.79
C ARG C 602 -11.41 -49.12 -25.47
N THR C 603 -12.16 -48.25 -24.79
CA THR C 603 -13.36 -47.64 -25.33
C THR C 603 -13.30 -47.37 -26.83
N ASN C 604 -12.34 -46.56 -27.27
CA ASN C 604 -12.22 -46.20 -28.69
C ASN C 604 -11.86 -47.38 -29.63
N GLU C 605 -11.19 -48.38 -29.08
CA GLU C 605 -10.86 -49.57 -29.84
C GLU C 605 -12.15 -50.36 -30.10
N LEU C 606 -12.97 -50.47 -29.07
CA LEU C 606 -14.24 -51.13 -29.14
C LEU C 606 -15.19 -50.41 -30.10
N VAL C 607 -15.34 -49.09 -29.95
CA VAL C 607 -16.17 -48.33 -30.85
C VAL C 607 -15.70 -48.60 -32.28
N ARG C 608 -14.41 -48.53 -32.52
CA ARG C 608 -13.93 -48.76 -33.88
C ARG C 608 -14.28 -50.14 -34.41
N ALA C 609 -14.26 -51.15 -33.54
CA ALA C 609 -14.54 -52.50 -33.97
C ALA C 609 -16.01 -52.65 -34.29
N VAL C 610 -16.86 -52.18 -33.38
CA VAL C 610 -18.29 -52.25 -33.61
C VAL C 610 -18.72 -51.48 -34.87
N LEU C 611 -18.21 -50.27 -35.07
CA LEU C 611 -18.57 -49.46 -36.22
C LEU C 611 -18.29 -50.16 -37.53
N LYS C 612 -17.12 -50.79 -37.60
CA LYS C 612 -16.73 -51.57 -38.77
C LYS C 612 -17.70 -52.75 -39.02
N ALA C 613 -18.01 -53.49 -37.94
CA ALA C 613 -18.84 -54.69 -38.00
C ALA C 613 -20.34 -54.40 -38.17
N ASN C 614 -20.76 -53.14 -37.97
CA ASN C 614 -22.15 -52.73 -38.23
C ASN C 614 -22.23 -51.23 -38.39
N PRO C 615 -22.14 -50.77 -39.63
CA PRO C 615 -22.20 -49.32 -39.87
C PRO C 615 -23.33 -48.59 -39.11
N ASN C 616 -24.52 -49.21 -39.04
CA ASN C 616 -25.75 -48.61 -38.45
C ASN C 616 -25.82 -48.67 -36.91
N THR C 617 -24.70 -48.51 -36.26
CA THR C 617 -24.66 -48.54 -34.80
C THR C 617 -25.03 -47.19 -34.26
N VAL C 618 -25.81 -47.18 -33.17
CA VAL C 618 -26.08 -45.96 -32.44
C VAL C 618 -25.20 -45.86 -31.14
N ILE C 619 -24.38 -44.81 -31.07
CA ILE C 619 -23.55 -44.54 -29.89
C ILE C 619 -24.23 -43.55 -28.93
N VAL C 620 -24.48 -43.99 -27.71
CA VAL C 620 -24.99 -43.12 -26.66
C VAL C 620 -23.83 -42.78 -25.69
N ASN C 621 -23.40 -41.51 -25.63
CA ASN C 621 -22.30 -41.12 -24.70
C ASN C 621 -22.80 -40.42 -23.48
N GLN C 622 -22.36 -40.90 -22.32
CA GLN C 622 -22.60 -40.18 -21.07
C GLN C 622 -21.30 -39.53 -20.50
N SER C 623 -21.34 -38.20 -20.40
CA SER C 623 -20.27 -37.43 -19.80
C SER C 623 -20.81 -36.08 -19.36
N GLY C 624 -20.10 -35.41 -18.47
CA GLY C 624 -20.54 -34.09 -18.07
C GLY C 624 -20.01 -33.00 -18.97
N THR C 625 -18.94 -33.31 -19.70
CA THR C 625 -18.12 -32.34 -20.42
C THR C 625 -17.64 -32.96 -21.76
N PRO C 626 -17.10 -32.18 -22.69
CA PRO C 626 -16.70 -32.82 -23.96
C PRO C 626 -15.65 -33.93 -23.86
N VAL C 627 -15.82 -34.96 -24.68
CA VAL C 627 -14.77 -35.94 -24.94
C VAL C 627 -14.52 -36.01 -26.41
N GLU C 628 -13.35 -36.53 -26.72
CA GLU C 628 -12.93 -36.61 -28.08
C GLU C 628 -13.54 -37.86 -28.67
N PHE C 629 -14.14 -37.73 -29.86
CA PHE C 629 -14.58 -38.93 -30.64
C PHE C 629 -13.72 -39.14 -31.89
N PRO C 630 -12.64 -39.91 -31.77
CA PRO C 630 -11.67 -39.98 -32.88
C PRO C 630 -12.29 -40.62 -34.14
N TRP C 631 -13.27 -41.49 -33.91
CA TRP C 631 -13.99 -42.24 -34.92
C TRP C 631 -15.29 -41.55 -35.35
N LEU C 632 -15.39 -40.24 -35.10
CA LEU C 632 -16.66 -39.50 -35.33
C LEU C 632 -17.20 -39.62 -36.75
N GLU C 633 -16.33 -39.50 -37.75
CA GLU C 633 -16.75 -39.47 -39.14
C GLU C 633 -17.50 -40.72 -39.47
N ASP C 634 -17.21 -41.78 -38.75
CA ASP C 634 -17.77 -43.10 -39.04
C ASP C 634 -18.96 -43.43 -38.17
N ALA C 635 -19.30 -42.54 -37.23
CA ALA C 635 -20.44 -42.83 -36.37
C ALA C 635 -21.68 -42.21 -36.96
N ASN C 636 -22.71 -43.00 -37.24
CA ASN C 636 -23.88 -42.47 -37.93
C ASN C 636 -25.02 -41.99 -37.06
N ALA C 637 -25.07 -42.42 -35.80
CA ALA C 637 -26.05 -41.90 -34.85
C ALA C 637 -25.38 -41.72 -33.49
N LEU C 638 -25.37 -40.48 -33.00
CA LEU C 638 -24.69 -40.12 -31.77
C LEU C 638 -25.55 -39.27 -30.83
N VAL C 639 -25.72 -39.75 -29.62
CA VAL C 639 -26.54 -39.14 -28.58
C VAL C 639 -25.68 -38.84 -27.34
N GLN C 640 -25.67 -37.56 -26.95
CA GLN C 640 -25.12 -37.10 -25.67
C GLN C 640 -26.19 -37.09 -24.58
N ALA C 641 -26.05 -38.00 -23.61
CA ALA C 641 -27.07 -38.20 -22.58
C ALA C 641 -26.68 -37.62 -21.20
N TRP C 642 -25.43 -37.12 -21.07
CA TRP C 642 -24.97 -36.47 -19.84
C TRP C 642 -25.11 -37.46 -18.65
N TYR C 643 -25.32 -36.96 -17.42
CA TYR C 643 -25.59 -37.83 -16.24
C TYR C 643 -27.02 -37.62 -15.74
N GLY C 644 -27.88 -38.54 -16.16
CA GLY C 644 -29.32 -38.35 -16.13
C GLY C 644 -30.05 -38.63 -14.83
N GLY C 645 -29.32 -38.90 -13.76
CA GLY C 645 -29.98 -39.06 -12.44
C GLY C 645 -30.70 -40.40 -12.36
N ASN C 646 -31.73 -40.49 -11.52
CA ASN C 646 -32.42 -41.78 -11.22
C ASN C 646 -33.00 -42.44 -12.45
N GLU C 647 -33.79 -41.67 -13.19
CA GLU C 647 -34.53 -42.15 -14.33
C GLU C 647 -33.72 -42.05 -15.61
N LEU C 648 -32.39 -42.04 -15.50
CA LEU C 648 -31.55 -41.88 -16.70
C LEU C 648 -31.75 -42.95 -17.78
N GLY C 649 -31.94 -44.21 -17.37
CA GLY C 649 -32.08 -45.32 -18.31
C GLY C 649 -33.40 -45.19 -19.06
N ASN C 650 -34.45 -44.80 -18.34
CA ASN C 650 -35.77 -44.74 -18.97
C ASN C 650 -35.76 -43.55 -19.89
N ALA C 651 -34.94 -42.55 -19.55
CA ALA C 651 -34.81 -41.31 -20.34
C ALA C 651 -34.15 -41.57 -21.67
N ILE C 652 -33.07 -42.33 -21.63
CA ILE C 652 -32.34 -42.67 -22.84
C ILE C 652 -33.28 -43.46 -23.77
N ALA C 653 -33.89 -44.51 -23.21
CA ALA C 653 -34.90 -45.30 -23.90
C ALA C 653 -35.92 -44.39 -24.59
N ASP C 654 -36.54 -43.51 -23.83
CA ASP C 654 -37.53 -42.64 -24.42
C ASP C 654 -37.03 -42.04 -25.72
N VAL C 655 -35.84 -41.47 -25.72
CA VAL C 655 -35.36 -40.71 -26.89
C VAL C 655 -34.94 -41.68 -28.00
N LEU C 656 -34.26 -42.76 -27.60
CA LEU C 656 -33.82 -43.78 -28.52
C LEU C 656 -35.02 -44.28 -29.33
N TYR C 657 -36.19 -44.37 -28.70
CA TYR C 657 -37.36 -44.97 -29.33
C TYR C 657 -38.43 -44.00 -29.82
N GLY C 658 -38.28 -42.72 -29.55
CA GLY C 658 -39.22 -41.74 -30.04
C GLY C 658 -40.38 -41.33 -29.18
N ASP C 659 -40.50 -41.92 -28.02
CA ASP C 659 -41.49 -41.54 -27.04
C ASP C 659 -41.28 -40.11 -26.51
N VAL C 660 -40.04 -39.72 -26.38
CA VAL C 660 -39.67 -38.33 -26.33
C VAL C 660 -38.80 -38.06 -27.55
N VAL C 661 -39.18 -37.06 -28.32
CA VAL C 661 -38.42 -36.58 -29.48
C VAL C 661 -37.30 -35.64 -28.97
N PRO C 662 -36.03 -35.95 -29.31
CA PRO C 662 -34.87 -35.19 -28.82
C PRO C 662 -35.07 -33.69 -28.96
N ASN C 663 -34.81 -32.95 -27.87
CA ASN C 663 -35.09 -31.51 -27.83
C ASN C 663 -34.02 -30.61 -27.11
N GLY C 664 -32.99 -31.23 -26.54
CA GLY C 664 -31.90 -30.47 -25.91
C GLY C 664 -30.98 -29.80 -26.94
N LYS C 665 -30.23 -28.80 -26.50
CA LYS C 665 -29.17 -28.24 -27.29
C LYS C 665 -27.96 -28.19 -26.39
N LEU C 666 -26.76 -28.30 -26.96
CA LEU C 666 -25.52 -28.29 -26.18
C LEU C 666 -25.34 -27.03 -25.34
N SER C 667 -25.10 -27.24 -24.05
CA SER C 667 -24.80 -26.14 -23.19
C SER C 667 -23.30 -25.77 -23.29
N LEU C 668 -22.50 -26.63 -23.97
CA LEU C 668 -21.02 -26.45 -24.15
C LEU C 668 -20.57 -26.58 -25.57
N SER C 669 -19.52 -25.83 -25.90
CA SER C 669 -18.77 -26.04 -27.14
C SER C 669 -18.06 -27.41 -27.03
N TRP C 670 -18.07 -28.15 -28.13
CA TRP C 670 -17.50 -29.50 -28.14
C TRP C 670 -16.37 -29.51 -29.14
N PRO C 671 -15.15 -29.13 -28.72
CA PRO C 671 -14.09 -29.08 -29.75
C PRO C 671 -13.65 -30.48 -30.27
N PHE C 672 -12.89 -30.52 -31.36
CA PHE C 672 -12.37 -31.80 -31.92
C PHE C 672 -11.32 -32.39 -31.04
N LYS C 673 -10.36 -31.53 -30.68
CA LYS C 673 -9.26 -31.92 -29.83
C LYS C 673 -9.11 -30.96 -28.66
N LEU C 674 -8.49 -31.46 -27.60
CA LEU C 674 -8.20 -30.71 -26.42
C LEU C 674 -7.46 -29.45 -26.76
N GLN C 675 -6.56 -29.53 -27.74
CA GLN C 675 -5.65 -28.42 -28.04
C GLN C 675 -6.30 -27.27 -28.77
N ASP C 676 -7.58 -27.40 -29.12
CA ASP C 676 -8.25 -26.32 -29.83
C ASP C 676 -8.84 -25.34 -28.82
N ASN C 677 -8.87 -25.75 -27.57
CA ASN C 677 -9.71 -25.08 -26.61
C ASN C 677 -8.93 -23.88 -26.06
N PRO C 678 -9.67 -22.85 -25.67
CA PRO C 678 -9.03 -21.57 -25.29
C PRO C 678 -8.13 -21.65 -24.04
N ALA C 679 -8.50 -22.50 -23.10
CA ALA C 679 -7.72 -22.69 -21.87
C ALA C 679 -6.72 -23.82 -21.99
N PHE C 680 -6.37 -24.27 -23.21
CA PHE C 680 -5.40 -25.37 -23.33
C PHE C 680 -4.19 -25.20 -22.45
N LEU C 681 -3.56 -24.03 -22.52
CA LEU C 681 -2.29 -23.76 -21.84
C LEU C 681 -2.34 -23.28 -20.37
N ASN C 682 -3.51 -22.79 -19.93
CA ASN C 682 -3.68 -22.30 -18.58
C ASN C 682 -4.84 -23.03 -17.88
N PHE C 683 -4.66 -24.33 -17.61
CA PHE C 683 -5.69 -25.13 -16.93
C PHE C 683 -5.10 -26.05 -15.86
N LYS C 684 -4.08 -25.49 -15.21
CA LYS C 684 -3.33 -26.11 -14.13
C LYS C 684 -3.11 -24.95 -13.14
N THR C 685 -3.14 -25.21 -11.84
CA THR C 685 -2.69 -24.20 -10.89
C THR C 685 -1.15 -24.20 -10.93
N GLU C 686 -0.55 -23.18 -11.52
CA GLU C 686 0.90 -23.17 -11.68
C GLU C 686 1.44 -22.11 -10.78
N PHE C 687 2.34 -22.49 -9.88
CA PHE C 687 2.94 -21.51 -8.95
C PHE C 687 1.84 -20.85 -8.14
N GLY C 688 0.76 -21.57 -7.87
CA GLY C 688 -0.34 -21.00 -7.13
C GLY C 688 -1.36 -20.23 -7.95
N ARG C 689 -1.20 -20.19 -9.27
CA ARG C 689 -2.06 -19.34 -10.10
C ARG C 689 -2.54 -19.96 -11.37
N VAL C 690 -3.60 -19.35 -11.90
CA VAL C 690 -4.22 -19.70 -13.18
C VAL C 690 -4.45 -18.38 -13.96
N ILE C 691 -3.70 -18.14 -15.03
CA ILE C 691 -3.89 -16.94 -15.81
C ILE C 691 -5.02 -17.15 -16.83
N TYR C 692 -6.11 -16.40 -16.69
CA TYR C 692 -7.23 -16.54 -17.63
C TYR C 692 -6.85 -15.85 -18.93
N GLY C 693 -5.91 -16.45 -19.66
CA GLY C 693 -5.33 -15.82 -20.85
C GLY C 693 -6.28 -15.50 -22.01
N GLU C 694 -7.29 -16.33 -22.19
CA GLU C 694 -8.32 -16.16 -23.21
C GLU C 694 -9.25 -14.99 -22.95
N ASP C 695 -9.19 -14.43 -21.74
CA ASP C 695 -9.99 -13.28 -21.39
C ASP C 695 -11.47 -13.54 -21.68
N ILE C 696 -12.15 -12.63 -22.40
CA ILE C 696 -13.61 -12.76 -22.61
C ILE C 696 -13.95 -13.89 -23.55
N PHE C 697 -12.97 -14.38 -24.28
CA PHE C 697 -13.22 -15.40 -25.29
C PHE C 697 -13.26 -16.82 -24.79
N VAL C 698 -14.42 -17.19 -24.30
CA VAL C 698 -14.62 -18.47 -23.63
C VAL C 698 -15.68 -19.21 -24.46
N GLY C 699 -15.61 -20.55 -24.51
CA GLY C 699 -16.51 -21.35 -25.34
C GLY C 699 -16.65 -20.78 -26.73
N TYR C 700 -17.89 -20.67 -27.22
CA TYR C 700 -18.14 -20.27 -28.61
C TYR C 700 -17.63 -18.88 -28.92
N ARG C 701 -17.49 -18.03 -27.92
CA ARG C 701 -16.89 -16.69 -28.18
C ARG C 701 -15.48 -16.84 -28.73
N TYR C 702 -14.79 -17.90 -28.33
CA TYR C 702 -13.46 -18.12 -28.76
C TYR C 702 -13.44 -18.76 -30.18
N TYR C 703 -14.01 -19.96 -30.27
CA TYR C 703 -14.14 -20.67 -31.54
C TYR C 703 -14.71 -19.80 -32.71
N GLU C 704 -15.71 -18.97 -32.43
CA GLU C 704 -16.25 -18.13 -33.53
C GLU C 704 -15.23 -17.10 -33.97
N LYS C 705 -14.43 -16.62 -33.01
CA LYS C 705 -13.47 -15.56 -33.32
C LYS C 705 -12.24 -16.16 -34.02
N LEU C 706 -11.90 -17.38 -33.69
CA LEU C 706 -10.83 -17.99 -34.48
C LEU C 706 -11.30 -18.53 -35.85
N GLN C 707 -12.61 -18.57 -36.06
CA GLN C 707 -13.14 -19.31 -37.20
C GLN C 707 -12.57 -20.72 -37.08
N ARG C 708 -12.54 -21.22 -35.86
CA ARG C 708 -12.11 -22.58 -35.64
C ARG C 708 -13.30 -23.51 -35.61
N LYS C 709 -13.24 -24.56 -36.43
CA LYS C 709 -14.30 -25.57 -36.47
C LYS C 709 -14.26 -26.50 -35.27
N VAL C 710 -15.46 -26.89 -34.85
CA VAL C 710 -15.62 -27.77 -33.72
C VAL C 710 -16.44 -28.95 -34.15
N ALA C 711 -16.34 -30.03 -33.41
CA ALA C 711 -17.11 -31.21 -33.66
C ALA C 711 -18.60 -30.80 -33.60
N PHE C 712 -19.01 -30.09 -32.54
CA PHE C 712 -20.38 -29.58 -32.46
C PHE C 712 -20.34 -28.27 -31.65
N PRO C 713 -21.16 -27.29 -32.05
CA PRO C 713 -21.08 -25.95 -31.52
C PRO C 713 -22.05 -25.73 -30.40
N PHE C 714 -21.86 -24.63 -29.69
CA PHE C 714 -22.80 -24.26 -28.65
C PHE C 714 -24.20 -24.13 -29.24
N GLY C 715 -25.15 -24.69 -28.53
CA GLY C 715 -26.53 -24.51 -28.85
C GLY C 715 -27.04 -25.44 -29.94
N TYR C 716 -26.26 -26.43 -30.33
CA TYR C 716 -26.64 -27.34 -31.38
C TYR C 716 -27.41 -28.52 -30.85
N GLY C 717 -28.35 -28.95 -31.67
CA GLY C 717 -29.20 -30.10 -31.42
C GLY C 717 -30.10 -30.43 -32.61
N LEU C 718 -30.13 -31.74 -32.88
CA LEU C 718 -30.99 -32.34 -33.90
C LEU C 718 -32.30 -32.78 -33.22
N SER C 719 -33.37 -32.83 -34.04
CA SER C 719 -34.67 -33.37 -33.61
C SER C 719 -35.03 -34.57 -34.54
N TYR C 720 -36.25 -35.11 -34.40
CA TYR C 720 -36.76 -36.12 -35.33
C TYR C 720 -37.67 -35.48 -36.38
N THR C 721 -37.81 -34.16 -36.29
CA THR C 721 -38.59 -33.41 -37.25
C THR C 721 -37.74 -32.23 -37.68
N THR C 722 -38.31 -31.33 -38.50
CA THR C 722 -37.58 -30.17 -39.00
C THR C 722 -38.36 -28.89 -38.61
N PHE C 723 -37.72 -27.73 -38.76
CA PHE C 723 -38.30 -26.47 -38.32
C PHE C 723 -37.77 -25.37 -39.17
N GLU C 724 -38.57 -24.37 -39.46
CA GLU C 724 -37.98 -23.10 -39.88
C GLU C 724 -38.53 -21.97 -39.04
N LEU C 725 -37.94 -20.79 -39.19
CA LEU C 725 -38.37 -19.66 -38.37
C LEU C 725 -38.13 -18.39 -39.11
N ASP C 726 -38.82 -17.33 -38.69
CA ASP C 726 -38.43 -16.01 -39.13
C ASP C 726 -38.85 -14.99 -38.10
N ILE C 727 -38.16 -13.85 -38.08
CA ILE C 727 -38.55 -12.79 -37.19
C ILE C 727 -39.79 -12.10 -37.78
N SER C 728 -40.94 -12.29 -37.13
CA SER C 728 -42.21 -11.75 -37.61
C SER C 728 -42.49 -10.34 -37.17
N ASP C 729 -41.78 -9.92 -36.13
CA ASP C 729 -41.84 -8.54 -35.66
C ASP C 729 -40.59 -8.11 -34.89
N PHE C 730 -40.18 -6.86 -35.08
CA PHE C 730 -38.97 -6.35 -34.45
C PHE C 730 -38.97 -4.84 -34.15
N LYS C 731 -39.21 -4.52 -32.88
CA LYS C 731 -39.28 -3.13 -32.44
C LYS C 731 -38.23 -2.78 -31.38
N VAL C 732 -37.56 -1.66 -31.51
CA VAL C 732 -36.71 -1.19 -30.44
C VAL C 732 -37.04 0.22 -30.06
N THR C 733 -37.31 0.45 -28.78
CA THR C 733 -37.58 1.79 -28.29
C THR C 733 -36.24 2.41 -28.06
N ASP C 734 -36.24 3.49 -27.33
CA ASP C 734 -35.01 4.11 -26.92
C ASP C 734 -34.23 3.16 -26.02
N ASP C 735 -34.93 2.38 -25.20
CA ASP C 735 -34.28 1.32 -24.47
C ASP C 735 -35.06 0.02 -24.21
N LYS C 736 -35.57 -0.60 -25.24
CA LYS C 736 -36.16 -1.91 -25.11
C LYS C 736 -36.13 -2.62 -26.42
N ILE C 737 -36.00 -3.92 -26.42
CA ILE C 737 -36.00 -4.63 -27.71
C ILE C 737 -37.11 -5.66 -27.66
N ALA C 738 -38.12 -5.44 -28.50
CA ALA C 738 -39.20 -6.41 -28.64
C ALA C 738 -38.91 -7.20 -29.89
N ILE C 739 -38.88 -8.51 -29.75
CA ILE C 739 -38.74 -9.36 -30.91
C ILE C 739 -39.71 -10.55 -30.89
N SER C 740 -40.38 -10.78 -32.02
CA SER C 740 -41.25 -11.94 -32.12
C SER C 740 -40.72 -12.84 -33.24
N VAL C 741 -40.82 -14.16 -33.05
CA VAL C 741 -40.25 -15.12 -33.96
C VAL C 741 -41.34 -16.13 -34.21
N ASP C 742 -41.67 -16.37 -35.49
CA ASP C 742 -42.61 -17.47 -35.82
C ASP C 742 -41.78 -18.71 -36.09
N VAL C 743 -42.26 -19.83 -35.58
CA VAL C 743 -41.57 -21.08 -35.73
C VAL C 743 -42.55 -22.12 -36.18
N LYS C 744 -42.12 -22.99 -37.08
CA LYS C 744 -42.97 -24.02 -37.63
C LYS C 744 -42.30 -25.39 -37.73
N ASN C 745 -43.00 -26.40 -37.24
CA ASN C 745 -42.66 -27.80 -37.50
C ASN C 745 -42.99 -28.28 -38.95
N THR C 746 -42.07 -28.03 -39.88
CA THR C 746 -42.21 -28.38 -41.31
C THR C 746 -42.23 -29.90 -41.61
N GLY C 747 -41.87 -30.71 -40.63
CA GLY C 747 -41.95 -32.17 -40.74
C GLY C 747 -43.40 -32.62 -40.61
N ASP C 748 -43.64 -33.90 -40.91
CA ASP C 748 -45.04 -34.31 -41.11
C ASP C 748 -45.40 -35.56 -40.32
N LYS C 749 -44.52 -35.97 -39.42
CA LYS C 749 -44.69 -37.20 -38.66
C LYS C 749 -44.57 -37.02 -37.13
N PHE C 750 -43.70 -36.11 -36.70
CA PHE C 750 -43.34 -36.02 -35.29
C PHE C 750 -43.68 -34.64 -34.72
N ALA C 751 -44.28 -34.65 -33.54
CA ALA C 751 -44.35 -33.45 -32.70
C ALA C 751 -42.98 -33.18 -32.04
N GLY C 752 -42.54 -31.92 -31.99
CA GLY C 752 -41.25 -31.66 -31.36
C GLY C 752 -40.99 -30.24 -30.93
N SER C 753 -40.06 -30.10 -29.97
CA SER C 753 -39.70 -28.76 -29.50
C SER C 753 -38.47 -28.23 -30.14
N GLU C 754 -38.49 -26.93 -30.39
CA GLU C 754 -37.39 -26.24 -30.99
C GLU C 754 -36.97 -25.10 -30.04
N VAL C 755 -35.69 -24.73 -30.09
CA VAL C 755 -35.15 -23.71 -29.17
C VAL C 755 -34.72 -22.53 -30.02
N VAL C 756 -35.40 -21.40 -29.84
CA VAL C 756 -35.06 -20.17 -30.55
C VAL C 756 -33.96 -19.47 -29.77
N GLN C 757 -32.87 -19.12 -30.45
CA GLN C 757 -31.72 -18.56 -29.76
C GLN C 757 -31.45 -17.23 -30.41
N VAL C 758 -31.34 -16.18 -29.58
CA VAL C 758 -31.20 -14.81 -30.08
C VAL C 758 -29.83 -14.27 -29.68
N TYR C 759 -29.07 -13.79 -30.68
CA TYR C 759 -27.69 -13.31 -30.50
C TYR C 759 -27.58 -11.86 -30.89
N PHE C 760 -26.57 -11.18 -30.36
CA PHE C 760 -26.42 -9.78 -30.66
C PHE C 760 -25.00 -9.51 -31.01
N SER C 761 -24.82 -8.68 -32.03
CA SER C 761 -23.51 -8.35 -32.56
C SER C 761 -23.50 -6.85 -32.71
N ALA C 762 -22.32 -6.27 -32.48
CA ALA C 762 -22.03 -4.87 -32.76
C ALA C 762 -21.29 -4.77 -34.10
N LEU C 763 -21.74 -3.85 -34.95
CA LEU C 763 -21.21 -3.83 -36.31
C LEU C 763 -19.94 -3.01 -36.46
N ASN C 764 -20.02 -1.74 -36.17
CA ASN C 764 -18.97 -0.91 -36.74
C ASN C 764 -18.24 -0.28 -35.59
N SER C 765 -18.13 -1.04 -34.50
CA SER C 765 -17.60 -0.62 -33.19
C SER C 765 -16.08 -0.67 -33.12
N LYS C 766 -15.52 -0.08 -32.07
CA LYS C 766 -14.08 0.12 -31.93
C LYS C 766 -13.52 -0.70 -30.76
N VAL C 767 -14.42 -1.41 -30.10
CA VAL C 767 -14.07 -2.24 -29.00
C VAL C 767 -13.91 -3.65 -29.58
N SER C 768 -12.93 -4.42 -29.17
CA SER C 768 -12.95 -5.82 -29.53
C SER C 768 -14.09 -6.59 -28.82
N ARG C 769 -14.87 -7.40 -29.54
CA ARG C 769 -16.02 -8.12 -28.94
C ARG C 769 -16.05 -9.51 -29.54
N PRO C 770 -16.83 -10.43 -28.96
CA PRO C 770 -17.09 -11.68 -29.68
C PRO C 770 -17.93 -11.41 -30.96
N VAL C 771 -17.81 -12.30 -31.94
CA VAL C 771 -18.61 -12.24 -33.15
C VAL C 771 -20.10 -11.98 -32.81
N LYS C 772 -20.64 -12.75 -31.87
CA LYS C 772 -21.97 -12.56 -31.34
C LYS C 772 -22.14 -13.22 -29.97
N GLU C 773 -23.12 -12.76 -29.19
CA GLU C 773 -23.30 -13.26 -27.83
C GLU C 773 -24.75 -13.57 -27.63
N LEU C 774 -25.06 -14.69 -26.99
CA LEU C 774 -26.44 -15.07 -26.73
C LEU C 774 -27.08 -14.10 -25.71
N LYS C 775 -28.32 -13.69 -25.93
CA LYS C 775 -29.01 -12.79 -24.99
C LYS C 775 -30.48 -13.10 -24.77
N GLY C 776 -31.05 -14.03 -25.54
CA GLY C 776 -32.44 -14.46 -25.31
C GLY C 776 -32.57 -15.90 -25.76
N PHE C 777 -33.61 -16.58 -25.32
CA PHE C 777 -33.95 -17.87 -25.91
C PHE C 777 -35.37 -18.29 -25.52
N GLU C 778 -36.03 -19.10 -26.36
CA GLU C 778 -37.38 -19.64 -26.06
C GLU C 778 -37.53 -20.99 -26.70
N LYS C 779 -38.28 -21.84 -26.01
CA LYS C 779 -38.45 -23.21 -26.39
C LYS C 779 -39.91 -23.45 -26.76
N VAL C 780 -40.16 -24.09 -27.90
CA VAL C 780 -41.53 -24.25 -28.35
C VAL C 780 -41.89 -25.68 -28.76
N HIS C 781 -42.96 -26.22 -28.18
CA HIS C 781 -43.52 -27.51 -28.64
C HIS C 781 -44.42 -27.29 -29.86
N LEU C 782 -44.34 -28.17 -30.85
CA LEU C 782 -45.05 -28.00 -32.12
C LEU C 782 -45.46 -29.37 -32.68
N GLU C 783 -46.67 -29.42 -33.22
CA GLU C 783 -47.19 -30.64 -33.84
C GLU C 783 -46.81 -30.45 -35.28
N PRO C 784 -46.78 -31.54 -36.07
CA PRO C 784 -46.42 -31.48 -37.48
C PRO C 784 -47.27 -30.43 -38.18
N GLY C 785 -46.63 -29.45 -38.80
CA GLY C 785 -47.34 -28.34 -39.44
C GLY C 785 -47.74 -27.17 -38.55
N GLU C 786 -47.86 -27.42 -37.22
CA GLU C 786 -48.27 -26.35 -36.25
C GLU C 786 -47.27 -25.21 -36.29
N LYS C 787 -47.79 -23.99 -36.25
CA LYS C 787 -46.93 -22.80 -36.23
C LYS C 787 -47.28 -21.95 -35.03
N LYS C 788 -46.26 -21.42 -34.36
CA LYS C 788 -46.48 -20.60 -33.15
C LYS C 788 -45.59 -19.39 -33.20
N THR C 789 -46.03 -18.31 -32.56
CA THR C 789 -45.13 -17.18 -32.36
C THR C 789 -44.54 -17.25 -30.93
N VAL C 790 -43.28 -16.85 -30.80
CA VAL C 790 -42.71 -16.61 -29.48
C VAL C 790 -42.19 -15.18 -29.37
N ASN C 791 -42.41 -14.56 -28.22
CA ASN C 791 -41.95 -13.21 -27.98
C ASN C 791 -40.74 -13.15 -27.01
N ILE C 792 -39.82 -12.23 -27.28
CA ILE C 792 -38.67 -11.95 -26.43
C ILE C 792 -38.60 -10.45 -26.16
N ASP C 793 -38.45 -10.07 -24.90
CA ASP C 793 -38.14 -8.68 -24.59
C ASP C 793 -36.98 -8.62 -23.66
N LEU C 794 -36.20 -7.57 -23.83
CA LEU C 794 -35.04 -7.36 -23.02
C LEU C 794 -34.68 -5.92 -23.17
N GLU C 795 -33.94 -5.39 -22.20
CA GLU C 795 -33.53 -3.99 -22.29
C GLU C 795 -32.26 -3.86 -23.10
N LEU C 796 -32.12 -2.76 -23.83
CA LEU C 796 -30.87 -2.55 -24.55
C LEU C 796 -29.69 -2.93 -23.67
N LYS C 797 -29.63 -2.33 -22.49
CA LYS C 797 -28.44 -2.43 -21.62
C LYS C 797 -28.03 -3.88 -21.32
N ASP C 798 -29.02 -4.74 -21.33
CA ASP C 798 -28.75 -6.12 -21.04
C ASP C 798 -28.45 -6.96 -22.31
N ALA C 799 -28.74 -6.42 -23.49
CA ALA C 799 -28.41 -7.12 -24.72
C ALA C 799 -27.06 -6.74 -25.36
N ILE C 800 -26.65 -5.49 -25.19
CA ILE C 800 -25.59 -4.94 -26.02
C ILE C 800 -24.50 -4.16 -25.25
N SER C 801 -24.42 -4.35 -23.93
CA SER C 801 -23.36 -3.70 -23.15
C SER C 801 -22.09 -4.54 -23.21
N TYR C 802 -20.93 -3.94 -23.19
CA TYR C 802 -19.77 -4.71 -22.81
C TYR C 802 -19.30 -4.01 -21.54
N PHE C 803 -18.37 -4.62 -20.81
CA PHE C 803 -17.77 -3.96 -19.67
C PHE C 803 -16.57 -3.15 -20.07
N ASN C 804 -16.66 -1.84 -19.88
CA ASN C 804 -15.52 -0.98 -20.09
C ASN C 804 -14.55 -0.97 -18.90
N GLU C 805 -13.47 -1.70 -19.08
CA GLU C 805 -12.51 -1.89 -18.02
C GLU C 805 -11.81 -0.60 -17.57
N GLU C 806 -11.54 0.29 -18.52
CA GLU C 806 -10.77 1.48 -18.21
C GLU C 806 -11.58 2.46 -17.36
N LEU C 807 -12.90 2.43 -17.53
CA LEU C 807 -13.83 3.36 -16.92
C LEU C 807 -14.53 2.68 -15.75
N GLY C 808 -14.51 1.36 -15.73
CA GLY C 808 -15.02 0.61 -14.63
C GLY C 808 -16.52 0.59 -14.71
N LYS C 809 -17.09 0.59 -15.94
CA LYS C 809 -18.55 0.63 -16.16
C LYS C 809 -19.03 -0.14 -17.39
N TRP C 810 -20.23 -0.69 -17.32
CA TRP C 810 -20.86 -1.20 -18.50
C TRP C 810 -21.16 -0.03 -19.44
N HIS C 811 -20.97 -0.28 -20.72
CA HIS C 811 -21.15 0.74 -21.69
C HIS C 811 -22.09 0.21 -22.75
N VAL C 812 -23.20 0.88 -22.99
CA VAL C 812 -23.99 0.65 -24.19
C VAL C 812 -23.48 1.64 -25.24
N GLU C 813 -22.65 1.18 -26.14
CA GLU C 813 -22.04 2.10 -27.09
C GLU C 813 -23.02 2.53 -28.22
N ALA C 814 -23.04 3.82 -28.57
CA ALA C 814 -23.79 4.33 -29.74
C ALA C 814 -23.31 3.73 -31.07
N GLY C 815 -24.22 3.22 -31.88
CA GLY C 815 -23.77 2.53 -33.09
C GLY C 815 -24.74 1.55 -33.71
N GLU C 816 -24.19 0.68 -34.56
CA GLU C 816 -25.01 -0.23 -35.33
C GLU C 816 -24.87 -1.65 -34.81
N TYR C 817 -26.00 -2.28 -34.52
CA TYR C 817 -26.05 -3.60 -33.95
C TYR C 817 -26.88 -4.53 -34.85
N LEU C 818 -26.72 -5.84 -34.65
CA LEU C 818 -27.44 -6.84 -35.40
C LEU C 818 -28.00 -7.83 -34.46
N VAL C 819 -29.24 -8.18 -34.65
CA VAL C 819 -29.81 -9.26 -33.92
C VAL C 819 -29.84 -10.49 -34.86
N SER C 820 -29.29 -11.61 -34.41
CA SER C 820 -29.30 -12.86 -35.17
C SER C 820 -30.11 -13.90 -34.45
N VAL C 821 -31.09 -14.50 -35.15
CA VAL C 821 -31.95 -15.58 -34.61
C VAL C 821 -31.73 -16.87 -35.39
N GLY C 822 -31.76 -18.00 -34.68
CA GLY C 822 -31.44 -19.29 -35.28
C GLY C 822 -31.62 -20.40 -34.30
N THR C 823 -31.11 -21.58 -34.64
CA THR C 823 -31.36 -22.73 -33.81
C THR C 823 -30.10 -23.31 -33.20
N SER C 824 -28.96 -22.68 -33.44
CA SER C 824 -27.70 -22.91 -32.74
C SER C 824 -26.79 -21.69 -32.97
N SER C 825 -25.67 -21.61 -32.22
CA SER C 825 -24.72 -20.52 -32.42
C SER C 825 -24.24 -20.48 -33.88
N ASP C 826 -24.43 -21.58 -34.58
CA ASP C 826 -23.87 -21.78 -35.90
C ASP C 826 -24.97 -21.90 -37.01
N ASP C 827 -26.24 -21.67 -36.68
CA ASP C 827 -27.37 -21.88 -37.56
C ASP C 827 -28.28 -20.66 -37.45
N ILE C 828 -27.74 -19.51 -37.84
CA ILE C 828 -28.48 -18.26 -37.90
C ILE C 828 -29.38 -18.25 -39.16
N LEU C 829 -30.68 -17.99 -38.99
CA LEU C 829 -31.65 -18.10 -40.11
C LEU C 829 -32.35 -16.81 -40.58
N SER C 830 -32.14 -15.73 -39.82
CA SER C 830 -32.92 -14.51 -39.88
C SER C 830 -32.22 -13.46 -39.08
N VAL C 831 -32.03 -12.27 -39.63
CA VAL C 831 -31.36 -11.25 -38.85
C VAL C 831 -31.92 -9.86 -39.04
N LYS C 832 -31.76 -9.01 -38.04
CA LYS C 832 -32.20 -7.64 -38.19
C LYS C 832 -31.13 -6.67 -37.75
N GLU C 833 -31.12 -5.47 -38.34
CA GLU C 833 -30.18 -4.46 -37.89
C GLU C 833 -30.89 -3.33 -37.14
N PHE C 834 -30.24 -2.71 -36.16
CA PHE C 834 -30.74 -1.46 -35.57
C PHE C 834 -29.61 -0.53 -35.23
N LYS C 835 -29.95 0.75 -34.98
CA LYS C 835 -28.99 1.77 -34.62
C LYS C 835 -29.23 2.24 -33.20
N VAL C 836 -28.16 2.57 -32.49
CA VAL C 836 -28.31 3.18 -31.16
C VAL C 836 -27.69 4.57 -31.14
N GLU C 837 -28.54 5.57 -30.87
CA GLU C 837 -28.18 6.98 -30.98
C GLU C 837 -27.50 7.42 -29.70
N LYS C 838 -28.12 6.99 -28.61
CA LYS C 838 -27.92 7.43 -27.22
C LYS C 838 -27.03 6.46 -26.43
N GLU C 839 -25.76 6.80 -26.24
CA GLU C 839 -24.88 5.97 -25.39
C GLU C 839 -25.29 5.97 -23.89
N LEU C 840 -24.89 4.94 -23.14
CA LEU C 840 -25.25 4.81 -21.71
C LEU C 840 -24.18 4.07 -20.93
N TYR C 841 -23.80 4.62 -19.78
CA TYR C 841 -22.88 3.93 -18.87
C TYR C 841 -23.63 3.54 -17.62
N TRP C 842 -23.36 2.38 -17.08
CA TRP C 842 -24.10 1.90 -15.94
C TRP C 842 -23.32 0.93 -15.05
N LYS C 843 -23.82 0.80 -13.83
CA LYS C 843 -23.27 -0.09 -12.87
C LYS C 843 -24.47 -0.72 -12.20
N GLY C 844 -24.27 -1.77 -11.44
CA GLY C 844 -25.39 -2.30 -10.70
C GLY C 844 -26.10 -3.41 -11.43
N LEU C 845 -27.37 -3.60 -11.11
CA LEU C 845 -28.17 -4.62 -11.70
C LEU C 845 -28.79 -4.06 -12.97
N LYS D 3 41.80 9.39 -18.01
CA LYS D 3 42.12 10.02 -16.76
C LYS D 3 40.91 10.87 -16.47
N PHE D 4 39.78 10.45 -17.02
CA PHE D 4 38.46 10.95 -16.74
C PHE D 4 38.05 10.20 -15.50
N ASP D 5 37.88 10.89 -14.40
CA ASP D 5 37.64 10.25 -13.13
C ASP D 5 36.20 10.58 -12.69
N VAL D 6 35.34 9.57 -12.87
CA VAL D 6 33.93 9.63 -12.45
C VAL D 6 33.71 10.24 -11.04
N GLU D 7 34.32 9.67 -10.01
CA GLU D 7 34.15 10.23 -8.67
C GLU D 7 34.73 11.67 -8.49
N GLN D 8 35.79 12.03 -9.21
CA GLN D 8 36.39 13.37 -9.04
C GLN D 8 35.41 14.38 -9.60
N LEU D 9 34.88 14.09 -10.78
CA LEU D 9 33.89 14.96 -11.40
C LEU D 9 32.63 15.10 -10.57
N LEU D 10 32.15 13.96 -10.05
CA LEU D 10 30.90 13.95 -9.35
C LEU D 10 31.07 14.89 -8.15
N SER D 11 32.15 14.75 -7.39
CA SER D 11 32.55 15.72 -6.34
C SER D 11 32.66 17.19 -6.80
N GLU D 12 32.80 17.44 -8.09
CA GLU D 12 33.11 18.81 -8.51
C GLU D 12 31.92 19.58 -9.10
N LEU D 13 30.99 18.85 -9.71
CA LEU D 13 29.85 19.47 -10.37
C LEU D 13 29.04 20.18 -9.31
N ASN D 14 28.56 21.39 -9.64
CA ASN D 14 27.58 22.03 -8.77
C ASN D 14 26.20 21.43 -9.09
N GLN D 15 25.20 21.72 -8.27
CA GLN D 15 23.86 21.15 -8.42
C GLN D 15 23.19 21.40 -9.74
N ASP D 16 23.35 22.59 -10.30
CA ASP D 16 22.77 22.87 -11.62
C ASP D 16 23.54 22.15 -12.74
N GLU D 17 24.81 21.84 -12.52
CA GLU D 17 25.51 21.08 -13.51
C GLU D 17 25.03 19.62 -13.49
N LYS D 18 24.88 19.08 -12.27
CA LYS D 18 24.28 17.77 -12.06
C LYS D 18 22.95 17.64 -12.80
N ILE D 19 22.01 18.53 -12.49
CA ILE D 19 20.71 18.48 -13.14
C ILE D 19 20.83 18.54 -14.66
N SER D 20 21.77 19.36 -15.16
CA SER D 20 21.87 19.51 -16.62
C SER D 20 22.37 18.20 -17.25
N LEU D 21 23.07 17.37 -16.47
CA LEU D 21 23.50 16.10 -17.05
C LEU D 21 22.36 15.11 -17.24
N LEU D 22 21.30 15.27 -16.45
CA LEU D 22 20.24 14.28 -16.42
C LEU D 22 19.33 14.41 -17.59
N SER D 23 19.57 15.40 -18.44
CA SER D 23 18.88 15.38 -19.74
C SER D 23 19.76 15.79 -20.91
N ALA D 24 19.28 15.48 -22.10
CA ALA D 24 19.97 15.79 -23.35
C ALA D 24 19.72 17.25 -23.71
N VAL D 25 20.59 17.82 -24.57
CA VAL D 25 20.43 19.21 -25.02
C VAL D 25 19.53 19.33 -26.25
N ASP D 26 19.59 18.36 -27.14
CA ASP D 26 18.68 18.34 -28.30
C ASP D 26 18.32 16.90 -28.63
N PHE D 27 17.92 16.61 -29.88
CA PHE D 27 17.53 15.24 -30.23
C PHE D 27 18.65 14.22 -30.06
N TRP D 28 19.90 14.66 -30.25
CA TRP D 28 21.02 13.72 -30.32
C TRP D 28 22.21 13.93 -29.43
N HIS D 29 22.20 14.93 -28.55
CA HIS D 29 23.45 15.21 -27.75
C HIS D 29 23.24 15.43 -26.27
N THR D 30 24.20 14.95 -25.50
CA THR D 30 24.27 15.20 -24.09
C THR D 30 24.90 16.58 -23.79
N LYS D 31 25.13 16.85 -22.52
CA LYS D 31 25.50 18.18 -22.11
C LYS D 31 27.00 18.33 -22.10
N LYS D 32 27.51 19.38 -22.77
CA LYS D 32 28.89 19.87 -22.60
C LYS D 32 29.05 20.53 -21.19
N ILE D 33 30.00 20.05 -20.39
CA ILE D 33 30.45 20.83 -19.22
C ILE D 33 31.93 21.28 -19.43
N GLU D 34 32.08 22.40 -20.14
CA GLU D 34 33.40 22.82 -20.65
C GLU D 34 34.40 22.98 -19.51
N ARG D 35 33.95 23.62 -18.45
CA ARG D 35 34.71 23.77 -17.23
C ARG D 35 35.41 22.49 -16.80
N LEU D 36 34.82 21.34 -17.08
CA LEU D 36 35.38 20.10 -16.54
C LEU D 36 35.80 19.07 -17.62
N GLY D 37 35.85 19.53 -18.88
CA GLY D 37 36.27 18.72 -20.01
C GLY D 37 35.38 17.50 -20.11
N ILE D 38 34.06 17.77 -20.11
CA ILE D 38 33.04 16.78 -20.27
C ILE D 38 32.40 17.19 -21.56
N PRO D 39 32.58 16.40 -22.62
CA PRO D 39 32.11 16.86 -23.93
C PRO D 39 30.67 16.41 -24.22
N ALA D 40 30.02 17.06 -25.18
CA ALA D 40 28.75 16.63 -25.69
C ALA D 40 28.87 15.31 -26.49
N VAL D 41 28.45 14.19 -25.90
CA VAL D 41 28.31 12.92 -26.61
C VAL D 41 27.17 12.95 -27.62
N ARG D 42 27.47 12.53 -28.85
CA ARG D 42 26.45 12.39 -29.90
C ARG D 42 25.97 10.94 -29.88
N VAL D 43 24.68 10.73 -30.09
CA VAL D 43 24.17 9.37 -30.23
C VAL D 43 23.37 9.32 -31.51
N SER D 44 23.13 8.13 -32.04
CA SER D 44 22.42 7.97 -33.29
C SER D 44 21.67 6.65 -33.39
N ASP D 45 20.55 6.67 -34.08
CA ASP D 45 19.88 5.49 -34.54
C ASP D 45 20.80 4.80 -35.60
N GLY D 46 20.61 3.51 -35.89
CA GLY D 46 19.59 2.63 -35.32
C GLY D 46 20.21 1.25 -35.18
N PRO D 47 19.37 0.19 -35.15
CA PRO D 47 19.98 -1.08 -34.92
C PRO D 47 20.53 -1.70 -36.22
N ASN D 48 20.32 -1.04 -37.36
CA ASN D 48 20.74 -1.64 -38.64
C ASN D 48 21.36 -0.62 -39.61
N GLY D 49 22.33 0.14 -39.13
CA GLY D 49 22.76 1.32 -39.86
C GLY D 49 22.57 2.63 -39.12
N ILE D 50 23.43 3.60 -39.42
CA ILE D 50 23.54 4.81 -38.62
C ILE D 50 22.98 6.04 -39.36
N ARG D 51 21.76 6.47 -39.07
CA ARG D 51 21.17 7.63 -39.80
C ARG D 51 21.90 8.99 -39.59
N GLY D 52 22.28 9.28 -38.35
CA GLY D 52 22.99 10.51 -38.03
C GLY D 52 22.01 11.55 -37.55
N THR D 53 22.49 12.78 -37.42
CA THR D 53 21.77 13.81 -36.68
C THR D 53 20.52 14.38 -37.33
N LYS D 54 20.21 13.99 -38.57
CA LYS D 54 18.97 14.50 -39.18
C LYS D 54 18.26 13.45 -40.04
N PHE D 55 16.96 13.63 -40.24
CA PHE D 55 16.14 12.72 -41.06
C PHE D 55 16.01 13.29 -42.45
N PHE D 56 15.40 14.47 -42.54
CA PHE D 56 15.28 15.18 -43.80
C PHE D 56 16.62 15.85 -44.15
N ASP D 57 17.01 15.77 -45.44
CA ASP D 57 18.34 16.20 -45.94
C ASP D 57 19.51 15.53 -45.19
N GLY D 58 19.34 14.26 -44.86
CA GLY D 58 20.36 13.54 -44.08
C GLY D 58 21.49 12.96 -44.91
N VAL D 59 22.69 12.98 -44.34
CA VAL D 59 23.88 12.40 -44.94
C VAL D 59 23.61 10.91 -45.20
N PRO D 60 23.85 10.43 -46.43
CA PRO D 60 23.68 9.00 -46.69
C PRO D 60 24.55 8.09 -45.84
N SER D 61 24.02 6.90 -45.58
CA SER D 61 24.69 5.91 -44.75
C SER D 61 24.57 4.46 -45.28
N GLY D 62 25.28 3.53 -44.64
CA GLY D 62 25.17 2.09 -44.92
C GLY D 62 24.06 1.35 -44.20
N CYS D 63 22.95 1.12 -44.90
CA CYS D 63 21.87 0.36 -44.35
C CYS D 63 22.15 -1.15 -44.32
N PHE D 64 22.24 -1.71 -43.12
CA PHE D 64 22.33 -3.16 -42.93
C PHE D 64 21.00 -3.86 -43.09
N PRO D 65 21.01 -5.19 -43.30
CA PRO D 65 19.67 -5.77 -43.32
C PRO D 65 19.01 -5.71 -41.93
N ASN D 66 17.67 -5.78 -41.97
CA ASN D 66 16.81 -5.66 -40.79
C ASN D 66 17.02 -6.86 -39.89
N GLY D 67 16.82 -6.64 -38.58
CA GLY D 67 17.18 -7.61 -37.52
C GLY D 67 16.70 -9.06 -37.65
N THR D 68 15.47 -9.28 -38.13
CA THR D 68 14.97 -10.65 -38.22
C THR D 68 15.78 -11.45 -39.28
N GLY D 69 16.09 -10.76 -40.39
CA GLY D 69 17.12 -11.14 -41.35
C GLY D 69 18.44 -11.44 -40.66
N LEU D 70 18.98 -10.47 -39.92
CA LEU D 70 20.29 -10.68 -39.35
C LEU D 70 20.30 -11.92 -38.51
N ALA D 71 19.29 -12.12 -37.66
CA ALA D 71 19.33 -13.26 -36.73
C ALA D 71 19.24 -14.57 -37.52
N SER D 72 18.54 -14.51 -38.66
CA SER D 72 18.42 -15.66 -39.58
C SER D 72 19.79 -16.21 -40.06
N THR D 73 20.85 -15.38 -40.02
CA THR D 73 22.17 -15.91 -40.34
C THR D 73 22.57 -17.00 -39.32
N PHE D 74 22.13 -16.87 -38.07
CA PHE D 74 22.56 -17.74 -36.98
C PHE D 74 24.06 -17.79 -36.90
N ASP D 75 24.69 -16.70 -37.31
CA ASP D 75 26.13 -16.61 -37.32
C ASP D 75 26.65 -15.55 -36.31
N ARG D 76 27.11 -15.99 -35.13
CA ARG D 76 27.66 -15.04 -34.18
C ARG D 76 28.80 -14.29 -34.80
N ASP D 77 29.77 -15.00 -35.39
CA ASP D 77 30.99 -14.34 -35.92
C ASP D 77 30.59 -13.26 -36.87
N LEU D 78 29.71 -13.62 -37.80
CA LEU D 78 29.34 -12.71 -38.81
C LEU D 78 28.62 -11.53 -38.15
N LEU D 79 27.76 -11.80 -37.15
CA LEU D 79 27.06 -10.75 -36.42
C LEU D 79 28.01 -9.79 -35.67
N GLU D 80 28.99 -10.37 -35.01
CA GLU D 80 30.02 -9.59 -34.35
C GLU D 80 30.75 -8.70 -35.38
N THR D 81 30.93 -9.22 -36.60
CA THR D 81 31.54 -8.50 -37.73
C THR D 81 30.68 -7.31 -38.18
N ALA D 82 29.37 -7.51 -38.22
CA ALA D 82 28.46 -6.40 -38.55
C ALA D 82 28.46 -5.33 -37.43
N GLY D 83 28.67 -5.77 -36.20
CA GLY D 83 28.92 -4.86 -35.09
C GLY D 83 30.01 -3.84 -35.36
N LYS D 84 31.22 -4.35 -35.69
CA LYS D 84 32.40 -3.57 -36.13
C LYS D 84 32.05 -2.70 -37.31
N LEU D 85 31.37 -3.25 -38.28
CA LEU D 85 31.07 -2.42 -39.42
C LEU D 85 30.18 -1.25 -38.98
N MET D 86 29.15 -1.55 -38.17
CA MET D 86 28.23 -0.51 -37.60
C MET D 86 29.01 0.59 -36.84
N ALA D 87 29.91 0.19 -35.93
CA ALA D 87 30.86 1.11 -35.32
C ALA D 87 31.58 1.98 -36.33
N LYS D 88 32.07 1.42 -37.44
CA LYS D 88 32.88 2.20 -38.38
C LYS D 88 31.98 3.24 -39.03
N GLU D 89 30.72 2.84 -39.27
CA GLU D 89 29.73 3.74 -39.87
C GLU D 89 29.33 4.85 -38.90
N SER D 90 29.40 4.53 -37.61
CA SER D 90 29.11 5.45 -36.52
C SER D 90 30.20 6.52 -36.44
N ILE D 91 31.45 6.11 -36.57
CA ILE D 91 32.57 7.03 -36.58
C ILE D 91 32.44 7.96 -37.77
N ALA D 92 32.10 7.39 -38.92
CA ALA D 92 31.93 8.22 -40.09
C ALA D 92 30.95 9.38 -39.85
N LYS D 93 30.04 9.18 -38.88
CA LYS D 93 28.99 10.19 -38.59
C LYS D 93 29.29 10.93 -37.29
N ASN D 94 30.38 10.56 -36.60
CA ASN D 94 30.79 11.19 -35.35
C ASN D 94 29.75 10.95 -34.24
N ALA D 95 29.10 9.79 -34.33
CA ALA D 95 28.23 9.25 -33.30
C ALA D 95 29.01 8.28 -32.47
N ALA D 96 29.14 8.58 -31.18
CA ALA D 96 29.91 7.82 -30.22
C ALA D 96 29.10 6.70 -29.58
N VAL D 97 27.79 6.77 -29.78
CA VAL D 97 26.81 5.89 -29.12
C VAL D 97 25.76 5.54 -30.14
N ILE D 98 25.46 4.25 -30.27
CA ILE D 98 24.44 3.80 -31.24
C ILE D 98 23.18 3.35 -30.49
N LEU D 99 22.02 3.78 -30.97
CA LEU D 99 20.74 3.41 -30.38
C LEU D 99 20.33 2.05 -30.96
N GLY D 100 21.03 1.03 -30.50
CA GLY D 100 20.76 -0.29 -30.99
C GLY D 100 21.77 -1.19 -30.37
N PRO D 101 21.55 -2.51 -30.46
CA PRO D 101 20.48 -3.27 -31.10
C PRO D 101 19.05 -3.17 -30.48
N THR D 102 18.05 -3.46 -31.33
CA THR D 102 16.68 -3.66 -30.88
C THR D 102 16.33 -5.15 -30.63
N THR D 103 15.94 -5.49 -29.39
CA THR D 103 15.54 -6.87 -29.07
C THR D 103 14.23 -7.05 -28.28
N ASN D 104 13.19 -6.36 -28.71
CA ASN D 104 11.84 -6.68 -28.27
C ASN D 104 11.44 -8.01 -28.95
N MET D 105 10.23 -8.55 -28.73
CA MET D 105 10.00 -9.95 -29.07
C MET D 105 8.72 -10.14 -29.84
N GLN D 106 8.78 -10.95 -30.88
CA GLN D 106 7.66 -11.11 -31.75
C GLN D 106 6.68 -12.09 -31.13
N ARG D 107 6.01 -11.71 -30.05
CA ARG D 107 5.09 -12.65 -29.43
C ARG D 107 3.96 -12.98 -30.42
N GLY D 108 3.71 -12.04 -31.33
CA GLY D 108 2.87 -12.21 -32.46
C GLY D 108 3.59 -11.65 -33.66
N PRO D 109 3.13 -11.99 -34.89
CA PRO D 109 3.77 -11.51 -36.13
C PRO D 109 3.46 -10.07 -36.57
N LEU D 110 2.41 -9.44 -36.03
CA LEU D 110 1.90 -8.17 -36.60
C LEU D 110 2.61 -6.89 -36.13
N GLY D 111 3.65 -7.08 -35.31
CA GLY D 111 4.22 -5.95 -34.61
C GLY D 111 4.86 -4.99 -35.56
N GLY D 112 4.44 -3.75 -35.49
CA GLY D 112 5.05 -2.71 -36.29
C GLY D 112 6.56 -2.77 -36.42
N ARG D 113 7.22 -3.18 -35.35
CA ARG D 113 8.66 -3.23 -35.34
C ARG D 113 9.12 -4.67 -35.19
N GLY D 114 8.24 -5.60 -35.52
CA GLY D 114 8.62 -6.98 -35.68
C GLY D 114 9.93 -7.11 -36.42
N PHE D 115 10.05 -6.47 -37.60
CA PHE D 115 11.29 -6.49 -38.42
C PHE D 115 12.57 -6.05 -37.71
N GLU D 116 12.43 -5.18 -36.71
CA GLU D 116 13.58 -4.48 -36.16
C GLU D 116 14.33 -5.33 -35.19
N SER D 117 13.60 -6.17 -34.48
CA SER D 117 14.27 -7.00 -33.48
C SER D 117 14.83 -8.28 -34.12
N PHE D 118 15.29 -9.22 -33.31
CA PHE D 118 15.99 -10.41 -33.82
C PHE D 118 15.12 -11.63 -34.01
N SER D 119 14.50 -12.11 -32.94
CA SER D 119 13.85 -13.39 -33.01
C SER D 119 12.82 -13.57 -31.87
N GLU D 120 11.81 -14.40 -32.10
CA GLU D 120 10.87 -14.81 -31.08
C GLU D 120 11.58 -15.69 -30.07
N ASP D 121 12.84 -16.06 -30.34
CA ASP D 121 13.56 -16.94 -29.44
C ASP D 121 14.50 -16.20 -28.48
N PRO D 122 14.32 -16.43 -27.18
CA PRO D 122 15.09 -15.65 -26.25
C PRO D 122 16.58 -15.91 -26.40
N TYR D 123 16.94 -17.17 -26.72
CA TYR D 123 18.34 -17.52 -26.85
C TYR D 123 18.90 -16.94 -28.13
N LEU D 124 18.23 -17.15 -29.23
CA LEU D 124 18.77 -16.58 -30.45
C LEU D 124 18.94 -15.04 -30.30
N ALA D 125 17.92 -14.36 -29.79
CA ALA D 125 17.88 -12.89 -29.69
C ALA D 125 18.91 -12.37 -28.73
N GLY D 126 19.19 -13.14 -27.70
CA GLY D 126 20.20 -12.76 -26.74
C GLY D 126 21.56 -12.84 -27.38
N MET D 127 21.83 -13.94 -28.08
CA MET D 127 23.15 -14.12 -28.68
C MET D 127 23.39 -13.18 -29.84
N ALA D 128 22.35 -12.89 -30.63
CA ALA D 128 22.48 -11.95 -31.76
C ALA D 128 22.85 -10.58 -31.17
N THR D 129 22.03 -10.15 -30.20
CA THR D 129 22.28 -8.96 -29.38
C THR D 129 23.70 -8.90 -28.86
N SER D 130 24.12 -9.89 -28.08
CA SER D 130 25.49 -9.96 -27.57
C SER D 130 26.62 -9.85 -28.62
N SER D 131 26.44 -10.53 -29.75
CA SER D 131 27.40 -10.53 -30.83
C SER D 131 27.46 -9.18 -31.46
N VAL D 132 26.30 -8.64 -31.86
CA VAL D 132 26.32 -7.32 -32.47
C VAL D 132 26.94 -6.29 -31.50
N VAL D 133 26.67 -6.44 -30.20
CA VAL D 133 27.18 -5.50 -29.22
C VAL D 133 28.69 -5.66 -29.08
N LYS D 134 29.17 -6.89 -28.93
CA LYS D 134 30.63 -7.10 -28.87
C LYS D 134 31.40 -6.41 -30.05
N GLY D 135 30.88 -6.54 -31.23
CA GLY D 135 31.53 -5.96 -32.34
C GLY D 135 31.61 -4.49 -32.24
N MET D 136 30.52 -3.86 -31.85
CA MET D 136 30.43 -2.42 -31.73
C MET D 136 31.38 -1.87 -30.71
N GLN D 137 31.50 -2.55 -29.58
CA GLN D 137 32.28 -2.02 -28.46
C GLN D 137 33.72 -2.45 -28.38
N GLY D 138 34.12 -3.32 -29.28
CA GLY D 138 35.54 -3.66 -29.46
C GLY D 138 36.20 -2.56 -30.28
N GLU D 139 35.41 -1.94 -31.16
CA GLU D 139 35.80 -0.75 -31.92
C GLU D 139 35.62 0.55 -31.13
N GLY D 140 35.22 0.42 -29.84
CA GLY D 140 35.05 1.56 -28.92
C GLY D 140 33.84 2.45 -29.13
N ILE D 141 32.90 2.03 -29.97
CA ILE D 141 31.63 2.72 -30.05
C ILE D 141 30.63 2.01 -29.09
N ALA D 142 29.86 2.80 -28.33
CA ALA D 142 28.95 2.27 -27.31
C ALA D 142 27.64 1.87 -27.91
N ALA D 143 27.12 0.73 -27.47
CA ALA D 143 25.77 0.26 -27.84
C ALA D 143 24.66 0.70 -26.85
N THR D 144 23.42 0.70 -27.33
CA THR D 144 22.28 0.94 -26.46
C THR D 144 21.26 -0.12 -26.78
N VAL D 145 21.19 -1.16 -25.96
CA VAL D 145 20.22 -2.24 -26.23
C VAL D 145 18.85 -1.73 -25.82
N LYS D 146 17.85 -1.98 -26.67
CA LYS D 146 16.55 -1.40 -26.49
C LYS D 146 15.45 -2.35 -27.00
N HIS D 147 14.18 -2.18 -26.61
CA HIS D 147 13.73 -1.21 -25.60
C HIS D 147 13.29 -1.96 -24.36
N PHE D 148 13.82 -1.58 -23.22
CA PHE D 148 13.63 -2.31 -21.96
C PHE D 148 12.34 -1.83 -21.27
N VAL D 149 11.21 -2.55 -21.30
CA VAL D 149 11.11 -3.94 -21.77
C VAL D 149 9.63 -4.18 -22.08
N CYS D 150 9.32 -5.20 -22.89
CA CYS D 150 7.93 -5.54 -23.27
C CYS D 150 7.29 -4.52 -24.16
N ASN D 151 8.13 -3.80 -24.91
CA ASN D 151 7.63 -2.96 -26.03
C ASN D 151 7.39 -3.83 -27.27
N ASP D 152 6.34 -4.63 -27.25
CA ASP D 152 6.18 -5.77 -28.21
C ASP D 152 5.02 -5.62 -29.21
N LEU D 153 4.34 -4.48 -29.16
CA LEU D 153 3.48 -4.01 -30.25
C LEU D 153 3.63 -2.51 -30.21
N GLU D 154 3.03 -1.83 -31.18
CA GLU D 154 3.28 -0.39 -31.38
C GLU D 154 2.12 0.40 -30.87
N ASP D 155 0.95 -0.23 -30.95
CA ASP D 155 -0.34 0.37 -30.65
C ASP D 155 -0.35 1.09 -29.32
N GLN D 156 -0.44 2.42 -29.40
CA GLN D 156 -0.66 3.19 -28.18
C GLN D 156 0.49 2.98 -27.19
N ARG D 157 1.71 2.81 -27.71
CA ARG D 157 2.84 2.35 -26.91
C ARG D 157 3.28 3.30 -25.80
N PHE D 158 2.87 4.55 -25.83
CA PHE D 158 3.24 5.44 -24.73
C PHE D 158 2.48 5.12 -23.45
N SER D 159 1.33 4.49 -23.62
CA SER D 159 0.45 4.18 -22.52
C SER D 159 0.20 2.69 -22.32
N SER D 160 0.45 1.89 -23.37
CA SER D 160 0.20 0.44 -23.37
C SER D 160 0.79 -0.23 -22.14
N ASN D 161 -0.04 -0.98 -21.46
CA ASN D 161 0.38 -1.67 -20.24
C ASN D 161 0.55 -3.15 -20.54
N SER D 162 1.79 -3.59 -20.70
CA SER D 162 2.08 -4.99 -20.88
C SER D 162 1.90 -5.78 -19.60
N ILE D 163 0.91 -6.65 -19.58
CA ILE D 163 0.56 -7.38 -18.37
C ILE D 163 1.01 -8.82 -18.54
N VAL D 164 1.95 -9.27 -17.74
CA VAL D 164 2.69 -10.45 -18.09
C VAL D 164 3.24 -11.06 -16.80
N SER D 165 3.16 -12.38 -16.66
CA SER D 165 3.66 -13.01 -15.45
C SER D 165 5.17 -12.80 -15.33
N GLU D 166 5.65 -12.94 -14.12
CA GLU D 166 7.05 -12.90 -13.84
C GLU D 166 7.77 -14.03 -14.62
N ARG D 167 7.17 -15.20 -14.70
CA ARG D 167 7.86 -16.24 -15.46
C ARG D 167 8.04 -15.88 -16.96
N ALA D 168 7.00 -15.39 -17.62
CA ALA D 168 7.17 -15.01 -19.02
C ALA D 168 8.14 -13.83 -19.14
N LEU D 169 7.97 -12.87 -18.20
CA LEU D 169 8.84 -11.71 -18.14
C LEU D 169 10.29 -12.12 -18.12
N ARG D 170 10.64 -13.01 -17.20
CA ARG D 170 12.00 -13.51 -17.05
C ARG D 170 12.47 -14.34 -18.22
N GLU D 171 11.63 -15.26 -18.68
CA GLU D 171 12.10 -16.29 -19.60
C GLU D 171 12.14 -15.79 -21.02
N ILE D 172 11.11 -15.04 -21.42
CA ILE D 172 11.04 -14.58 -22.80
C ILE D 172 11.61 -13.17 -23.05
N TYR D 173 11.19 -12.16 -22.25
CA TYR D 173 11.39 -10.73 -22.58
C TYR D 173 12.65 -10.14 -22.00
N LEU D 174 12.87 -10.41 -20.71
CA LEU D 174 14.07 -9.99 -20.03
C LEU D 174 15.30 -10.76 -20.50
N GLU D 175 15.09 -12.00 -20.98
CA GLU D 175 16.16 -12.94 -21.23
C GLU D 175 17.19 -12.39 -22.25
N PRO D 176 16.74 -11.84 -23.40
CA PRO D 176 17.81 -11.41 -24.32
C PRO D 176 18.69 -10.26 -23.77
N PHE D 177 18.07 -9.38 -22.97
CA PHE D 177 18.83 -8.38 -22.21
C PHE D 177 19.73 -9.05 -21.25
N ARG D 178 19.26 -10.08 -20.56
CA ARG D 178 20.12 -10.76 -19.60
C ARG D 178 21.34 -11.32 -20.32
N LEU D 179 21.13 -11.86 -21.53
CA LEU D 179 22.20 -12.54 -22.22
C LEU D 179 23.14 -11.46 -22.67
N ALA D 180 22.63 -10.35 -23.22
CA ALA D 180 23.51 -9.26 -23.60
C ALA D 180 24.31 -8.64 -22.45
N VAL D 181 23.71 -8.50 -21.30
CA VAL D 181 24.45 -7.88 -20.21
C VAL D 181 25.54 -8.85 -19.77
N LYS D 182 25.16 -10.13 -19.77
CA LYS D 182 26.03 -11.21 -19.29
C LYS D 182 27.35 -11.39 -20.13
N HIS D 183 27.22 -11.36 -21.44
CA HIS D 183 28.34 -11.68 -22.31
C HIS D 183 28.95 -10.43 -22.89
N ALA D 184 28.13 -9.41 -23.11
CA ALA D 184 28.55 -8.27 -23.90
C ALA D 184 28.64 -6.95 -23.13
N ASN D 185 28.00 -6.89 -21.96
CA ASN D 185 27.92 -5.68 -21.14
C ASN D 185 27.70 -4.35 -21.94
N PRO D 186 26.54 -4.21 -22.59
CA PRO D 186 26.36 -2.95 -23.32
C PRO D 186 26.52 -1.74 -22.45
N VAL D 187 27.12 -0.70 -23.03
CA VAL D 187 27.34 0.58 -22.36
C VAL D 187 26.03 1.25 -21.88
N CYS D 188 25.01 1.24 -22.73
CA CYS D 188 23.69 1.78 -22.40
C CYS D 188 22.51 0.82 -22.67
N ILE D 189 21.36 1.09 -22.05
CA ILE D 189 20.10 0.45 -22.36
C ILE D 189 19.04 1.52 -22.54
N MET D 190 18.05 1.30 -23.38
CA MET D 190 17.03 2.29 -23.54
C MET D 190 15.72 1.73 -22.98
N THR D 191 15.06 2.52 -22.13
CA THR D 191 13.85 2.10 -21.45
C THR D 191 12.75 2.23 -22.48
N ALA D 192 11.74 1.37 -22.38
CA ALA D 192 10.68 1.29 -23.36
C ALA D 192 9.70 2.42 -23.12
N TYR D 193 8.81 2.67 -24.07
CA TYR D 193 7.80 3.68 -23.88
C TYR D 193 6.70 3.21 -22.93
N ASN D 194 6.50 1.90 -22.91
CA ASN D 194 5.28 1.30 -22.38
C ASN D 194 5.33 1.03 -20.86
N LYS D 195 4.23 0.51 -20.31
CA LYS D 195 4.23 -0.01 -18.93
C LYS D 195 4.45 -1.50 -18.90
N VAL D 196 4.98 -1.99 -17.79
CA VAL D 196 5.03 -3.42 -17.53
C VAL D 196 4.23 -3.57 -16.23
N ASN D 197 3.13 -4.33 -16.25
CA ASN D 197 2.29 -4.55 -15.08
C ASN D 197 1.96 -3.28 -14.29
N GLY D 198 1.54 -2.24 -15.00
CA GLY D 198 0.97 -1.07 -14.38
C GLY D 198 1.95 0.05 -14.18
N GLU D 199 3.24 -0.21 -14.38
CA GLU D 199 4.21 0.86 -14.13
C GLU D 199 5.04 1.15 -15.39
N HIS D 200 5.19 2.43 -15.75
CA HIS D 200 5.98 2.83 -16.90
C HIS D 200 7.39 2.34 -16.70
N CYS D 201 7.89 1.65 -17.70
CA CYS D 201 9.26 1.15 -17.68
C CYS D 201 10.25 2.22 -17.22
N SER D 202 10.12 3.44 -17.76
CA SER D 202 11.14 4.43 -17.53
C SER D 202 11.13 4.94 -16.11
N GLN D 203 10.21 4.43 -15.29
CA GLN D 203 10.25 4.77 -13.87
C GLN D 203 10.00 3.59 -12.95
N SER D 204 10.31 2.39 -13.42
CA SER D 204 10.08 1.18 -12.64
C SER D 204 11.28 0.81 -11.80
N LYS D 205 11.17 1.02 -10.49
CA LYS D 205 12.28 0.62 -9.59
C LYS D 205 12.62 -0.85 -9.81
N LYS D 206 11.57 -1.67 -10.06
CA LYS D 206 11.70 -3.11 -10.21
C LYS D 206 12.66 -3.43 -11.37
N LEU D 207 12.38 -2.85 -12.54
CA LEU D 207 13.17 -3.08 -13.74
C LEU D 207 14.53 -2.38 -13.67
N LEU D 208 14.54 -1.08 -13.36
CA LEU D 208 15.70 -0.24 -13.55
C LEU D 208 16.71 -0.36 -12.41
N ILE D 209 16.21 -0.65 -11.21
CA ILE D 209 17.07 -0.81 -10.06
C ILE D 209 17.08 -2.23 -9.52
N ASP D 210 15.94 -2.76 -9.06
CA ASP D 210 16.00 -4.10 -8.45
C ASP D 210 16.67 -5.17 -9.33
N ILE D 211 16.24 -5.26 -10.58
CA ILE D 211 16.76 -6.23 -11.51
C ILE D 211 18.05 -5.79 -12.16
N LEU D 212 18.05 -4.68 -12.91
CA LEU D 212 19.22 -4.22 -13.65
C LEU D 212 20.45 -3.98 -12.79
N ARG D 213 20.25 -3.38 -11.60
CA ARG D 213 21.39 -3.02 -10.73
C ARG D 213 21.65 -4.03 -9.63
N ASP D 214 20.72 -4.15 -8.68
CA ASP D 214 20.87 -5.10 -7.58
C ASP D 214 21.12 -6.57 -7.97
N GLU D 215 20.44 -7.08 -9.00
CA GLU D 215 20.52 -8.52 -9.28
C GLU D 215 21.59 -8.87 -10.34
N TRP D 216 21.55 -8.21 -11.48
CA TRP D 216 22.50 -8.38 -12.58
C TRP D 216 23.80 -7.65 -12.35
N LYS D 217 23.87 -6.75 -11.39
CA LYS D 217 25.03 -5.84 -11.23
C LYS D 217 25.47 -5.05 -12.51
N TRP D 218 24.58 -4.75 -13.44
CA TRP D 218 24.97 -4.00 -14.62
C TRP D 218 25.28 -2.52 -14.26
N ASP D 219 26.44 -2.00 -14.68
CA ASP D 219 26.81 -0.60 -14.41
C ASP D 219 26.68 0.35 -15.55
N GLY D 220 25.84 0.07 -16.53
CA GLY D 220 25.73 1.03 -17.63
C GLY D 220 24.78 2.18 -17.33
N MET D 221 24.51 2.97 -18.37
CA MET D 221 23.65 4.12 -18.25
C MET D 221 22.32 3.86 -18.95
N LEU D 222 21.21 4.26 -18.27
CA LEU D 222 19.85 4.13 -18.85
C LEU D 222 19.34 5.42 -19.46
N MET D 223 18.96 5.38 -20.72
CA MET D 223 18.32 6.50 -21.32
C MET D 223 16.87 6.19 -21.64
N SER D 224 16.07 7.23 -21.73
CA SER D 224 14.65 7.06 -21.97
C SER D 224 14.55 6.85 -23.45
N ASP D 225 13.49 6.23 -23.93
CA ASP D 225 13.14 6.40 -25.31
C ASP D 225 12.75 7.88 -25.45
N TRP D 226 12.49 8.31 -26.69
CA TRP D 226 12.41 9.71 -27.02
C TRP D 226 11.05 10.24 -26.55
N PHE D 227 11.10 11.14 -25.57
CA PHE D 227 9.91 11.64 -24.87
C PHE D 227 9.28 10.68 -23.84
N GLY D 228 9.78 9.45 -23.76
CA GLY D 228 9.20 8.46 -22.83
C GLY D 228 9.63 8.62 -21.36
N THR D 229 9.59 9.86 -20.87
CA THR D 229 9.64 10.14 -19.46
C THR D 229 8.24 10.68 -19.09
N TYR D 230 7.81 10.39 -17.87
CA TYR D 230 6.42 10.65 -17.50
C TYR D 230 6.28 11.28 -16.11
N THR D 231 7.39 11.38 -15.36
CA THR D 231 7.35 12.09 -14.11
C THR D 231 8.61 12.89 -14.00
N THR D 232 8.64 13.86 -13.08
CA THR D 232 9.91 14.50 -12.71
C THR D 232 10.62 13.67 -11.69
N ALA D 233 10.04 13.50 -10.50
CA ALA D 233 10.82 12.91 -9.41
C ALA D 233 10.94 11.39 -9.39
N ALA D 234 9.86 10.65 -9.68
CA ALA D 234 9.82 9.20 -9.63
C ALA D 234 10.78 8.55 -10.66
N ALA D 235 10.99 9.22 -11.81
CA ALA D 235 11.94 8.71 -12.81
C ALA D 235 13.38 8.86 -12.33
N ILE D 236 13.64 9.96 -11.62
CA ILE D 236 14.94 10.18 -11.01
C ILE D 236 15.15 9.18 -9.87
N LYS D 237 14.26 9.12 -8.88
CA LYS D 237 14.33 8.12 -7.83
C LYS D 237 14.39 6.63 -8.34
N ASN D 238 13.60 6.30 -9.35
CA ASN D 238 13.56 4.89 -9.77
C ASN D 238 14.59 4.43 -10.82
N GLY D 239 15.60 5.27 -11.09
CA GLY D 239 16.78 4.85 -11.81
C GLY D 239 16.86 5.18 -13.30
N LEU D 240 16.02 6.09 -13.82
CA LEU D 240 16.17 6.55 -15.18
C LEU D 240 17.28 7.63 -15.23
N ASP D 241 18.43 7.26 -15.78
CA ASP D 241 19.62 8.13 -15.74
C ASP D 241 19.51 9.41 -16.58
N ILE D 242 19.09 9.30 -17.84
CA ILE D 242 19.03 10.49 -18.69
C ILE D 242 17.76 10.58 -19.51
N GLU D 243 17.18 11.77 -19.62
CA GLU D 243 15.98 12.02 -20.45
C GLU D 243 16.35 12.36 -21.89
N PHE D 244 15.75 11.70 -22.88
CA PHE D 244 15.96 12.15 -24.24
C PHE D 244 14.63 12.43 -24.85
N PRO D 245 14.54 13.44 -25.73
CA PRO D 245 15.57 14.39 -26.13
C PRO D 245 15.49 15.68 -25.31
N GLY D 246 16.53 16.51 -25.46
CA GLY D 246 16.48 17.89 -25.08
C GLY D 246 15.67 18.67 -26.09
N PRO D 247 15.26 19.89 -25.72
CA PRO D 247 15.46 20.43 -24.37
C PRO D 247 14.49 19.74 -23.36
N THR D 248 14.98 19.51 -22.15
CA THR D 248 14.25 18.77 -21.14
C THR D 248 12.83 19.23 -20.89
N ARG D 249 11.93 18.26 -20.69
CA ARG D 249 10.57 18.58 -20.25
C ARG D 249 10.54 18.38 -18.74
N TRP D 250 10.96 17.19 -18.29
CA TRP D 250 10.70 16.74 -16.93
C TRP D 250 11.81 17.11 -15.93
N ARG D 251 12.89 17.68 -16.46
CA ARG D 251 14.04 17.85 -15.63
C ARG D 251 14.68 19.21 -15.76
N THR D 252 13.84 20.24 -15.96
CA THR D 252 14.30 21.64 -15.87
C THR D 252 14.95 21.88 -14.52
N ARG D 253 15.88 22.82 -14.44
CA ARG D 253 16.55 23.12 -13.16
C ARG D 253 15.52 23.44 -12.07
N ALA D 254 14.35 23.91 -12.47
CA ALA D 254 13.38 24.36 -11.52
C ALA D 254 12.57 23.17 -10.98
N LEU D 255 12.16 22.28 -11.89
CA LEU D 255 11.36 21.14 -11.49
C LEU D 255 12.16 20.31 -10.52
N VAL D 256 13.44 20.12 -10.81
CA VAL D 256 14.25 19.21 -10.01
C VAL D 256 14.62 19.84 -8.67
N SER D 257 15.15 21.04 -8.73
CA SER D 257 15.57 21.71 -7.52
C SER D 257 14.38 22.08 -6.60
N HIS D 258 13.23 22.41 -7.18
CA HIS D 258 12.04 22.55 -6.34
C HIS D 258 11.67 21.24 -5.65
N SER D 259 11.76 20.12 -6.37
CA SER D 259 11.48 18.83 -5.79
C SER D 259 12.44 18.57 -4.63
N LEU D 260 13.70 18.91 -4.82
CA LEU D 260 14.72 18.62 -3.83
C LEU D 260 14.52 19.47 -2.61
N ASN D 261 14.38 20.79 -2.82
CA ASN D 261 14.18 21.72 -1.74
C ASN D 261 12.85 21.54 -0.97
N SER D 262 11.83 20.99 -1.65
CA SER D 262 10.55 20.80 -1.00
C SER D 262 10.36 19.40 -0.40
N ARG D 263 11.43 18.62 -0.33
CA ARG D 263 11.35 17.23 0.14
C ARG D 263 10.21 16.47 -0.52
N GLU D 264 10.06 16.66 -1.79
CA GLU D 264 9.11 15.90 -2.53
C GLU D 264 9.77 14.76 -3.28
N GLN D 265 9.64 13.56 -2.74
CA GLN D 265 10.08 12.36 -3.41
C GLN D 265 11.58 12.07 -3.53
N ILE D 266 12.38 13.01 -4.04
CA ILE D 266 13.79 12.76 -4.31
C ILE D 266 14.79 13.45 -3.37
N THR D 267 15.92 12.82 -3.10
CA THR D 267 16.97 13.42 -2.32
C THR D 267 18.18 13.74 -3.25
N THR D 268 19.20 14.38 -2.73
CA THR D 268 20.35 14.69 -3.58
C THR D 268 21.08 13.38 -3.99
N GLU D 269 21.15 12.40 -3.08
CA GLU D 269 21.60 11.02 -3.44
C GLU D 269 21.01 10.49 -4.78
N ASP D 270 19.70 10.63 -4.95
CA ASP D 270 19.08 10.02 -6.11
C ASP D 270 19.71 10.67 -7.34
N VAL D 271 19.84 11.99 -7.30
CA VAL D 271 20.38 12.78 -8.40
C VAL D 271 21.88 12.38 -8.65
N ASP D 272 22.69 12.35 -7.61
CA ASP D 272 24.04 11.89 -7.74
C ASP D 272 24.13 10.56 -8.43
N ASP D 273 23.26 9.63 -7.99
CA ASP D 273 23.22 8.27 -8.51
C ASP D 273 22.90 8.34 -10.00
N ARG D 274 21.96 9.17 -10.40
CA ARG D 274 21.71 9.21 -11.83
C ARG D 274 22.96 9.76 -12.56
N VAL D 275 23.36 10.96 -12.17
CA VAL D 275 24.46 11.68 -12.77
C VAL D 275 25.65 10.74 -12.93
N ARG D 276 26.01 10.03 -11.87
CA ARG D 276 27.12 9.05 -11.88
C ARG D 276 27.11 8.10 -13.08
N GLN D 277 25.96 7.50 -13.38
CA GLN D 277 25.90 6.51 -14.43
C GLN D 277 26.17 7.20 -15.77
N VAL D 278 25.62 8.41 -15.89
CA VAL D 278 25.80 9.23 -17.06
C VAL D 278 27.29 9.50 -17.22
N LEU D 279 27.96 9.77 -16.09
CA LEU D 279 29.35 10.04 -16.10
C LEU D 279 30.14 8.84 -16.66
N LYS D 280 29.69 7.63 -16.32
CA LYS D 280 30.36 6.42 -16.80
C LYS D 280 30.20 6.24 -18.32
N MET D 281 29.02 6.50 -18.84
CA MET D 281 28.79 6.41 -20.26
C MET D 281 29.75 7.40 -20.93
N ILE D 282 29.80 8.63 -20.39
CA ILE D 282 30.71 9.63 -20.91
C ILE D 282 32.15 9.16 -20.78
N LYS D 283 32.53 8.56 -19.66
CA LYS D 283 33.88 8.04 -19.51
C LYS D 283 34.22 7.02 -20.60
N PHE D 284 33.29 6.14 -20.88
CA PHE D 284 33.55 5.18 -21.94
C PHE D 284 33.91 5.94 -23.20
N VAL D 285 33.15 6.99 -23.52
CA VAL D 285 33.31 7.65 -24.78
C VAL D 285 34.67 8.38 -24.81
N VAL D 286 35.05 8.95 -23.67
CA VAL D 286 36.24 9.79 -23.60
C VAL D 286 37.45 8.91 -23.70
N ASP D 287 37.39 7.78 -23.00
CA ASP D 287 38.46 6.79 -22.94
C ASP D 287 38.71 6.09 -24.28
N ASN D 288 37.86 6.35 -25.28
CA ASN D 288 37.97 5.75 -26.61
C ASN D 288 38.04 6.80 -27.72
N LEU D 289 38.31 8.03 -27.35
CA LEU D 289 38.39 9.09 -28.36
C LEU D 289 39.64 8.94 -29.20
N GLU D 290 40.72 8.41 -28.60
CA GLU D 290 41.93 8.27 -29.36
C GLU D 290 41.74 7.16 -30.35
N LYS D 291 41.36 5.98 -29.86
CA LYS D 291 41.07 4.83 -30.71
C LYS D 291 39.99 5.06 -31.76
N THR D 292 39.02 5.92 -31.50
CA THR D 292 37.93 6.14 -32.46
C THR D 292 38.08 7.45 -33.25
N GLY D 293 38.80 8.41 -32.68
CA GLY D 293 38.94 9.72 -33.31
C GLY D 293 37.67 10.55 -33.45
N ILE D 294 36.62 10.23 -32.65
CA ILE D 294 35.34 10.98 -32.68
C ILE D 294 35.61 12.45 -32.31
N VAL D 295 34.89 13.34 -32.99
CA VAL D 295 35.10 14.76 -32.84
C VAL D 295 33.82 15.41 -32.31
N GLU D 296 33.86 15.96 -31.11
CA GLU D 296 32.65 16.51 -30.51
C GLU D 296 31.92 17.48 -31.44
N ASN D 297 30.60 17.33 -31.56
CA ASN D 297 29.76 18.12 -32.51
C ASN D 297 30.38 18.17 -33.95
N GLY D 298 31.10 17.09 -34.29
CA GLY D 298 31.82 16.90 -35.55
C GLY D 298 30.99 16.93 -36.83
N PRO D 299 31.64 16.90 -38.00
CA PRO D 299 30.76 16.95 -39.15
C PRO D 299 30.23 15.55 -39.46
N GLU D 300 29.30 15.48 -40.40
CA GLU D 300 28.85 14.20 -40.84
C GLU D 300 29.31 13.87 -42.27
N SER D 301 30.11 12.80 -42.40
CA SER D 301 30.70 12.34 -43.66
C SER D 301 30.13 11.02 -44.22
N THR D 302 30.34 10.81 -45.53
CA THR D 302 30.01 9.54 -46.18
C THR D 302 31.33 8.77 -46.46
N SER D 303 32.33 9.03 -45.61
CA SER D 303 33.69 8.51 -45.77
C SER D 303 33.75 6.98 -45.81
N ASN D 304 32.67 6.32 -45.41
CA ASN D 304 32.67 4.85 -45.35
C ASN D 304 31.95 4.22 -46.51
N ASN D 305 31.40 5.02 -47.41
CA ASN D 305 30.88 4.47 -48.66
C ASN D 305 31.97 3.87 -49.55
N THR D 306 32.31 2.61 -49.29
CA THR D 306 33.44 1.97 -49.92
C THR D 306 33.10 0.54 -50.35
N LYS D 307 33.86 0.07 -51.34
CA LYS D 307 33.82 -1.31 -51.81
C LYS D 307 33.92 -2.31 -50.66
N GLU D 308 34.91 -2.12 -49.77
CA GLU D 308 35.10 -3.02 -48.64
C GLU D 308 33.84 -3.12 -47.81
N THR D 309 33.19 -1.99 -47.65
CA THR D 309 32.03 -1.88 -46.81
C THR D 309 30.87 -2.53 -47.55
N SER D 310 30.67 -2.17 -48.83
CA SER D 310 29.67 -2.82 -49.68
C SER D 310 29.85 -4.34 -49.79
N ASP D 311 31.10 -4.82 -49.78
CA ASP D 311 31.36 -6.27 -49.81
C ASP D 311 30.62 -6.90 -48.67
N LEU D 312 30.88 -6.37 -47.48
CA LEU D 312 30.35 -6.88 -46.25
C LEU D 312 28.82 -6.78 -46.19
N LEU D 313 28.24 -5.66 -46.58
CA LEU D 313 26.79 -5.58 -46.57
C LEU D 313 26.14 -6.63 -47.47
N ARG D 314 26.75 -6.85 -48.63
CA ARG D 314 26.33 -7.84 -49.60
C ARG D 314 26.39 -9.22 -49.00
N LYS D 315 27.44 -9.45 -48.22
CA LYS D 315 27.66 -10.74 -47.64
C LYS D 315 26.65 -11.02 -46.53
N ILE D 316 26.47 -10.01 -45.65
CA ILE D 316 25.60 -10.13 -44.49
C ILE D 316 24.19 -10.23 -45.03
N ALA D 317 23.88 -9.47 -46.07
CA ALA D 317 22.59 -9.63 -46.69
C ALA D 317 22.43 -11.02 -47.30
N ALA D 318 23.47 -11.52 -47.96
CA ALA D 318 23.37 -12.81 -48.67
C ALA D 318 23.06 -13.92 -47.70
N ASP D 319 23.81 -13.95 -46.60
CA ASP D 319 23.68 -15.02 -45.61
C ASP D 319 22.44 -14.93 -44.74
N SER D 320 21.67 -13.87 -44.90
CA SER D 320 20.45 -13.67 -44.16
C SER D 320 19.27 -14.29 -44.89
N ILE D 321 19.45 -14.53 -46.20
CA ILE D 321 18.37 -14.97 -47.06
C ILE D 321 18.06 -16.40 -46.67
N VAL D 322 16.77 -16.74 -46.72
CA VAL D 322 16.33 -18.05 -46.32
C VAL D 322 15.59 -18.67 -47.49
N LEU D 323 16.13 -19.81 -47.94
CA LEU D 323 15.54 -20.53 -49.03
C LEU D 323 14.56 -21.44 -48.38
N LEU D 324 13.30 -21.30 -48.77
CA LEU D 324 12.23 -22.00 -48.09
C LEU D 324 11.71 -23.20 -48.88
N LYS D 325 11.86 -23.14 -50.20
CA LYS D 325 11.34 -24.18 -51.07
C LYS D 325 12.15 -24.22 -52.34
N ASN D 326 12.45 -25.43 -52.80
CA ASN D 326 13.11 -25.59 -54.09
C ASN D 326 12.87 -26.96 -54.68
N LYS D 327 11.65 -27.20 -55.19
CA LYS D 327 11.38 -28.40 -55.95
C LYS D 327 12.04 -28.40 -57.34
N ASN D 328 12.29 -29.60 -57.88
CA ASN D 328 12.62 -29.75 -59.30
C ASN D 328 13.83 -28.93 -59.77
N ASN D 329 14.65 -28.46 -58.82
CA ASN D 329 15.88 -27.72 -59.15
C ASN D 329 15.65 -26.42 -59.92
N ILE D 330 14.48 -25.81 -59.73
CA ILE D 330 14.26 -24.50 -60.30
C ILE D 330 15.47 -23.62 -59.94
N LEU D 331 16.04 -23.81 -58.76
CA LEU D 331 17.24 -23.08 -58.34
C LEU D 331 18.48 -23.96 -58.13
N PRO D 332 19.70 -23.39 -58.26
CA PRO D 332 20.04 -22.04 -58.67
C PRO D 332 19.69 -21.80 -60.10
N LEU D 333 19.24 -20.61 -60.41
CA LEU D 333 19.11 -20.15 -61.76
C LEU D 333 20.44 -20.27 -62.50
N LYS D 334 20.39 -20.44 -63.82
CA LYS D 334 21.61 -20.58 -64.62
C LYS D 334 21.66 -19.41 -65.57
N LYS D 335 22.84 -18.85 -65.78
CA LYS D 335 22.99 -17.68 -66.66
C LYS D 335 22.28 -17.89 -68.02
N GLU D 336 22.40 -19.10 -68.56
CA GLU D 336 21.75 -19.47 -69.82
C GLU D 336 20.23 -19.61 -69.75
N ASP D 337 19.63 -19.53 -68.55
CA ASP D 337 18.16 -19.68 -68.43
C ASP D 337 17.47 -18.46 -69.06
N ASN D 338 16.31 -18.67 -69.70
CA ASN D 338 15.53 -17.55 -70.21
C ASN D 338 14.46 -17.06 -69.22
N ILE D 339 14.80 -16.00 -68.48
CA ILE D 339 13.97 -15.51 -67.38
C ILE D 339 13.24 -14.20 -67.73
N ILE D 340 12.16 -13.94 -66.99
CA ILE D 340 11.57 -12.60 -66.87
C ILE D 340 11.35 -12.24 -65.38
N VAL D 341 11.75 -11.03 -64.99
CA VAL D 341 11.57 -10.55 -63.62
C VAL D 341 10.25 -9.78 -63.51
N ILE D 342 9.39 -10.23 -62.59
CA ILE D 342 8.03 -9.68 -62.42
C ILE D 342 7.75 -9.33 -60.95
N GLY D 343 6.95 -8.29 -60.72
CA GLY D 343 6.49 -8.01 -59.37
C GLY D 343 6.66 -6.60 -58.81
N PRO D 344 5.84 -6.27 -57.78
CA PRO D 344 5.74 -4.98 -57.09
C PRO D 344 7.03 -4.56 -56.40
N ASN D 345 7.80 -5.52 -55.89
CA ASN D 345 9.04 -5.23 -55.18
C ASN D 345 10.26 -5.46 -56.06
N ALA D 346 10.06 -5.72 -57.36
CA ALA D 346 11.21 -5.96 -58.28
C ALA D 346 12.09 -4.73 -58.47
N LYS D 347 11.44 -3.61 -58.77
CA LYS D 347 12.13 -2.37 -59.05
C LYS D 347 12.15 -1.41 -57.85
N ALA D 348 11.31 -1.67 -56.84
CA ALA D 348 11.34 -0.90 -55.58
C ALA D 348 12.64 -1.14 -54.79
N LYS D 349 12.94 -0.22 -53.86
CA LYS D 349 14.17 -0.26 -53.07
C LYS D 349 13.94 -0.45 -51.53
N THR D 350 13.25 -1.54 -51.19
CA THR D 350 12.82 -1.77 -49.81
C THR D 350 13.97 -2.28 -48.90
N SER D 351 14.92 -1.37 -48.60
CA SER D 351 16.12 -1.68 -47.80
C SER D 351 15.88 -1.97 -46.32
N SER D 352 14.80 -1.45 -45.78
CA SER D 352 14.56 -1.49 -44.34
C SER D 352 13.08 -1.35 -44.03
N GLY D 353 12.74 -1.61 -42.76
CA GLY D 353 11.43 -1.26 -42.18
C GLY D 353 11.29 0.23 -41.84
N GLY D 354 10.06 0.66 -41.58
CA GLY D 354 9.76 2.07 -41.33
C GLY D 354 10.06 2.55 -39.94
N GLY D 355 10.58 3.77 -39.85
CA GLY D 355 10.75 4.46 -38.59
C GLY D 355 12.17 4.94 -38.29
N SER D 356 12.50 4.94 -36.99
CA SER D 356 13.81 5.27 -36.51
C SER D 356 14.90 4.27 -36.92
N ALA D 357 14.53 3.16 -37.55
CA ALA D 357 15.54 2.16 -37.95
C ALA D 357 16.08 2.57 -39.34
N SER D 358 15.26 3.33 -40.07
CA SER D 358 15.57 3.81 -41.41
C SER D 358 16.51 4.99 -41.43
N MET D 359 16.98 5.26 -42.65
CA MET D 359 18.08 6.18 -42.95
C MET D 359 18.12 6.51 -44.45
N ASN D 360 18.93 7.50 -44.81
CA ASN D 360 19.22 7.72 -46.22
C ASN D 360 20.40 6.88 -46.65
N SER D 361 20.18 6.06 -47.68
CA SER D 361 21.23 5.18 -48.21
C SER D 361 22.11 5.87 -49.28
N TYR D 362 23.40 5.49 -49.29
CA TYR D 362 24.29 5.68 -50.47
C TYR D 362 23.54 5.36 -51.76
N TYR D 363 23.02 4.14 -51.81
CA TYR D 363 22.26 3.62 -52.94
C TYR D 363 21.60 2.38 -52.34
N VAL D 364 20.49 1.96 -52.93
CA VAL D 364 19.96 0.63 -52.68
C VAL D 364 19.94 -0.11 -54.01
N VAL D 365 20.62 -1.25 -54.08
CA VAL D 365 20.47 -2.07 -55.29
C VAL D 365 19.17 -2.86 -55.24
N SER D 366 18.21 -2.48 -56.09
CA SER D 366 16.93 -3.17 -56.19
C SER D 366 17.15 -4.63 -56.63
N PRO D 367 16.13 -5.51 -56.45
CA PRO D 367 16.46 -6.89 -56.79
C PRO D 367 16.62 -6.99 -58.30
N TYR D 368 15.76 -6.28 -59.03
CA TYR D 368 15.76 -6.25 -60.49
C TYR D 368 17.13 -5.88 -61.00
N GLU D 369 17.69 -4.80 -60.45
CA GLU D 369 19.04 -4.34 -60.76
C GLU D 369 20.09 -5.40 -60.44
N GLY D 370 19.90 -6.08 -59.31
CA GLY D 370 20.86 -7.08 -58.83
C GLY D 370 21.01 -8.16 -59.88
N ILE D 371 19.89 -8.61 -60.42
CA ILE D 371 19.88 -9.57 -61.50
C ILE D 371 20.47 -9.00 -62.80
N VAL D 372 20.09 -7.77 -63.15
CA VAL D 372 20.73 -7.07 -64.26
C VAL D 372 22.25 -7.13 -64.09
N ASN D 373 22.75 -6.83 -62.89
CA ASN D 373 24.22 -6.82 -62.67
C ASN D 373 24.88 -8.19 -62.81
N LYS D 374 24.15 -9.22 -62.43
CA LYS D 374 24.68 -10.56 -62.42
C LYS D 374 24.89 -11.08 -63.86
N LEU D 375 23.88 -10.89 -64.72
CA LEU D 375 23.89 -11.32 -66.11
C LEU D 375 24.58 -10.29 -67.02
N GLY D 376 24.21 -9.02 -66.89
CA GLY D 376 24.91 -7.96 -67.60
C GLY D 376 24.21 -7.51 -68.86
N LYS D 377 22.99 -7.99 -69.05
CA LYS D 377 22.17 -7.64 -70.20
C LYS D 377 20.83 -7.13 -69.73
N GLU D 378 20.18 -6.25 -70.49
CA GLU D 378 18.75 -6.00 -70.26
C GLU D 378 18.06 -7.30 -69.82
N VAL D 379 17.15 -7.22 -68.85
CA VAL D 379 16.33 -8.37 -68.46
C VAL D 379 14.85 -8.02 -68.67
N ASP D 380 14.07 -8.93 -69.21
CA ASP D 380 12.67 -8.66 -69.44
C ASP D 380 11.97 -8.46 -68.11
N TYR D 381 11.06 -7.49 -68.04
CA TYR D 381 10.33 -7.18 -66.84
C TYR D 381 8.94 -6.71 -67.16
N THR D 382 8.02 -6.96 -66.24
CA THR D 382 6.72 -6.31 -66.22
C THR D 382 6.42 -6.14 -64.74
N VAL D 383 5.76 -5.06 -64.35
CA VAL D 383 5.49 -4.75 -62.93
C VAL D 383 4.54 -5.75 -62.31
N GLY D 384 3.55 -6.20 -63.07
CA GLY D 384 2.69 -7.29 -62.63
C GLY D 384 1.55 -6.70 -61.86
N ALA D 385 1.89 -5.99 -60.78
CA ALA D 385 0.89 -5.31 -59.95
C ALA D 385 1.56 -4.34 -59.01
N TYR D 386 0.77 -3.38 -58.53
CA TYR D 386 1.21 -2.46 -57.49
C TYR D 386 0.88 -2.99 -56.09
N SER D 387 1.71 -2.63 -55.11
CA SER D 387 1.44 -3.02 -53.70
C SER D 387 1.84 -1.99 -52.59
N HIS D 388 2.40 -0.84 -53.00
CA HIS D 388 2.63 0.33 -52.14
C HIS D 388 1.44 0.62 -51.19
N LYS D 389 1.73 1.14 -49.99
CA LYS D 389 0.62 1.49 -49.06
C LYS D 389 0.12 2.86 -49.39
N SER D 390 1.07 3.75 -49.65
CA SER D 390 0.79 5.07 -50.13
C SER D 390 1.65 5.32 -51.38
N ILE D 391 1.37 6.42 -52.07
CA ILE D 391 2.08 6.82 -53.29
C ILE D 391 3.19 7.83 -53.00
N GLY D 392 4.40 7.51 -53.41
CA GLY D 392 5.51 8.47 -53.32
C GLY D 392 5.99 8.77 -54.72
N GLY D 393 7.31 8.88 -54.91
CA GLY D 393 7.86 9.00 -56.25
C GLY D 393 8.14 10.42 -56.73
N LEU D 394 7.19 11.33 -56.50
CA LEU D 394 7.24 12.71 -57.02
C LEU D 394 8.58 13.43 -56.97
N ALA D 395 9.25 13.46 -55.82
CA ALA D 395 10.57 14.09 -55.77
C ALA D 395 11.60 13.27 -56.56
N GLU D 396 11.43 11.96 -56.56
CA GLU D 396 12.38 11.04 -57.16
C GLU D 396 12.45 11.27 -58.68
N SER D 397 11.28 11.39 -59.29
CA SER D 397 11.20 11.50 -60.74
C SER D 397 10.82 12.92 -61.22
N SER D 398 11.48 13.93 -60.67
CA SER D 398 11.20 15.33 -61.02
C SER D 398 12.43 16.21 -61.18
N LEU D 399 12.24 17.35 -61.84
CA LEU D 399 13.34 18.26 -62.16
C LEU D 399 13.06 19.74 -61.81
N ILE D 400 14.07 20.41 -61.26
CA ILE D 400 13.99 21.83 -60.84
C ILE D 400 13.64 22.76 -62.02
N ASP D 401 14.36 22.59 -63.13
CA ASP D 401 14.04 23.26 -64.38
C ASP D 401 13.89 22.17 -65.42
N ALA D 402 12.77 22.18 -66.12
CA ALA D 402 12.59 21.29 -67.27
C ALA D 402 13.58 21.63 -68.41
N ALA D 403 14.01 22.90 -68.47
CA ALA D 403 15.06 23.31 -69.41
C ALA D 403 16.48 23.07 -68.85
N LYS D 404 16.86 21.79 -68.77
CA LYS D 404 18.16 21.31 -68.29
C LYS D 404 18.19 19.78 -68.41
N PRO D 405 19.38 19.13 -68.23
CA PRO D 405 19.40 17.66 -68.23
C PRO D 405 19.12 17.04 -66.84
N ALA D 406 18.81 15.75 -66.82
CA ALA D 406 18.50 15.01 -65.58
C ALA D 406 19.74 14.76 -64.71
N ASP D 407 20.30 15.85 -64.22
CA ASP D 407 21.53 15.83 -63.47
C ASP D 407 21.37 15.67 -61.97
N ALA D 408 22.50 15.82 -61.29
CA ALA D 408 22.46 15.80 -59.85
C ALA D 408 21.70 16.93 -59.20
N GLU D 409 21.91 18.18 -59.61
CA GLU D 409 21.26 19.26 -58.87
C GLU D 409 20.08 19.81 -59.59
N ASN D 410 19.78 19.16 -60.68
CA ASN D 410 18.53 19.45 -61.37
C ASN D 410 17.49 18.36 -61.06
N SER D 411 17.95 17.26 -60.47
CA SER D 411 17.11 16.13 -60.10
C SER D 411 16.61 16.27 -58.67
N GLY D 412 15.42 16.84 -58.56
CA GLY D 412 14.73 16.95 -57.30
C GLY D 412 13.62 17.98 -57.39
N LEU D 413 13.25 18.51 -56.23
CA LEU D 413 12.34 19.62 -56.10
C LEU D 413 13.02 20.62 -55.21
N ILE D 414 12.55 21.86 -55.24
CA ILE D 414 13.03 22.87 -54.30
C ILE D 414 12.05 23.12 -53.15
N ALA D 415 12.62 23.16 -51.94
CA ALA D 415 11.83 23.34 -50.73
C ALA D 415 12.20 24.63 -50.02
N LYS D 416 11.22 25.52 -49.93
CA LYS D 416 11.41 26.80 -49.24
C LYS D 416 10.60 26.90 -47.94
N PHE D 417 11.27 27.39 -46.88
CA PHE D 417 10.75 27.43 -45.51
C PHE D 417 10.51 28.87 -45.00
N TYR D 418 9.25 29.21 -44.76
CA TYR D 418 8.85 30.55 -44.28
C TYR D 418 8.24 30.49 -42.88
N SER D 419 8.42 31.57 -42.12
CA SER D 419 7.77 31.69 -40.82
C SER D 419 6.30 32.14 -40.96
N ASN D 420 5.96 32.67 -42.15
CA ASN D 420 4.61 33.06 -42.54
C ASN D 420 4.11 32.14 -43.65
N PRO D 421 2.79 31.83 -43.69
CA PRO D 421 2.27 31.05 -44.83
C PRO D 421 2.31 31.82 -46.17
N VAL D 422 1.71 31.19 -47.15
CA VAL D 422 1.72 31.75 -48.45
C VAL D 422 0.56 32.68 -48.60
N PRO D 431 12.59 33.47 -46.20
CA PRO D 431 12.85 32.04 -46.25
C PRO D 431 14.12 31.71 -45.51
N PHE D 432 14.01 31.18 -44.30
CA PHE D 432 15.19 30.86 -43.53
C PHE D 432 16.04 29.80 -44.15
N HIS D 433 15.38 28.85 -44.78
CA HIS D 433 16.10 27.72 -45.30
C HIS D 433 15.68 27.29 -46.68
N VAL D 434 16.63 26.89 -47.51
CA VAL D 434 16.32 26.31 -48.82
C VAL D 434 17.13 25.02 -48.99
N THR D 435 16.42 23.91 -49.16
CA THR D 435 17.06 22.63 -49.35
C THR D 435 16.43 21.89 -50.53
N LYS D 436 17.27 21.30 -51.36
CA LYS D 436 16.86 20.53 -52.53
C LYS D 436 16.50 19.07 -52.14
N VAL D 437 15.31 18.66 -52.56
CA VAL D 437 14.65 17.42 -52.08
C VAL D 437 14.47 16.33 -53.15
N ASN D 438 15.03 15.14 -52.88
CA ASN D 438 15.04 13.98 -53.81
C ASN D 438 14.16 12.82 -53.35
N ARG D 439 13.87 12.82 -52.04
CA ARG D 439 12.99 11.84 -51.44
C ARG D 439 11.62 12.48 -51.15
N SER D 440 10.57 11.85 -51.68
CA SER D 440 9.17 12.34 -51.58
C SER D 440 8.62 12.50 -50.14
N ASN D 441 9.19 11.74 -49.21
CA ASN D 441 8.82 11.80 -47.81
C ASN D 441 9.72 12.84 -47.16
N VAL D 442 9.11 13.92 -46.72
CA VAL D 442 9.81 15.02 -46.10
C VAL D 442 9.62 14.88 -44.59
N HIS D 443 10.63 14.34 -43.93
CA HIS D 443 10.52 13.93 -42.51
C HIS D 443 11.18 14.95 -41.57
N LEU D 444 10.36 15.78 -40.97
CA LEU D 444 10.79 16.97 -40.27
C LEU D 444 10.97 16.83 -38.79
N PHE D 445 10.93 15.62 -38.30
CA PHE D 445 10.78 15.37 -36.91
C PHE D 445 11.86 16.04 -36.17
N ASP D 446 13.08 15.94 -36.66
CA ASP D 446 14.20 16.55 -35.98
C ASP D 446 14.84 17.65 -36.78
N PHE D 447 14.04 18.30 -37.60
CA PHE D 447 14.52 19.47 -38.31
C PHE D 447 14.90 20.59 -37.37
N LYS D 448 16.19 20.91 -37.37
CA LYS D 448 16.76 21.93 -36.51
C LYS D 448 16.93 23.20 -37.34
N HIS D 449 16.89 24.36 -36.70
CA HIS D 449 17.18 25.65 -37.37
C HIS D 449 17.22 26.83 -36.40
N GLU D 450 18.30 27.62 -36.55
CA GLU D 450 18.50 28.88 -35.86
C GLU D 450 17.21 29.67 -35.63
N LYS D 451 16.29 29.64 -36.60
CA LYS D 451 15.05 30.43 -36.54
C LYS D 451 13.80 29.56 -36.38
N VAL D 452 13.97 28.39 -35.77
CA VAL D 452 12.84 27.51 -35.40
C VAL D 452 12.89 27.20 -33.91
N ASP D 453 11.74 27.35 -33.23
CA ASP D 453 11.67 27.00 -31.81
C ASP D 453 11.52 25.48 -31.59
N PRO D 454 12.52 24.85 -30.96
CA PRO D 454 12.38 23.41 -30.68
C PRO D 454 11.10 23.07 -29.87
N LYS D 455 10.74 23.94 -28.89
CA LYS D 455 9.52 23.80 -28.08
C LYS D 455 8.21 24.06 -28.85
N ASN D 456 8.29 24.90 -29.87
CA ASN D 456 7.13 25.16 -30.73
C ASN D 456 7.57 25.33 -32.18
N PRO D 457 7.68 24.22 -32.94
CA PRO D 457 8.28 24.26 -34.28
C PRO D 457 7.26 24.69 -35.36
N TYR D 458 7.08 26.02 -35.43
CA TYR D 458 6.05 26.69 -36.24
C TYR D 458 6.66 27.26 -37.53
N PHE D 459 6.42 26.59 -38.65
CA PHE D 459 6.91 27.07 -39.94
C PHE D 459 6.17 26.46 -41.15
N PHE D 460 6.36 27.09 -42.31
CA PHE D 460 5.67 26.65 -43.50
C PHE D 460 6.65 26.16 -44.55
N VAL D 461 6.17 25.30 -45.45
CA VAL D 461 6.96 24.91 -46.61
C VAL D 461 6.23 25.09 -47.94
N THR D 462 6.94 25.71 -48.88
CA THR D 462 6.55 25.77 -50.28
C THR D 462 7.43 24.76 -51.03
N LEU D 463 6.81 23.79 -51.69
CA LEU D 463 7.59 22.79 -52.44
C LEU D 463 7.34 22.89 -53.95
N THR D 464 8.43 22.99 -54.73
CA THR D 464 8.36 23.41 -56.14
C THR D 464 9.29 22.64 -57.08
N GLY D 465 8.97 22.67 -58.36
CA GLY D 465 9.77 22.02 -59.39
C GLY D 465 8.82 21.59 -60.46
N GLN D 466 9.30 20.86 -61.46
CA GLN D 466 8.47 20.46 -62.61
C GLN D 466 8.49 18.94 -62.86
N TYR D 467 7.42 18.43 -63.47
CA TYR D 467 7.28 16.98 -63.70
C TYR D 467 6.92 16.59 -65.16
N VAL D 468 7.63 15.58 -65.68
CA VAL D 468 7.56 15.15 -67.08
C VAL D 468 7.28 13.63 -67.18
N PRO D 469 6.07 13.26 -67.63
CA PRO D 469 5.67 11.84 -67.71
C PRO D 469 6.05 11.07 -68.99
N GLN D 470 6.76 9.96 -68.82
CA GLN D 470 7.22 9.16 -69.96
C GLN D 470 6.12 8.26 -70.59
N GLU D 471 4.84 8.57 -70.33
CA GLU D 471 3.72 7.73 -70.81
C GLU D 471 2.39 8.50 -70.91
N ASP D 472 1.44 7.87 -71.62
CA ASP D 472 0.12 8.47 -71.88
C ASP D 472 -0.99 7.71 -71.13
N GLY D 473 -1.66 8.40 -70.20
CA GLY D 473 -2.75 7.80 -69.46
C GLY D 473 -3.18 8.59 -68.25
N ASP D 474 -3.97 7.93 -67.40
CA ASP D 474 -4.31 8.52 -66.13
C ASP D 474 -3.03 8.51 -65.26
N TYR D 475 -2.82 9.59 -64.52
CA TYR D 475 -1.87 9.58 -63.41
C TYR D 475 -2.56 9.87 -62.08
N ILE D 476 -2.32 9.01 -61.08
CA ILE D 476 -2.81 9.22 -59.72
C ILE D 476 -1.77 10.01 -58.92
N PHE D 477 -2.13 11.20 -58.47
CA PHE D 477 -1.30 12.04 -57.59
C PHE D 477 -1.71 11.88 -56.12
N SER D 478 -0.84 12.26 -55.18
CA SER D 478 -1.12 12.03 -53.74
C SER D 478 -0.62 13.13 -52.81
N LEU D 479 -1.44 13.51 -51.83
CA LEU D 479 -0.93 14.31 -50.72
C LEU D 479 -1.22 13.71 -49.34
N GLN D 480 -0.19 13.78 -48.50
CA GLN D 480 -0.19 13.26 -47.15
C GLN D 480 0.57 14.24 -46.28
N VAL D 481 0.02 14.53 -45.10
CA VAL D 481 0.61 15.50 -44.19
C VAL D 481 0.40 15.20 -42.73
N TYR D 482 1.35 15.74 -41.96
CA TYR D 482 1.21 16.02 -40.55
C TYR D 482 1.43 17.52 -40.33
N GLY D 483 0.30 18.22 -40.20
CA GLY D 483 0.22 19.68 -40.27
C GLY D 483 -0.88 20.02 -41.28
N SER D 484 -0.54 20.89 -42.24
CA SER D 484 -1.49 21.26 -43.30
C SER D 484 -0.87 21.30 -44.70
N GLY D 485 -1.65 20.93 -45.71
CA GLY D 485 -1.13 20.95 -47.08
C GLY D 485 -2.07 21.22 -48.25
N LEU D 486 -1.56 21.91 -49.26
CA LEU D 486 -2.28 22.16 -50.52
C LEU D 486 -1.45 21.78 -51.75
N PHE D 487 -2.06 21.02 -52.65
CA PHE D 487 -1.38 20.51 -53.83
C PHE D 487 -2.00 21.10 -55.11
N TYR D 488 -1.23 21.97 -55.78
CA TYR D 488 -1.60 22.43 -57.12
C TYR D 488 -0.69 21.95 -58.24
N LEU D 489 -1.30 21.33 -59.25
CA LEU D 489 -0.69 21.09 -60.55
C LEU D 489 -1.07 22.22 -61.55
N ASN D 490 -0.09 23.10 -61.84
CA ASN D 490 -0.25 24.27 -62.75
C ASN D 490 -1.00 25.46 -62.10
N ASP D 491 -0.81 25.61 -60.78
CA ASP D 491 -1.49 26.62 -59.94
C ASP D 491 -3.00 26.43 -59.85
N GLU D 492 -3.47 25.23 -60.22
CA GLU D 492 -4.86 24.80 -60.04
C GLU D 492 -4.95 23.81 -58.86
N LEU D 493 -5.82 24.08 -57.90
CA LEU D 493 -5.96 23.20 -56.72
C LEU D 493 -6.37 21.79 -57.13
N ILE D 494 -5.50 20.82 -56.86
CA ILE D 494 -5.85 19.41 -57.14
C ILE D 494 -6.06 18.55 -55.88
N ILE D 495 -5.25 18.77 -54.84
CA ILE D 495 -5.35 17.95 -53.63
C ILE D 495 -5.42 18.82 -52.38
N ASP D 496 -6.49 18.62 -51.61
CA ASP D 496 -6.77 19.40 -50.41
C ASP D 496 -6.48 18.68 -49.08
N GLN D 497 -5.39 19.08 -48.41
CA GLN D 497 -5.14 18.64 -47.03
C GLN D 497 -5.13 19.84 -46.07
N LYS D 498 -6.15 20.70 -46.20
CA LYS D 498 -6.36 21.84 -45.33
C LYS D 498 -7.69 21.63 -44.66
N HIS D 499 -8.69 21.29 -45.48
CA HIS D 499 -10.09 21.22 -45.09
C HIS D 499 -10.54 19.81 -44.69
N ASN D 500 -11.10 19.70 -43.49
CA ASN D 500 -11.67 18.45 -42.96
C ASN D 500 -10.76 17.21 -42.95
N GLN D 501 -9.57 17.36 -42.37
CA GLN D 501 -8.58 16.26 -42.32
C GLN D 501 -9.15 14.98 -41.68
N GLU D 502 -8.65 13.84 -42.14
CA GLU D 502 -8.98 12.54 -41.55
C GLU D 502 -7.74 11.91 -40.90
N ARG D 503 -7.93 10.89 -40.08
CA ARG D 503 -6.80 10.17 -39.47
C ARG D 503 -6.44 8.87 -40.20
N GLY D 504 -5.21 8.85 -40.70
CA GLY D 504 -4.63 7.70 -41.40
C GLY D 504 -3.19 7.47 -41.00
N SER D 505 -2.53 6.61 -41.77
CA SER D 505 -1.26 6.02 -41.38
C SER D 505 -0.02 6.87 -41.51
N PHE D 506 -0.09 8.03 -42.16
CA PHE D 506 1.08 8.88 -42.31
C PHE D 506 1.61 9.43 -41.00
N CYS D 507 2.91 9.58 -40.90
CA CYS D 507 3.53 10.02 -39.66
C CYS D 507 3.28 9.25 -38.38
N PHE D 508 3.60 7.98 -38.38
CA PHE D 508 3.49 7.11 -37.23
C PHE D 508 2.07 7.12 -36.77
N GLY D 509 1.18 7.18 -37.74
CA GLY D 509 -0.25 7.04 -37.47
C GLY D 509 -0.95 8.33 -37.03
N ALA D 510 -0.17 9.41 -36.95
CA ALA D 510 -0.62 10.73 -36.46
C ALA D 510 -1.12 11.69 -37.56
N GLY D 511 -0.60 11.51 -38.77
CA GLY D 511 -0.89 12.40 -39.90
C GLY D 511 -2.20 12.11 -40.58
N THR D 512 -2.28 12.43 -41.86
CA THR D 512 -3.50 12.25 -42.62
C THR D 512 -3.58 10.95 -43.41
N LYS D 513 -4.83 10.55 -43.64
CA LYS D 513 -5.19 9.61 -44.68
C LYS D 513 -4.68 10.14 -45.99
N GLU D 514 -4.39 9.23 -46.92
CA GLU D 514 -3.97 9.63 -48.24
C GLU D 514 -5.17 10.21 -48.99
N ARG D 515 -4.95 11.39 -49.57
CA ARG D 515 -5.89 11.99 -50.50
C ARG D 515 -5.21 12.14 -51.87
N THR D 516 -5.92 11.70 -52.91
CA THR D 516 -5.36 11.57 -54.25
C THR D 516 -6.21 12.23 -55.34
N LYS D 517 -5.61 12.45 -56.51
CA LYS D 517 -6.33 13.02 -57.66
C LYS D 517 -5.88 12.41 -59.00
N LYS D 518 -6.80 11.66 -59.61
CA LYS D 518 -6.61 11.05 -60.93
C LYS D 518 -6.70 12.12 -62.04
N LEU D 519 -5.64 12.26 -62.84
CA LEU D 519 -5.63 13.22 -63.96
C LEU D 519 -5.16 12.59 -65.28
N THR D 520 -5.57 13.19 -66.40
CA THR D 520 -5.07 12.76 -67.71
C THR D 520 -3.91 13.65 -68.17
N LEU D 521 -2.78 13.02 -68.42
CA LEU D 521 -1.58 13.76 -68.76
C LEU D 521 -1.07 13.40 -70.15
N LYS D 522 -0.14 14.21 -70.66
CA LYS D 522 0.42 14.00 -72.00
C LYS D 522 1.91 13.71 -71.94
N LYS D 523 2.30 12.63 -72.63
CA LYS D 523 3.69 12.14 -72.71
C LYS D 523 4.66 13.28 -73.09
N GLY D 524 5.69 13.49 -72.28
CA GLY D 524 6.66 14.53 -72.54
C GLY D 524 6.27 15.94 -72.09
N GLN D 525 4.98 16.17 -71.78
CA GLN D 525 4.50 17.53 -71.41
C GLN D 525 4.97 18.02 -70.04
N VAL D 526 5.41 19.29 -69.98
CA VAL D 526 5.86 19.84 -68.70
C VAL D 526 4.66 20.31 -67.87
N TYR D 527 4.66 19.94 -66.59
CA TYR D 527 3.62 20.30 -65.65
C TYR D 527 4.29 20.92 -64.43
N ASN D 528 3.61 21.88 -63.79
CA ASN D 528 4.14 22.58 -62.59
C ASN D 528 3.63 22.02 -61.27
N VAL D 529 4.55 21.70 -60.37
CA VAL D 529 4.19 21.16 -59.05
C VAL D 529 4.44 22.16 -57.92
N ARG D 530 3.34 22.56 -57.27
CA ARG D 530 3.40 23.40 -56.07
C ARG D 530 2.62 22.80 -54.88
N VAL D 531 3.37 22.51 -53.83
CA VAL D 531 2.81 22.08 -52.55
C VAL D 531 3.08 23.16 -51.51
N GLU D 532 1.99 23.60 -50.87
CA GLU D 532 2.07 24.59 -49.79
C GLU D 532 1.79 23.92 -48.46
N TYR D 533 2.82 23.82 -47.64
CA TYR D 533 2.73 23.05 -46.41
C TYR D 533 2.84 23.90 -45.15
N GLY D 534 1.89 23.70 -44.23
CA GLY D 534 2.03 24.16 -42.84
C GLY D 534 2.50 23.00 -41.96
N SER D 535 3.56 23.25 -41.17
CA SER D 535 4.06 22.28 -40.17
C SER D 535 3.01 21.90 -39.12
N GLY D 536 3.33 20.95 -38.25
CA GLY D 536 2.43 20.43 -37.21
C GLY D 536 1.69 21.39 -36.28
N PRO D 537 2.42 22.29 -35.59
CA PRO D 537 1.81 23.35 -34.75
C PRO D 537 0.83 24.33 -35.44
N THR D 538 0.88 24.44 -36.77
CA THR D 538 0.16 25.50 -37.51
C THR D 538 -1.37 25.34 -37.64
N SER D 539 -1.87 24.10 -37.70
CA SER D 539 -3.32 23.87 -37.73
C SER D 539 -3.98 23.75 -36.33
N GLY D 546 5.59 18.43 -32.20
CA GLY D 546 6.56 17.93 -33.19
C GLY D 546 6.42 18.61 -34.55
N ALA D 547 7.56 18.98 -35.15
CA ALA D 547 7.58 19.70 -36.45
C ALA D 547 6.78 19.00 -37.55
N GLY D 548 6.95 17.67 -37.65
CA GLY D 548 6.07 16.82 -38.45
C GLY D 548 6.68 16.31 -39.75
N GLY D 549 5.92 16.48 -40.84
CA GLY D 549 6.38 16.13 -42.17
C GLY D 549 5.24 16.08 -43.16
N PHE D 550 5.57 15.81 -44.42
CA PHE D 550 4.56 15.67 -45.48
C PHE D 550 5.12 14.88 -46.65
N GLN D 551 4.19 14.33 -47.42
CA GLN D 551 4.49 13.54 -48.61
C GLN D 551 3.54 13.88 -49.77
N ALA D 552 4.14 14.41 -50.83
CA ALA D 552 3.48 14.56 -52.13
C ALA D 552 4.11 13.56 -53.09
N GLY D 553 3.27 12.90 -53.88
CA GLY D 553 3.73 11.86 -54.78
C GLY D 553 2.87 11.74 -56.02
N VAL D 554 3.39 10.98 -57.00
CA VAL D 554 2.72 10.65 -58.25
C VAL D 554 3.11 9.25 -58.74
N ILE D 555 2.14 8.57 -59.34
CA ILE D 555 2.38 7.28 -59.96
C ILE D 555 1.56 7.17 -61.24
N LYS D 556 2.13 6.48 -62.23
CA LYS D 556 1.39 6.11 -63.45
C LYS D 556 0.30 5.10 -63.12
N ALA D 557 -0.96 5.41 -63.44
CA ALA D 557 -2.06 4.47 -63.17
C ALA D 557 -1.97 3.31 -64.14
N ILE D 558 -2.50 2.17 -63.73
CA ILE D 558 -2.45 1.03 -64.61
C ILE D 558 -3.82 0.39 -64.67
N ASP D 559 -4.06 -0.31 -65.76
CA ASP D 559 -5.20 -1.18 -65.88
C ASP D 559 -4.85 -2.39 -65.02
N ASP D 560 -5.49 -2.52 -63.86
CA ASP D 560 -5.07 -3.54 -62.91
C ASP D 560 -5.34 -4.96 -63.41
N ASP D 561 -6.49 -5.18 -64.03
CA ASP D 561 -6.80 -6.51 -64.60
C ASP D 561 -5.90 -6.91 -65.78
N GLU D 562 -5.67 -5.95 -66.68
CA GLU D 562 -4.80 -6.16 -67.84
C GLU D 562 -3.39 -6.43 -67.37
N GLU D 563 -2.94 -5.65 -66.40
CA GLU D 563 -1.58 -5.76 -65.93
C GLU D 563 -1.25 -7.13 -65.32
N ILE D 564 -2.25 -7.80 -64.79
CA ILE D 564 -2.08 -9.17 -64.35
C ILE D 564 -1.89 -10.08 -65.58
N ARG D 565 -2.92 -10.10 -66.45
CA ARG D 565 -2.91 -10.87 -67.71
C ARG D 565 -1.57 -10.75 -68.43
N ASN D 566 -1.20 -9.52 -68.78
CA ASN D 566 0.09 -9.26 -69.39
C ASN D 566 1.25 -10.05 -68.76
N ALA D 567 1.43 -9.93 -67.46
CA ALA D 567 2.45 -10.68 -66.75
C ALA D 567 2.29 -12.21 -66.89
N ALA D 568 1.06 -12.71 -66.71
CA ALA D 568 0.79 -14.16 -66.83
C ALA D 568 1.24 -14.75 -68.20
N GLU D 569 0.94 -14.01 -69.27
CA GLU D 569 1.26 -14.43 -70.62
C GLU D 569 2.75 -14.30 -70.87
N LEU D 570 3.32 -13.17 -70.47
CA LEU D 570 4.78 -13.00 -70.57
C LEU D 570 5.53 -14.12 -69.84
N ALA D 571 5.04 -14.49 -68.66
CA ALA D 571 5.64 -15.57 -67.89
C ALA D 571 5.64 -16.90 -68.68
N ALA D 572 4.59 -17.13 -69.46
CA ALA D 572 4.40 -18.40 -70.16
C ALA D 572 5.40 -18.58 -71.32
N LYS D 573 5.83 -17.46 -71.89
CA LYS D 573 6.83 -17.49 -72.94
C LYS D 573 8.28 -17.40 -72.44
N HIS D 574 8.50 -17.73 -71.17
CA HIS D 574 9.88 -17.77 -70.66
C HIS D 574 10.13 -19.12 -70.02
N ASP D 575 11.41 -19.51 -69.91
CA ASP D 575 11.80 -20.76 -69.22
C ASP D 575 11.31 -20.59 -67.78
N LYS D 576 11.73 -19.47 -67.18
CA LYS D 576 11.51 -19.20 -65.78
C LYS D 576 11.09 -17.74 -65.55
N ALA D 577 10.14 -17.56 -64.63
CA ALA D 577 9.79 -16.23 -64.11
C ALA D 577 10.35 -15.98 -62.71
N VAL D 578 10.85 -14.78 -62.48
CA VAL D 578 11.28 -14.38 -61.16
C VAL D 578 10.28 -13.34 -60.64
N LEU D 579 9.47 -13.81 -59.69
CA LEU D 579 8.40 -13.03 -59.03
C LEU D 579 8.84 -12.43 -57.68
N ILE D 580 9.15 -11.13 -57.67
CA ILE D 580 9.54 -10.35 -56.46
C ILE D 580 8.33 -9.68 -55.75
N ILE D 581 8.07 -10.11 -54.52
CA ILE D 581 6.91 -9.58 -53.78
C ILE D 581 7.25 -9.24 -52.32
N GLY D 582 6.21 -8.85 -51.59
CA GLY D 582 6.32 -8.68 -50.15
C GLY D 582 5.75 -7.39 -49.63
N LEU D 583 6.30 -6.91 -48.52
CA LEU D 583 5.83 -5.67 -47.89
C LEU D 583 6.86 -4.62 -48.13
N ASN D 584 6.79 -3.52 -47.37
CA ASN D 584 7.84 -2.54 -47.26
C ASN D 584 7.65 -1.78 -45.95
N GLY D 585 8.49 -0.76 -45.76
CA GLY D 585 8.61 0.01 -44.54
C GLY D 585 7.54 1.06 -44.32
N GLU D 586 6.45 0.96 -45.07
CA GLU D 586 5.24 1.71 -44.71
C GLU D 586 4.20 0.72 -44.21
N TRP D 587 4.17 -0.50 -44.77
CA TRP D 587 3.39 -1.56 -44.18
C TRP D 587 3.95 -1.98 -42.81
N GLU D 588 5.28 -1.99 -42.70
CA GLU D 588 5.96 -2.45 -41.52
C GLU D 588 6.79 -1.29 -41.02
N THR D 589 6.35 -0.72 -39.89
CA THR D 589 6.98 0.49 -39.35
C THR D 589 6.75 0.72 -37.84
N GLU D 590 7.75 1.31 -37.21
CA GLU D 590 7.56 1.99 -35.94
C GLU D 590 6.29 2.84 -36.05
N GLY D 591 5.46 2.81 -35.01
CA GLY D 591 4.33 3.72 -34.95
C GLY D 591 2.97 3.08 -35.04
N TYR D 592 2.89 1.87 -35.60
CA TYR D 592 1.63 1.14 -35.66
C TYR D 592 1.82 -0.31 -36.09
N ASP D 593 0.84 -1.14 -35.82
CA ASP D 593 1.04 -2.54 -36.06
C ASP D 593 0.31 -2.81 -37.36
N ARG D 594 0.46 -4.02 -37.92
CA ARG D 594 -0.20 -4.39 -39.17
C ARG D 594 -1.60 -4.78 -38.76
N GLU D 595 -2.57 -4.69 -39.66
CA GLU D 595 -3.94 -5.14 -39.32
C GLU D 595 -4.12 -6.61 -39.52
N ASN D 596 -3.30 -7.17 -40.40
CA ASN D 596 -3.37 -8.57 -40.81
C ASN D 596 -2.09 -9.01 -41.48
N MET D 597 -1.99 -10.31 -41.70
CA MET D 597 -0.82 -10.96 -42.28
C MET D 597 -0.88 -11.06 -43.82
N ASP D 598 -1.79 -10.29 -44.43
CA ASP D 598 -2.07 -10.42 -45.87
C ASP D 598 -0.97 -9.76 -46.72
N LEU D 599 -0.67 -10.37 -47.87
CA LEU D 599 0.06 -9.62 -48.91
C LEU D 599 -0.90 -8.55 -49.50
N PRO D 600 -0.35 -7.37 -49.84
CA PRO D 600 -1.11 -6.18 -50.15
C PRO D 600 -1.76 -6.23 -51.51
N LYS D 601 -3.02 -5.78 -51.59
CA LYS D 601 -3.72 -5.53 -52.86
C LYS D 601 -3.89 -6.80 -53.70
N ARG D 602 -3.52 -6.71 -54.97
CA ARG D 602 -3.71 -7.76 -55.98
C ARG D 602 -2.49 -8.69 -56.17
N THR D 603 -1.53 -8.59 -55.23
CA THR D 603 -0.34 -9.45 -55.14
C THR D 603 -0.70 -10.92 -55.21
N ASN D 604 -1.62 -11.36 -54.38
CA ASN D 604 -1.88 -12.79 -54.36
C ASN D 604 -2.43 -13.26 -55.70
N GLU D 605 -3.24 -12.42 -56.32
CA GLU D 605 -3.91 -12.78 -57.55
C GLU D 605 -2.91 -12.83 -58.71
N LEU D 606 -1.83 -12.06 -58.59
CA LEU D 606 -0.75 -12.04 -59.57
C LEU D 606 -0.03 -13.38 -59.47
N VAL D 607 0.30 -13.76 -58.23
CA VAL D 607 1.04 -14.98 -58.01
C VAL D 607 0.22 -16.20 -58.47
N ARG D 608 -1.10 -16.14 -58.31
CA ARG D 608 -1.95 -17.28 -58.66
C ARG D 608 -2.00 -17.44 -60.19
N ALA D 609 -2.14 -16.29 -60.86
CA ALA D 609 -2.06 -16.22 -62.32
C ALA D 609 -0.66 -16.62 -62.87
N VAL D 610 0.42 -16.06 -62.32
CA VAL D 610 1.78 -16.39 -62.79
C VAL D 610 2.12 -17.86 -62.54
N LEU D 611 1.65 -18.41 -61.43
CA LEU D 611 1.98 -19.77 -61.09
C LEU D 611 1.25 -20.76 -61.98
N LYS D 612 0.09 -20.35 -62.50
CA LYS D 612 -0.73 -21.26 -63.28
C LYS D 612 -0.15 -21.31 -64.68
N ALA D 613 0.32 -20.17 -65.17
CA ALA D 613 0.85 -20.08 -66.51
C ALA D 613 2.27 -20.61 -66.59
N ASN D 614 3.11 -20.28 -65.63
CA ASN D 614 4.45 -20.88 -65.56
C ASN D 614 4.77 -21.52 -64.21
N PRO D 615 4.61 -22.85 -64.10
CA PRO D 615 5.01 -23.58 -62.89
C PRO D 615 6.51 -23.52 -62.57
N ASN D 616 7.33 -23.05 -63.50
CA ASN D 616 8.76 -22.86 -63.21
C ASN D 616 9.05 -21.41 -62.82
N THR D 617 8.65 -21.06 -61.60
CA THR D 617 8.78 -19.69 -61.09
C THR D 617 9.39 -19.71 -59.71
N VAL D 618 10.29 -18.76 -59.47
CA VAL D 618 10.82 -18.53 -58.15
C VAL D 618 10.18 -17.28 -57.56
N ILE D 619 9.60 -17.43 -56.37
CA ILE D 619 9.12 -16.27 -55.64
C ILE D 619 10.19 -15.80 -54.64
N VAL D 620 10.49 -14.50 -54.69
CA VAL D 620 11.31 -13.88 -53.67
C VAL D 620 10.44 -12.91 -52.86
N ASN D 621 10.30 -13.20 -51.57
CA ASN D 621 9.52 -12.34 -50.67
C ASN D 621 10.41 -11.44 -49.83
N GLN D 622 10.01 -10.17 -49.78
CA GLN D 622 10.61 -9.22 -48.84
C GLN D 622 9.59 -8.80 -47.77
N SER D 623 9.83 -9.22 -46.53
CA SER D 623 9.06 -8.81 -45.35
C SER D 623 9.94 -9.00 -44.10
N GLY D 624 9.59 -8.30 -43.03
CA GLY D 624 10.40 -8.38 -41.80
C GLY D 624 9.80 -9.43 -40.91
N THR D 625 8.54 -9.80 -41.23
CA THR D 625 7.73 -10.70 -40.42
C THR D 625 6.84 -11.57 -41.30
N PRO D 626 6.16 -12.56 -40.71
CA PRO D 626 5.51 -13.47 -41.63
C PRO D 626 4.36 -12.83 -42.36
N VAL D 627 4.14 -13.28 -43.60
CA VAL D 627 2.91 -13.03 -44.36
C VAL D 627 2.31 -14.38 -44.75
N GLU D 628 1.01 -14.44 -44.95
CA GLU D 628 0.36 -15.66 -45.46
C GLU D 628 0.58 -15.76 -46.98
N PHE D 629 0.93 -16.97 -47.43
CA PHE D 629 1.04 -17.32 -48.86
C PHE D 629 -0.13 -18.26 -49.18
N PRO D 630 -1.29 -17.71 -49.57
CA PRO D 630 -2.44 -18.63 -49.72
C PRO D 630 -2.31 -19.61 -50.90
N TRP D 631 -1.40 -19.28 -51.81
CA TRP D 631 -1.03 -20.13 -52.95
C TRP D 631 0.25 -20.96 -52.65
N LEU D 632 0.66 -21.04 -51.39
CA LEU D 632 1.85 -21.80 -51.01
C LEU D 632 2.01 -23.14 -51.73
N GLU D 633 0.90 -23.88 -51.83
CA GLU D 633 0.95 -25.26 -52.31
C GLU D 633 1.35 -25.33 -53.78
N ASP D 634 1.06 -24.26 -54.53
CA ASP D 634 1.39 -24.18 -55.94
C ASP D 634 2.74 -23.57 -56.23
N ALA D 635 3.45 -23.08 -55.22
CA ALA D 635 4.74 -22.42 -55.50
C ALA D 635 5.87 -23.37 -55.24
N ASN D 636 6.71 -23.53 -56.27
CA ASN D 636 7.73 -24.57 -56.28
C ASN D 636 9.09 -24.13 -55.83
N ALA D 637 9.34 -22.83 -55.96
CA ALA D 637 10.55 -22.20 -55.43
C ALA D 637 10.23 -20.88 -54.69
N LEU D 638 10.63 -20.82 -53.43
CA LEU D 638 10.23 -19.77 -52.50
C LEU D 638 11.39 -19.36 -51.61
N VAL D 639 11.70 -18.09 -51.70
CA VAL D 639 12.83 -17.47 -51.05
C VAL D 639 12.47 -16.26 -50.20
N GLN D 640 12.97 -16.20 -48.98
CA GLN D 640 12.68 -15.07 -48.12
C GLN D 640 13.91 -14.22 -47.95
N ALA D 641 13.82 -12.98 -48.39
CA ALA D 641 14.95 -12.09 -48.35
C ALA D 641 14.99 -11.04 -47.26
N TRP D 642 13.90 -10.85 -46.54
CA TRP D 642 13.81 -9.83 -45.53
C TRP D 642 13.99 -8.48 -46.16
N TYR D 643 14.55 -7.55 -45.42
CA TYR D 643 14.91 -6.26 -45.96
C TYR D 643 16.42 -6.15 -45.91
N GLY D 644 17.03 -6.14 -47.10
CA GLY D 644 18.44 -6.46 -47.24
C GLY D 644 19.46 -5.34 -47.14
N GLY D 645 19.00 -4.10 -46.95
CA GLY D 645 19.92 -2.98 -46.89
C GLY D 645 20.42 -2.57 -48.28
N ASN D 646 21.60 -1.94 -48.31
CA ASN D 646 22.11 -1.35 -49.57
C ASN D 646 22.30 -2.34 -50.74
N GLU D 647 22.91 -3.49 -50.40
CA GLU D 647 23.23 -4.58 -51.32
C GLU D 647 22.14 -5.65 -51.40
N LEU D 648 20.92 -5.28 -51.08
CA LEU D 648 19.82 -6.23 -51.11
C LEU D 648 19.64 -6.92 -52.48
N GLY D 649 19.69 -6.15 -53.56
CA GLY D 649 19.51 -6.72 -54.89
C GLY D 649 20.67 -7.65 -55.25
N ASN D 650 21.91 -7.20 -55.03
CA ASN D 650 23.07 -8.02 -55.30
C ASN D 650 23.07 -9.30 -54.48
N ALA D 651 22.53 -9.24 -53.27
CA ALA D 651 22.50 -10.46 -52.44
C ALA D 651 21.46 -11.43 -52.94
N ILE D 652 20.31 -10.90 -53.38
CA ILE D 652 19.26 -11.74 -53.97
C ILE D 652 19.81 -12.47 -55.22
N ALA D 653 20.51 -11.73 -56.08
CA ALA D 653 21.21 -12.36 -57.18
C ALA D 653 22.11 -13.50 -56.71
N ASP D 654 23.05 -13.19 -55.83
CA ASP D 654 24.03 -14.17 -55.37
C ASP D 654 23.42 -15.49 -54.95
N VAL D 655 22.22 -15.45 -54.40
CA VAL D 655 21.65 -16.67 -53.84
C VAL D 655 20.82 -17.37 -54.90
N LEU D 656 20.14 -16.56 -55.69
CA LEU D 656 19.37 -17.05 -56.83
C LEU D 656 20.27 -17.92 -57.75
N TYR D 657 21.45 -17.39 -58.06
CA TYR D 657 22.38 -18.01 -59.01
C TYR D 657 23.40 -18.98 -58.40
N GLY D 658 23.42 -19.11 -57.08
CA GLY D 658 24.33 -20.03 -56.44
C GLY D 658 25.71 -19.48 -56.17
N ASP D 659 25.97 -18.23 -56.50
CA ASP D 659 27.25 -17.66 -56.07
C ASP D 659 27.33 -17.57 -54.54
N VAL D 660 26.18 -17.32 -53.90
CA VAL D 660 26.06 -17.67 -52.50
C VAL D 660 25.09 -18.85 -52.38
N VAL D 661 25.52 -19.89 -51.68
CA VAL D 661 24.66 -21.06 -51.45
C VAL D 661 23.76 -20.75 -50.26
N PRO D 662 22.42 -20.78 -50.47
CA PRO D 662 21.47 -20.20 -49.47
C PRO D 662 21.79 -20.83 -48.15
N ASN D 663 21.93 -20.03 -47.09
CA ASN D 663 22.43 -20.52 -45.79
C ASN D 663 21.75 -19.94 -44.51
N GLY D 664 20.71 -19.12 -44.71
CA GLY D 664 19.92 -18.60 -43.62
C GLY D 664 18.85 -19.55 -43.10
N LYS D 665 18.52 -19.35 -41.83
CA LYS D 665 17.51 -20.14 -41.16
C LYS D 665 16.53 -19.17 -40.49
N LEU D 666 15.24 -19.50 -40.49
CA LEU D 666 14.20 -18.58 -40.00
C LEU D 666 14.34 -18.18 -38.52
N SER D 667 14.42 -16.88 -38.27
CA SER D 667 14.37 -16.38 -36.89
C SER D 667 12.94 -16.45 -36.28
N LEU D 668 11.93 -16.67 -37.10
CA LEU D 668 10.52 -16.63 -36.67
C LEU D 668 9.70 -17.83 -37.11
N SER D 669 8.70 -18.17 -36.32
CA SER D 669 7.76 -19.17 -36.78
C SER D 669 7.01 -18.52 -37.89
N TRP D 670 6.44 -19.31 -38.80
CA TRP D 670 5.72 -18.74 -39.94
C TRP D 670 4.38 -19.48 -40.03
N PRO D 671 3.34 -18.99 -39.34
CA PRO D 671 2.14 -19.83 -39.39
C PRO D 671 1.40 -19.76 -40.73
N PHE D 672 0.59 -20.78 -41.02
CA PHE D 672 -0.29 -20.74 -42.21
C PHE D 672 -1.19 -19.51 -42.19
N LYS D 673 -1.96 -19.36 -41.09
CA LYS D 673 -2.99 -18.30 -40.97
C LYS D 673 -2.80 -17.42 -39.73
N LEU D 674 -3.15 -16.14 -39.83
CA LEU D 674 -3.04 -15.26 -38.66
C LEU D 674 -3.75 -15.80 -37.39
N GLN D 675 -4.95 -16.35 -37.55
CA GLN D 675 -5.68 -16.97 -36.45
C GLN D 675 -4.89 -18.07 -35.75
N ASP D 676 -3.82 -18.52 -36.36
CA ASP D 676 -3.09 -19.65 -35.80
C ASP D 676 -2.17 -19.19 -34.66
N ASN D 677 -1.81 -17.90 -34.68
CA ASN D 677 -0.78 -17.34 -33.81
C ASN D 677 -1.26 -17.15 -32.34
N PRO D 678 -0.35 -17.29 -31.38
CA PRO D 678 -0.68 -17.28 -29.94
C PRO D 678 -1.34 -15.98 -29.46
N ALA D 679 -1.10 -14.92 -30.21
CA ALA D 679 -1.49 -13.59 -29.82
C ALA D 679 -2.53 -13.06 -30.78
N PHE D 680 -3.23 -13.97 -31.43
CA PHE D 680 -4.32 -13.56 -32.27
C PHE D 680 -5.28 -12.60 -31.53
N LEU D 681 -5.73 -12.99 -30.35
CA LEU D 681 -6.73 -12.22 -29.62
C LEU D 681 -6.23 -11.08 -28.69
N ASN D 682 -4.91 -10.93 -28.56
CA ASN D 682 -4.37 -9.89 -27.67
C ASN D 682 -3.09 -9.29 -28.13
N PHE D 683 -3.22 -8.55 -29.23
CA PHE D 683 -2.15 -7.87 -29.90
C PHE D 683 -2.69 -6.51 -30.30
N LYS D 684 -3.40 -5.91 -29.37
CA LYS D 684 -4.00 -4.61 -29.56
C LYS D 684 -3.97 -4.08 -28.17
N THR D 685 -3.75 -2.78 -27.98
CA THR D 685 -3.85 -2.19 -26.65
C THR D 685 -5.33 -1.89 -26.35
N GLU D 686 -5.89 -2.47 -25.29
CA GLU D 686 -7.31 -2.33 -24.99
C GLU D 686 -7.45 -1.87 -23.55
N PHE D 687 -8.15 -0.75 -23.35
CA PHE D 687 -8.33 -0.14 -22.03
C PHE D 687 -6.94 0.12 -21.46
N GLY D 688 -6.06 0.60 -22.36
CA GLY D 688 -4.66 0.76 -22.10
C GLY D 688 -3.82 -0.45 -21.72
N ARG D 689 -4.36 -1.64 -21.92
CA ARG D 689 -3.62 -2.84 -21.53
C ARG D 689 -3.48 -3.90 -22.60
N VAL D 690 -2.46 -4.74 -22.45
CA VAL D 690 -2.23 -5.90 -23.31
C VAL D 690 -1.92 -7.13 -22.41
N ILE D 691 -2.83 -8.10 -22.37
CA ILE D 691 -2.63 -9.30 -21.55
C ILE D 691 -1.83 -10.34 -22.35
N TYR D 692 -0.61 -10.64 -21.86
CA TYR D 692 0.24 -11.63 -22.52
C TYR D 692 -0.26 -13.03 -22.17
N GLY D 693 -1.40 -13.37 -22.74
CA GLY D 693 -2.12 -14.62 -22.34
C GLY D 693 -1.43 -15.96 -22.57
N GLU D 694 -0.57 -16.04 -23.57
CA GLU D 694 0.17 -17.28 -23.89
C GLU D 694 1.32 -17.58 -22.94
N ASP D 695 1.67 -16.61 -22.10
CA ASP D 695 2.72 -16.75 -21.11
C ASP D 695 4.02 -17.12 -21.83
N ILE D 696 4.65 -18.23 -21.43
CA ILE D 696 5.98 -18.54 -21.98
C ILE D 696 5.82 -19.09 -23.37
N PHE D 697 4.59 -19.32 -23.76
CA PHE D 697 4.40 -20.03 -25.02
C PHE D 697 4.43 -19.09 -26.16
N VAL D 698 5.63 -18.70 -26.54
CA VAL D 698 5.81 -17.70 -27.56
C VAL D 698 6.53 -18.42 -28.70
N GLY D 699 6.08 -18.11 -29.92
CA GLY D 699 6.63 -18.67 -31.16
C GLY D 699 6.62 -20.20 -31.21
N TYR D 700 7.74 -20.79 -31.62
CA TYR D 700 7.78 -22.24 -31.79
C TYR D 700 7.31 -22.95 -30.50
N ARG D 701 7.54 -22.32 -29.35
CA ARG D 701 7.11 -22.85 -28.05
C ARG D 701 5.63 -22.97 -27.97
N TYR D 702 4.92 -22.02 -28.59
CA TYR D 702 3.47 -22.16 -28.72
C TYR D 702 3.15 -23.33 -29.64
N TYR D 703 3.54 -23.19 -30.89
CA TYR D 703 3.17 -24.19 -31.91
C TYR D 703 3.51 -25.64 -31.55
N GLU D 704 4.73 -25.89 -31.04
CA GLU D 704 5.10 -27.25 -30.69
C GLU D 704 4.27 -27.83 -29.58
N LYS D 705 3.94 -27.01 -28.58
CA LYS D 705 3.03 -27.39 -27.47
C LYS D 705 1.59 -27.66 -27.92
N LEU D 706 1.11 -26.91 -28.90
CA LEU D 706 -0.24 -27.16 -29.43
C LEU D 706 -0.23 -28.21 -30.53
N GLN D 707 0.96 -28.67 -30.95
CA GLN D 707 1.07 -29.56 -32.10
C GLN D 707 0.36 -28.95 -33.29
N ARG D 708 0.43 -27.64 -33.41
CA ARG D 708 -0.15 -26.94 -34.56
C ARG D 708 0.90 -26.90 -35.66
N LYS D 709 0.53 -27.26 -36.89
CA LYS D 709 1.49 -27.20 -38.01
C LYS D 709 1.64 -25.79 -38.50
N VAL D 710 2.84 -25.44 -38.95
CA VAL D 710 3.08 -24.11 -39.53
C VAL D 710 3.60 -24.24 -40.97
N ALA D 711 3.38 -23.18 -41.74
CA ALA D 711 3.92 -23.12 -43.08
C ALA D 711 5.41 -23.43 -42.98
N PHE D 712 6.15 -22.68 -42.15
CA PHE D 712 7.58 -22.90 -41.97
C PHE D 712 8.01 -22.64 -40.53
N PRO D 713 8.63 -23.66 -39.89
CA PRO D 713 8.94 -23.65 -38.48
C PRO D 713 10.24 -22.93 -38.13
N PHE D 714 10.33 -22.49 -36.89
CA PHE D 714 11.54 -21.85 -36.41
C PHE D 714 12.84 -22.64 -36.73
N GLY D 715 13.90 -21.90 -37.04
CA GLY D 715 15.16 -22.49 -37.39
C GLY D 715 15.22 -23.22 -38.73
N TYR D 716 14.21 -23.03 -39.60
CA TYR D 716 14.19 -23.74 -40.89
C TYR D 716 14.76 -22.99 -42.10
N GLY D 717 15.46 -23.74 -42.94
CA GLY D 717 15.90 -23.22 -44.23
C GLY D 717 16.64 -24.27 -45.03
N LEU D 718 16.53 -24.14 -46.35
CA LEU D 718 17.11 -25.09 -47.27
C LEU D 718 18.51 -24.70 -47.73
N SER D 719 19.21 -25.66 -48.34
CA SER D 719 20.47 -25.41 -49.04
C SER D 719 20.36 -25.88 -50.48
N TYR D 720 21.43 -25.72 -51.24
CA TYR D 720 21.51 -26.36 -52.56
C TYR D 720 22.32 -27.66 -52.50
N THR D 721 22.71 -28.06 -51.29
CA THR D 721 23.46 -29.28 -51.00
C THR D 721 22.74 -30.02 -49.86
N THR D 722 23.30 -31.11 -49.37
CA THR D 722 22.59 -31.89 -48.37
C THR D 722 23.52 -32.10 -47.18
N PHE D 723 22.99 -32.41 -46.01
CA PHE D 723 23.84 -32.51 -44.84
C PHE D 723 23.35 -33.61 -43.95
N GLU D 724 24.27 -34.19 -43.21
CA GLU D 724 23.91 -35.10 -42.16
C GLU D 724 24.81 -34.86 -40.96
N LEU D 725 24.26 -35.05 -39.77
CA LEU D 725 25.06 -34.90 -38.56
C LEU D 725 24.76 -35.98 -37.57
N ASP D 726 25.68 -36.18 -36.63
CA ASP D 726 25.31 -36.87 -35.40
C ASP D 726 26.17 -36.42 -34.24
N ILE D 727 25.72 -36.78 -33.06
CA ILE D 727 26.42 -36.44 -31.86
C ILE D 727 27.56 -37.42 -31.68
N SER D 728 28.77 -36.91 -31.73
CA SER D 728 29.97 -37.73 -31.69
C SER D 728 30.71 -37.61 -30.37
N ASP D 729 30.22 -36.76 -29.46
CA ASP D 729 30.68 -36.71 -28.06
C ASP D 729 29.66 -35.95 -27.20
N PHE D 730 29.33 -36.52 -26.05
CA PHE D 730 28.39 -35.96 -25.11
C PHE D 730 28.83 -36.21 -23.66
N LYS D 731 29.18 -35.13 -22.95
CA LYS D 731 29.68 -35.20 -21.56
C LYS D 731 28.95 -34.24 -20.63
N VAL D 732 28.58 -34.73 -19.44
CA VAL D 732 28.05 -33.86 -18.40
C VAL D 732 28.90 -33.79 -17.13
N THR D 733 29.20 -32.56 -16.71
CA THR D 733 29.81 -32.27 -15.42
C THR D 733 28.79 -31.51 -14.54
N ASP D 734 29.21 -31.10 -13.34
CA ASP D 734 28.30 -30.41 -12.42
C ASP D 734 27.77 -29.08 -12.97
N ASP D 735 28.63 -28.30 -13.64
CA ASP D 735 28.25 -26.96 -14.16
C ASP D 735 28.17 -26.87 -15.68
N LYS D 736 28.59 -27.91 -16.41
CA LYS D 736 28.76 -27.79 -17.87
C LYS D 736 28.25 -28.98 -18.68
N ILE D 737 27.80 -28.68 -19.89
CA ILE D 737 27.44 -29.69 -20.85
C ILE D 737 28.33 -29.49 -22.06
N ALA D 738 29.09 -30.52 -22.42
CA ALA D 738 29.89 -30.52 -23.64
C ALA D 738 29.25 -31.48 -24.64
N ILE D 739 28.94 -30.95 -25.81
CA ILE D 739 28.43 -31.78 -26.86
C ILE D 739 29.26 -31.59 -28.15
N SER D 740 29.54 -32.69 -28.86
CA SER D 740 30.29 -32.64 -30.12
C SER D 740 29.44 -33.10 -31.26
N VAL D 741 29.46 -32.37 -32.36
CA VAL D 741 28.61 -32.76 -33.49
C VAL D 741 29.41 -32.82 -34.78
N ASP D 742 29.36 -34.00 -35.42
CA ASP D 742 30.02 -34.19 -36.70
C ASP D 742 29.01 -33.84 -37.75
N VAL D 743 29.42 -33.00 -38.68
CA VAL D 743 28.56 -32.53 -39.76
C VAL D 743 29.24 -32.67 -41.14
N LYS D 744 28.53 -33.27 -42.10
CA LYS D 744 29.09 -33.50 -43.43
C LYS D 744 28.17 -33.03 -44.56
N ASN D 745 28.75 -32.29 -45.52
CA ASN D 745 28.10 -31.96 -46.79
C ASN D 745 28.07 -33.19 -47.70
N THR D 746 26.94 -33.88 -47.69
CA THR D 746 26.82 -35.17 -48.36
C THR D 746 26.42 -35.04 -49.83
N GLY D 747 26.24 -33.81 -50.34
CA GLY D 747 26.07 -33.58 -51.78
C GLY D 747 27.43 -33.56 -52.45
N ASP D 748 27.47 -33.49 -53.79
CA ASP D 748 28.73 -33.55 -54.56
C ASP D 748 28.99 -32.36 -55.50
N LYS D 749 28.04 -31.43 -55.56
CA LYS D 749 28.16 -30.29 -56.43
C LYS D 749 28.53 -29.01 -55.67
N PHE D 750 27.95 -28.83 -54.47
CA PHE D 750 28.01 -27.50 -53.80
C PHE D 750 28.65 -27.47 -52.42
N ALA D 751 29.55 -26.50 -52.22
CA ALA D 751 30.02 -26.15 -50.89
C ALA D 751 28.93 -25.31 -50.18
N GLY D 752 28.78 -25.51 -48.87
CA GLY D 752 27.78 -24.76 -48.11
C GLY D 752 27.88 -24.76 -46.60
N SER D 753 27.05 -23.94 -45.98
CA SER D 753 26.98 -23.87 -44.51
C SER D 753 25.71 -24.53 -43.97
N GLU D 754 25.85 -25.35 -42.95
CA GLU D 754 24.70 -25.87 -42.23
C GLU D 754 24.67 -25.24 -40.83
N VAL D 755 23.49 -25.12 -40.24
CA VAL D 755 23.37 -24.54 -38.89
C VAL D 755 22.98 -25.64 -37.94
N VAL D 756 23.85 -25.91 -36.97
CA VAL D 756 23.53 -26.93 -35.97
C VAL D 756 22.79 -26.26 -34.80
N GLN D 757 21.62 -26.78 -34.44
CA GLN D 757 20.83 -26.20 -33.36
C GLN D 757 20.68 -27.22 -32.26
N VAL D 758 20.84 -26.78 -31.02
CA VAL D 758 20.78 -27.69 -29.87
C VAL D 758 19.64 -27.23 -28.98
N TYR D 759 18.68 -28.11 -28.76
CA TYR D 759 17.51 -27.81 -27.92
C TYR D 759 17.54 -28.66 -26.67
N PHE D 760 16.80 -28.24 -25.64
CA PHE D 760 16.66 -28.98 -24.38
C PHE D 760 15.20 -29.25 -23.96
N SER D 761 14.96 -30.39 -23.34
CA SER D 761 13.63 -30.74 -22.84
C SER D 761 13.75 -31.23 -21.42
N ALA D 762 12.82 -30.79 -20.57
CA ALA D 762 12.64 -31.36 -19.26
C ALA D 762 11.56 -32.40 -19.45
N LEU D 763 11.80 -33.60 -18.93
CA LEU D 763 11.00 -34.76 -19.28
C LEU D 763 9.96 -35.14 -18.25
N ASN D 764 10.31 -34.97 -16.97
CA ASN D 764 9.36 -35.23 -15.90
C ASN D 764 9.27 -34.08 -14.89
N SER D 765 9.14 -32.86 -15.44
CA SER D 765 9.12 -31.63 -14.66
C SER D 765 7.80 -31.45 -13.90
N LYS D 766 7.94 -30.99 -12.66
CA LYS D 766 6.80 -30.58 -11.88
C LYS D 766 5.98 -29.36 -12.42
N VAL D 767 6.36 -28.84 -13.59
CA VAL D 767 5.99 -27.49 -14.00
C VAL D 767 5.79 -27.55 -15.51
N SER D 768 4.79 -26.90 -16.04
CA SER D 768 4.52 -27.05 -17.44
C SER D 768 5.64 -26.36 -18.18
N ARG D 769 6.28 -27.04 -19.15
CA ARG D 769 7.41 -26.46 -19.94
C ARG D 769 7.09 -26.47 -21.40
N PRO D 770 7.91 -25.80 -22.24
CA PRO D 770 7.67 -26.01 -23.65
C PRO D 770 8.21 -27.39 -23.98
N VAL D 771 7.88 -27.89 -25.15
CA VAL D 771 8.33 -29.19 -25.60
C VAL D 771 9.86 -29.18 -25.69
N LYS D 772 10.46 -28.15 -26.31
CA LYS D 772 11.92 -27.95 -26.26
C LYS D 772 12.33 -26.51 -26.47
N GLU D 773 13.53 -26.16 -26.02
CA GLU D 773 13.97 -24.77 -26.14
C GLU D 773 15.35 -24.68 -26.73
N LEU D 774 15.52 -23.77 -27.68
CA LEU D 774 16.85 -23.45 -28.20
C LEU D 774 17.86 -22.98 -27.12
N LYS D 775 19.02 -23.66 -27.06
CA LYS D 775 20.06 -23.32 -26.07
C LYS D 775 21.46 -23.22 -26.59
N GLY D 776 21.68 -23.65 -27.82
CA GLY D 776 22.98 -23.48 -28.46
C GLY D 776 22.84 -23.67 -29.95
N PHE D 777 23.78 -23.11 -30.70
CA PHE D 777 23.83 -23.25 -32.16
C PHE D 777 25.23 -23.01 -32.72
N GLU D 778 25.54 -23.57 -33.89
CA GLU D 778 26.82 -23.34 -34.57
C GLU D 778 26.63 -23.43 -36.07
N LYS D 779 27.28 -22.52 -36.79
CA LYS D 779 27.30 -22.54 -38.24
C LYS D 779 28.64 -23.13 -38.65
N VAL D 780 28.65 -24.04 -39.64
CA VAL D 780 29.87 -24.78 -40.08
C VAL D 780 29.83 -24.85 -41.60
N HIS D 781 30.94 -24.49 -42.28
CA HIS D 781 30.96 -24.42 -43.77
C HIS D 781 31.71 -25.61 -44.33
N LEU D 782 31.04 -26.41 -45.16
CA LEU D 782 31.57 -27.72 -45.59
C LEU D 782 31.57 -27.91 -47.09
N GLU D 783 32.75 -28.17 -47.65
CA GLU D 783 32.93 -28.53 -49.09
C GLU D 783 32.27 -29.89 -49.39
N PRO D 784 31.94 -30.19 -50.67
CA PRO D 784 31.25 -31.48 -50.88
C PRO D 784 32.02 -32.69 -50.28
N GLY D 785 31.30 -33.55 -49.57
CA GLY D 785 31.93 -34.65 -48.85
C GLY D 785 32.65 -34.32 -47.54
N GLU D 786 32.98 -33.03 -47.31
CA GLU D 786 33.70 -32.66 -46.09
C GLU D 786 32.93 -32.95 -44.79
N LYS D 787 33.63 -33.53 -43.83
CA LYS D 787 33.11 -33.68 -42.50
C LYS D 787 33.94 -32.78 -41.60
N LYS D 788 33.31 -32.33 -40.52
CA LYS D 788 33.95 -31.48 -39.52
C LYS D 788 33.26 -31.76 -38.20
N THR D 789 33.93 -31.40 -37.11
CA THR D 789 33.35 -31.52 -35.79
C THR D 789 33.22 -30.14 -35.18
N VAL D 790 32.02 -29.85 -34.66
CA VAL D 790 31.81 -28.61 -33.87
C VAL D 790 31.51 -28.91 -32.42
N ASN D 791 32.02 -28.05 -31.55
CA ASN D 791 31.91 -28.25 -30.13
C ASN D 791 31.13 -27.18 -29.40
N ILE D 792 30.00 -27.60 -28.85
CA ILE D 792 29.16 -26.74 -28.04
C ILE D 792 29.43 -26.97 -26.53
N ASP D 793 29.81 -25.89 -25.86
CA ASP D 793 29.90 -25.92 -24.41
C ASP D 793 28.91 -24.94 -23.84
N LEU D 794 28.17 -25.40 -22.83
CA LEU D 794 27.12 -24.58 -22.20
C LEU D 794 27.14 -24.82 -20.72
N GLU D 795 26.92 -23.78 -19.92
CA GLU D 795 26.71 -24.05 -18.50
C GLU D 795 25.28 -24.63 -18.27
N LEU D 796 25.23 -25.73 -17.54
CA LEU D 796 24.01 -26.44 -17.18
C LEU D 796 22.82 -25.49 -16.82
N LYS D 797 22.97 -24.74 -15.73
CA LYS D 797 21.91 -23.82 -15.27
C LYS D 797 21.36 -22.94 -16.40
N ASP D 798 22.21 -22.57 -17.33
CA ASP D 798 21.75 -21.72 -18.39
C ASP D 798 21.02 -22.50 -19.52
N ALA D 799 21.12 -23.82 -19.50
CA ALA D 799 20.49 -24.63 -20.52
C ALA D 799 19.12 -25.19 -20.10
N ILE D 800 18.95 -25.46 -18.81
CA ILE D 800 17.86 -26.28 -18.35
C ILE D 800 17.02 -25.70 -17.21
N SER D 801 17.24 -24.43 -16.87
CA SER D 801 16.44 -23.78 -15.82
C SER D 801 15.07 -23.25 -16.34
N TYR D 802 14.10 -23.19 -15.44
CA TYR D 802 12.90 -22.37 -15.72
C TYR D 802 12.86 -21.33 -14.58
N PHE D 803 12.05 -20.27 -14.73
CA PHE D 803 11.93 -19.34 -13.63
C PHE D 803 10.81 -19.74 -12.69
N ASN D 804 11.18 -19.99 -11.44
CA ASN D 804 10.13 -20.33 -10.49
C ASN D 804 9.56 -19.05 -9.91
N GLU D 805 8.48 -18.61 -10.56
CA GLU D 805 7.63 -17.49 -10.13
C GLU D 805 7.24 -17.58 -8.65
N GLU D 806 6.88 -18.75 -8.16
CA GLU D 806 6.51 -18.77 -6.75
C GLU D 806 7.67 -18.38 -5.80
N LEU D 807 8.89 -18.83 -6.08
CA LEU D 807 10.01 -18.57 -5.15
C LEU D 807 10.84 -17.36 -5.60
N GLY D 808 10.47 -16.79 -6.74
CA GLY D 808 11.20 -15.70 -7.34
C GLY D 808 12.65 -16.02 -7.60
N LYS D 809 12.94 -17.28 -8.00
CA LYS D 809 14.29 -17.73 -8.35
C LYS D 809 14.27 -18.66 -9.57
N TRP D 810 15.37 -18.68 -10.33
CA TRP D 810 15.54 -19.69 -11.33
C TRP D 810 15.75 -21.02 -10.65
N HIS D 811 15.24 -22.06 -11.29
CA HIS D 811 15.30 -23.37 -10.69
C HIS D 811 15.90 -24.36 -11.65
N VAL D 812 17.03 -24.96 -11.27
CA VAL D 812 17.51 -26.18 -11.97
C VAL D 812 16.93 -27.34 -11.24
N GLU D 813 15.95 -28.00 -11.85
CA GLU D 813 15.18 -29.06 -11.23
C GLU D 813 15.79 -30.46 -11.41
N ALA D 814 15.78 -31.26 -10.36
CA ALA D 814 16.19 -32.68 -10.48
C ALA D 814 15.31 -33.48 -11.44
N GLY D 815 15.96 -34.25 -12.30
CA GLY D 815 15.25 -35.19 -13.11
C GLY D 815 15.99 -35.37 -14.40
N GLU D 816 15.24 -35.78 -15.41
CA GLU D 816 15.78 -36.29 -16.65
C GLU D 816 15.57 -35.24 -17.71
N TYR D 817 16.54 -35.11 -18.60
CA TYR D 817 16.49 -34.13 -19.65
C TYR D 817 16.93 -34.74 -20.99
N LEU D 818 16.49 -34.15 -22.08
CA LEU D 818 16.76 -34.67 -23.38
C LEU D 818 17.37 -33.58 -24.27
N VAL D 819 18.49 -33.86 -24.91
CA VAL D 819 19.00 -32.88 -25.82
C VAL D 819 18.84 -33.32 -27.26
N SER D 820 18.30 -32.40 -28.04
CA SER D 820 17.93 -32.64 -29.42
C SER D 820 18.83 -31.79 -30.26
N VAL D 821 19.47 -32.40 -31.24
CA VAL D 821 20.36 -31.67 -32.15
C VAL D 821 19.78 -31.84 -33.55
N GLY D 822 19.61 -30.74 -34.25
CA GLY D 822 18.85 -30.76 -35.46
C GLY D 822 19.27 -29.63 -36.35
N THR D 823 18.58 -29.48 -37.48
CA THR D 823 18.89 -28.40 -38.40
C THR D 823 17.72 -27.46 -38.50
N SER D 824 16.74 -27.63 -37.60
CA SER D 824 15.62 -26.73 -37.39
C SER D 824 14.85 -27.23 -36.16
N SER D 825 13.86 -26.46 -35.68
CA SER D 825 13.04 -26.84 -34.53
C SER D 825 12.20 -28.09 -34.88
N ASP D 826 12.00 -28.30 -36.18
CA ASP D 826 11.21 -29.42 -36.70
C ASP D 826 12.06 -30.55 -37.36
N ASP D 827 13.38 -30.53 -37.23
CA ASP D 827 14.23 -31.52 -37.90
C ASP D 827 15.33 -31.96 -36.94
N ILE D 828 14.89 -32.64 -35.88
CA ILE D 828 15.77 -33.27 -34.91
C ILE D 828 16.35 -34.58 -35.53
N LEU D 829 17.68 -34.72 -35.49
CA LEU D 829 18.38 -35.83 -36.17
C LEU D 829 19.16 -36.66 -35.20
N SER D 830 19.13 -36.31 -33.92
CA SER D 830 20.02 -36.97 -32.95
C SER D 830 19.72 -36.47 -31.55
N VAL D 831 19.75 -37.35 -30.57
CA VAL D 831 19.29 -37.03 -29.23
C VAL D 831 20.13 -37.71 -28.14
N LYS D 832 20.11 -37.13 -26.95
CA LYS D 832 20.85 -37.67 -25.82
C LYS D 832 20.18 -37.26 -24.52
N GLU D 833 20.16 -38.18 -23.56
CA GLU D 833 19.57 -37.87 -22.30
C GLU D 833 20.64 -37.92 -21.20
N PHE D 834 20.39 -37.13 -20.15
CA PHE D 834 21.15 -37.18 -18.95
C PHE D 834 20.20 -36.99 -17.81
N LYS D 835 20.63 -37.36 -16.62
CA LYS D 835 19.86 -37.17 -15.40
C LYS D 835 20.51 -36.05 -14.58
N VAL D 836 19.70 -35.25 -13.91
CA VAL D 836 20.29 -34.28 -12.96
C VAL D 836 20.02 -34.73 -11.55
N GLU D 837 21.08 -35.01 -10.84
CA GLU D 837 20.96 -35.62 -9.54
C GLU D 837 20.43 -34.62 -8.51
N LYS D 838 21.01 -33.41 -8.47
CA LYS D 838 20.64 -32.44 -7.41
C LYS D 838 20.23 -31.01 -7.88
N GLU D 839 19.14 -30.49 -7.31
CA GLU D 839 18.58 -29.21 -7.73
C GLU D 839 19.41 -27.99 -7.30
N LEU D 840 19.23 -26.88 -8.03
CA LEU D 840 19.83 -25.58 -7.68
C LEU D 840 18.83 -24.44 -7.94
N TYR D 841 18.75 -23.47 -7.02
CA TYR D 841 17.95 -22.26 -7.21
C TYR D 841 18.93 -21.16 -7.34
N TRP D 842 18.67 -20.17 -8.18
CA TRP D 842 19.69 -19.16 -8.42
C TRP D 842 19.15 -17.88 -8.98
N LYS D 843 19.88 -16.79 -8.73
CA LYS D 843 19.52 -15.48 -9.23
C LYS D 843 20.71 -14.87 -9.88
N GLY D 844 20.48 -13.78 -10.58
CA GLY D 844 21.58 -13.06 -11.15
C GLY D 844 21.85 -13.53 -12.54
N LEU D 845 23.12 -13.55 -12.88
CA LEU D 845 23.57 -13.70 -14.23
C LEU D 845 23.98 -15.15 -14.45
#